data_8XUQ
#
_entry.id   8XUQ
#
loop_
_entity.id
_entity.type
_entity.pdbx_description
1 polymer NRC2
2 non-polymer 'INOSITOL HEXAKISPHOSPHATE'
3 non-polymer "ADENOSINE-5'-DIPHOSPHATE"
#
_entity_poly.entity_id   1
_entity_poly.type   'polypeptide(L)'
_entity_poly.pdbx_seq_one_letter_code
;MANVAVEFLVENLMQLLRDNVELISGVKEAAESLLQDLNDFNAFLKQAAKCHINENEVLRELVKKIRTVVNSAEDAIDKF
VIEAKLHKDKGVTRVLDLPHYKRVKEVAGEIKAIRNKVREIRQTDAIGLQALQDDDLSARGSEERKPPVVEEDDVVGFDE
EADIVINRLLGESNHLEVVPVVGMPGLGKTTLANKIYKHPKIGYEFFTRIWVYVSQSYRRRELFLNIISKFTRNTKQYHG
MCEEDLADEIQEFLGKGGKYLVVLDDVWSDEAWERIKIAFPNNNKPNRVLLTTRDSKVAKQCNPIPHDLKFLTEDESWIL
LEKKVFHKDKCPPELVLSGKSIAKKCKGLPLAIVVIAGALIGKGKTPREWKQVDDSVSEHLINRDHPENCNKLVQMSYDR
LPYDLKACFLYCSAFPGGFQIPAWKLIRLWIAEGFIQYKGHLSLECKGEDNLNDLINRNLVMVMERTSDGQIKTCRLHDM
LHEFCRQEAMKEENLFQEIKLGSEQYFPGKRELSTYRRLCIHSSVLDFFSTKPSAEHVRSFLSFSSKKIEMPSADIPTIP
KGFPLLRVLDVESINFSRFSREFYQLYHLRYVAFSSDSIKILPKLMGELWNIQTIIINTQQRTLDIQANIWNMERLRHLH
TNSSAKLPVPVAPKNSKVTLVNQSLQTLSTIAPESCTEEVFARTPNLKKLGIRGKISVLLDNKSAASLKNVKRLEYLENL
KLINDSSIQTSKLRLPPAYIFPTKLRKLTLLDTWLEWKDMSILGQLEHLEVLKMKENGFSGESWESTGGFCSLLVLWIER
TNLVSWKASADDFPRLKHLVLICCDNLKEVPIALADIRSFQVMMLQNSTKTAAISARQIQAKKDNQTQQGTKNIAFKLSI
FPPDL
;
_entity_poly.pdbx_strand_id   A,E,F,G
#
loop_
_chem_comp.id
_chem_comp.type
_chem_comp.name
_chem_comp.formula
ADP non-polymer ADENOSINE-5'-DIPHOSPHATE 'C10 H15 N5 O10 P2'
IHP non-polymer 'INOSITOL HEXAKISPHOSPHATE' 'C6 H18 O24 P6'
#
# COMPACT_ATOMS: atom_id res chain seq x y z
N MET A 1 12.32 24.79 -18.89
CA MET A 1 13.16 25.15 -17.75
C MET A 1 14.29 24.14 -17.55
N ALA A 2 15.42 24.62 -17.01
CA ALA A 2 16.52 23.72 -16.68
C ALA A 2 16.21 22.92 -15.42
N ASN A 3 15.31 23.43 -14.58
CA ASN A 3 14.99 22.77 -13.32
C ASN A 3 14.52 21.35 -13.55
N VAL A 4 13.62 21.14 -14.52
CA VAL A 4 13.02 19.82 -14.71
C VAL A 4 14.09 18.79 -15.05
N ALA A 5 14.99 19.13 -15.97
CA ALA A 5 16.07 18.21 -16.32
C ALA A 5 16.95 17.93 -15.12
N VAL A 6 17.28 18.98 -14.35
CA VAL A 6 18.11 18.78 -13.17
C VAL A 6 17.45 17.79 -12.23
N GLU A 7 16.17 17.99 -11.93
CA GLU A 7 15.49 17.14 -10.96
C GLU A 7 15.44 15.70 -11.45
N PHE A 8 15.14 15.51 -12.73
CA PHE A 8 15.02 14.15 -13.25
C PHE A 8 16.36 13.42 -13.18
N LEU A 9 17.46 14.10 -13.54
CA LEU A 9 18.77 13.47 -13.40
C LEU A 9 19.06 13.12 -11.94
N VAL A 10 18.77 14.04 -11.01
CA VAL A 10 19.03 13.76 -9.61
C VAL A 10 18.28 12.51 -9.17
N GLU A 11 16.99 12.44 -9.52
CA GLU A 11 16.17 11.31 -9.08
C GLU A 11 16.70 10.00 -9.65
N ASN A 12 17.06 10.00 -10.94
CA ASN A 12 17.52 8.77 -11.56
C ASN A 12 18.83 8.30 -10.94
N LEU A 13 19.76 9.24 -10.69
CA LEU A 13 21.02 8.86 -10.05
C LEU A 13 20.79 8.33 -8.64
N MET A 14 19.88 8.95 -7.89
CA MET A 14 19.57 8.48 -6.55
C MET A 14 19.05 7.04 -6.59
N GLN A 15 18.12 6.76 -7.50
CA GLN A 15 17.59 5.41 -7.60
C GLN A 15 18.67 4.42 -8.00
N LEU A 16 19.55 4.80 -8.94
CA LEU A 16 20.63 3.92 -9.34
C LEU A 16 21.54 3.59 -8.16
N LEU A 17 21.91 4.61 -7.38
CA LEU A 17 22.78 4.34 -6.23
C LEU A 17 22.09 3.43 -5.22
N ARG A 18 20.81 3.67 -4.93
CA ARG A 18 20.14 2.86 -3.92
C ARG A 18 20.02 1.41 -4.38
N ASP A 19 19.31 1.17 -5.49
CA ASP A 19 18.97 -0.19 -5.88
C ASP A 19 20.16 -0.99 -6.42
N ASN A 20 20.77 -0.52 -7.51
CA ASN A 20 21.82 -1.27 -8.20
C ASN A 20 23.18 -0.77 -7.72
N VAL A 21 23.64 -1.32 -6.60
CA VAL A 21 24.93 -0.91 -6.05
C VAL A 21 26.07 -1.40 -6.93
N GLU A 22 25.95 -2.61 -7.48
CA GLU A 22 27.08 -3.21 -8.19
C GLU A 22 27.37 -2.50 -9.50
N LEU A 23 26.34 -2.16 -10.26
CA LEU A 23 26.54 -1.47 -11.54
C LEU A 23 27.41 -0.23 -11.36
N ILE A 24 27.08 0.59 -10.37
CA ILE A 24 27.79 1.83 -10.10
C ILE A 24 28.86 1.66 -9.02
N SER A 25 29.23 0.42 -8.70
CA SER A 25 30.24 0.20 -7.67
C SER A 25 31.56 0.89 -8.02
N GLY A 26 31.95 0.87 -9.30
CA GLY A 26 33.26 1.36 -9.66
C GLY A 26 33.37 2.87 -9.68
N VAL A 27 32.23 3.56 -9.60
CA VAL A 27 32.22 5.01 -9.77
C VAL A 27 31.41 5.70 -8.66
N LYS A 28 30.94 4.96 -7.66
CA LYS A 28 30.02 5.54 -6.69
C LYS A 28 30.55 6.85 -6.11
N GLU A 29 31.87 7.03 -6.06
CA GLU A 29 32.41 8.25 -5.47
C GLU A 29 32.11 9.47 -6.36
N ALA A 30 32.43 9.37 -7.65
CA ALA A 30 32.06 10.41 -8.58
C ALA A 30 30.54 10.60 -8.60
N ALA A 31 29.81 9.49 -8.47
CA ALA A 31 28.35 9.57 -8.47
C ALA A 31 27.84 10.41 -7.31
N GLU A 32 28.35 10.17 -6.10
CA GLU A 32 27.89 10.91 -4.93
C GLU A 32 28.29 12.38 -5.03
N SER A 33 29.52 12.66 -5.45
CA SER A 33 29.90 14.04 -5.72
C SER A 33 28.89 14.71 -6.64
N LEU A 34 28.59 14.05 -7.75
CA LEU A 34 27.71 14.62 -8.76
C LEU A 34 26.31 14.83 -8.20
N LEU A 35 25.86 13.93 -7.32
CA LEU A 35 24.54 14.04 -6.73
C LEU A 35 24.42 15.29 -5.87
N GLN A 36 25.41 15.52 -5.00
CA GLN A 36 25.38 16.73 -4.18
C GLN A 36 25.43 17.98 -5.08
N ASP A 37 26.29 17.94 -6.09
CA ASP A 37 26.40 19.10 -6.98
C ASP A 37 25.08 19.40 -7.69
N LEU A 38 24.35 18.36 -8.10
CA LEU A 38 23.08 18.60 -8.77
C LEU A 38 22.04 19.17 -7.82
N ASN A 39 22.02 18.73 -6.56
CA ASN A 39 21.14 19.39 -5.59
C ASN A 39 21.46 20.88 -5.51
N ASP A 40 22.76 21.20 -5.45
CA ASP A 40 23.16 22.59 -5.34
C ASP A 40 22.70 23.41 -6.54
N PHE A 41 22.88 22.89 -7.76
CA PHE A 41 22.38 23.61 -8.92
C PHE A 41 20.85 23.71 -8.97
N ASN A 42 20.12 22.70 -8.48
CA ASN A 42 18.67 22.85 -8.42
C ASN A 42 18.30 24.06 -7.58
N ALA A 43 18.89 24.17 -6.40
CA ALA A 43 18.60 25.33 -5.55
C ALA A 43 19.00 26.63 -6.26
N PHE A 44 20.16 26.63 -6.92
CA PHE A 44 20.64 27.83 -7.60
C PHE A 44 19.62 28.28 -8.65
N LEU A 45 19.13 27.35 -9.46
CA LEU A 45 18.22 27.73 -10.54
C LEU A 45 16.86 28.14 -9.98
N LYS A 46 16.43 27.58 -8.85
CA LYS A 46 15.24 28.11 -8.21
C LYS A 46 15.42 29.58 -7.85
N GLN A 47 16.55 29.91 -7.20
CA GLN A 47 16.79 31.30 -6.84
C GLN A 47 16.83 32.19 -8.06
N ALA A 48 17.48 31.73 -9.13
CA ALA A 48 17.49 32.50 -10.37
C ALA A 48 16.08 32.71 -10.90
N ALA A 49 15.23 31.68 -10.77
CA ALA A 49 13.85 31.79 -11.23
C ALA A 49 13.08 32.86 -10.46
N LYS A 50 13.42 33.04 -9.18
CA LYS A 50 12.80 34.11 -8.33
C LYS A 50 13.01 35.46 -9.03
N CYS A 51 14.26 35.85 -9.25
CA CYS A 51 14.61 37.11 -9.97
C CYS A 51 14.18 36.94 -11.42
N HIS A 52 13.79 38.03 -12.09
CA HIS A 52 13.31 37.93 -13.49
C HIS A 52 14.47 37.39 -14.32
N ILE A 53 14.19 36.47 -15.24
CA ILE A 53 15.27 35.84 -16.06
C ILE A 53 15.08 36.28 -17.52
N ASN A 54 13.84 36.30 -18.02
CA ASN A 54 13.61 36.65 -19.41
C ASN A 54 14.28 37.97 -19.77
N GLU A 55 14.17 38.98 -18.89
CA GLU A 55 14.59 40.33 -19.25
C GLU A 55 16.11 40.48 -19.20
N ASN A 56 16.80 39.71 -18.36
CA ASN A 56 18.22 39.88 -18.13
C ASN A 56 19.02 38.96 -19.04
N GLU A 57 20.04 39.52 -19.72
CA GLU A 57 20.93 38.71 -20.54
C GLU A 57 21.98 38.00 -19.69
N VAL A 58 22.41 38.61 -18.59
CA VAL A 58 23.43 37.98 -17.75
C VAL A 58 22.92 36.65 -17.20
N LEU A 59 21.67 36.64 -16.72
CA LEU A 59 21.07 35.40 -16.24
C LEU A 59 20.98 34.36 -17.35
N ARG A 60 20.54 34.78 -18.54
CA ARG A 60 20.35 33.84 -19.64
C ARG A 60 21.68 33.36 -20.19
N GLU A 61 22.78 34.03 -19.82
CA GLU A 61 24.11 33.48 -20.08
C GLU A 61 24.51 32.49 -18.99
N LEU A 62 24.26 32.86 -17.73
CA LEU A 62 24.69 32.01 -16.62
C LEU A 62 24.01 30.65 -16.70
N VAL A 63 22.71 30.62 -17.01
CA VAL A 63 21.98 29.36 -17.02
C VAL A 63 22.52 28.46 -18.13
N LYS A 64 22.87 29.03 -19.28
CA LYS A 64 23.53 28.24 -20.31
C LYS A 64 24.86 27.73 -19.78
N LYS A 65 25.31 26.61 -20.34
CA LYS A 65 26.58 25.99 -19.96
C LYS A 65 26.46 25.22 -18.64
N ILE A 66 25.31 25.31 -17.98
CA ILE A 66 24.98 24.33 -16.95
C ILE A 66 24.26 23.14 -17.57
N ARG A 67 23.33 23.43 -18.48
CA ARG A 67 22.61 22.36 -19.17
C ARG A 67 23.56 21.48 -19.98
N THR A 68 24.55 22.08 -20.63
CA THR A 68 25.53 21.28 -21.36
C THR A 68 26.24 20.31 -20.41
N VAL A 69 26.58 20.78 -19.21
CA VAL A 69 27.28 19.94 -18.26
C VAL A 69 26.40 18.80 -17.78
N VAL A 70 25.14 19.09 -17.44
CA VAL A 70 24.25 18.04 -16.97
C VAL A 70 24.01 17.01 -18.07
N ASN A 71 23.89 17.48 -19.32
CA ASN A 71 23.69 16.56 -20.44
C ASN A 71 24.89 15.66 -20.64
N SER A 72 26.11 16.23 -20.55
CA SER A 72 27.31 15.43 -20.68
C SER A 72 27.38 14.36 -19.59
N ALA A 73 27.05 14.76 -18.35
CA ALA A 73 27.06 13.79 -17.25
C ALA A 73 26.03 12.69 -17.50
N GLU A 74 24.85 13.07 -17.99
CA GLU A 74 23.82 12.06 -18.27
C GLU A 74 24.30 11.05 -19.29
N ASP A 75 24.88 11.53 -20.40
CA ASP A 75 25.34 10.61 -21.44
C ASP A 75 26.45 9.70 -20.92
N ALA A 76 27.41 10.25 -20.19
CA ALA A 76 28.48 9.42 -19.66
C ALA A 76 27.93 8.34 -18.74
N ILE A 77 27.04 8.72 -17.82
CA ILE A 77 26.48 7.77 -16.88
C ILE A 77 25.72 6.67 -17.60
N ASP A 78 24.95 7.04 -18.63
CA ASP A 78 24.11 6.05 -19.30
C ASP A 78 24.94 5.07 -20.12
N LYS A 79 25.96 5.58 -20.84
CA LYS A 79 26.86 4.67 -21.54
C LYS A 79 27.52 3.72 -20.56
N PHE A 80 27.99 4.25 -19.42
CA PHE A 80 28.56 3.40 -18.39
C PHE A 80 27.57 2.30 -17.99
N VAL A 81 26.33 2.67 -17.73
CA VAL A 81 25.36 1.70 -17.23
C VAL A 81 25.16 0.59 -18.24
N ILE A 82 25.00 0.95 -19.52
CA ILE A 82 24.75 -0.07 -20.53
C ILE A 82 25.95 -1.01 -20.64
N GLU A 83 27.16 -0.46 -20.70
CA GLU A 83 28.33 -1.32 -20.86
C GLU A 83 28.53 -2.20 -19.63
N ALA A 84 28.26 -1.68 -18.44
CA ALA A 84 28.43 -2.48 -17.23
C ALA A 84 27.37 -3.57 -17.14
N LYS A 85 26.15 -3.31 -17.61
CA LYS A 85 25.13 -4.36 -17.61
C LYS A 85 25.47 -5.44 -18.61
N LEU A 86 26.04 -5.05 -19.76
CA LEU A 86 26.59 -6.05 -20.66
C LEU A 86 27.74 -6.80 -20.01
N HIS A 87 28.49 -6.16 -19.11
CA HIS A 87 29.50 -6.88 -18.33
C HIS A 87 28.86 -7.91 -17.42
N LYS A 88 27.73 -7.56 -16.80
CA LYS A 88 27.01 -8.53 -15.98
C LYS A 88 26.57 -9.73 -16.81
N ASP A 89 26.06 -9.48 -18.01
CA ASP A 89 25.70 -10.61 -18.88
C ASP A 89 26.94 -11.39 -19.31
N LYS A 90 28.08 -10.71 -19.52
CA LYS A 90 29.32 -11.42 -19.76
C LYS A 90 29.61 -12.42 -18.64
N GLY A 91 29.19 -12.09 -17.42
CA GLY A 91 29.41 -12.99 -16.30
C GLY A 91 30.87 -13.27 -16.04
N VAL A 92 31.71 -12.25 -16.11
CA VAL A 92 33.14 -12.41 -15.89
C VAL A 92 33.37 -12.45 -14.38
N THR A 93 33.68 -13.63 -13.86
CA THR A 93 33.98 -13.78 -12.43
C THR A 93 35.40 -13.37 -12.09
N ARG A 94 36.18 -12.94 -13.08
CA ARG A 94 37.54 -12.48 -12.83
C ARG A 94 37.54 -11.32 -11.85
N VAL A 95 38.45 -11.36 -10.89
CA VAL A 95 38.60 -10.25 -9.95
C VAL A 95 39.02 -8.99 -10.69
N LEU A 96 40.00 -9.11 -11.57
CA LEU A 96 40.53 -7.99 -12.35
C LEU A 96 40.39 -8.32 -13.83
N ASP A 97 39.29 -7.88 -14.44
CA ASP A 97 39.04 -8.08 -15.87
C ASP A 97 39.24 -6.74 -16.57
N LEU A 98 40.46 -6.48 -17.03
CA LEU A 98 40.73 -5.23 -17.72
C LEU A 98 39.90 -5.06 -18.98
N PRO A 99 39.81 -6.04 -19.88
CA PRO A 99 39.15 -5.80 -21.18
C PRO A 99 37.67 -5.49 -21.02
N HIS A 100 37.26 -4.38 -21.64
CA HIS A 100 35.89 -3.91 -21.62
C HIS A 100 35.46 -3.47 -20.22
N TYR A 101 36.34 -3.60 -19.24
CA TYR A 101 36.17 -2.82 -18.02
C TYR A 101 37.26 -1.75 -17.91
N LYS A 102 38.30 -1.86 -18.75
CA LYS A 102 39.20 -0.73 -18.91
C LYS A 102 38.53 0.36 -19.74
N ARG A 103 37.81 -0.03 -20.79
CA ARG A 103 37.08 0.96 -21.57
C ARG A 103 35.85 1.44 -20.81
N VAL A 104 35.27 0.58 -19.99
CA VAL A 104 34.17 1.04 -19.12
C VAL A 104 34.71 1.94 -18.01
N LYS A 105 35.89 1.63 -17.48
CA LYS A 105 36.46 2.49 -16.43
C LYS A 105 37.01 3.77 -17.03
N GLU A 106 37.27 3.80 -18.33
CA GLU A 106 37.63 5.07 -18.95
C GLU A 106 36.39 5.81 -19.44
N VAL A 107 35.28 5.09 -19.62
CA VAL A 107 33.99 5.76 -19.60
C VAL A 107 33.78 6.41 -18.23
N ALA A 108 34.25 5.73 -17.18
CA ALA A 108 34.30 6.34 -15.85
C ALA A 108 35.32 7.46 -15.81
N GLY A 109 36.34 7.40 -16.65
CA GLY A 109 37.26 8.52 -16.78
C GLY A 109 36.59 9.73 -17.39
N GLU A 110 35.74 9.51 -18.39
CA GLU A 110 34.87 10.57 -18.89
C GLU A 110 33.95 11.06 -17.78
N ILE A 111 33.41 10.13 -17.00
CA ILE A 111 32.60 10.49 -15.84
C ILE A 111 33.41 11.36 -14.88
N LYS A 112 34.69 11.05 -14.74
CA LYS A 112 35.54 11.76 -13.79
C LYS A 112 35.89 13.16 -14.30
N ALA A 113 36.19 13.27 -15.59
CA ALA A 113 36.39 14.59 -16.18
C ALA A 113 35.11 15.42 -16.09
N ILE A 114 33.96 14.79 -16.25
CA ILE A 114 32.69 15.50 -16.14
C ILE A 114 32.43 15.93 -14.70
N ARG A 115 32.76 15.08 -13.74
CA ARG A 115 32.63 15.46 -12.34
C ARG A 115 33.57 16.60 -12.01
N ASN A 116 34.77 16.61 -12.60
CA ASN A 116 35.70 17.72 -12.42
C ASN A 116 35.10 19.00 -13.01
N LYS A 117 34.50 18.91 -14.20
CA LYS A 117 33.86 20.08 -14.79
C LYS A 117 32.71 20.58 -13.92
N VAL A 118 31.94 19.64 -13.36
CA VAL A 118 30.83 20.01 -12.47
C VAL A 118 31.37 20.69 -11.22
N ARG A 119 32.49 20.20 -10.69
CA ARG A 119 33.13 20.84 -9.55
C ARG A 119 33.56 22.27 -9.90
N GLU A 120 34.13 22.45 -11.09
CA GLU A 120 34.52 23.79 -11.52
C GLU A 120 33.30 24.70 -11.58
N ILE A 121 32.19 24.22 -12.15
CA ILE A 121 30.99 25.04 -12.20
C ILE A 121 30.51 25.35 -10.79
N ARG A 122 30.56 24.35 -9.91
CA ARG A 122 30.23 24.57 -8.50
C ARG A 122 31.00 25.76 -7.94
N GLN A 123 32.31 25.77 -8.15
CA GLN A 123 33.11 26.89 -7.67
C GLN A 123 32.69 28.19 -8.33
N THR A 124 32.40 28.15 -9.63
CA THR A 124 32.05 29.37 -10.36
C THR A 124 30.68 29.89 -9.95
N ASP A 125 29.69 29.00 -9.82
CA ASP A 125 28.32 29.46 -9.59
C ASP A 125 28.17 30.08 -8.21
N ALA A 126 28.90 29.57 -7.22
CA ALA A 126 28.89 30.20 -5.90
C ALA A 126 29.20 31.69 -6.01
N ILE A 127 30.14 32.04 -6.89
CA ILE A 127 30.31 33.43 -7.29
C ILE A 127 29.08 33.86 -8.07
N GLY A 128 28.48 34.99 -7.67
CA GLY A 128 27.22 35.42 -8.22
C GLY A 128 26.02 35.09 -7.36
N LEU A 129 26.22 34.59 -6.13
CA LEU A 129 25.10 34.35 -5.23
C LEU A 129 24.70 35.64 -4.52
N GLN A 130 25.64 36.57 -4.35
CA GLN A 130 25.36 37.78 -3.58
C GLN A 130 24.19 38.56 -4.16
N ALA A 131 24.10 38.62 -5.49
CA ALA A 131 22.98 39.32 -6.12
C ALA A 131 21.67 38.60 -5.88
N LEU A 132 21.71 37.26 -5.84
CA LEU A 132 20.48 36.48 -5.72
C LEU A 132 19.84 36.68 -4.35
N GLN A 133 20.65 36.88 -3.31
CA GLN A 133 20.11 37.12 -1.98
C GLN A 133 19.34 38.43 -1.94
N ASP A 134 19.61 39.34 -2.88
CA ASP A 134 18.96 40.65 -2.87
C ASP A 134 17.54 40.57 -3.42
N ASP A 135 17.34 39.77 -4.47
CA ASP A 135 16.16 39.88 -5.31
C ASP A 135 15.27 38.65 -5.18
N ASP A 136 13.97 38.90 -5.06
CA ASP A 136 12.96 37.85 -4.99
C ASP A 136 11.60 38.48 -5.24
N LEU A 137 10.82 37.87 -6.13
CA LEU A 137 9.51 38.41 -6.51
C LEU A 137 8.50 37.27 -6.54
N SER A 138 7.23 37.64 -6.33
CA SER A 138 6.13 36.69 -6.30
C SER A 138 6.24 35.75 -5.10
N ALA A 139 6.53 36.31 -3.93
CA ALA A 139 6.59 35.51 -2.71
C ALA A 139 5.19 35.38 -2.12
N ARG A 140 4.61 34.18 -2.23
CA ARG A 140 3.24 33.95 -1.82
C ARG A 140 3.03 32.46 -1.64
N GLY A 141 1.88 32.12 -1.02
CA GLY A 141 1.54 30.73 -0.81
C GLY A 141 0.82 30.12 -2.01
N SER A 142 0.61 28.81 -1.92
CA SER A 142 -0.08 28.05 -2.97
C SER A 142 -1.46 27.65 -2.46
N GLU A 143 -2.47 27.81 -3.33
CA GLU A 143 -3.85 27.49 -3.01
C GLU A 143 -4.30 26.32 -3.90
N GLU A 144 -5.55 25.89 -3.68
CA GLU A 144 -6.08 24.74 -4.40
C GLU A 144 -6.77 25.18 -5.69
N ARG A 145 -6.80 24.27 -6.66
CA ARG A 145 -7.54 24.45 -7.91
C ARG A 145 -8.62 23.39 -7.98
N LYS A 146 -9.73 23.72 -8.66
CA LYS A 146 -10.92 22.91 -8.55
C LYS A 146 -11.28 22.26 -9.89
N PRO A 147 -12.00 21.14 -9.88
CA PRO A 147 -12.24 20.40 -11.12
C PRO A 147 -13.08 21.20 -12.09
N PRO A 148 -12.89 21.00 -13.40
CA PRO A 148 -13.58 21.79 -14.44
C PRO A 148 -14.97 21.28 -14.81
N VAL A 149 -15.98 21.76 -14.09
CA VAL A 149 -17.38 21.43 -14.51
C VAL A 149 -17.69 22.36 -15.68
N VAL A 150 -18.78 22.14 -16.42
CA VAL A 150 -18.99 22.99 -17.64
C VAL A 150 -19.20 24.46 -17.22
N GLU A 151 -18.57 25.39 -17.92
CA GLU A 151 -18.80 26.85 -17.66
C GLU A 151 -19.12 27.57 -18.98
N GLU A 152 -20.14 28.42 -19.02
CA GLU A 152 -20.49 29.22 -20.23
C GLU A 152 -20.76 28.31 -21.43
N ASP A 153 -21.39 27.15 -21.25
CA ASP A 153 -21.77 26.26 -22.39
C ASP A 153 -22.40 27.17 -23.45
N ASP A 154 -23.33 28.03 -23.06
CA ASP A 154 -23.96 29.00 -23.93
C ASP A 154 -22.91 29.94 -24.52
N VAL A 155 -23.10 30.33 -25.78
CA VAL A 155 -22.16 31.20 -26.48
C VAL A 155 -22.71 32.61 -26.46
N VAL A 156 -21.93 33.55 -25.91
CA VAL A 156 -22.38 34.93 -25.77
C VAL A 156 -22.45 35.57 -27.15
N GLY A 157 -23.64 36.05 -27.51
CA GLY A 157 -23.80 36.92 -28.67
C GLY A 157 -23.53 36.30 -30.01
N PHE A 158 -23.52 34.97 -30.13
CA PHE A 158 -23.37 34.29 -31.41
C PHE A 158 -24.70 33.83 -31.99
N ASP A 159 -25.80 33.99 -31.26
CA ASP A 159 -27.08 33.46 -31.73
C ASP A 159 -27.48 34.02 -33.09
N GLU A 160 -27.04 35.23 -33.42
CA GLU A 160 -27.58 35.93 -34.58
C GLU A 160 -27.07 35.31 -35.88
N GLU A 161 -25.78 35.01 -35.93
CA GLU A 161 -25.23 34.34 -37.12
C GLU A 161 -25.78 32.93 -37.24
N ALA A 162 -26.01 32.26 -36.11
CA ALA A 162 -26.73 30.99 -36.15
C ALA A 162 -28.10 31.16 -36.78
N ASP A 163 -28.81 32.24 -36.44
CA ASP A 163 -30.11 32.52 -37.04
C ASP A 163 -29.99 32.71 -38.54
N ILE A 164 -29.11 33.61 -38.95
CA ILE A 164 -28.93 33.92 -40.39
C ILE A 164 -28.74 32.59 -41.11
N VAL A 165 -27.75 31.80 -40.69
CA VAL A 165 -27.40 30.54 -41.39
C VAL A 165 -28.54 29.52 -41.36
N ILE A 166 -29.21 29.34 -40.22
CA ILE A 166 -30.31 28.34 -40.11
C ILE A 166 -31.42 28.82 -41.05
N ASN A 167 -31.69 30.13 -41.07
CA ASN A 167 -32.67 30.72 -42.00
C ASN A 167 -32.17 30.56 -43.43
N ARG A 168 -30.87 30.77 -43.68
CA ARG A 168 -30.29 30.72 -45.04
C ARG A 168 -30.43 29.32 -45.62
N LEU A 169 -30.21 28.29 -44.82
CA LEU A 169 -30.25 26.88 -45.28
C LEU A 169 -31.70 26.45 -45.57
N LEU A 170 -31.89 25.52 -46.53
CA LEU A 170 -33.24 24.94 -46.87
C LEU A 170 -34.02 25.85 -47.85
N GLY A 171 -33.42 26.93 -48.33
CA GLY A 171 -34.15 27.87 -49.22
C GLY A 171 -34.60 27.27 -50.54
N GLU A 172 -33.75 26.45 -51.19
CA GLU A 172 -34.10 25.88 -52.52
C GLU A 172 -34.16 24.37 -52.36
N SER A 173 -35.31 23.84 -51.96
CA SER A 173 -35.40 22.42 -51.68
C SER A 173 -34.99 21.62 -52.91
N ASN A 174 -34.62 20.36 -52.68
CA ASN A 174 -34.19 19.48 -53.76
C ASN A 174 -32.94 20.01 -54.46
N HIS A 175 -31.86 20.14 -53.69
CA HIS A 175 -30.59 20.60 -54.24
C HIS A 175 -29.50 20.39 -53.21
N LEU A 176 -28.32 19.99 -53.69
CA LEU A 176 -27.11 19.85 -52.88
C LEU A 176 -26.30 21.14 -52.99
N GLU A 177 -26.32 21.94 -51.93
CA GLU A 177 -25.62 23.22 -51.91
C GLU A 177 -24.79 23.32 -50.65
N VAL A 178 -23.61 23.94 -50.77
CA VAL A 178 -22.67 24.12 -49.68
C VAL A 178 -22.84 25.52 -49.09
N VAL A 179 -22.76 25.61 -47.77
CA VAL A 179 -22.87 26.87 -47.04
C VAL A 179 -21.48 27.21 -46.50
N PRO A 180 -20.76 28.15 -47.10
CA PRO A 180 -19.46 28.57 -46.55
C PRO A 180 -19.63 29.54 -45.40
N VAL A 181 -18.68 29.52 -44.47
CA VAL A 181 -18.54 30.53 -43.43
C VAL A 181 -17.08 30.95 -43.41
N VAL A 182 -16.83 32.24 -43.20
CA VAL A 182 -15.48 32.77 -43.17
C VAL A 182 -15.35 33.72 -41.98
N GLY A 183 -14.15 33.77 -41.42
CA GLY A 183 -13.85 34.68 -40.34
C GLY A 183 -12.54 34.27 -39.72
N MET A 184 -11.75 35.29 -39.37
CA MET A 184 -10.33 35.04 -39.10
C MET A 184 -10.19 33.98 -38.01
N PRO A 185 -9.06 33.28 -37.98
CA PRO A 185 -8.89 32.20 -36.99
C PRO A 185 -9.00 32.75 -35.58
N GLY A 186 -9.55 31.92 -34.69
CA GLY A 186 -9.82 32.34 -33.34
C GLY A 186 -11.11 33.11 -33.16
N LEU A 187 -11.95 33.18 -34.20
CA LEU A 187 -13.18 33.95 -34.13
C LEU A 187 -14.39 33.10 -33.75
N GLY A 188 -14.37 31.81 -34.06
CA GLY A 188 -15.43 30.93 -33.61
C GLY A 188 -16.27 30.28 -34.69
N LYS A 189 -15.69 29.99 -35.86
CA LYS A 189 -16.47 29.33 -36.90
C LYS A 189 -16.95 27.96 -36.44
N THR A 190 -16.07 27.18 -35.81
CA THR A 190 -16.47 25.84 -35.38
C THR A 190 -17.36 25.88 -34.15
N THR A 191 -17.18 26.86 -33.27
CA THR A 191 -18.09 26.99 -32.12
C THR A 191 -19.52 27.22 -32.61
N LEU A 192 -19.71 28.20 -33.50
CA LEU A 192 -21.03 28.46 -34.07
C LEU A 192 -21.55 27.25 -34.84
N ALA A 193 -20.69 26.62 -35.64
CA ALA A 193 -21.14 25.48 -36.44
C ALA A 193 -21.58 24.33 -35.55
N ASN A 194 -20.88 24.10 -34.44
CA ASN A 194 -21.34 23.12 -33.46
C ASN A 194 -22.68 23.52 -32.86
N LYS A 195 -22.84 24.80 -32.53
CA LYS A 195 -24.11 25.25 -31.96
C LYS A 195 -25.24 24.95 -32.94
N ILE A 196 -24.99 25.12 -34.23
CA ILE A 196 -26.01 24.80 -35.24
C ILE A 196 -26.24 23.30 -35.30
N TYR A 197 -25.17 22.53 -35.44
CA TYR A 197 -25.29 21.07 -35.58
C TYR A 197 -25.95 20.43 -34.37
N LYS A 198 -25.98 21.13 -33.23
CA LYS A 198 -26.72 20.69 -32.06
C LYS A 198 -27.98 21.51 -31.82
N HIS A 199 -28.44 22.27 -32.80
CA HIS A 199 -29.70 22.99 -32.65
C HIS A 199 -30.85 22.03 -32.93
N PRO A 200 -31.95 22.10 -32.15
CA PRO A 200 -33.00 21.09 -32.34
C PRO A 200 -33.61 21.08 -33.73
N LYS A 201 -33.73 22.26 -34.36
CA LYS A 201 -34.36 22.32 -35.68
C LYS A 201 -33.58 21.49 -36.70
N ILE A 202 -32.25 21.54 -36.64
CA ILE A 202 -31.44 20.81 -37.60
C ILE A 202 -31.71 19.31 -37.49
N GLY A 203 -31.65 18.77 -36.27
CA GLY A 203 -31.92 17.36 -36.09
C GLY A 203 -33.33 16.99 -36.52
N TYR A 204 -34.29 17.88 -36.26
CA TYR A 204 -35.65 17.63 -36.70
C TYR A 204 -35.72 17.54 -38.23
N GLU A 205 -35.07 18.47 -38.93
CA GLU A 205 -35.16 18.54 -40.38
C GLU A 205 -34.57 17.29 -41.04
N PHE A 206 -33.26 17.12 -40.93
CA PHE A 206 -32.53 16.04 -41.60
C PHE A 206 -32.43 14.87 -40.63
N PHE A 207 -32.52 13.65 -41.15
CA PHE A 207 -32.40 12.50 -40.27
C PHE A 207 -30.93 12.20 -39.96
N THR A 208 -30.14 11.88 -40.97
CA THR A 208 -28.72 11.60 -40.80
C THR A 208 -27.97 12.92 -40.62
N ARG A 209 -27.00 12.92 -39.71
CA ARG A 209 -26.14 14.08 -39.52
C ARG A 209 -24.75 13.61 -39.14
N ILE A 210 -23.75 14.20 -39.78
CA ILE A 210 -22.36 13.75 -39.68
C ILE A 210 -21.50 14.95 -39.30
N TRP A 211 -20.49 14.71 -38.45
CA TRP A 211 -19.47 15.70 -38.13
C TRP A 211 -18.13 15.17 -38.60
N VAL A 212 -17.46 15.93 -39.47
CA VAL A 212 -16.21 15.51 -40.10
C VAL A 212 -15.26 16.69 -40.08
N TYR A 213 -14.32 16.70 -39.13
CA TYR A 213 -13.31 17.74 -39.10
C TYR A 213 -12.33 17.58 -40.26
N VAL A 214 -12.02 18.70 -40.92
CA VAL A 214 -11.08 18.72 -42.04
C VAL A 214 -10.02 19.78 -41.74
N SER A 215 -8.87 19.63 -42.40
CA SER A 215 -7.76 20.56 -42.22
C SER A 215 -6.78 20.36 -43.37
N GLN A 216 -5.78 21.25 -43.43
CA GLN A 216 -4.75 21.13 -44.46
C GLN A 216 -4.16 19.73 -44.47
N SER A 217 -3.90 19.18 -43.28
CA SER A 217 -3.31 17.84 -43.17
C SER A 217 -4.32 16.73 -43.40
N TYR A 218 -5.50 17.04 -43.92
CA TYR A 218 -6.53 16.02 -44.13
C TYR A 218 -6.00 14.91 -45.04
N ARG A 219 -6.61 13.74 -44.90
CA ARG A 219 -6.41 12.63 -45.84
C ARG A 219 -7.78 12.14 -46.29
N ARG A 220 -7.97 12.06 -47.60
CA ARG A 220 -9.29 11.74 -48.14
C ARG A 220 -9.76 10.34 -47.77
N ARG A 221 -8.96 9.32 -48.11
CA ARG A 221 -9.39 7.94 -47.93
C ARG A 221 -9.74 7.66 -46.47
N GLU A 222 -8.95 8.18 -45.54
CA GLU A 222 -9.30 8.11 -44.13
C GLU A 222 -10.62 8.82 -43.86
N LEU A 223 -10.82 9.97 -44.50
CA LEU A 223 -12.06 10.70 -44.34
C LEU A 223 -13.26 9.83 -44.71
N PHE A 224 -13.20 9.19 -45.87
CA PHE A 224 -14.30 8.34 -46.31
C PHE A 224 -14.46 7.12 -45.40
N LEU A 225 -13.37 6.47 -45.04
CA LEU A 225 -13.46 5.28 -44.18
C LEU A 225 -14.20 5.72 -42.91
N ASN A 226 -13.87 6.90 -42.36
CA ASN A 226 -14.59 7.49 -41.19
C ASN A 226 -16.04 7.84 -41.54
N ILE A 227 -16.33 8.38 -42.73
CA ILE A 227 -17.70 8.84 -43.10
C ILE A 227 -18.61 7.63 -43.21
N ILE A 228 -18.12 6.54 -43.81
CA ILE A 228 -18.89 5.31 -44.00
C ILE A 228 -19.00 4.54 -42.69
N SER A 229 -17.99 4.64 -41.84
CA SER A 229 -18.05 3.98 -40.53
C SER A 229 -19.24 4.49 -39.73
N LYS A 230 -19.50 5.81 -39.81
CA LYS A 230 -20.60 6.36 -39.03
C LYS A 230 -21.93 5.68 -39.35
N PHE A 231 -22.12 5.28 -40.60
CA PHE A 231 -23.36 4.59 -40.98
C PHE A 231 -23.28 3.07 -40.78
N THR A 232 -22.12 2.46 -41.02
CA THR A 232 -22.01 1.03 -41.14
C THR A 232 -21.75 0.38 -39.78
N ARG A 233 -21.99 -0.93 -39.71
CA ARG A 233 -21.60 -1.72 -38.55
C ARG A 233 -20.29 -2.45 -38.80
N ASN A 234 -20.07 -2.91 -40.03
CA ASN A 234 -18.84 -3.60 -40.42
C ASN A 234 -18.16 -2.81 -41.53
N THR A 235 -16.90 -2.45 -41.31
CA THR A 235 -16.08 -1.80 -42.32
C THR A 235 -15.14 -2.76 -43.03
N LYS A 236 -15.20 -4.05 -42.70
CA LYS A 236 -14.31 -5.02 -43.33
C LYS A 236 -14.53 -5.05 -44.84
N GLN A 237 -15.78 -4.97 -45.28
CA GLN A 237 -16.08 -5.04 -46.71
C GLN A 237 -15.47 -3.86 -47.46
N TYR A 238 -15.54 -2.67 -46.87
CA TYR A 238 -15.06 -1.46 -47.52
C TYR A 238 -13.57 -1.22 -47.31
N HIS A 239 -12.92 -1.99 -46.43
CA HIS A 239 -11.52 -1.76 -46.15
C HIS A 239 -10.65 -2.04 -47.36
N GLY A 240 -10.97 -3.10 -48.11
CA GLY A 240 -10.15 -3.47 -49.25
C GLY A 240 -10.63 -2.86 -50.55
N MET A 241 -11.65 -2.00 -50.48
CA MET A 241 -12.19 -1.39 -51.68
C MET A 241 -11.26 -0.28 -52.18
N CYS A 242 -11.62 0.31 -53.31
CA CYS A 242 -10.87 1.44 -53.83
C CYS A 242 -11.51 2.75 -53.37
N GLU A 243 -10.71 3.80 -53.33
CA GLU A 243 -11.19 5.09 -52.82
C GLU A 243 -12.44 5.54 -53.57
N GLU A 244 -12.47 5.34 -54.88
CA GLU A 244 -13.66 5.67 -55.65
C GLU A 244 -14.85 4.84 -55.21
N ASP A 245 -14.63 3.55 -54.92
CA ASP A 245 -15.73 2.72 -54.44
C ASP A 245 -16.11 3.09 -53.02
N LEU A 246 -15.16 3.62 -52.24
CA LEU A 246 -15.54 4.24 -50.97
C LEU A 246 -16.52 5.37 -51.20
N ALA A 247 -16.24 6.24 -52.18
CA ALA A 247 -17.18 7.29 -52.52
C ALA A 247 -18.54 6.70 -52.92
N ASP A 248 -18.53 5.67 -53.75
CA ASP A 248 -19.78 5.03 -54.17
C ASP A 248 -20.58 4.54 -52.98
N GLU A 249 -19.92 3.82 -52.06
CA GLU A 249 -20.64 3.21 -50.95
C GLU A 249 -21.17 4.27 -49.99
N ILE A 250 -20.38 5.31 -49.73
CA ILE A 250 -20.90 6.41 -48.91
C ILE A 250 -22.08 7.05 -49.60
N GLN A 251 -22.02 7.18 -50.93
CA GLN A 251 -23.16 7.70 -51.68
C GLN A 251 -24.41 6.87 -51.40
N GLU A 252 -24.31 5.55 -51.56
CA GLU A 252 -25.48 4.70 -51.40
C GLU A 252 -26.03 4.79 -49.99
N PHE A 253 -25.16 4.69 -48.98
CA PHE A 253 -25.62 4.72 -47.60
C PHE A 253 -26.22 6.08 -47.25
N LEU A 254 -25.60 7.16 -47.71
CA LEU A 254 -26.13 8.50 -47.46
C LEU A 254 -27.49 8.68 -48.12
N GLY A 255 -27.68 8.10 -49.30
CA GLY A 255 -28.99 8.11 -49.91
C GLY A 255 -30.02 7.31 -49.14
N LYS A 256 -29.58 6.20 -48.52
CA LYS A 256 -30.50 5.38 -47.73
C LYS A 256 -31.16 6.20 -46.64
N GLY A 257 -30.39 7.03 -45.95
CA GLY A 257 -30.91 7.77 -44.82
C GLY A 257 -31.65 9.05 -45.18
N GLY A 258 -32.42 9.01 -46.28
CA GLY A 258 -33.19 10.19 -46.66
C GLY A 258 -32.30 11.41 -46.83
N LYS A 259 -32.68 12.49 -46.17
CA LYS A 259 -31.90 13.71 -46.21
C LYS A 259 -30.62 13.53 -45.40
N TYR A 260 -29.81 14.59 -45.34
CA TYR A 260 -28.58 14.53 -44.57
C TYR A 260 -27.96 15.92 -44.47
N LEU A 261 -27.39 16.23 -43.31
CA LEU A 261 -26.58 17.42 -43.12
C LEU A 261 -25.18 16.96 -42.75
N VAL A 262 -24.19 17.42 -43.51
CA VAL A 262 -22.80 17.00 -43.34
C VAL A 262 -21.97 18.25 -43.04
N VAL A 263 -21.14 18.17 -42.01
CA VAL A 263 -20.31 19.29 -41.58
C VAL A 263 -18.85 18.95 -41.86
N LEU A 264 -18.18 19.81 -42.61
CA LEU A 264 -16.74 19.70 -42.87
C LEU A 264 -16.10 20.98 -42.35
N ASP A 265 -15.06 20.83 -41.53
CA ASP A 265 -14.53 21.95 -40.75
C ASP A 265 -13.18 22.41 -41.29
N ASP A 266 -12.96 23.72 -41.24
CA ASP A 266 -11.65 24.33 -41.53
C ASP A 266 -11.04 23.80 -42.82
N VAL A 267 -11.74 24.06 -43.93
CA VAL A 267 -11.21 23.73 -45.25
C VAL A 267 -10.20 24.81 -45.62
N TRP A 268 -9.04 24.39 -46.15
CA TRP A 268 -7.95 25.33 -46.42
C TRP A 268 -7.80 25.59 -47.91
N SER A 269 -7.87 24.55 -48.73
CA SER A 269 -7.56 24.62 -50.14
C SER A 269 -8.76 24.18 -50.96
N ASP A 270 -9.07 24.96 -52.00
CA ASP A 270 -10.20 24.61 -52.85
C ASP A 270 -10.02 23.23 -53.45
N GLU A 271 -8.79 22.89 -53.84
CA GLU A 271 -8.51 21.54 -54.32
C GLU A 271 -9.05 20.50 -53.34
N ALA A 272 -9.00 20.78 -52.05
CA ALA A 272 -9.52 19.85 -51.06
C ALA A 272 -11.01 19.60 -51.28
N TRP A 273 -11.81 20.66 -51.38
CA TRP A 273 -13.24 20.51 -51.58
C TRP A 273 -13.52 19.80 -52.90
N GLU A 274 -12.80 20.20 -53.96
CA GLU A 274 -13.02 19.61 -55.27
C GLU A 274 -12.74 18.11 -55.25
N ARG A 275 -11.69 17.71 -54.54
CA ARG A 275 -11.32 16.30 -54.41
C ARG A 275 -12.28 15.53 -53.52
N ILE A 276 -12.84 16.15 -52.49
CA ILE A 276 -13.75 15.48 -51.57
C ILE A 276 -15.15 15.29 -52.13
N LYS A 277 -15.67 16.27 -52.88
CA LYS A 277 -17.12 16.41 -53.07
C LYS A 277 -17.80 15.20 -53.69
N ILE A 278 -17.07 14.31 -54.37
CA ILE A 278 -17.75 13.30 -55.19
C ILE A 278 -18.61 12.38 -54.33
N ALA A 279 -18.16 12.07 -53.11
CA ALA A 279 -18.89 11.10 -52.28
C ALA A 279 -20.29 11.55 -51.94
N PHE A 280 -20.59 12.85 -51.96
CA PHE A 280 -21.91 13.33 -51.63
C PHE A 280 -22.86 13.06 -52.80
N PRO A 281 -23.91 12.25 -52.63
CA PRO A 281 -24.84 12.02 -53.73
C PRO A 281 -25.80 13.20 -53.87
N ASN A 282 -25.63 13.98 -54.93
CA ASN A 282 -26.58 15.05 -55.26
C ASN A 282 -27.83 14.42 -55.89
N ASN A 283 -28.55 13.69 -55.04
CA ASN A 283 -29.63 12.81 -55.47
C ASN A 283 -30.96 13.56 -55.62
N ASN A 284 -30.91 14.89 -55.75
CA ASN A 284 -32.10 15.70 -55.94
C ASN A 284 -32.95 15.72 -54.67
N LYS A 285 -32.28 15.86 -53.53
CA LYS A 285 -32.89 15.98 -52.22
C LYS A 285 -32.59 17.34 -51.62
N PRO A 286 -33.41 17.83 -50.69
CA PRO A 286 -33.04 19.05 -49.96
C PRO A 286 -31.97 18.78 -48.92
N ASN A 287 -30.81 18.33 -49.40
CA ASN A 287 -29.68 18.03 -48.54
C ASN A 287 -28.79 19.26 -48.39
N ARG A 288 -28.06 19.31 -47.27
CA ARG A 288 -27.22 20.46 -46.95
C ARG A 288 -25.88 19.99 -46.43
N VAL A 289 -24.84 20.76 -46.74
CA VAL A 289 -23.51 20.59 -46.16
C VAL A 289 -23.03 21.96 -45.71
N LEU A 290 -22.26 21.99 -44.62
CA LEU A 290 -21.85 23.23 -43.99
C LEU A 290 -20.32 23.28 -43.96
N LEU A 291 -19.74 24.26 -44.65
CA LEU A 291 -18.31 24.51 -44.62
C LEU A 291 -18.01 25.81 -43.89
N THR A 292 -16.90 25.81 -43.15
CA THR A 292 -16.35 27.00 -42.52
C THR A 292 -14.87 27.06 -42.89
N THR A 293 -14.30 28.27 -42.94
CA THR A 293 -12.92 28.41 -43.34
C THR A 293 -12.34 29.75 -42.87
N ARG A 294 -11.02 29.83 -42.87
CA ARG A 294 -10.30 31.07 -42.59
C ARG A 294 -9.94 31.84 -43.85
N ASP A 295 -10.18 31.29 -45.04
CA ASP A 295 -9.76 31.89 -46.29
C ASP A 295 -10.97 32.26 -47.13
N SER A 296 -10.86 33.38 -47.86
CA SER A 296 -11.96 33.85 -48.69
C SER A 296 -11.99 33.14 -50.03
N LYS A 297 -10.82 32.84 -50.59
CA LYS A 297 -10.75 32.34 -51.96
C LYS A 297 -11.53 31.03 -52.11
N VAL A 298 -11.22 30.05 -51.25
CA VAL A 298 -11.87 28.75 -51.36
C VAL A 298 -13.37 28.88 -51.07
N ALA A 299 -13.72 29.68 -50.08
CA ALA A 299 -15.12 29.94 -49.79
C ALA A 299 -15.85 30.42 -51.04
N LYS A 300 -15.24 31.37 -51.77
CA LYS A 300 -15.84 31.84 -53.01
C LYS A 300 -15.95 30.72 -54.04
N GLN A 301 -14.90 29.91 -54.15
CA GLN A 301 -14.92 28.81 -55.12
C GLN A 301 -16.11 27.88 -54.86
N CYS A 302 -16.31 27.49 -53.60
CA CYS A 302 -17.37 26.54 -53.28
C CYS A 302 -18.77 27.11 -53.57
N ASN A 303 -19.01 28.36 -53.19
CA ASN A 303 -20.27 29.06 -53.45
C ASN A 303 -20.03 30.57 -53.57
N PRO A 304 -20.63 31.24 -54.56
CA PRO A 304 -20.38 32.68 -54.74
C PRO A 304 -20.86 33.59 -53.61
N ILE A 305 -21.50 33.06 -52.58
CA ILE A 305 -21.97 33.90 -51.47
C ILE A 305 -21.57 33.28 -50.13
N PRO A 306 -20.39 33.60 -49.59
CA PRO A 306 -20.07 33.17 -48.23
C PRO A 306 -20.56 34.16 -47.19
N HIS A 307 -21.15 33.63 -46.12
CA HIS A 307 -21.66 34.43 -45.02
C HIS A 307 -20.50 34.72 -44.05
N ASP A 308 -19.92 35.91 -44.18
CA ASP A 308 -18.78 36.29 -43.35
C ASP A 308 -19.24 36.48 -41.91
N LEU A 309 -18.42 36.04 -40.96
CA LEU A 309 -18.78 36.10 -39.55
C LEU A 309 -18.35 37.43 -38.96
N LYS A 310 -18.85 37.72 -37.76
CA LYS A 310 -18.67 39.02 -37.13
C LYS A 310 -17.81 38.93 -35.89
N PHE A 311 -17.34 40.08 -35.43
CA PHE A 311 -16.63 40.18 -34.15
C PHE A 311 -17.63 40.47 -33.04
N LEU A 312 -17.28 40.03 -31.83
CA LEU A 312 -18.12 40.36 -30.69
C LEU A 312 -18.01 41.85 -30.39
N THR A 313 -19.14 42.48 -30.08
CA THR A 313 -19.09 43.89 -29.71
C THR A 313 -18.52 44.04 -28.30
N GLU A 314 -18.46 45.29 -27.83
CA GLU A 314 -17.82 45.55 -26.53
C GLU A 314 -18.61 44.88 -25.41
N ASP A 315 -19.94 45.02 -25.43
CA ASP A 315 -20.74 44.43 -24.37
C ASP A 315 -20.55 42.94 -24.31
N GLU A 316 -20.65 42.27 -25.46
CA GLU A 316 -20.43 40.83 -25.51
C GLU A 316 -19.03 40.48 -25.04
N SER A 317 -18.05 41.30 -25.42
CA SER A 317 -16.68 41.11 -24.96
C SER A 317 -16.60 41.05 -23.44
N TRP A 318 -17.05 42.10 -22.78
CA TRP A 318 -16.95 42.16 -21.32
C TRP A 318 -17.80 41.08 -20.67
N ILE A 319 -18.94 40.74 -21.27
CA ILE A 319 -19.78 39.67 -20.72
C ILE A 319 -19.04 38.35 -20.76
N LEU A 320 -18.39 38.05 -21.88
CA LEU A 320 -17.60 36.84 -22.01
C LEU A 320 -16.47 36.82 -20.98
N LEU A 321 -15.81 37.96 -20.78
CA LEU A 321 -14.72 38.00 -19.81
C LEU A 321 -15.22 37.69 -18.41
N GLU A 322 -16.31 38.35 -17.99
CA GLU A 322 -16.82 38.09 -16.64
C GLU A 322 -17.26 36.64 -16.50
N LYS A 323 -17.95 36.11 -17.51
CA LYS A 323 -18.35 34.70 -17.46
C LYS A 323 -17.14 33.80 -17.24
N LYS A 324 -16.10 33.97 -18.06
CA LYS A 324 -14.98 33.04 -18.02
C LYS A 324 -14.22 33.14 -16.71
N VAL A 325 -14.02 34.36 -16.19
CA VAL A 325 -13.16 34.50 -15.02
C VAL A 325 -13.93 34.21 -13.74
N PHE A 326 -15.24 34.46 -13.72
CA PHE A 326 -16.03 34.34 -12.50
C PHE A 326 -17.05 33.22 -12.54
N HIS A 327 -17.13 32.45 -13.61
CA HIS A 327 -18.07 31.32 -13.73
C HIS A 327 -19.46 31.83 -13.39
N LYS A 328 -20.12 31.33 -12.35
CA LYS A 328 -21.50 31.66 -12.06
C LYS A 328 -21.66 32.85 -11.11
N ASP A 329 -20.57 33.38 -10.56
CA ASP A 329 -20.67 34.50 -9.64
C ASP A 329 -20.51 35.82 -10.40
N LYS A 330 -20.67 36.92 -9.66
CA LYS A 330 -20.68 38.26 -10.23
C LYS A 330 -19.46 39.04 -9.74
N CYS A 331 -18.90 39.83 -10.64
CA CYS A 331 -17.65 40.51 -10.37
C CYS A 331 -17.80 41.51 -9.23
N PRO A 332 -16.85 41.59 -8.30
CA PRO A 332 -16.85 42.70 -7.35
C PRO A 332 -16.69 44.03 -8.07
N PRO A 333 -17.33 45.10 -7.58
CA PRO A 333 -17.40 46.33 -8.39
C PRO A 333 -16.04 46.92 -8.76
N GLU A 334 -15.05 46.85 -7.86
CA GLU A 334 -13.80 47.56 -8.08
C GLU A 334 -13.09 47.12 -9.35
N LEU A 335 -13.23 45.85 -9.75
CA LEU A 335 -12.54 45.32 -10.91
C LEU A 335 -13.31 45.54 -12.20
N VAL A 336 -14.49 46.14 -12.13
CA VAL A 336 -15.35 46.28 -13.32
C VAL A 336 -14.71 47.21 -14.33
N LEU A 337 -14.18 48.35 -13.88
CA LEU A 337 -13.55 49.28 -14.81
C LEU A 337 -12.38 48.63 -15.52
N SER A 338 -11.53 47.91 -14.76
CA SER A 338 -10.39 47.25 -15.35
C SER A 338 -10.83 46.20 -16.36
N GLY A 339 -11.78 45.35 -15.98
CA GLY A 339 -12.23 44.33 -16.90
C GLY A 339 -12.81 44.90 -18.17
N LYS A 340 -13.56 46.00 -18.07
CA LYS A 340 -14.14 46.60 -19.26
C LYS A 340 -13.08 47.24 -20.13
N SER A 341 -12.06 47.86 -19.52
CA SER A 341 -10.96 48.42 -20.31
C SER A 341 -10.22 47.33 -21.07
N ILE A 342 -9.94 46.21 -20.41
CA ILE A 342 -9.32 45.07 -21.10
C ILE A 342 -10.22 44.58 -22.22
N ALA A 343 -11.51 44.37 -21.93
CA ALA A 343 -12.42 43.87 -22.96
C ALA A 343 -12.43 44.79 -24.17
N LYS A 344 -12.43 46.11 -23.94
CA LYS A 344 -12.43 47.06 -25.04
C LYS A 344 -11.13 46.98 -25.82
N LYS A 345 -10.00 46.83 -25.13
CA LYS A 345 -8.72 46.66 -25.82
C LYS A 345 -8.69 45.39 -26.64
N CYS A 346 -9.47 44.37 -26.26
CA CYS A 346 -9.42 43.08 -26.94
C CYS A 346 -10.04 43.14 -28.33
N LYS A 347 -10.71 44.22 -28.70
CA LYS A 347 -11.26 44.46 -30.02
C LYS A 347 -12.50 43.62 -30.31
N GLY A 348 -12.88 42.70 -29.42
CA GLY A 348 -13.99 41.81 -29.68
C GLY A 348 -13.58 40.42 -30.13
N LEU A 349 -12.31 40.05 -30.02
CA LEU A 349 -11.89 38.69 -30.36
C LEU A 349 -12.26 37.76 -29.21
N PRO A 350 -13.11 36.74 -29.44
CA PRO A 350 -13.35 35.77 -28.36
C PRO A 350 -12.09 35.07 -27.89
N LEU A 351 -11.15 34.76 -28.79
CA LEU A 351 -9.94 34.05 -28.37
C LEU A 351 -9.07 34.91 -27.46
N ALA A 352 -8.84 36.17 -27.84
CA ALA A 352 -8.03 37.05 -27.02
C ALA A 352 -8.66 37.22 -25.64
N ILE A 353 -9.97 37.39 -25.60
CA ILE A 353 -10.67 37.60 -24.33
C ILE A 353 -10.58 36.36 -23.48
N VAL A 354 -10.75 35.19 -24.10
CA VAL A 354 -10.69 33.93 -23.38
C VAL A 354 -9.32 33.73 -22.76
N VAL A 355 -8.25 34.00 -23.54
CA VAL A 355 -6.90 33.82 -23.04
C VAL A 355 -6.61 34.83 -21.91
N ILE A 356 -7.10 36.06 -22.06
CA ILE A 356 -6.90 37.06 -21.01
C ILE A 356 -7.65 36.68 -19.74
N ALA A 357 -8.87 36.18 -19.88
CA ALA A 357 -9.58 35.67 -18.71
C ALA A 357 -8.79 34.56 -18.04
N GLY A 358 -8.17 33.69 -18.83
CA GLY A 358 -7.33 32.66 -18.24
C GLY A 358 -6.16 33.23 -17.48
N ALA A 359 -5.48 34.22 -18.07
CA ALA A 359 -4.37 34.88 -17.37
C ALA A 359 -4.85 35.51 -16.08
N LEU A 360 -6.04 36.09 -16.09
CA LEU A 360 -6.57 36.74 -14.90
C LEU A 360 -6.88 35.72 -13.81
N ILE A 361 -7.44 34.57 -14.18
CA ILE A 361 -7.59 33.50 -13.20
C ILE A 361 -6.22 33.13 -12.64
N GLY A 362 -5.22 33.04 -13.51
CA GLY A 362 -3.90 32.62 -13.05
C GLY A 362 -3.29 33.59 -12.05
N LYS A 363 -3.45 34.89 -12.29
CA LYS A 363 -2.81 35.89 -11.43
C LYS A 363 -3.57 36.08 -10.12
N GLY A 364 -4.85 36.42 -10.20
CA GLY A 364 -5.62 36.68 -9.00
C GLY A 364 -6.77 37.61 -9.31
N LYS A 365 -7.38 38.12 -8.23
CA LYS A 365 -8.57 38.96 -8.36
C LYS A 365 -8.39 40.30 -7.66
N THR A 366 -7.16 40.80 -7.60
CA THR A 366 -6.83 42.00 -6.84
C THR A 366 -6.52 43.15 -7.79
N PRO A 367 -6.80 44.38 -7.38
CA PRO A 367 -6.71 45.52 -8.31
C PRO A 367 -5.33 45.72 -8.90
N ARG A 368 -4.26 45.45 -8.14
CA ARG A 368 -2.92 45.64 -8.66
C ARG A 368 -2.69 44.73 -9.87
N GLU A 369 -3.09 43.46 -9.76
CA GLU A 369 -2.94 42.54 -10.88
C GLU A 369 -3.72 43.01 -12.09
N TRP A 370 -4.96 43.49 -11.88
CA TRP A 370 -5.78 43.92 -13.00
C TRP A 370 -5.16 45.11 -13.71
N LYS A 371 -4.67 46.10 -12.94
CA LYS A 371 -4.00 47.24 -13.55
C LYS A 371 -2.77 46.79 -14.33
N GLN A 372 -1.99 45.88 -13.76
CA GLN A 372 -0.79 45.38 -14.45
C GLN A 372 -1.16 44.75 -15.78
N VAL A 373 -2.12 43.81 -15.77
CA VAL A 373 -2.43 43.10 -17.00
C VAL A 373 -3.06 44.06 -18.00
N ASP A 374 -3.85 45.03 -17.52
CA ASP A 374 -4.41 46.04 -18.40
C ASP A 374 -3.32 46.80 -19.13
N ASP A 375 -2.33 47.29 -18.37
CA ASP A 375 -1.24 48.14 -18.92
C ASP A 375 -0.35 47.33 -19.86
N SER A 376 -0.36 46.01 -19.74
CA SER A 376 0.46 45.10 -20.59
C SER A 376 -0.33 44.76 -21.85
N VAL A 377 -1.64 44.54 -21.73
CA VAL A 377 -2.52 44.18 -22.88
C VAL A 377 -2.66 45.38 -23.82
N SER A 378 -2.66 46.59 -23.27
CA SER A 378 -2.71 47.81 -24.10
C SER A 378 -1.43 47.79 -24.93
N GLU A 379 -0.33 47.37 -24.31
CA GLU A 379 1.00 47.36 -24.96
C GLU A 379 1.08 46.30 -26.06
N HIS A 380 0.48 45.12 -25.89
CA HIS A 380 0.71 44.02 -26.84
C HIS A 380 -0.38 43.81 -27.88
N LEU A 381 -1.30 44.76 -28.09
CA LEU A 381 -2.27 44.61 -29.18
C LEU A 381 -2.37 45.89 -29.98
N ILE A 382 -1.22 46.45 -30.37
CA ILE A 382 -1.22 47.72 -31.09
C ILE A 382 -1.76 47.55 -32.50
N ASN A 383 -1.31 46.52 -33.22
CA ASN A 383 -1.85 46.18 -34.53
C ASN A 383 -3.15 45.38 -34.37
N ARG A 384 -3.90 45.10 -35.44
CA ARG A 384 -5.24 44.48 -35.29
C ARG A 384 -5.40 43.16 -36.06
N ASP A 385 -5.45 43.21 -37.39
CA ASP A 385 -5.70 42.01 -38.24
C ASP A 385 -4.59 40.98 -38.07
N HIS A 386 -3.33 41.40 -37.89
CA HIS A 386 -2.15 40.50 -37.87
C HIS A 386 -2.20 39.45 -36.74
N PRO A 387 -1.82 38.19 -37.01
CA PRO A 387 -1.83 37.07 -36.03
C PRO A 387 -0.90 37.17 -34.81
N GLU A 388 0.29 37.73 -34.98
CA GLU A 388 1.33 37.75 -33.91
C GLU A 388 0.78 38.55 -32.74
N ASN A 389 -0.19 39.42 -32.99
CA ASN A 389 -0.82 40.21 -31.90
C ASN A 389 -1.40 39.17 -30.94
N CYS A 390 -1.98 38.08 -31.45
CA CYS A 390 -2.51 36.97 -30.60
C CYS A 390 -1.37 36.22 -29.90
N ASN A 391 -0.27 35.89 -30.58
CA ASN A 391 0.86 35.09 -30.02
C ASN A 391 1.40 35.78 -28.78
N LYS A 392 1.63 37.11 -28.82
CA LYS A 392 2.11 37.90 -27.69
C LYS A 392 1.18 37.78 -26.49
N LEU A 393 -0.12 37.78 -26.75
CA LEU A 393 -1.08 37.64 -25.66
C LEU A 393 -0.94 36.26 -24.99
N VAL A 394 -0.76 35.22 -25.81
CA VAL A 394 -0.50 33.90 -25.26
C VAL A 394 0.79 33.90 -24.46
N GLN A 395 1.79 34.64 -24.91
CA GLN A 395 3.04 34.72 -24.16
C GLN A 395 2.80 35.30 -22.79
N MET A 396 2.02 36.38 -22.73
CA MET A 396 1.67 36.99 -21.45
C MET A 396 1.01 35.97 -20.53
N SER A 397 0.02 35.24 -21.04
CA SER A 397 -0.67 34.25 -20.20
C SER A 397 0.29 33.13 -19.78
N TYR A 398 1.04 32.58 -20.74
CA TYR A 398 1.92 31.43 -20.51
C TYR A 398 3.03 31.76 -19.54
N ASP A 399 3.43 33.03 -19.43
CA ASP A 399 4.56 33.37 -18.57
C ASP A 399 4.26 33.03 -17.11
N ARG A 400 3.01 33.18 -16.68
CA ARG A 400 2.67 33.01 -15.27
C ARG A 400 2.53 31.54 -14.85
N LEU A 401 2.54 30.61 -15.79
CA LEU A 401 2.35 29.21 -15.43
C LEU A 401 3.51 28.71 -14.58
N PRO A 402 3.27 27.75 -13.69
CA PRO A 402 4.39 27.12 -12.97
C PRO A 402 5.29 26.38 -13.95
N TYR A 403 6.56 26.24 -13.57
CA TYR A 403 7.53 25.62 -14.48
C TYR A 403 7.17 24.17 -14.75
N ASP A 404 6.38 23.55 -13.87
CA ASP A 404 5.92 22.18 -14.16
C ASP A 404 4.90 22.17 -15.28
N LEU A 405 3.93 23.08 -15.25
CA LEU A 405 2.92 23.14 -16.30
C LEU A 405 3.47 23.64 -17.63
N LYS A 406 4.54 24.43 -17.62
CA LYS A 406 5.13 24.86 -18.88
C LYS A 406 5.62 23.66 -19.70
N ALA A 407 6.28 22.70 -19.06
CA ALA A 407 6.74 21.51 -19.77
C ALA A 407 5.58 20.73 -20.37
N CYS A 408 4.52 20.48 -19.59
CA CYS A 408 3.37 19.75 -20.12
C CYS A 408 2.68 20.49 -21.25
N PHE A 409 2.48 21.80 -21.11
CA PHE A 409 1.83 22.56 -22.15
C PHE A 409 2.63 22.54 -23.44
N LEU A 410 3.95 22.68 -23.34
CA LEU A 410 4.78 22.54 -24.54
C LEU A 410 4.68 21.14 -25.11
N TYR A 411 4.79 20.12 -24.25
CA TYR A 411 4.78 18.70 -24.67
C TYR A 411 3.47 18.35 -25.36
N CYS A 412 2.39 19.09 -25.10
CA CYS A 412 1.12 18.87 -25.81
C CYS A 412 1.18 19.31 -27.26
N SER A 413 2.25 20.00 -27.67
CA SER A 413 2.41 20.34 -29.08
C SER A 413 3.22 19.30 -29.85
N ALA A 414 3.69 18.25 -29.18
CA ALA A 414 4.38 17.17 -29.88
C ALA A 414 3.44 16.49 -30.86
N PHE A 415 2.18 16.32 -30.46
CA PHE A 415 1.22 15.61 -31.29
C PHE A 415 0.95 16.41 -32.56
N PRO A 416 0.84 15.75 -33.71
CA PRO A 416 0.62 16.49 -34.96
C PRO A 416 -0.68 17.28 -34.93
N GLY A 417 -0.67 18.46 -35.55
CA GLY A 417 -1.85 19.28 -35.58
C GLY A 417 -3.03 18.54 -36.20
N GLY A 418 -4.20 18.67 -35.58
CA GLY A 418 -5.36 17.92 -36.01
C GLY A 418 -5.47 16.53 -35.42
N PHE A 419 -4.79 16.27 -34.31
CA PHE A 419 -4.83 14.96 -33.66
C PHE A 419 -5.50 15.11 -32.30
N GLN A 420 -6.45 14.23 -32.01
CA GLN A 420 -7.19 14.27 -30.76
C GLN A 420 -6.47 13.40 -29.74
N ILE A 421 -6.02 14.03 -28.65
CA ILE A 421 -5.06 13.41 -27.72
C ILE A 421 -5.82 12.47 -26.80
N PRO A 422 -5.50 11.18 -26.76
CA PRO A 422 -6.11 10.30 -25.75
C PRO A 422 -5.55 10.62 -24.37
N ALA A 423 -6.44 11.04 -23.46
CA ALA A 423 -5.99 11.63 -22.20
C ALA A 423 -5.17 10.65 -21.36
N TRP A 424 -5.60 9.39 -21.28
CA TRP A 424 -4.89 8.44 -20.45
C TRP A 424 -3.47 8.23 -20.95
N LYS A 425 -3.30 8.09 -22.27
CA LYS A 425 -1.97 7.96 -22.83
C LYS A 425 -1.14 9.22 -22.56
N LEU A 426 -1.77 10.39 -22.68
CA LEU A 426 -1.04 11.63 -22.44
C LEU A 426 -0.51 11.70 -21.01
N ILE A 427 -1.34 11.31 -20.05
CA ILE A 427 -0.90 11.30 -18.65
C ILE A 427 0.24 10.30 -18.46
N ARG A 428 0.12 9.12 -19.07
CA ARG A 428 1.18 8.13 -18.91
C ARG A 428 2.50 8.61 -19.52
N LEU A 429 2.44 9.28 -20.67
CA LEU A 429 3.64 9.87 -21.26
C LEU A 429 4.25 10.93 -20.35
N TRP A 430 3.40 11.78 -19.78
CA TRP A 430 3.91 12.78 -18.85
C TRP A 430 4.63 12.12 -17.69
N ILE A 431 4.06 11.03 -17.16
CA ILE A 431 4.70 10.34 -16.05
C ILE A 431 6.04 9.77 -16.47
N ALA A 432 6.10 9.15 -17.66
CA ALA A 432 7.33 8.48 -18.06
C ALA A 432 8.42 9.46 -18.45
N GLU A 433 8.05 10.69 -18.83
CA GLU A 433 9.05 11.69 -19.16
C GLU A 433 9.64 12.38 -17.93
N GLY A 434 9.05 12.17 -16.75
CA GLY A 434 9.53 12.82 -15.55
C GLY A 434 9.00 14.22 -15.33
N PHE A 435 7.97 14.63 -16.06
CA PHE A 435 7.43 15.98 -15.89
C PHE A 435 6.69 16.11 -14.56
N ILE A 436 6.06 15.04 -14.08
CA ILE A 436 5.33 15.04 -12.82
C ILE A 436 6.22 14.38 -11.78
N GLN A 437 6.62 15.15 -10.76
CA GLN A 437 7.43 14.64 -9.68
C GLN A 437 6.56 14.44 -8.44
N TYR A 438 6.76 13.30 -7.77
CA TYR A 438 5.94 12.96 -6.61
C TYR A 438 5.90 14.13 -5.63
N LYS A 439 4.72 14.72 -5.46
CA LYS A 439 4.49 15.82 -4.51
C LYS A 439 3.20 15.52 -3.75
N GLY A 440 3.34 15.17 -2.46
CA GLY A 440 2.18 15.03 -1.59
C GLY A 440 1.76 13.59 -1.34
N HIS A 441 0.46 13.34 -1.44
CA HIS A 441 -0.10 12.01 -1.21
C HIS A 441 -0.92 11.51 -2.40
N LEU A 442 -1.23 12.36 -3.36
CA LEU A 442 -2.00 11.95 -4.51
C LEU A 442 -1.22 10.95 -5.34
N SER A 443 -1.94 9.99 -5.95
CA SER A 443 -1.31 9.10 -6.91
C SER A 443 -0.91 9.89 -8.15
N LEU A 444 0.18 9.47 -8.78
CA LEU A 444 0.72 10.19 -9.93
C LEU A 444 -0.37 10.45 -10.97
N GLU A 445 -1.21 9.45 -11.21
CA GLU A 445 -2.28 9.60 -12.19
C GLU A 445 -3.24 10.72 -11.81
N CYS A 446 -3.58 10.81 -10.52
CA CYS A 446 -4.48 11.85 -10.06
C CYS A 446 -3.85 13.23 -10.23
N LYS A 447 -2.57 13.36 -9.91
CA LYS A 447 -1.88 14.63 -10.10
C LYS A 447 -1.87 15.01 -11.57
N GLY A 448 -1.64 14.05 -12.46
CA GLY A 448 -1.68 14.35 -13.88
C GLY A 448 -3.06 14.81 -14.34
N GLU A 449 -4.11 14.14 -13.86
CA GLU A 449 -5.47 14.55 -14.23
C GLU A 449 -5.75 15.96 -13.74
N ASP A 450 -5.30 16.28 -12.53
CA ASP A 450 -5.49 17.63 -12.01
C ASP A 450 -4.74 18.65 -12.85
N ASN A 451 -3.52 18.31 -13.28
CA ASN A 451 -2.76 19.22 -14.14
C ASN A 451 -3.50 19.47 -15.44
N LEU A 452 -4.08 18.42 -16.03
CA LEU A 452 -4.82 18.59 -17.27
C LEU A 452 -6.04 19.48 -17.06
N ASN A 453 -6.75 19.26 -15.95
CA ASN A 453 -7.89 20.13 -15.64
C ASN A 453 -7.45 21.58 -15.50
N ASP A 454 -6.34 21.81 -14.81
CA ASP A 454 -5.82 23.15 -14.66
C ASP A 454 -5.53 23.79 -16.01
N LEU A 455 -4.87 23.04 -16.90
CA LEU A 455 -4.58 23.58 -18.22
C LEU A 455 -5.86 23.91 -18.98
N ILE A 456 -6.89 23.07 -18.82
CA ILE A 456 -8.16 23.35 -19.49
C ILE A 456 -8.79 24.61 -18.94
N ASN A 457 -8.66 24.85 -17.63
CA ASN A 457 -9.36 25.96 -16.99
C ASN A 457 -8.90 27.30 -17.55
N ARG A 458 -7.60 27.47 -17.77
CA ARG A 458 -7.09 28.73 -18.29
C ARG A 458 -7.48 28.96 -19.74
N ASN A 459 -8.11 27.97 -20.39
CA ASN A 459 -8.55 28.00 -21.78
C ASN A 459 -7.39 27.84 -22.74
N LEU A 460 -6.27 27.28 -22.29
CA LEU A 460 -5.19 26.89 -23.18
C LEU A 460 -5.47 25.60 -23.94
N VAL A 461 -6.23 24.68 -23.34
CA VAL A 461 -6.51 23.37 -23.93
C VAL A 461 -8.02 23.22 -24.10
N MET A 462 -8.44 22.89 -25.32
CA MET A 462 -9.84 22.66 -25.63
C MET A 462 -10.18 21.19 -25.48
N VAL A 463 -11.23 20.90 -24.72
CA VAL A 463 -11.76 19.55 -24.57
C VAL A 463 -12.61 19.21 -25.78
N MET A 464 -12.59 17.93 -26.17
CA MET A 464 -13.35 17.48 -27.33
C MET A 464 -14.43 16.47 -26.97
N GLU A 465 -14.08 15.40 -26.25
CA GLU A 465 -15.05 14.40 -25.81
C GLU A 465 -14.91 14.17 -24.32
N ARG A 466 -16.04 13.95 -23.65
CA ARG A 466 -16.08 13.57 -22.25
C ARG A 466 -16.58 12.14 -22.13
N THR A 467 -16.36 11.52 -20.97
CA THR A 467 -16.78 10.15 -20.76
C THR A 467 -18.26 10.11 -20.36
N SER A 468 -18.71 8.89 -20.03
CA SER A 468 -20.05 8.72 -19.46
C SER A 468 -20.14 9.38 -18.10
N ASP A 469 -19.11 9.20 -17.27
CA ASP A 469 -19.14 9.66 -15.88
C ASP A 469 -18.70 11.11 -15.74
N GLY A 470 -18.48 11.83 -16.84
CA GLY A 470 -18.20 13.25 -16.80
C GLY A 470 -16.75 13.64 -16.93
N GLN A 471 -15.83 12.68 -16.99
CA GLN A 471 -14.42 12.99 -17.07
C GLN A 471 -14.00 13.24 -18.52
N ILE A 472 -12.74 13.65 -18.69
CA ILE A 472 -12.21 13.99 -20.00
C ILE A 472 -11.75 12.73 -20.70
N LYS A 473 -11.94 12.68 -22.02
CA LYS A 473 -11.56 11.51 -22.81
C LYS A 473 -10.56 11.83 -23.89
N THR A 474 -10.69 12.98 -24.57
CA THR A 474 -9.69 13.45 -25.51
C THR A 474 -9.71 14.97 -25.57
N CYS A 475 -8.56 15.56 -25.87
CA CYS A 475 -8.43 17.00 -25.98
C CYS A 475 -7.48 17.35 -27.12
N ARG A 476 -7.32 18.65 -27.36
CA ARG A 476 -6.40 19.14 -28.38
C ARG A 476 -6.18 20.64 -28.18
N LEU A 477 -5.22 21.18 -28.92
CA LEU A 477 -4.91 22.60 -28.85
C LEU A 477 -5.38 23.33 -30.10
N HIS A 478 -5.90 24.54 -29.90
CA HIS A 478 -6.31 25.38 -31.01
C HIS A 478 -5.08 25.78 -31.83
N ASP A 479 -5.29 26.01 -33.13
CA ASP A 479 -4.19 26.09 -34.07
C ASP A 479 -3.13 27.08 -33.61
N MET A 480 -3.52 28.29 -33.23
CA MET A 480 -2.55 29.31 -32.87
C MET A 480 -1.74 28.88 -31.65
N LEU A 481 -2.40 28.28 -30.66
CA LEU A 481 -1.69 27.78 -29.49
C LEU A 481 -0.67 26.74 -29.91
N HIS A 482 -1.05 25.85 -30.84
CA HIS A 482 -0.13 24.83 -31.32
C HIS A 482 1.09 25.46 -31.98
N GLU A 483 0.88 26.49 -32.79
CA GLU A 483 2.00 27.13 -33.50
C GLU A 483 2.94 27.81 -32.51
N PHE A 484 2.38 28.57 -31.57
CA PHE A 484 3.20 29.22 -30.56
C PHE A 484 4.01 28.21 -29.76
N CYS A 485 3.36 27.14 -29.29
CA CYS A 485 4.05 26.12 -28.51
C CYS A 485 5.13 25.44 -29.33
N ARG A 486 4.83 25.12 -30.59
CA ARG A 486 5.79 24.42 -31.43
C ARG A 486 7.06 25.26 -31.61
N GLN A 487 6.88 26.55 -31.94
CA GLN A 487 8.07 27.39 -32.11
C GLN A 487 8.83 27.50 -30.80
N GLU A 488 8.12 27.73 -29.69
CA GLU A 488 8.77 27.90 -28.41
C GLU A 488 9.62 26.68 -28.05
N ALA A 489 9.08 25.48 -28.32
CA ALA A 489 9.83 24.27 -27.97
C ALA A 489 10.99 24.04 -28.92
N MET A 490 10.74 24.05 -30.24
CA MET A 490 11.79 23.71 -31.18
C MET A 490 12.92 24.73 -31.20
N LYS A 491 12.70 25.96 -30.74
CA LYS A 491 13.71 27.00 -30.90
C LYS A 491 14.39 27.38 -29.58
N GLU A 492 13.62 27.77 -28.57
CA GLU A 492 14.24 28.26 -27.34
C GLU A 492 14.72 27.11 -26.46
N GLU A 493 13.82 26.19 -26.10
CA GLU A 493 14.12 25.16 -25.12
C GLU A 493 14.81 23.94 -25.70
N ASN A 494 14.71 23.71 -27.01
CA ASN A 494 15.17 22.47 -27.62
C ASN A 494 14.57 21.27 -26.88
N LEU A 495 13.31 21.42 -26.46
CA LEU A 495 12.61 20.31 -25.82
C LEU A 495 12.55 19.11 -26.75
N PHE A 496 12.08 19.31 -27.98
CA PHE A 496 12.10 18.26 -28.98
C PHE A 496 12.34 18.93 -30.33
N GLN A 497 12.34 18.11 -31.38
CA GLN A 497 12.53 18.59 -32.74
C GLN A 497 11.66 17.74 -33.65
N GLU A 498 11.00 18.38 -34.60
CA GLU A 498 10.19 17.66 -35.58
C GLU A 498 10.95 17.52 -36.90
N ILE A 499 10.66 16.44 -37.61
CA ILE A 499 11.22 16.19 -38.93
C ILE A 499 10.02 15.94 -39.84
N LYS A 500 9.53 17.00 -40.47
CA LYS A 500 8.38 16.91 -41.36
C LYS A 500 8.87 16.91 -42.79
N LEU A 501 8.61 15.83 -43.51
CA LEU A 501 9.08 15.68 -44.89
C LEU A 501 8.22 16.56 -45.79
N GLY A 502 8.62 17.83 -45.91
CA GLY A 502 8.06 18.69 -46.93
C GLY A 502 8.52 18.22 -48.30
N SER A 503 8.06 18.94 -49.33
CA SER A 503 8.54 18.65 -50.67
C SER A 503 10.03 18.91 -50.79
N GLU A 504 10.63 19.65 -49.85
CA GLU A 504 12.03 20.00 -49.92
C GLU A 504 12.78 19.79 -48.61
N GLN A 505 12.19 19.13 -47.62
CA GLN A 505 12.90 18.75 -46.41
C GLN A 505 13.50 17.36 -46.61
N TYR A 506 14.80 17.23 -46.32
CA TYR A 506 15.50 15.96 -46.46
C TYR A 506 16.30 15.67 -45.21
N PHE A 507 16.33 14.40 -44.84
CA PHE A 507 16.70 13.98 -43.50
C PHE A 507 18.08 14.50 -43.11
N PRO A 508 18.21 15.16 -41.96
CA PRO A 508 19.52 15.70 -41.57
C PRO A 508 20.58 14.61 -41.49
N GLY A 509 21.84 15.02 -41.55
CA GLY A 509 22.96 14.11 -41.39
C GLY A 509 23.21 13.80 -39.93
N LYS A 510 24.21 12.94 -39.71
CA LYS A 510 24.48 12.43 -38.37
C LYS A 510 24.88 13.55 -37.43
N ARG A 511 25.54 14.58 -37.95
CA ARG A 511 25.97 15.70 -37.10
C ARG A 511 24.78 16.45 -36.52
N GLU A 512 23.83 16.84 -37.38
CA GLU A 512 22.65 17.56 -36.89
C GLU A 512 21.87 16.71 -35.89
N LEU A 513 21.64 15.45 -36.23
CA LEU A 513 20.94 14.56 -35.30
C LEU A 513 21.73 14.39 -34.01
N SER A 514 23.03 14.71 -34.03
CA SER A 514 23.82 14.65 -32.80
C SER A 514 23.33 15.65 -31.76
N THR A 515 22.43 16.56 -32.14
CA THR A 515 22.04 17.63 -31.22
C THR A 515 20.61 17.48 -30.71
N TYR A 516 19.79 16.62 -31.31
CA TYR A 516 18.42 16.45 -30.86
C TYR A 516 18.36 15.64 -29.57
N ARG A 517 17.27 15.85 -28.82
CA ARG A 517 16.96 15.07 -27.63
C ARG A 517 15.66 14.29 -27.75
N ARG A 518 14.79 14.66 -28.68
CA ARG A 518 13.53 13.98 -28.91
C ARG A 518 13.11 14.21 -30.34
N LEU A 519 12.53 13.18 -30.96
CA LEU A 519 12.08 13.24 -32.35
C LEU A 519 10.57 13.07 -32.43
N CYS A 520 9.98 13.68 -33.45
CA CYS A 520 8.60 13.40 -33.83
C CYS A 520 8.56 13.28 -35.35
N ILE A 521 8.20 12.09 -35.84
CA ILE A 521 8.05 11.85 -37.26
C ILE A 521 6.61 11.42 -37.48
N HIS A 522 5.78 12.36 -37.93
CA HIS A 522 4.37 12.09 -38.15
C HIS A 522 4.06 11.96 -39.63
N SER A 523 5.08 11.79 -40.46
CA SER A 523 5.00 11.63 -41.90
C SER A 523 5.58 10.26 -42.25
N SER A 524 5.81 10.04 -43.55
CA SER A 524 6.46 8.81 -43.95
C SER A 524 7.66 8.54 -43.05
N VAL A 525 7.59 7.47 -42.27
CA VAL A 525 8.65 7.14 -41.33
C VAL A 525 9.50 5.98 -41.84
N LEU A 526 8.89 5.07 -42.60
CA LEU A 526 9.67 4.03 -43.26
C LEU A 526 10.72 4.64 -44.17
N ASP A 527 10.44 5.85 -44.68
CA ASP A 527 11.40 6.53 -45.54
C ASP A 527 12.58 7.04 -44.72
N PHE A 528 12.33 7.56 -43.52
CA PHE A 528 13.42 7.97 -42.65
C PHE A 528 14.23 6.77 -42.17
N PHE A 529 13.57 5.63 -41.97
CA PHE A 529 14.27 4.45 -41.50
C PHE A 529 14.91 3.64 -42.62
N SER A 530 14.63 3.98 -43.88
CA SER A 530 15.41 3.39 -44.98
C SER A 530 16.83 3.92 -45.00
N THR A 531 17.06 5.08 -44.39
CA THR A 531 18.38 5.71 -44.37
C THR A 531 19.29 5.15 -43.30
N LYS A 532 18.76 4.42 -42.33
CA LYS A 532 19.54 3.91 -41.21
C LYS A 532 20.17 5.07 -40.45
N PRO A 533 19.39 5.82 -39.69
CA PRO A 533 19.93 6.97 -38.97
C PRO A 533 20.88 6.53 -37.85
N SER A 534 21.48 7.52 -37.19
CA SER A 534 22.36 7.25 -36.07
C SER A 534 22.44 8.50 -35.20
N ALA A 535 21.97 8.39 -33.97
CA ALA A 535 22.03 9.50 -33.02
C ALA A 535 22.04 8.92 -31.61
N GLU A 536 23.24 8.86 -31.01
CA GLU A 536 23.35 8.28 -29.68
C GLU A 536 22.53 9.02 -28.64
N HIS A 537 22.31 10.32 -28.82
CA HIS A 537 21.71 11.16 -27.79
C HIS A 537 20.23 11.45 -28.02
N VAL A 538 19.49 10.49 -28.59
CA VAL A 538 18.04 10.60 -28.69
C VAL A 538 17.44 9.75 -27.58
N ARG A 539 16.66 10.38 -26.70
CA ARG A 539 16.07 9.72 -25.55
C ARG A 539 14.62 9.30 -25.77
N SER A 540 13.85 10.10 -26.48
CA SER A 540 12.47 9.76 -26.81
C SER A 540 12.35 9.49 -28.31
N PHE A 541 11.20 8.95 -28.70
CA PHE A 541 10.87 8.78 -30.11
C PHE A 541 9.36 8.62 -30.20
N LEU A 542 8.71 9.51 -30.96
CA LEU A 542 7.26 9.53 -31.05
C LEU A 542 6.84 9.56 -32.51
N SER A 543 5.79 8.81 -32.84
CA SER A 543 5.22 8.81 -34.18
C SER A 543 3.73 8.50 -34.05
N PHE A 544 2.90 9.54 -34.04
CA PHE A 544 1.46 9.39 -33.91
C PHE A 544 0.78 9.48 -35.27
N SER A 545 0.83 8.38 -36.01
CA SER A 545 0.21 8.34 -37.32
C SER A 545 -1.28 8.02 -37.20
N SER A 546 -1.98 8.12 -38.34
CA SER A 546 -3.41 7.78 -38.37
C SER A 546 -3.61 6.40 -38.98
N LYS A 547 -2.83 6.07 -40.01
CA LYS A 547 -2.86 4.74 -40.59
C LYS A 547 -1.97 3.79 -39.78
N LYS A 548 -2.01 2.52 -40.14
CA LYS A 548 -1.08 1.54 -39.62
C LYS A 548 -0.09 1.13 -40.71
N ILE A 549 1.18 1.12 -40.35
CA ILE A 549 2.28 0.92 -41.28
C ILE A 549 3.00 -0.36 -40.86
N GLU A 550 3.28 -1.24 -41.82
CA GLU A 550 4.00 -2.46 -41.46
C GLU A 550 5.50 -2.27 -41.66
N MET A 551 6.27 -2.88 -40.76
CA MET A 551 7.72 -2.71 -40.72
C MET A 551 8.38 -3.77 -41.58
N PRO A 552 9.18 -3.42 -42.58
CA PRO A 552 9.82 -4.45 -43.40
C PRO A 552 10.72 -5.35 -42.57
N SER A 553 10.87 -6.60 -43.04
CA SER A 553 11.63 -7.59 -42.27
C SER A 553 13.10 -7.22 -42.13
N ALA A 554 13.60 -6.32 -42.98
CA ALA A 554 15.02 -5.98 -42.97
C ALA A 554 15.34 -4.76 -42.12
N ASP A 555 14.34 -4.10 -41.53
CA ASP A 555 14.56 -2.86 -40.80
C ASP A 555 14.26 -2.98 -39.31
N ILE A 556 13.91 -4.17 -38.82
CA ILE A 556 13.62 -4.31 -37.40
C ILE A 556 14.83 -3.98 -36.52
N PRO A 557 16.08 -4.16 -36.97
CA PRO A 557 17.22 -3.73 -36.15
C PRO A 557 17.40 -2.23 -36.07
N THR A 558 16.80 -1.44 -36.96
CA THR A 558 17.16 -0.04 -37.09
C THR A 558 16.84 0.78 -35.85
N ILE A 559 15.69 0.57 -35.22
CA ILE A 559 15.29 1.40 -34.08
C ILE A 559 16.28 1.19 -32.93
N PRO A 560 16.54 -0.04 -32.50
CA PRO A 560 17.45 -0.22 -31.35
C PRO A 560 18.88 0.20 -31.64
N LYS A 561 19.48 -0.31 -32.72
CA LYS A 561 20.87 0.01 -33.00
C LYS A 561 21.07 1.49 -33.27
N GLY A 562 20.14 2.13 -33.97
CA GLY A 562 20.27 3.55 -34.21
C GLY A 562 20.21 4.38 -32.94
N PHE A 563 19.27 4.06 -32.06
CA PHE A 563 19.05 4.82 -30.83
C PHE A 563 19.20 3.88 -29.64
N PRO A 564 20.41 3.66 -29.13
CA PRO A 564 20.59 2.69 -28.04
C PRO A 564 20.34 3.26 -26.66
N LEU A 565 19.89 4.51 -26.57
CA LEU A 565 19.64 5.17 -25.29
C LEU A 565 18.19 5.58 -25.10
N LEU A 566 17.26 4.88 -25.74
CA LEU A 566 15.85 5.27 -25.70
C LEU A 566 15.31 5.19 -24.27
N ARG A 567 14.37 6.08 -23.95
CA ARG A 567 13.55 5.98 -22.75
C ARG A 567 12.08 5.77 -23.07
N VAL A 568 11.46 6.68 -23.83
CA VAL A 568 10.09 6.54 -24.27
C VAL A 568 10.09 6.06 -25.71
N LEU A 569 9.12 5.23 -26.06
CA LEU A 569 8.98 4.71 -27.43
C LEU A 569 7.51 4.42 -27.66
N ASP A 570 6.81 5.32 -28.34
CA ASP A 570 5.42 5.08 -28.74
C ASP A 570 5.37 5.01 -30.27
N VAL A 571 5.21 3.80 -30.78
CA VAL A 571 5.07 3.58 -32.21
C VAL A 571 3.82 2.76 -32.48
N GLU A 572 2.80 2.93 -31.63
CA GLU A 572 1.58 2.12 -31.74
C GLU A 572 1.03 2.09 -33.16
N SER A 573 1.46 3.03 -34.01
CA SER A 573 1.01 3.05 -35.40
C SER A 573 1.90 2.23 -36.33
N ILE A 574 2.84 1.45 -35.81
CA ILE A 574 3.73 0.63 -36.63
C ILE A 574 3.58 -0.81 -36.18
N ASN A 575 3.14 -1.68 -37.09
CA ASN A 575 2.96 -3.10 -36.81
C ASN A 575 4.31 -3.79 -36.92
N PHE A 576 4.66 -4.60 -35.92
CA PHE A 576 5.89 -5.37 -35.91
C PHE A 576 5.61 -6.84 -36.16
N SER A 577 6.34 -7.42 -37.12
CA SER A 577 6.32 -8.88 -37.26
C SER A 577 6.92 -9.55 -36.03
N ARG A 578 8.01 -8.99 -35.50
CA ARG A 578 8.73 -9.57 -34.37
C ARG A 578 9.75 -8.55 -33.89
N PHE A 579 10.56 -8.95 -32.91
CA PHE A 579 11.58 -8.10 -32.31
C PHE A 579 12.95 -8.74 -32.47
N SER A 580 13.93 -7.93 -32.85
CA SER A 580 15.30 -8.41 -32.94
C SER A 580 15.95 -8.39 -31.55
N ARG A 581 17.14 -8.98 -31.47
CA ARG A 581 17.77 -9.22 -30.17
C ARG A 581 18.28 -7.94 -29.50
N GLU A 582 18.32 -6.81 -30.21
CA GLU A 582 18.76 -5.58 -29.57
C GLU A 582 17.67 -4.93 -28.73
N PHE A 583 16.39 -5.22 -29.00
CA PHE A 583 15.32 -4.69 -28.18
C PHE A 583 15.50 -5.04 -26.72
N TYR A 584 16.08 -6.20 -26.44
CA TYR A 584 16.27 -6.68 -25.07
C TYR A 584 17.53 -6.12 -24.43
N GLN A 585 18.20 -5.17 -25.09
CA GLN A 585 19.32 -4.45 -24.50
C GLN A 585 19.04 -2.94 -24.43
N LEU A 586 17.78 -2.53 -24.58
CA LEU A 586 17.38 -1.15 -24.35
C LEU A 586 17.06 -0.96 -22.87
N TYR A 587 18.10 -1.06 -22.04
CA TYR A 587 17.90 -1.21 -20.61
C TYR A 587 17.31 0.03 -19.95
N HIS A 588 17.26 1.17 -20.65
CA HIS A 588 16.70 2.39 -20.10
C HIS A 588 15.21 2.56 -20.41
N LEU A 589 14.61 1.62 -21.12
CA LEU A 589 13.26 1.78 -21.64
C LEU A 589 12.25 1.86 -20.50
N ARG A 590 11.52 2.97 -20.42
CA ARG A 590 10.49 3.17 -19.41
C ARG A 590 9.09 2.95 -19.99
N TYR A 591 8.78 3.62 -21.08
CA TYR A 591 7.49 3.55 -21.74
C TYR A 591 7.68 2.85 -23.08
N VAL A 592 6.93 1.77 -23.30
CA VAL A 592 7.05 1.06 -24.56
C VAL A 592 5.68 0.60 -25.03
N ALA A 593 5.23 1.15 -26.15
CA ALA A 593 4.02 0.71 -26.83
C ALA A 593 4.39 0.14 -28.19
N PHE A 594 3.59 -0.79 -28.70
CA PHE A 594 3.73 -1.24 -30.07
C PHE A 594 2.50 -2.06 -30.42
N SER A 595 2.36 -2.34 -31.71
CA SER A 595 1.29 -3.19 -32.21
C SER A 595 1.89 -4.44 -32.85
N SER A 596 1.01 -5.35 -33.26
CA SER A 596 1.44 -6.59 -33.88
C SER A 596 0.20 -7.33 -34.37
N ASP A 597 0.43 -8.33 -35.22
CA ASP A 597 -0.63 -9.19 -35.71
C ASP A 597 -0.32 -10.68 -35.61
N SER A 598 0.96 -11.06 -35.46
CA SER A 598 1.34 -12.45 -35.33
C SER A 598 1.96 -12.76 -33.97
N ILE A 599 2.08 -11.77 -33.08
CA ILE A 599 2.68 -12.01 -31.77
C ILE A 599 1.71 -12.83 -30.93
N LYS A 600 2.25 -13.82 -30.21
CA LYS A 600 1.48 -14.60 -29.25
C LYS A 600 2.20 -14.78 -27.93
N ILE A 601 3.50 -14.52 -27.87
CA ILE A 601 4.30 -14.75 -26.68
C ILE A 601 5.16 -13.52 -26.43
N LEU A 602 5.21 -13.07 -25.18
CA LEU A 602 6.17 -12.06 -24.79
C LEU A 602 7.41 -12.77 -24.28
N PRO A 603 8.45 -12.93 -25.08
CA PRO A 603 9.56 -13.79 -24.68
C PRO A 603 10.20 -13.32 -23.38
N LYS A 604 10.72 -14.30 -22.63
CA LYS A 604 11.20 -14.05 -21.28
C LYS A 604 12.31 -13.00 -21.24
N LEU A 605 13.03 -12.80 -22.35
CA LEU A 605 14.05 -11.76 -22.37
C LEU A 605 13.48 -10.40 -22.03
N MET A 606 12.19 -10.18 -22.30
CA MET A 606 11.59 -8.88 -22.03
C MET A 606 11.67 -8.52 -20.55
N GLY A 607 11.69 -9.52 -19.69
CA GLY A 607 11.74 -9.24 -18.26
C GLY A 607 13.10 -8.73 -17.81
N GLU A 608 14.09 -8.73 -18.70
CA GLU A 608 15.42 -8.26 -18.34
C GLU A 608 15.47 -6.73 -18.26
N LEU A 609 14.47 -6.06 -18.81
CA LEU A 609 14.41 -4.60 -18.77
C LEU A 609 13.84 -4.18 -17.42
N TRP A 610 14.69 -3.63 -16.55
CA TRP A 610 14.31 -3.51 -15.14
C TRP A 610 13.61 -2.19 -14.85
N ASN A 611 13.47 -1.31 -15.85
CA ASN A 611 12.91 0.01 -15.60
C ASN A 611 11.54 0.22 -16.21
N ILE A 612 10.98 -0.76 -16.92
CA ILE A 612 9.72 -0.55 -17.62
C ILE A 612 8.64 -0.14 -16.62
N GLN A 613 7.91 0.92 -16.95
CA GLN A 613 6.74 1.35 -16.21
C GLN A 613 5.44 0.96 -16.89
N THR A 614 5.36 1.18 -18.20
CA THR A 614 4.14 0.97 -18.96
C THR A 614 4.39 0.04 -20.13
N ILE A 615 3.39 -0.75 -20.47
CA ILE A 615 3.46 -1.66 -21.60
C ILE A 615 2.10 -1.66 -22.28
N ILE A 616 2.07 -1.41 -23.59
CA ILE A 616 0.84 -1.45 -24.36
C ILE A 616 1.08 -2.33 -25.57
N ILE A 617 0.22 -3.32 -25.77
CA ILE A 617 0.37 -4.32 -26.82
C ILE A 617 -0.98 -4.42 -27.51
N ASN A 618 -1.02 -4.18 -28.81
CA ASN A 618 -2.25 -4.19 -29.59
C ASN A 618 -2.12 -5.30 -30.63
N THR A 619 -2.49 -6.51 -30.22
CA THR A 619 -2.35 -7.70 -31.04
C THR A 619 -3.71 -8.17 -31.53
N GLN A 620 -3.72 -8.81 -32.70
CA GLN A 620 -4.99 -9.27 -33.27
C GLN A 620 -5.29 -10.70 -32.90
N GLN A 621 -4.34 -11.40 -32.27
CA GLN A 621 -4.62 -12.75 -31.77
C GLN A 621 -5.65 -12.68 -30.65
N ARG A 622 -6.37 -13.78 -30.45
CA ARG A 622 -7.42 -13.78 -29.43
C ARG A 622 -6.85 -14.04 -28.04
N THR A 623 -5.67 -14.64 -27.96
CA THR A 623 -5.03 -14.97 -26.69
C THR A 623 -3.56 -14.58 -26.75
N LEU A 624 -3.10 -13.88 -25.72
CA LEU A 624 -1.70 -13.48 -25.60
C LEU A 624 -1.10 -14.14 -24.38
N ASP A 625 0.01 -14.84 -24.58
CA ASP A 625 0.67 -15.59 -23.53
C ASP A 625 1.92 -14.83 -23.09
N ILE A 626 2.04 -14.58 -21.80
CA ILE A 626 3.13 -13.78 -21.25
C ILE A 626 4.07 -14.72 -20.50
N GLN A 627 5.36 -14.66 -20.84
CA GLN A 627 6.38 -15.46 -20.17
C GLN A 627 7.42 -14.64 -19.44
N ALA A 628 7.41 -13.31 -19.61
CA ALA A 628 8.34 -12.47 -18.88
C ALA A 628 7.89 -12.33 -17.43
N ASN A 629 8.86 -12.33 -16.52
CA ASN A 629 8.57 -12.35 -15.10
C ASN A 629 8.06 -10.96 -14.71
N ILE A 630 6.74 -10.78 -14.82
CA ILE A 630 6.11 -9.54 -14.37
C ILE A 630 6.41 -9.31 -12.89
N TRP A 631 6.55 -10.38 -12.13
CA TRP A 631 6.79 -10.25 -10.70
C TRP A 631 8.23 -9.81 -10.43
N ASN A 632 9.13 -10.01 -11.41
CA ASN A 632 10.50 -9.55 -11.24
C ASN A 632 10.63 -8.05 -11.44
N MET A 633 9.97 -7.50 -12.45
CA MET A 633 10.08 -6.08 -12.73
C MET A 633 9.37 -5.29 -11.63
N GLU A 634 10.14 -4.42 -10.97
CA GLU A 634 9.72 -3.81 -9.72
C GLU A 634 8.97 -2.49 -9.88
N ARG A 635 9.23 -1.73 -10.93
CA ARG A 635 8.56 -0.45 -11.13
C ARG A 635 7.34 -0.54 -12.03
N LEU A 636 6.96 -1.74 -12.48
CA LEU A 636 5.84 -1.86 -13.39
C LEU A 636 4.59 -1.24 -12.77
N ARG A 637 3.95 -0.36 -13.51
CA ARG A 637 2.75 0.32 -13.04
C ARG A 637 1.51 -0.01 -13.84
N HIS A 638 1.65 -0.34 -15.13
CA HIS A 638 0.50 -0.62 -15.97
C HIS A 638 0.82 -1.76 -16.93
N LEU A 639 -0.20 -2.48 -17.37
CA LEU A 639 -0.08 -3.49 -18.40
C LEU A 639 -1.39 -3.56 -19.16
N HIS A 640 -1.35 -3.14 -20.42
CA HIS A 640 -2.54 -3.04 -21.24
C HIS A 640 -2.45 -4.07 -22.35
N THR A 641 -3.60 -4.57 -22.81
CA THR A 641 -3.64 -5.71 -23.71
C THR A 641 -4.95 -5.73 -24.48
N ASN A 642 -5.05 -6.59 -25.49
CA ASN A 642 -6.29 -6.80 -26.28
C ASN A 642 -6.72 -8.27 -26.10
N SER A 643 -5.82 -9.22 -26.34
CA SER A 643 -6.08 -10.67 -26.17
C SER A 643 -6.21 -11.03 -24.69
N SER A 644 -6.96 -12.08 -24.37
CA SER A 644 -7.01 -12.60 -22.98
C SER A 644 -5.57 -12.93 -22.55
N ALA A 645 -4.94 -12.09 -21.73
CA ALA A 645 -3.57 -12.29 -21.29
C ALA A 645 -3.51 -13.44 -20.29
N LYS A 646 -2.48 -14.27 -20.40
CA LYS A 646 -2.28 -15.41 -19.52
C LYS A 646 -0.98 -15.19 -18.76
N LEU A 647 -1.09 -14.60 -17.57
CA LEU A 647 0.11 -14.23 -16.82
C LEU A 647 0.85 -15.48 -16.35
N PRO A 648 2.14 -15.36 -16.03
CA PRO A 648 2.89 -16.53 -15.57
C PRO A 648 2.50 -16.93 -14.16
N VAL A 649 2.82 -18.16 -13.79
CA VAL A 649 2.44 -18.66 -12.47
C VAL A 649 3.45 -18.15 -11.44
N PRO A 650 3.02 -17.44 -10.40
CA PRO A 650 3.99 -16.84 -9.47
C PRO A 650 4.77 -17.89 -8.69
N VAL A 651 5.99 -17.53 -8.32
CA VAL A 651 6.86 -18.36 -7.49
C VAL A 651 7.61 -17.44 -6.54
N ALA A 652 7.82 -17.90 -5.30
CA ALA A 652 8.61 -17.13 -4.35
C ALA A 652 10.07 -17.57 -4.40
N PRO A 653 10.99 -16.71 -3.99
CA PRO A 653 12.41 -17.10 -4.00
C PRO A 653 12.68 -18.20 -2.98
N LYS A 654 13.31 -19.28 -3.45
CA LYS A 654 13.57 -20.42 -2.56
C LYS A 654 14.65 -20.09 -1.54
N ASN A 655 15.77 -19.53 -1.98
CA ASN A 655 16.90 -19.24 -1.10
C ASN A 655 16.86 -17.82 -0.56
N SER A 656 15.92 -16.99 -0.99
CA SER A 656 15.82 -15.61 -0.53
C SER A 656 14.47 -15.41 0.15
N LYS A 657 14.49 -14.67 1.27
CA LYS A 657 13.25 -14.41 2.01
C LYS A 657 12.39 -13.38 1.30
N VAL A 658 12.91 -12.75 0.26
CA VAL A 658 12.19 -11.66 -0.40
C VAL A 658 10.85 -12.15 -0.94
N THR A 659 9.86 -11.27 -0.90
CA THR A 659 8.51 -11.55 -1.39
C THR A 659 8.25 -10.65 -2.60
N LEU A 660 7.68 -11.24 -3.65
CA LEU A 660 7.47 -10.53 -4.91
C LEU A 660 6.06 -9.93 -4.94
N VAL A 661 5.89 -8.86 -4.16
CA VAL A 661 4.63 -8.13 -4.07
C VAL A 661 4.89 -6.71 -4.55
N ASN A 662 4.29 -6.34 -5.68
CA ASN A 662 4.46 -5.01 -6.26
C ASN A 662 3.47 -4.05 -5.63
N GLN A 663 3.99 -2.99 -5.02
CA GLN A 663 3.11 -1.98 -4.45
C GLN A 663 2.62 -1.00 -5.50
N SER A 664 3.33 -0.91 -6.63
CA SER A 664 3.04 0.14 -7.60
C SER A 664 2.03 -0.32 -8.64
N LEU A 665 1.91 -1.62 -8.86
CA LEU A 665 1.05 -2.12 -9.93
C LEU A 665 -0.37 -1.61 -9.75
N GLN A 666 -0.95 -1.08 -10.83
CA GLN A 666 -2.28 -0.46 -10.76
C GLN A 666 -3.21 -0.81 -11.92
N THR A 667 -2.83 -1.71 -12.83
CA THR A 667 -3.73 -2.08 -13.92
C THR A 667 -3.40 -3.45 -14.46
N LEU A 668 -4.44 -4.15 -14.93
CA LEU A 668 -4.33 -5.35 -15.74
C LEU A 668 -5.52 -5.32 -16.69
N SER A 669 -5.26 -5.11 -17.97
CA SER A 669 -6.33 -4.69 -18.88
C SER A 669 -7.32 -5.81 -19.14
N THR A 670 -6.85 -6.95 -19.64
CA THR A 670 -7.70 -8.13 -19.84
C THR A 670 -6.89 -9.38 -19.49
N ILE A 671 -7.04 -9.84 -18.26
CA ILE A 671 -6.45 -11.11 -17.84
C ILE A 671 -7.34 -12.25 -18.31
N ALA A 672 -6.74 -13.42 -18.48
CA ALA A 672 -7.53 -14.61 -18.73
C ALA A 672 -8.27 -15.02 -17.46
N PRO A 673 -9.49 -15.55 -17.60
CA PRO A 673 -10.19 -16.03 -16.39
C PRO A 673 -9.40 -17.10 -15.65
N GLU A 674 -8.63 -17.91 -16.37
CA GLU A 674 -7.93 -19.03 -15.74
C GLU A 674 -6.89 -18.57 -14.73
N SER A 675 -6.39 -17.34 -14.88
CA SER A 675 -5.27 -16.91 -14.05
C SER A 675 -5.75 -16.17 -12.81
N CYS A 676 -7.02 -15.80 -12.76
CA CYS A 676 -7.57 -15.11 -11.61
C CYS A 676 -7.50 -16.02 -10.38
N THR A 677 -6.61 -15.67 -9.45
CA THR A 677 -6.34 -16.58 -8.34
C THR A 677 -5.86 -15.75 -7.16
N GLU A 678 -5.92 -16.37 -5.97
CA GLU A 678 -5.43 -15.68 -4.78
C GLU A 678 -3.92 -15.52 -4.84
N GLU A 679 -3.23 -16.40 -5.56
CA GLU A 679 -1.79 -16.25 -5.73
C GLU A 679 -1.47 -14.96 -6.48
N VAL A 680 -2.23 -14.66 -7.54
CA VAL A 680 -2.00 -13.43 -8.28
C VAL A 680 -2.48 -12.22 -7.49
N PHE A 681 -3.72 -12.27 -6.98
CA PHE A 681 -4.28 -11.09 -6.33
C PHE A 681 -3.58 -10.79 -5.01
N ALA A 682 -2.83 -11.75 -4.48
CA ALA A 682 -2.01 -11.48 -3.31
C ALA A 682 -0.87 -10.52 -3.65
N ARG A 683 -0.42 -10.54 -4.91
CA ARG A 683 0.78 -9.80 -5.27
C ARG A 683 0.45 -8.35 -5.62
N THR A 684 -0.81 -8.07 -5.96
CA THR A 684 -1.19 -6.75 -6.47
C THR A 684 -2.14 -6.06 -5.50
N PRO A 685 -1.63 -5.56 -4.36
CA PRO A 685 -2.54 -5.00 -3.35
C PRO A 685 -3.27 -3.73 -3.78
N ASN A 686 -2.55 -2.71 -4.26
CA ASN A 686 -3.15 -1.43 -4.57
C ASN A 686 -3.83 -1.40 -5.94
N LEU A 687 -4.09 -2.57 -6.53
CA LEU A 687 -4.68 -2.62 -7.86
C LEU A 687 -6.02 -1.90 -7.86
N LYS A 688 -6.25 -1.07 -8.88
CA LYS A 688 -7.43 -0.22 -8.96
C LYS A 688 -8.31 -0.51 -10.17
N LYS A 689 -7.79 -1.20 -11.17
CA LYS A 689 -8.57 -1.59 -12.35
C LYS A 689 -8.17 -3.00 -12.74
N LEU A 690 -9.17 -3.84 -13.03
CA LEU A 690 -8.93 -5.21 -13.48
C LEU A 690 -9.95 -5.55 -14.57
N GLY A 691 -9.49 -6.29 -15.58
CA GLY A 691 -10.37 -6.76 -16.62
C GLY A 691 -10.12 -8.22 -16.94
N ILE A 692 -11.17 -8.96 -17.28
CA ILE A 692 -11.10 -10.39 -17.48
C ILE A 692 -11.83 -10.71 -18.78
N ARG A 693 -11.08 -11.06 -19.82
CA ARG A 693 -11.65 -11.44 -21.11
C ARG A 693 -11.42 -12.93 -21.31
N GLY A 694 -12.46 -13.63 -21.75
CA GLY A 694 -12.34 -15.04 -22.02
C GLY A 694 -13.67 -15.77 -21.93
N LYS A 695 -13.67 -16.90 -21.24
CA LYS A 695 -14.89 -17.67 -21.01
C LYS A 695 -15.32 -17.40 -19.57
N ILE A 696 -16.23 -16.44 -19.40
CA ILE A 696 -16.63 -16.01 -18.07
C ILE A 696 -17.28 -17.13 -17.28
N SER A 697 -17.54 -18.28 -17.90
CA SER A 697 -18.15 -19.39 -17.18
C SER A 697 -17.28 -19.86 -16.04
N VAL A 698 -15.96 -19.98 -16.25
CA VAL A 698 -15.08 -20.49 -15.20
C VAL A 698 -15.20 -19.61 -13.95
N LEU A 699 -15.22 -18.30 -14.14
CA LEU A 699 -15.45 -17.36 -13.05
C LEU A 699 -16.81 -17.58 -12.40
N LEU A 700 -17.86 -17.38 -13.18
CA LEU A 700 -19.19 -17.20 -12.61
C LEU A 700 -19.81 -18.51 -12.15
N ASP A 701 -19.20 -19.64 -12.49
CA ASP A 701 -19.66 -20.93 -12.01
C ASP A 701 -19.59 -20.98 -10.48
N ASN A 702 -20.77 -21.09 -9.85
CA ASN A 702 -20.81 -21.13 -8.38
C ASN A 702 -19.88 -22.19 -7.84
N LYS A 703 -19.83 -23.35 -8.50
CA LYS A 703 -18.94 -24.42 -8.07
C LYS A 703 -17.48 -24.00 -8.10
N SER A 704 -17.06 -23.30 -9.16
CA SER A 704 -15.71 -22.77 -9.30
C SER A 704 -15.68 -21.26 -9.13
N ALA A 705 -16.75 -20.68 -8.57
CA ALA A 705 -16.86 -19.24 -8.35
C ALA A 705 -15.79 -18.71 -7.43
N ALA A 706 -14.91 -19.56 -6.91
CA ALA A 706 -13.79 -19.07 -6.11
C ALA A 706 -13.01 -17.96 -6.81
N SER A 707 -13.20 -17.77 -8.12
CA SER A 707 -12.54 -16.71 -8.86
C SER A 707 -12.99 -15.30 -8.42
N LEU A 708 -14.28 -14.99 -8.57
CA LEU A 708 -14.75 -13.70 -8.06
C LEU A 708 -14.57 -13.62 -6.55
N LYS A 709 -14.69 -14.75 -5.86
CA LYS A 709 -14.38 -14.77 -4.45
C LYS A 709 -12.95 -14.31 -4.21
N ASN A 710 -12.03 -14.69 -5.10
CA ASN A 710 -10.67 -14.14 -5.04
C ASN A 710 -10.69 -12.65 -5.29
N VAL A 711 -11.45 -12.21 -6.29
CA VAL A 711 -11.60 -10.78 -6.55
C VAL A 711 -11.96 -10.03 -5.28
N LYS A 712 -12.59 -10.72 -4.33
CA LYS A 712 -12.96 -10.07 -3.07
C LYS A 712 -11.76 -9.44 -2.35
N ARG A 713 -10.53 -9.84 -2.66
CA ARG A 713 -9.40 -9.45 -1.84
C ARG A 713 -8.79 -8.11 -2.21
N LEU A 714 -9.11 -7.55 -3.38
CA LEU A 714 -8.57 -6.26 -3.79
C LEU A 714 -9.38 -5.15 -3.10
N GLU A 715 -8.77 -4.58 -2.07
CA GLU A 715 -9.48 -3.60 -1.24
C GLU A 715 -9.85 -2.36 -2.04
N TYR A 716 -8.89 -1.82 -2.80
CA TYR A 716 -9.07 -0.53 -3.46
C TYR A 716 -9.69 -0.64 -4.84
N LEU A 717 -9.88 -1.85 -5.37
CA LEU A 717 -10.44 -2.02 -6.70
C LEU A 717 -11.64 -1.11 -6.90
N GLU A 718 -11.66 -0.43 -8.04
CA GLU A 718 -12.63 0.62 -8.33
C GLU A 718 -13.29 0.47 -9.69
N ASN A 719 -12.85 -0.49 -10.50
CA ASN A 719 -13.37 -0.69 -11.86
C ASN A 719 -13.14 -2.14 -12.22
N LEU A 720 -14.18 -2.83 -12.70
CA LEU A 720 -14.09 -4.22 -13.11
C LEU A 720 -14.83 -4.42 -14.42
N LYS A 721 -14.33 -5.34 -15.24
CA LYS A 721 -14.88 -5.59 -16.56
C LYS A 721 -14.93 -7.09 -16.81
N LEU A 722 -16.11 -7.59 -17.15
CA LEU A 722 -16.31 -9.00 -17.48
C LEU A 722 -16.67 -9.12 -18.96
N ILE A 723 -15.75 -9.65 -19.75
CA ILE A 723 -15.90 -9.76 -21.20
C ILE A 723 -15.85 -11.24 -21.57
N ASN A 724 -16.86 -11.71 -22.29
CA ASN A 724 -16.96 -13.10 -22.73
C ASN A 724 -16.67 -13.16 -24.22
N ASP A 725 -15.85 -14.14 -24.62
CA ASP A 725 -15.56 -14.36 -26.03
C ASP A 725 -16.37 -15.48 -26.65
N SER A 726 -16.70 -16.51 -25.87
CA SER A 726 -17.50 -17.62 -26.38
C SER A 726 -18.84 -17.11 -26.88
N SER A 727 -19.24 -17.57 -28.06
CA SER A 727 -20.53 -17.19 -28.66
C SER A 727 -21.63 -18.20 -28.36
N ILE A 728 -21.39 -19.15 -27.45
CA ILE A 728 -22.31 -20.25 -27.18
C ILE A 728 -22.85 -20.08 -25.76
N GLN A 729 -24.17 -19.90 -25.67
CA GLN A 729 -24.86 -19.92 -24.37
C GLN A 729 -24.96 -21.38 -23.92
N THR A 730 -23.86 -21.87 -23.35
CA THR A 730 -23.77 -23.26 -22.95
C THR A 730 -24.52 -23.56 -21.64
N SER A 731 -24.74 -22.55 -20.81
CA SER A 731 -25.46 -22.74 -19.55
C SER A 731 -25.87 -21.36 -19.05
N LYS A 732 -26.54 -21.34 -17.91
CA LYS A 732 -26.97 -20.09 -17.30
C LYS A 732 -26.06 -19.74 -16.12
N LEU A 733 -25.85 -18.44 -15.93
CA LEU A 733 -24.78 -17.93 -15.09
C LEU A 733 -25.39 -17.04 -14.01
N ARG A 734 -24.87 -17.14 -12.79
CA ARG A 734 -25.45 -16.43 -11.64
C ARG A 734 -24.37 -15.73 -10.83
N LEU A 735 -24.59 -14.44 -10.56
CA LEU A 735 -23.64 -13.66 -9.78
C LEU A 735 -23.58 -14.20 -8.34
N PRO A 736 -22.41 -14.28 -7.73
CA PRO A 736 -22.34 -14.59 -6.29
C PRO A 736 -22.92 -13.47 -5.46
N PRO A 737 -23.09 -13.68 -4.15
CA PRO A 737 -23.76 -12.68 -3.32
C PRO A 737 -22.96 -11.38 -3.20
N ALA A 738 -23.67 -10.32 -2.80
CA ALA A 738 -23.11 -8.98 -2.92
C ALA A 738 -22.15 -8.64 -1.80
N TYR A 739 -21.83 -9.59 -0.93
CA TYR A 739 -20.81 -9.36 0.09
C TYR A 739 -19.44 -9.83 -0.36
N ILE A 740 -19.32 -10.36 -1.58
CA ILE A 740 -18.02 -10.78 -2.11
C ILE A 740 -17.29 -9.65 -2.82
N PHE A 741 -18.02 -8.76 -3.48
CA PHE A 741 -17.47 -7.64 -4.25
C PHE A 741 -16.78 -6.65 -3.32
N PRO A 742 -15.71 -5.98 -3.77
CA PRO A 742 -15.13 -4.90 -2.95
C PRO A 742 -16.16 -3.84 -2.61
N THR A 743 -15.81 -2.92 -1.70
CA THR A 743 -16.78 -1.97 -1.20
C THR A 743 -16.76 -0.64 -1.96
N LYS A 744 -15.65 -0.31 -2.62
CA LYS A 744 -15.51 0.96 -3.31
C LYS A 744 -15.84 0.89 -4.80
N LEU A 745 -16.10 -0.31 -5.33
CA LEU A 745 -16.33 -0.48 -6.76
C LEU A 745 -17.27 0.58 -7.31
N ARG A 746 -16.83 1.30 -8.35
CA ARG A 746 -17.57 2.43 -8.88
C ARG A 746 -18.14 2.22 -10.27
N LYS A 747 -17.57 1.31 -11.06
CA LYS A 747 -17.95 1.14 -12.45
C LYS A 747 -17.81 -0.32 -12.86
N LEU A 748 -18.85 -0.88 -13.45
CA LEU A 748 -18.88 -2.28 -13.86
C LEU A 748 -19.30 -2.37 -15.32
N THR A 749 -18.71 -3.32 -16.04
CA THR A 749 -19.08 -3.57 -17.44
C THR A 749 -19.24 -5.06 -17.66
N LEU A 750 -20.32 -5.43 -18.34
CA LEU A 750 -20.61 -6.82 -18.70
C LEU A 750 -20.80 -6.88 -20.21
N LEU A 751 -20.42 -8.02 -20.81
CA LEU A 751 -20.54 -8.16 -22.26
C LEU A 751 -20.69 -9.63 -22.60
N ASP A 752 -21.92 -10.03 -22.92
CA ASP A 752 -22.23 -11.40 -23.36
C ASP A 752 -22.11 -12.41 -22.23
N THR A 753 -22.49 -12.00 -21.02
CA THR A 753 -22.70 -12.95 -19.94
C THR A 753 -24.05 -13.65 -20.03
N TRP A 754 -25.08 -12.97 -20.57
CA TRP A 754 -26.42 -13.53 -20.70
C TRP A 754 -26.97 -13.95 -19.33
N LEU A 755 -27.13 -12.96 -18.46
CA LEU A 755 -27.59 -13.17 -17.10
C LEU A 755 -29.08 -12.85 -16.97
N GLU A 756 -29.75 -13.58 -16.07
CA GLU A 756 -31.17 -13.36 -15.83
C GLU A 756 -31.38 -12.01 -15.14
N TRP A 757 -32.50 -11.37 -15.45
CA TRP A 757 -32.74 -10.02 -14.97
C TRP A 757 -33.06 -9.98 -13.48
N LYS A 758 -33.40 -11.13 -12.90
CA LYS A 758 -33.61 -11.19 -11.45
C LYS A 758 -32.34 -10.92 -10.66
N ASP A 759 -31.17 -11.14 -11.26
CA ASP A 759 -29.90 -10.94 -10.57
C ASP A 759 -29.56 -9.48 -10.36
N MET A 760 -30.28 -8.55 -10.99
CA MET A 760 -29.99 -7.13 -10.80
C MET A 760 -30.20 -6.72 -9.35
N SER A 761 -30.93 -7.52 -8.58
CA SER A 761 -31.04 -7.27 -7.15
C SER A 761 -29.68 -7.31 -6.47
N ILE A 762 -28.83 -8.25 -6.87
CA ILE A 762 -27.48 -8.32 -6.29
C ILE A 762 -26.74 -7.00 -6.54
N LEU A 763 -26.74 -6.53 -7.79
CA LEU A 763 -26.07 -5.28 -8.10
C LEU A 763 -26.72 -4.09 -7.41
N GLY A 764 -28.01 -4.18 -7.09
CA GLY A 764 -28.64 -3.10 -6.34
C GLY A 764 -28.04 -2.92 -4.96
N GLN A 765 -27.61 -4.01 -4.34
CA GLN A 765 -27.08 -3.96 -2.98
C GLN A 765 -25.78 -3.18 -2.90
N LEU A 766 -24.94 -3.23 -3.93
CA LEU A 766 -23.71 -2.45 -3.97
C LEU A 766 -24.04 -0.98 -3.74
N GLU A 767 -23.26 -0.32 -2.88
CA GLU A 767 -23.62 1.02 -2.42
C GLU A 767 -23.04 2.14 -3.27
N HIS A 768 -21.77 2.03 -3.67
CA HIS A 768 -21.08 3.14 -4.32
C HIS A 768 -21.02 3.04 -5.83
N LEU A 769 -21.45 1.93 -6.42
CA LEU A 769 -21.42 1.78 -7.87
C LEU A 769 -22.16 2.95 -8.53
N GLU A 770 -21.48 3.62 -9.46
CA GLU A 770 -21.99 4.84 -10.06
C GLU A 770 -22.26 4.74 -11.56
N VAL A 771 -21.74 3.72 -12.24
CA VAL A 771 -21.97 3.58 -13.67
C VAL A 771 -22.05 2.09 -14.00
N LEU A 772 -23.17 1.66 -14.57
CA LEU A 772 -23.36 0.28 -15.00
C LEU A 772 -23.53 0.25 -16.51
N LYS A 773 -22.68 -0.52 -17.18
CA LYS A 773 -22.69 -0.62 -18.64
C LYS A 773 -22.76 -2.09 -19.03
N MET A 774 -23.90 -2.50 -19.56
CA MET A 774 -24.10 -3.86 -20.06
C MET A 774 -24.34 -3.76 -21.56
N LYS A 775 -23.52 -4.47 -22.34
CA LYS A 775 -23.52 -4.40 -23.78
C LYS A 775 -23.60 -5.80 -24.37
N GLU A 776 -24.18 -5.90 -25.55
CA GLU A 776 -24.14 -7.12 -26.35
C GLU A 776 -24.78 -8.28 -25.59
N ASN A 777 -26.02 -8.06 -25.16
CA ASN A 777 -26.81 -9.06 -24.44
C ASN A 777 -26.09 -9.51 -23.16
N GLY A 778 -25.87 -8.55 -22.27
CA GLY A 778 -25.33 -8.90 -20.96
C GLY A 778 -26.32 -9.67 -20.12
N PHE A 779 -27.46 -9.04 -19.83
CA PHE A 779 -28.55 -9.68 -19.10
C PHE A 779 -29.66 -10.02 -20.08
N SER A 780 -30.06 -11.29 -20.12
CA SER A 780 -31.11 -11.77 -21.02
C SER A 780 -32.40 -11.98 -20.25
N GLY A 781 -33.51 -11.57 -20.84
CA GLY A 781 -34.82 -11.82 -20.29
C GLY A 781 -35.86 -10.92 -20.91
N GLU A 782 -37.09 -11.09 -20.44
CA GLU A 782 -38.24 -10.36 -20.97
C GLU A 782 -39.02 -9.63 -19.89
N SER A 783 -38.63 -9.77 -18.63
CA SER A 783 -39.38 -9.24 -17.50
C SER A 783 -38.42 -8.90 -16.38
N TRP A 784 -38.09 -7.62 -16.23
CA TRP A 784 -37.29 -7.13 -15.11
C TRP A 784 -38.16 -6.16 -14.33
N GLU A 785 -38.13 -6.28 -13.00
CA GLU A 785 -38.90 -5.42 -12.11
C GLU A 785 -37.95 -4.87 -11.05
N SER A 786 -37.74 -3.56 -11.08
CA SER A 786 -36.79 -2.94 -10.16
C SER A 786 -37.16 -3.26 -8.72
N THR A 787 -36.16 -3.58 -7.91
CA THR A 787 -36.36 -3.96 -6.51
C THR A 787 -35.54 -3.09 -5.57
N GLY A 788 -35.15 -1.89 -6.00
CA GLY A 788 -34.47 -0.96 -5.13
C GLY A 788 -33.05 -1.36 -4.81
N GLY A 789 -32.21 -0.37 -4.48
CA GLY A 789 -30.85 -0.64 -4.04
C GLY A 789 -29.81 0.26 -4.66
N PHE A 790 -30.06 0.73 -5.89
CA PHE A 790 -29.08 1.54 -6.61
C PHE A 790 -29.06 2.95 -6.00
N CYS A 791 -28.45 3.02 -4.83
CA CYS A 791 -28.47 4.25 -4.03
C CYS A 791 -27.76 5.39 -4.74
N SER A 792 -26.60 5.12 -5.35
CA SER A 792 -25.76 6.16 -5.94
C SER A 792 -25.43 5.90 -7.40
N LEU A 793 -26.28 5.18 -8.12
CA LEU A 793 -26.04 4.93 -9.53
C LEU A 793 -26.40 6.17 -10.34
N LEU A 794 -25.43 6.64 -11.13
CA LEU A 794 -25.56 7.89 -11.87
C LEU A 794 -25.85 7.72 -13.35
N VAL A 795 -25.35 6.66 -13.98
CA VAL A 795 -25.60 6.41 -15.39
C VAL A 795 -25.97 4.94 -15.56
N LEU A 796 -27.01 4.68 -16.35
CA LEU A 796 -27.44 3.33 -16.68
C LEU A 796 -27.31 3.15 -18.19
N TRP A 797 -26.75 2.03 -18.62
CA TRP A 797 -26.43 1.79 -20.02
C TRP A 797 -26.84 0.37 -20.38
N ILE A 798 -27.90 0.25 -21.17
CA ILE A 798 -28.45 -1.04 -21.60
C ILE A 798 -28.34 -1.10 -23.12
N GLU A 799 -27.74 -2.16 -23.64
CA GLU A 799 -27.50 -2.25 -25.08
C GLU A 799 -27.64 -3.69 -25.55
N ARG A 800 -28.43 -3.87 -26.60
CA ARG A 800 -28.53 -5.14 -27.33
C ARG A 800 -29.05 -6.25 -26.42
N THR A 801 -30.26 -6.06 -25.92
CA THR A 801 -30.95 -7.04 -25.10
C THR A 801 -32.40 -7.18 -25.57
N ASN A 802 -32.98 -8.35 -25.30
CA ASN A 802 -34.36 -8.62 -25.65
C ASN A 802 -35.33 -8.38 -24.50
N LEU A 803 -35.01 -7.45 -23.60
CA LEU A 803 -35.97 -7.02 -22.59
C LEU A 803 -37.20 -6.42 -23.25
N VAL A 804 -38.36 -6.68 -22.66
CA VAL A 804 -39.64 -6.20 -23.17
C VAL A 804 -40.37 -5.36 -22.13
N SER A 805 -40.42 -5.84 -20.88
CA SER A 805 -41.19 -5.21 -19.82
C SER A 805 -40.25 -4.81 -18.68
N TRP A 806 -40.44 -3.60 -18.15
CA TRP A 806 -39.65 -3.07 -17.05
C TRP A 806 -40.59 -2.30 -16.12
N LYS A 807 -40.44 -2.53 -14.82
CA LYS A 807 -41.34 -1.95 -13.82
C LYS A 807 -40.51 -1.39 -12.68
N ALA A 808 -40.84 -0.16 -12.27
CA ALA A 808 -40.06 0.50 -11.23
C ALA A 808 -40.92 1.59 -10.59
N SER A 809 -40.40 2.14 -9.51
CA SER A 809 -40.99 3.27 -8.81
C SER A 809 -39.92 4.34 -8.60
N ALA A 810 -40.37 5.57 -8.36
CA ALA A 810 -39.44 6.69 -8.28
C ALA A 810 -38.50 6.54 -7.09
N ASP A 811 -38.69 5.53 -6.25
CA ASP A 811 -37.75 5.25 -5.18
C ASP A 811 -36.70 4.20 -5.59
N ASP A 812 -36.76 3.70 -6.81
CA ASP A 812 -35.80 2.68 -7.25
C ASP A 812 -34.43 3.30 -7.52
N PHE A 813 -34.38 4.47 -8.15
CA PHE A 813 -33.15 5.10 -8.58
C PHE A 813 -33.13 6.55 -8.10
N PRO A 814 -32.82 6.78 -6.82
CA PRO A 814 -32.94 8.13 -6.27
C PRO A 814 -32.03 9.17 -6.91
N ARG A 815 -30.87 8.77 -7.45
CA ARG A 815 -29.85 9.73 -7.88
C ARG A 815 -29.50 9.61 -9.36
N LEU A 816 -30.38 9.05 -10.18
CA LEU A 816 -30.07 8.89 -11.59
C LEU A 816 -29.94 10.24 -12.28
N LYS A 817 -28.93 10.37 -13.14
CA LYS A 817 -28.68 11.58 -13.91
C LYS A 817 -28.83 11.35 -15.41
N HIS A 818 -28.30 10.26 -15.93
CA HIS A 818 -28.25 10.00 -17.36
C HIS A 818 -28.63 8.54 -17.60
N LEU A 819 -29.49 8.31 -18.59
CA LEU A 819 -30.02 6.98 -18.87
C LEU A 819 -29.83 6.70 -20.36
N VAL A 820 -29.02 5.68 -20.67
CA VAL A 820 -28.65 5.34 -22.03
C VAL A 820 -29.30 4.01 -22.38
N LEU A 821 -30.01 3.98 -23.50
CA LEU A 821 -30.84 2.84 -23.90
C LEU A 821 -30.66 2.66 -25.40
N ILE A 822 -29.70 1.82 -25.80
CA ILE A 822 -29.34 1.62 -27.21
C ILE A 822 -29.77 0.24 -27.63
N CYS A 823 -30.18 0.10 -28.90
CA CYS A 823 -30.37 -1.20 -29.55
C CYS A 823 -31.26 -2.13 -28.73
N CYS A 824 -32.12 -1.54 -27.88
CA CYS A 824 -33.14 -2.29 -27.17
C CYS A 824 -34.36 -2.36 -28.09
N ASP A 825 -34.31 -3.32 -29.02
CA ASP A 825 -35.27 -3.37 -30.11
C ASP A 825 -36.56 -4.08 -29.74
N ASN A 826 -36.71 -4.55 -28.50
CA ASN A 826 -37.90 -5.28 -28.10
C ASN A 826 -38.57 -4.71 -26.85
N LEU A 827 -38.01 -3.66 -26.26
CA LEU A 827 -38.69 -2.96 -25.16
C LEU A 827 -39.95 -2.29 -25.69
N LYS A 828 -40.97 -2.23 -24.84
CA LYS A 828 -42.29 -1.63 -25.22
C LYS A 828 -42.61 -0.44 -24.31
N GLU A 829 -42.11 -0.43 -23.07
CA GLU A 829 -42.45 0.66 -22.12
C GLU A 829 -41.23 1.15 -21.33
N VAL A 830 -41.25 2.42 -20.93
CA VAL A 830 -40.18 3.01 -20.08
C VAL A 830 -40.93 3.54 -18.86
N PRO A 831 -41.06 2.79 -17.76
CA PRO A 831 -41.90 3.18 -16.62
C PRO A 831 -41.90 4.68 -16.39
N ILE A 832 -43.09 5.27 -16.26
CA ILE A 832 -43.21 6.72 -16.13
C ILE A 832 -42.67 7.23 -14.81
N ALA A 833 -42.47 6.35 -13.82
CA ALA A 833 -42.00 6.80 -12.52
C ALA A 833 -40.62 7.43 -12.62
N LEU A 834 -39.92 7.21 -13.73
CA LEU A 834 -38.63 7.85 -13.95
C LEU A 834 -38.77 9.36 -14.14
N ALA A 835 -39.98 9.87 -14.32
CA ALA A 835 -40.17 11.30 -14.50
C ALA A 835 -40.31 12.04 -13.18
N ASP A 836 -40.28 11.27 -12.08
CA ASP A 836 -40.46 11.79 -10.72
C ASP A 836 -39.10 11.91 -10.06
N ILE A 837 -38.03 11.51 -10.74
CA ILE A 837 -36.67 11.52 -10.14
C ILE A 837 -36.02 12.83 -10.53
N ARG A 838 -35.77 13.70 -9.57
CA ARG A 838 -35.24 15.07 -9.83
C ARG A 838 -33.86 14.97 -10.47
N SER A 839 -33.02 14.03 -10.03
CA SER A 839 -31.63 13.90 -10.50
C SER A 839 -31.68 13.63 -12.00
N PHE A 840 -32.66 12.87 -12.48
CA PHE A 840 -32.69 12.50 -13.91
C PHE A 840 -32.70 13.83 -14.66
N GLN A 841 -31.88 13.97 -15.70
CA GLN A 841 -31.73 15.24 -16.45
C GLN A 841 -31.47 14.94 -17.92
N VAL A 842 -30.42 14.19 -18.29
CA VAL A 842 -30.28 13.85 -19.69
C VAL A 842 -30.80 12.44 -19.88
N MET A 843 -31.52 12.22 -20.97
CA MET A 843 -31.97 10.89 -21.37
C MET A 843 -31.60 10.68 -22.82
N MET A 844 -31.38 9.41 -23.19
CA MET A 844 -31.13 9.05 -24.58
C MET A 844 -31.82 7.73 -24.85
N LEU A 845 -32.10 7.46 -26.12
CA LEU A 845 -32.81 6.26 -26.54
C LEU A 845 -32.53 6.04 -28.02
N GLN A 846 -31.87 4.93 -28.35
CA GLN A 846 -31.38 4.71 -29.70
C GLN A 846 -31.87 3.35 -30.19
N ASN A 847 -32.26 3.30 -31.46
CA ASN A 847 -32.79 2.09 -32.11
C ASN A 847 -33.75 1.36 -31.17
N SER A 848 -34.81 2.07 -30.79
CA SER A 848 -35.79 1.58 -29.84
C SER A 848 -37.18 1.66 -30.46
N THR A 849 -38.14 1.02 -29.79
CA THR A 849 -39.51 0.99 -30.29
C THR A 849 -40.17 2.36 -30.11
N LYS A 850 -41.16 2.62 -30.99
CA LYS A 850 -41.78 3.93 -31.02
C LYS A 850 -42.50 4.25 -29.71
N THR A 851 -43.19 3.26 -29.13
CA THR A 851 -43.91 3.49 -27.88
C THR A 851 -42.97 4.05 -26.82
N ALA A 852 -41.71 3.59 -26.80
CA ALA A 852 -40.73 4.14 -25.87
C ALA A 852 -40.51 5.63 -26.14
N ALA A 853 -40.41 6.01 -27.41
CA ALA A 853 -40.22 7.42 -27.74
C ALA A 853 -41.42 8.25 -27.29
N ILE A 854 -42.63 7.74 -27.49
CA ILE A 854 -43.82 8.44 -27.01
C ILE A 854 -43.73 8.66 -25.51
N SER A 855 -43.44 7.59 -24.77
CA SER A 855 -43.32 7.71 -23.32
C SER A 855 -42.25 8.72 -22.91
N ALA A 856 -41.13 8.72 -23.64
CA ALA A 856 -40.07 9.67 -23.32
C ALA A 856 -40.51 11.11 -23.54
N ARG A 857 -41.28 11.36 -24.61
CA ARG A 857 -41.82 12.69 -24.81
C ARG A 857 -42.76 13.09 -23.67
N GLN A 858 -43.57 12.13 -23.20
CA GLN A 858 -44.41 12.42 -22.04
C GLN A 858 -43.58 12.77 -20.82
N ILE A 859 -42.46 12.05 -20.63
CA ILE A 859 -41.58 12.33 -19.50
C ILE A 859 -40.99 13.73 -19.61
N GLN A 860 -40.58 14.13 -20.81
CA GLN A 860 -40.05 15.47 -20.99
C GLN A 860 -41.11 16.52 -20.67
N ALA A 861 -42.34 16.29 -21.13
CA ALA A 861 -43.41 17.21 -20.80
C ALA A 861 -43.61 17.31 -19.31
N LYS A 862 -43.57 16.15 -18.62
CA LYS A 862 -43.74 16.15 -17.17
C LYS A 862 -42.66 16.98 -16.47
N LYS A 863 -41.39 16.74 -16.81
CA LYS A 863 -40.32 17.48 -16.15
C LYS A 863 -40.38 18.96 -16.49
N ASP A 864 -40.82 19.29 -17.72
CA ASP A 864 -41.01 20.69 -18.07
C ASP A 864 -42.07 21.32 -17.18
N ASN A 865 -43.17 20.61 -16.94
CA ASN A 865 -44.20 21.12 -16.04
C ASN A 865 -43.63 21.33 -14.64
N GLN A 866 -42.83 20.37 -14.16
CA GLN A 866 -42.24 20.53 -12.83
C GLN A 866 -41.38 21.77 -12.75
N THR A 867 -40.41 21.90 -13.67
CA THR A 867 -39.54 23.07 -13.64
C THR A 867 -40.35 24.36 -13.76
N GLN A 868 -41.47 24.30 -14.47
CA GLN A 868 -42.38 25.43 -14.52
C GLN A 868 -43.00 25.75 -13.16
N GLN A 869 -43.07 24.77 -12.26
CA GLN A 869 -43.80 24.90 -11.00
C GLN A 869 -43.00 25.60 -9.92
N GLY A 870 -41.90 26.29 -10.27
CA GLY A 870 -41.10 27.01 -9.31
C GLY A 870 -40.04 26.19 -8.61
N THR A 871 -39.99 24.88 -8.85
CA THR A 871 -38.96 24.06 -8.24
C THR A 871 -37.60 24.37 -8.87
N LYS A 872 -36.55 24.24 -8.05
CA LYS A 872 -35.18 24.48 -8.53
C LYS A 872 -34.61 23.17 -9.05
N ASN A 873 -35.07 22.79 -10.25
CA ASN A 873 -34.65 21.56 -10.90
C ASN A 873 -33.59 21.88 -11.94
N ILE A 874 -32.57 21.03 -12.04
CA ILE A 874 -31.59 21.18 -13.08
C ILE A 874 -32.27 20.92 -14.44
N ALA A 875 -32.07 21.84 -15.38
CA ALA A 875 -32.83 21.82 -16.61
C ALA A 875 -32.75 20.44 -17.27
N PHE A 876 -33.80 20.10 -18.00
CA PHE A 876 -33.97 18.77 -18.57
C PHE A 876 -33.67 18.79 -20.07
N LYS A 877 -32.81 17.87 -20.50
CA LYS A 877 -32.48 17.69 -21.91
C LYS A 877 -32.80 16.25 -22.28
N LEU A 878 -33.63 16.07 -23.31
CA LEU A 878 -33.98 14.75 -23.82
C LEU A 878 -33.41 14.62 -25.23
N SER A 879 -33.10 13.39 -25.63
CA SER A 879 -32.53 13.14 -26.95
C SER A 879 -32.93 11.75 -27.41
N ILE A 880 -33.56 11.67 -28.58
CA ILE A 880 -33.81 10.42 -29.28
C ILE A 880 -33.05 10.50 -30.59
N PHE A 881 -32.10 9.58 -30.81
CA PHE A 881 -31.23 9.69 -31.97
C PHE A 881 -31.97 9.65 -33.29
N PRO A 882 -32.88 8.72 -33.55
CA PRO A 882 -33.71 8.81 -34.76
C PRO A 882 -34.88 9.76 -34.53
N PRO A 883 -34.91 10.91 -35.22
CA PRO A 883 -35.95 11.91 -34.92
C PRO A 883 -37.36 11.43 -35.23
N ASP A 884 -37.54 10.50 -36.17
CA ASP A 884 -38.87 10.08 -36.55
C ASP A 884 -39.50 9.10 -35.57
N LEU A 885 -38.75 8.63 -34.58
CA LEU A 885 -39.33 7.78 -33.53
C LEU A 885 -40.46 8.54 -32.83
N MET B 1 -26.55 7.65 18.62
CA MET B 1 -27.45 7.45 17.49
C MET B 1 -27.44 5.99 17.07
N ALA B 2 -28.61 5.46 16.71
CA ALA B 2 -28.72 4.06 16.35
C ALA B 2 -27.90 3.74 15.11
N ASN B 3 -27.66 4.74 14.27
CA ASN B 3 -26.90 4.52 13.05
C ASN B 3 -25.52 3.95 13.35
N VAL B 4 -24.90 4.40 14.44
CA VAL B 4 -23.55 3.96 14.76
C VAL B 4 -23.51 2.46 15.02
N ALA B 5 -24.41 1.99 15.90
CA ALA B 5 -24.45 0.56 16.20
C ALA B 5 -24.83 -0.25 14.98
N VAL B 6 -25.81 0.23 14.19
CA VAL B 6 -26.19 -0.50 13.00
C VAL B 6 -25.00 -0.67 12.07
N GLU B 7 -24.30 0.44 11.78
CA GLU B 7 -23.16 0.39 10.88
C GLU B 7 -22.09 -0.57 11.40
N PHE B 8 -21.78 -0.50 12.69
CA PHE B 8 -20.72 -1.33 13.24
C PHE B 8 -21.08 -2.81 13.11
N LEU B 9 -22.33 -3.17 13.44
CA LEU B 9 -22.73 -4.57 13.31
C LEU B 9 -22.66 -5.03 11.86
N VAL B 10 -23.15 -4.21 10.93
CA VAL B 10 -23.08 -4.59 9.52
C VAL B 10 -21.63 -4.86 9.12
N GLU B 11 -20.73 -3.93 9.49
CA GLU B 11 -19.33 -4.07 9.08
C GLU B 11 -18.71 -5.34 9.66
N ASN B 12 -18.95 -5.61 10.94
CA ASN B 12 -18.34 -6.77 11.56
C ASN B 12 -18.88 -8.06 10.95
N LEU B 13 -20.19 -8.13 10.69
CA LEU B 13 -20.75 -9.33 10.07
C LEU B 13 -20.19 -9.53 8.66
N MET B 14 -20.07 -8.46 7.88
CA MET B 14 -19.48 -8.58 6.54
C MET B 14 -18.04 -9.09 6.63
N GLN B 15 -17.26 -8.51 7.54
CA GLN B 15 -15.87 -8.94 7.68
C GLN B 15 -15.78 -10.40 8.06
N LEU B 16 -16.67 -10.87 8.95
CA LEU B 16 -16.64 -12.27 9.36
C LEU B 16 -17.05 -13.19 8.23
N LEU B 17 -18.05 -12.80 7.42
CA LEU B 17 -18.46 -13.62 6.30
C LEU B 17 -17.35 -13.72 5.25
N ARG B 18 -16.81 -12.58 4.82
CA ARG B 18 -15.76 -12.61 3.81
C ARG B 18 -14.56 -13.39 4.32
N ASP B 19 -14.09 -13.06 5.53
CA ASP B 19 -12.78 -13.52 5.98
C ASP B 19 -12.83 -14.99 6.39
N ASN B 20 -13.65 -15.32 7.39
CA ASN B 20 -13.59 -16.61 8.06
C ASN B 20 -14.88 -17.36 7.76
N VAL B 21 -14.85 -18.20 6.71
CA VAL B 21 -16.06 -18.87 6.25
C VAL B 21 -16.45 -19.99 7.22
N GLU B 22 -15.47 -20.65 7.83
CA GLU B 22 -15.76 -21.85 8.63
C GLU B 22 -16.58 -21.54 9.86
N LEU B 23 -16.17 -20.53 10.64
CA LEU B 23 -16.87 -20.20 11.88
C LEU B 23 -18.37 -20.03 11.63
N ILE B 24 -18.72 -19.23 10.63
CA ILE B 24 -20.10 -18.86 10.36
C ILE B 24 -20.83 -19.95 9.57
N SER B 25 -20.12 -21.03 9.22
CA SER B 25 -20.57 -21.94 8.17
C SER B 25 -21.92 -22.57 8.47
N GLY B 26 -22.26 -22.75 9.74
CA GLY B 26 -23.47 -23.48 10.08
C GLY B 26 -24.71 -22.64 9.86
N VAL B 27 -24.53 -21.33 9.75
CA VAL B 27 -25.63 -20.36 9.77
C VAL B 27 -25.53 -19.34 8.64
N LYS B 28 -24.83 -19.69 7.55
CA LYS B 28 -24.55 -18.70 6.51
C LYS B 28 -25.82 -18.00 6.04
N GLU B 29 -26.92 -18.74 5.88
CA GLU B 29 -28.16 -18.13 5.43
C GLU B 29 -28.63 -17.04 6.39
N ALA B 30 -28.51 -17.29 7.70
CA ALA B 30 -28.96 -16.31 8.67
C ALA B 30 -28.05 -15.09 8.67
N ALA B 31 -26.74 -15.31 8.49
CA ALA B 31 -25.82 -14.18 8.37
C ALA B 31 -26.20 -13.28 7.22
N GLU B 32 -26.41 -13.86 6.03
CA GLU B 32 -26.74 -13.03 4.87
C GLU B 32 -28.09 -12.34 5.07
N SER B 33 -29.06 -13.04 5.66
CA SER B 33 -30.36 -12.43 5.91
C SER B 33 -30.20 -11.20 6.81
N LEU B 34 -29.53 -11.37 7.95
CA LEU B 34 -29.30 -10.25 8.85
C LEU B 34 -28.56 -9.12 8.14
N LEU B 35 -27.66 -9.46 7.21
CA LEU B 35 -26.93 -8.43 6.49
C LEU B 35 -27.88 -7.56 5.68
N GLN B 36 -28.74 -8.20 4.89
CA GLN B 36 -29.70 -7.43 4.09
C GLN B 36 -30.61 -6.59 4.99
N ASP B 37 -31.15 -7.20 6.05
CA ASP B 37 -32.08 -6.48 6.90
C ASP B 37 -31.41 -5.31 7.60
N LEU B 38 -30.13 -5.44 7.98
CA LEU B 38 -29.44 -4.35 8.63
C LEU B 38 -29.14 -3.22 7.66
N ASN B 39 -28.79 -3.54 6.41
CA ASN B 39 -28.63 -2.48 5.42
C ASN B 39 -29.92 -1.68 5.29
N ASP B 40 -31.03 -2.38 5.19
CA ASP B 40 -32.32 -1.70 5.05
C ASP B 40 -32.65 -0.89 6.30
N PHE B 41 -32.37 -1.44 7.48
CA PHE B 41 -32.56 -0.70 8.72
C PHE B 41 -31.78 0.60 8.69
N ASN B 42 -30.51 0.55 8.29
CA ASN B 42 -29.67 1.75 8.29
C ASN B 42 -30.25 2.81 7.36
N ALA B 43 -30.67 2.39 6.17
CA ALA B 43 -31.31 3.36 5.26
C ALA B 43 -32.51 4.01 5.94
N PHE B 44 -33.34 3.21 6.61
CA PHE B 44 -34.52 3.77 7.25
C PHE B 44 -34.16 4.76 8.36
N LEU B 45 -33.15 4.45 9.18
CA LEU B 45 -32.76 5.41 10.22
C LEU B 45 -32.22 6.69 9.62
N LYS B 46 -31.50 6.61 8.50
CA LYS B 46 -31.07 7.85 7.84
C LYS B 46 -32.28 8.68 7.41
N GLN B 47 -33.26 8.03 6.78
CA GLN B 47 -34.44 8.76 6.33
C GLN B 47 -35.17 9.39 7.52
N ALA B 48 -35.26 8.65 8.63
CA ALA B 48 -35.86 9.22 9.84
C ALA B 48 -35.05 10.42 10.34
N ALA B 49 -33.72 10.32 10.30
CA ALA B 49 -32.89 11.44 10.74
C ALA B 49 -33.17 12.70 9.93
N LYS B 50 -33.42 12.56 8.62
CA LYS B 50 -33.71 13.74 7.83
C LYS B 50 -34.86 14.55 8.42
N CYS B 51 -35.82 13.88 9.05
CA CYS B 51 -36.93 14.56 9.69
C CYS B 51 -36.55 14.97 11.12
N HIS B 52 -37.45 15.72 11.76
CA HIS B 52 -37.34 16.02 13.19
C HIS B 52 -38.15 14.98 13.95
N ILE B 53 -37.48 13.89 14.33
CA ILE B 53 -38.18 12.78 14.98
C ILE B 53 -38.86 13.26 16.26
N ASN B 54 -38.19 14.14 17.00
CA ASN B 54 -38.73 14.60 18.28
C ASN B 54 -40.08 15.31 18.09
N GLU B 55 -40.36 15.75 16.86
CA GLU B 55 -41.61 16.47 16.62
C GLU B 55 -42.80 15.52 16.56
N ASN B 56 -42.59 14.29 16.09
CA ASN B 56 -43.64 13.29 16.00
C ASN B 56 -43.42 12.19 17.03
N GLU B 57 -44.51 11.71 17.62
CA GLU B 57 -44.42 10.60 18.56
C GLU B 57 -44.22 9.28 17.83
N VAL B 58 -44.89 9.12 16.69
CA VAL B 58 -44.82 7.85 15.97
C VAL B 58 -43.40 7.56 15.52
N LEU B 59 -42.71 8.59 14.99
CA LEU B 59 -41.32 8.43 14.59
C LEU B 59 -40.46 7.98 15.77
N ARG B 60 -40.68 8.59 16.94
CA ARG B 60 -39.90 8.26 18.16
C ARG B 60 -40.25 6.83 18.59
N GLU B 61 -41.51 6.45 18.45
CA GLU B 61 -41.94 5.07 18.80
C GLU B 61 -41.21 4.11 17.87
N LEU B 62 -41.10 4.46 16.58
CA LEU B 62 -40.51 3.54 15.58
C LEU B 62 -39.04 3.26 15.91
N VAL B 63 -38.28 4.28 16.30
CA VAL B 63 -36.81 4.13 16.53
C VAL B 63 -36.61 3.15 17.68
N LYS B 64 -37.42 3.23 18.71
CA LYS B 64 -37.27 2.33 19.87
C LYS B 64 -37.52 0.91 19.38
N LYS B 65 -36.69 -0.05 19.76
CA LYS B 65 -36.81 -1.50 19.43
C LYS B 65 -36.06 -1.77 18.13
N ILE B 66 -35.72 -0.75 17.35
CA ILE B 66 -34.80 -0.93 16.19
C ILE B 66 -33.48 -1.29 16.86
N ARG B 67 -33.18 -0.63 17.97
CA ARG B 67 -31.87 -0.76 18.66
C ARG B 67 -31.79 -2.05 19.48
N THR B 68 -32.89 -2.50 20.08
CA THR B 68 -32.90 -3.68 20.99
C THR B 68 -32.78 -4.94 20.14
N VAL B 69 -33.56 -5.02 19.07
CA VAL B 69 -33.54 -6.21 18.17
C VAL B 69 -32.14 -6.29 17.56
N VAL B 70 -31.55 -5.16 17.19
CA VAL B 70 -30.17 -5.11 16.64
C VAL B 70 -29.20 -5.58 17.71
N ASN B 71 -29.38 -5.15 18.96
CA ASN B 71 -28.51 -5.55 20.09
C ASN B 71 -28.63 -7.05 20.34
N SER B 72 -29.83 -7.63 20.26
CA SER B 72 -30.07 -9.07 20.51
C SER B 72 -29.31 -9.89 19.46
N ALA B 73 -29.28 -9.42 18.21
CA ALA B 73 -28.55 -10.07 17.14
C ALA B 73 -27.06 -10.04 17.40
N GLU B 74 -26.51 -8.87 17.71
CA GLU B 74 -25.07 -8.77 17.98
C GLU B 74 -24.67 -9.79 19.03
N ASP B 75 -25.45 -9.91 20.09
CA ASP B 75 -25.12 -10.82 21.18
C ASP B 75 -25.08 -12.26 20.69
N ALA B 76 -26.12 -12.67 19.98
CA ALA B 76 -26.19 -14.06 19.52
C ALA B 76 -25.05 -14.39 18.57
N ILE B 77 -24.74 -13.49 17.63
CA ILE B 77 -23.65 -13.77 16.68
C ILE B 77 -22.32 -13.89 17.43
N ASP B 78 -22.05 -12.97 18.35
CA ASP B 78 -20.74 -13.03 19.02
C ASP B 78 -20.62 -14.29 19.88
N LYS B 79 -21.70 -14.66 20.58
CA LYS B 79 -21.63 -15.89 21.36
C LYS B 79 -21.40 -17.10 20.46
N PHE B 80 -22.10 -17.16 19.32
CA PHE B 80 -21.85 -18.23 18.36
C PHE B 80 -20.40 -18.26 17.92
N VAL B 81 -19.84 -17.10 17.58
CA VAL B 81 -18.49 -17.07 17.03
C VAL B 81 -17.50 -17.61 18.05
N ILE B 82 -17.62 -17.14 19.30
CA ILE B 82 -16.67 -17.59 20.31
C ILE B 82 -16.87 -19.09 20.57
N GLU B 83 -18.11 -19.56 20.53
CA GLU B 83 -18.36 -20.98 20.75
C GLU B 83 -17.73 -21.83 19.65
N ALA B 84 -17.88 -21.42 18.40
CA ALA B 84 -17.37 -22.21 17.28
C ALA B 84 -15.85 -22.17 17.23
N LYS B 85 -15.23 -21.05 17.64
CA LYS B 85 -13.77 -21.04 17.74
C LYS B 85 -13.31 -21.97 18.86
N LEU B 86 -14.06 -22.03 19.96
CA LEU B 86 -13.76 -23.04 20.97
C LEU B 86 -13.89 -24.44 20.39
N HIS B 87 -14.83 -24.62 19.45
CA HIS B 87 -14.94 -25.90 18.75
C HIS B 87 -13.69 -26.19 17.92
N LYS B 88 -13.18 -25.17 17.23
CA LYS B 88 -11.94 -25.34 16.48
C LYS B 88 -10.81 -25.78 17.40
N ASP B 89 -10.73 -25.19 18.60
CA ASP B 89 -9.75 -25.65 19.57
C ASP B 89 -10.02 -27.09 19.99
N LYS B 90 -11.30 -27.46 20.15
CA LYS B 90 -11.63 -28.84 20.46
C LYS B 90 -11.08 -29.78 19.41
N GLY B 91 -11.02 -29.34 18.17
CA GLY B 91 -10.50 -30.19 17.09
C GLY B 91 -11.30 -31.46 16.90
N VAL B 92 -12.62 -31.36 16.95
CA VAL B 92 -13.47 -32.53 16.76
C VAL B 92 -13.53 -32.82 15.27
N THR B 93 -12.76 -33.81 14.83
CA THR B 93 -12.73 -34.19 13.42
C THR B 93 -13.94 -35.04 13.01
N ARG B 94 -14.92 -35.18 13.90
CA ARG B 94 -16.14 -35.90 13.56
C ARG B 94 -16.89 -35.15 12.46
N VAL B 95 -17.45 -35.91 11.52
CA VAL B 95 -18.28 -35.31 10.48
C VAL B 95 -19.46 -34.57 11.10
N LEU B 96 -20.16 -35.25 12.01
CA LEU B 96 -21.32 -34.70 12.70
C LEU B 96 -20.91 -34.48 14.16
N ASP B 97 -20.54 -33.26 14.50
CA ASP B 97 -20.07 -32.96 15.86
C ASP B 97 -21.27 -32.80 16.78
N LEU B 98 -22.11 -33.83 16.79
CA LEU B 98 -23.37 -33.77 17.51
C LEU B 98 -23.20 -33.27 18.95
N PRO B 99 -22.20 -33.71 19.72
CA PRO B 99 -22.01 -33.17 21.06
C PRO B 99 -21.47 -31.75 21.02
N HIS B 100 -22.25 -30.81 21.52
CA HIS B 100 -21.88 -29.40 21.63
C HIS B 100 -21.91 -28.66 20.29
N TYR B 101 -22.02 -29.38 19.17
CA TYR B 101 -22.51 -28.67 18.00
C TYR B 101 -23.94 -28.27 18.23
N LYS B 102 -24.64 -28.98 19.12
CA LYS B 102 -25.99 -28.58 19.47
C LYS B 102 -25.97 -27.44 20.49
N ARG B 103 -24.83 -27.16 21.12
CA ARG B 103 -24.72 -25.91 21.86
C ARG B 103 -24.47 -24.73 20.93
N VAL B 104 -23.51 -24.85 20.01
CA VAL B 104 -23.36 -23.78 19.04
C VAL B 104 -24.63 -23.66 18.21
N LYS B 105 -25.40 -24.74 18.09
CA LYS B 105 -26.67 -24.67 17.38
C LYS B 105 -27.81 -24.27 18.30
N GLU B 106 -27.63 -24.31 19.62
CA GLU B 106 -28.52 -23.59 20.51
C GLU B 106 -28.35 -22.10 20.33
N VAL B 107 -27.09 -21.66 20.25
CA VAL B 107 -26.82 -20.30 19.85
C VAL B 107 -27.38 -20.03 18.45
N ALA B 108 -27.38 -21.06 17.59
CA ALA B 108 -27.95 -20.90 16.26
C ALA B 108 -29.47 -20.87 16.29
N GLY B 109 -30.08 -21.52 17.27
CA GLY B 109 -31.52 -21.46 17.45
C GLY B 109 -31.92 -20.08 17.88
N GLU B 110 -31.12 -19.51 18.78
CA GLU B 110 -31.30 -18.10 19.12
C GLU B 110 -31.06 -17.22 17.90
N ILE B 111 -30.06 -17.55 17.09
CA ILE B 111 -29.79 -16.82 15.86
C ILE B 111 -30.99 -16.88 14.93
N LYS B 112 -31.64 -18.04 14.87
CA LYS B 112 -32.75 -18.24 13.93
C LYS B 112 -34.00 -17.52 14.41
N ALA B 113 -34.28 -17.60 15.71
CA ALA B 113 -35.36 -16.79 16.28
C ALA B 113 -35.08 -15.31 16.07
N ILE B 114 -33.81 -14.91 16.15
CA ILE B 114 -33.45 -13.51 15.96
C ILE B 114 -33.62 -13.10 14.51
N ARG B 115 -33.23 -13.97 13.58
CA ARG B 115 -33.44 -13.69 12.16
C ARG B 115 -34.93 -13.59 11.87
N ASN B 116 -35.74 -14.44 12.50
CA ASN B 116 -37.18 -14.34 12.35
C ASN B 116 -37.70 -13.01 12.88
N LYS B 117 -37.20 -12.59 14.05
CA LYS B 117 -37.60 -11.30 14.59
C LYS B 117 -37.21 -10.17 13.66
N VAL B 118 -36.01 -10.22 13.09
CA VAL B 118 -35.52 -9.16 12.21
C VAL B 118 -36.31 -9.17 10.90
N ARG B 119 -36.70 -10.36 10.42
CA ARG B 119 -37.58 -10.42 9.27
C ARG B 119 -38.90 -9.74 9.58
N GLU B 120 -39.52 -10.10 10.71
CA GLU B 120 -40.51 -9.22 11.29
C GLU B 120 -39.84 -7.91 11.65
N ILE B 121 -40.65 -6.91 12.02
CA ILE B 121 -40.14 -5.58 12.31
C ILE B 121 -39.75 -4.91 11.01
N ARG B 122 -39.04 -5.63 10.13
CA ARG B 122 -38.69 -5.12 8.78
C ARG B 122 -39.99 -4.94 7.98
N GLN B 123 -40.99 -5.82 8.13
CA GLN B 123 -42.25 -5.66 7.42
C GLN B 123 -43.02 -4.44 7.93
N THR B 124 -43.02 -4.23 9.25
CA THR B 124 -43.65 -3.03 9.80
C THR B 124 -42.90 -1.78 9.37
N ASP B 125 -41.57 -1.85 9.29
CA ASP B 125 -40.77 -0.70 8.88
C ASP B 125 -41.08 -0.31 7.45
N ALA B 126 -41.24 -1.30 6.57
CA ALA B 126 -41.68 -1.00 5.21
C ALA B 126 -42.97 -0.19 5.22
N ILE B 127 -43.83 -0.45 6.20
CA ILE B 127 -44.99 0.40 6.42
C ILE B 127 -44.53 1.68 7.09
N GLY B 128 -44.86 2.82 6.48
CA GLY B 128 -44.40 4.10 6.98
C GLY B 128 -43.09 4.58 6.42
N LEU B 129 -42.50 3.85 5.47
CA LEU B 129 -41.30 4.33 4.80
C LEU B 129 -41.65 5.42 3.79
N GLN B 130 -42.69 5.21 3.00
CA GLN B 130 -43.12 6.19 2.01
C GLN B 130 -43.57 7.48 2.69
N ALA B 131 -44.30 7.37 3.80
CA ALA B 131 -44.76 8.56 4.51
C ALA B 131 -43.56 9.35 5.05
N LEU B 132 -42.56 8.65 5.57
CA LEU B 132 -41.37 9.33 6.07
C LEU B 132 -40.61 10.02 4.95
N GLN B 133 -40.49 9.35 3.80
CA GLN B 133 -39.75 9.94 2.69
C GLN B 133 -40.47 11.12 2.04
N ASP B 134 -41.66 11.48 2.53
CA ASP B 134 -42.35 12.65 1.99
C ASP B 134 -41.73 13.94 2.49
N ASP B 135 -40.92 13.88 3.55
CA ASP B 135 -40.44 15.05 4.26
C ASP B 135 -38.92 15.04 4.33
N ASP B 136 -38.31 16.22 4.22
CA ASP B 136 -36.87 16.37 4.30
C ASP B 136 -36.53 17.80 4.70
N LEU B 137 -35.33 17.98 5.25
CA LEU B 137 -34.85 19.29 5.64
C LEU B 137 -33.33 19.28 5.63
N SER B 138 -32.75 20.48 5.56
CA SER B 138 -31.30 20.65 5.55
C SER B 138 -30.66 19.91 4.38
N ALA B 139 -31.27 20.03 3.20
CA ALA B 139 -30.73 19.42 2.00
C ALA B 139 -29.58 20.26 1.47
N ARG B 140 -28.34 19.83 1.71
CA ARG B 140 -27.17 20.61 1.37
C ARG B 140 -25.97 19.68 1.23
N GLY B 141 -24.91 20.19 0.62
CA GLY B 141 -23.69 19.42 0.46
C GLY B 141 -22.76 19.56 1.65
N SER B 142 -21.65 18.82 1.57
CA SER B 142 -20.63 18.84 2.61
C SER B 142 -19.45 19.68 2.15
N GLU B 143 -18.93 20.51 3.05
CA GLU B 143 -17.80 21.38 2.79
C GLU B 143 -16.59 20.92 3.60
N GLU B 144 -15.44 21.50 3.29
CA GLU B 144 -14.21 21.16 4.00
C GLU B 144 -14.05 21.99 5.26
N ARG B 145 -13.25 21.48 6.18
CA ARG B 145 -12.88 22.17 7.41
C ARG B 145 -11.36 22.27 7.48
N LYS B 146 -10.87 23.28 8.21
CA LYS B 146 -9.46 23.65 8.10
C LYS B 146 -8.77 23.55 9.46
N PRO B 147 -7.45 23.37 9.48
CA PRO B 147 -6.78 23.06 10.74
C PRO B 147 -6.84 24.25 11.70
N PRO B 148 -6.90 24.00 13.01
CA PRO B 148 -7.01 25.05 14.03
C PRO B 148 -5.67 25.65 14.49
N VAL B 149 -5.14 26.57 13.69
CA VAL B 149 -3.96 27.32 14.08
C VAL B 149 -4.34 28.29 15.19
N VAL B 150 -3.36 28.69 15.99
CA VAL B 150 -3.64 29.60 17.10
C VAL B 150 -4.34 30.85 16.58
N GLU B 151 -5.34 31.31 17.33
CA GLU B 151 -6.10 32.49 16.94
C GLU B 151 -6.76 33.09 18.17
N GLU B 152 -6.75 34.43 18.24
CA GLU B 152 -7.40 35.16 19.32
C GLU B 152 -6.80 34.79 20.67
N ASP B 153 -5.53 34.40 20.68
CA ASP B 153 -4.84 34.14 21.94
C ASP B 153 -5.02 35.31 22.91
N ASP B 154 -5.12 36.52 22.38
CA ASP B 154 -5.40 37.68 23.21
C ASP B 154 -6.80 37.58 23.80
N VAL B 155 -6.96 38.16 24.99
CA VAL B 155 -8.16 38.02 25.79
C VAL B 155 -8.90 39.35 25.80
N VAL B 156 -10.11 39.36 25.24
CA VAL B 156 -10.84 40.62 25.06
C VAL B 156 -11.26 41.18 26.41
N GLY B 157 -10.95 42.46 26.62
CA GLY B 157 -11.50 43.20 27.74
C GLY B 157 -11.20 42.60 29.10
N PHE B 158 -10.01 42.02 29.27
CA PHE B 158 -9.62 41.45 30.55
C PHE B 158 -8.30 42.00 31.08
N ASP B 159 -7.73 43.04 30.46
CA ASP B 159 -6.54 43.66 31.02
C ASP B 159 -6.82 44.25 32.41
N GLU B 160 -8.08 44.58 32.71
CA GLU B 160 -8.38 45.27 33.96
C GLU B 160 -8.11 44.37 35.16
N GLU B 161 -8.69 43.17 35.16
CA GLU B 161 -8.44 42.25 36.26
C GLU B 161 -6.99 41.79 36.28
N ALA B 162 -6.38 41.62 35.10
CA ALA B 162 -4.98 41.26 35.04
C ALA B 162 -4.12 42.28 35.78
N ASP B 163 -4.30 43.56 35.48
CA ASP B 163 -3.50 44.58 36.13
C ASP B 163 -3.84 44.73 37.60
N ILE B 164 -5.13 44.64 37.97
CA ILE B 164 -5.47 44.71 39.38
C ILE B 164 -4.75 43.61 40.16
N VAL B 165 -4.83 42.37 39.65
CA VAL B 165 -4.22 41.24 40.35
C VAL B 165 -2.71 41.41 40.41
N ILE B 166 -2.08 41.72 39.28
CA ILE B 166 -0.64 41.89 39.25
C ILE B 166 -0.19 43.02 40.15
N ASN B 167 -1.06 44.02 40.37
CA ASN B 167 -0.78 45.09 41.32
C ASN B 167 -0.84 44.62 42.76
N ARG B 168 -1.98 44.00 43.12
CA ARG B 168 -2.21 43.53 44.51
C ARG B 168 -1.01 42.74 45.00
N LEU B 169 -0.48 41.84 44.19
CA LEU B 169 0.64 40.96 44.60
C LEU B 169 1.88 41.82 44.83
N LEU B 170 2.72 41.46 45.80
CA LEU B 170 3.93 42.25 46.16
C LEU B 170 3.53 43.48 46.99
N GLY B 171 2.77 43.27 48.08
CA GLY B 171 2.40 44.37 48.96
C GLY B 171 3.22 44.42 50.24
N GLU B 172 3.20 43.33 51.02
CA GLU B 172 3.83 43.30 52.33
C GLU B 172 5.07 42.42 52.28
N SER B 173 6.21 42.99 52.63
CA SER B 173 7.46 42.25 52.64
C SER B 173 7.40 41.13 53.66
N ASN B 174 8.04 40.01 53.31
CA ASN B 174 8.13 38.85 54.21
C ASN B 174 6.75 38.39 54.68
N HIS B 175 5.85 38.15 53.73
CA HIS B 175 4.54 37.60 54.03
C HIS B 175 4.11 36.64 52.94
N LEU B 176 3.65 35.46 53.36
CA LEU B 176 3.12 34.43 52.47
C LEU B 176 1.63 34.67 52.33
N GLU B 177 1.22 35.33 51.24
CA GLU B 177 -0.17 35.73 51.06
C GLU B 177 -0.76 34.99 49.87
N VAL B 178 -2.09 34.91 49.87
CA VAL B 178 -2.86 34.21 48.85
C VAL B 178 -3.83 35.21 48.24
N VAL B 179 -4.02 35.12 46.92
CA VAL B 179 -4.90 36.04 46.19
C VAL B 179 -6.10 35.23 45.69
N PRO B 180 -7.25 35.32 46.35
CA PRO B 180 -8.44 34.61 45.86
C PRO B 180 -9.03 35.29 44.62
N VAL B 181 -9.63 34.49 43.75
CA VAL B 181 -10.47 34.98 42.67
C VAL B 181 -11.70 34.09 42.59
N VAL B 182 -12.87 34.70 42.34
CA VAL B 182 -14.13 33.99 42.29
C VAL B 182 -14.84 34.39 41.00
N GLY B 183 -16.03 33.86 40.80
CA GLY B 183 -16.82 34.18 39.62
C GLY B 183 -17.40 32.93 39.02
N MET B 184 -18.65 33.05 38.58
CA MET B 184 -19.39 31.85 38.21
C MET B 184 -18.66 31.08 37.12
N PRO B 185 -18.91 29.78 37.01
CA PRO B 185 -18.19 28.97 36.02
C PRO B 185 -18.41 29.50 34.61
N GLY B 186 -17.36 29.41 33.79
CA GLY B 186 -17.36 29.96 32.45
C GLY B 186 -17.02 31.44 32.38
N LEU B 187 -16.73 32.07 33.51
CA LEU B 187 -16.41 33.49 33.50
C LEU B 187 -14.98 33.75 33.03
N GLY B 188 -14.04 32.87 33.37
CA GLY B 188 -12.68 32.99 32.87
C GLY B 188 -11.62 33.19 33.92
N LYS B 189 -11.83 32.68 35.13
CA LYS B 189 -10.81 32.81 36.16
C LYS B 189 -9.52 32.10 35.77
N THR B 190 -9.61 30.90 35.19
CA THR B 190 -8.41 30.21 34.73
C THR B 190 -7.75 30.96 33.59
N THR B 191 -8.53 31.51 32.67
CA THR B 191 -7.95 32.25 31.55
C THR B 191 -7.18 33.47 32.04
N LEU B 192 -7.79 34.26 32.91
CA LEU B 192 -7.11 35.44 33.45
C LEU B 192 -5.88 35.04 34.26
N ALA B 193 -5.99 33.97 35.07
CA ALA B 193 -4.85 33.54 35.86
C ALA B 193 -3.71 33.05 34.97
N ASN B 194 -4.04 32.40 33.85
CA ASN B 194 -3.02 32.06 32.87
C ASN B 194 -2.36 33.32 32.32
N LYS B 195 -3.16 34.33 31.99
CA LYS B 195 -2.59 35.56 31.46
C LYS B 195 -1.63 36.17 32.46
N ILE B 196 -1.95 36.08 33.75
CA ILE B 196 -1.03 36.53 34.79
C ILE B 196 0.25 35.69 34.78
N TYR B 197 0.10 34.37 34.94
CA TYR B 197 1.25 33.48 35.03
C TYR B 197 2.14 33.56 33.79
N LYS B 198 1.63 34.13 32.69
CA LYS B 198 2.41 34.33 31.48
C LYS B 198 2.67 35.80 31.18
N HIS B 199 2.47 36.70 32.13
CA HIS B 199 2.80 38.10 31.90
C HIS B 199 4.30 38.31 32.16
N PRO B 200 4.97 39.13 31.34
CA PRO B 200 6.44 39.26 31.51
C PRO B 200 6.86 39.72 32.90
N LYS B 201 6.09 40.63 33.51
CA LYS B 201 6.48 41.15 34.82
C LYS B 201 6.57 40.03 35.85
N ILE B 202 5.62 39.10 35.84
CA ILE B 202 5.61 38.04 36.83
C ILE B 202 6.86 37.18 36.69
N GLY B 203 7.15 36.73 35.47
CA GLY B 203 8.36 35.95 35.25
C GLY B 203 9.62 36.70 35.61
N TYR B 204 9.65 38.02 35.40
CA TYR B 204 10.77 38.83 35.85
C TYR B 204 10.90 38.82 37.37
N GLU B 205 9.76 38.90 38.07
CA GLU B 205 9.79 39.16 39.51
C GLU B 205 10.19 37.93 40.30
N PHE B 206 9.40 36.86 40.22
CA PHE B 206 9.68 35.61 40.93
C PHE B 206 10.47 34.71 40.00
N PHE B 207 11.45 33.97 40.54
CA PHE B 207 12.18 33.02 39.71
C PHE B 207 11.37 31.76 39.46
N THR B 208 11.06 31.01 40.53
CA THR B 208 10.34 29.75 40.40
C THR B 208 8.87 30.06 40.17
N ARG B 209 8.27 29.38 39.22
CA ARG B 209 6.85 29.53 38.92
C ARG B 209 6.28 28.18 38.52
N ILE B 210 5.31 27.72 39.31
CA ILE B 210 4.72 26.39 39.15
C ILE B 210 3.25 26.57 38.83
N TRP B 211 2.76 25.86 37.81
CA TRP B 211 1.34 25.83 37.51
C TRP B 211 0.77 24.54 38.07
N VAL B 212 -0.24 24.66 38.93
CA VAL B 212 -0.83 23.53 39.63
C VAL B 212 -2.34 23.60 39.51
N TYR B 213 -2.96 22.49 39.14
CA TYR B 213 -4.40 22.37 39.00
C TYR B 213 -4.93 21.54 40.16
N VAL B 214 -5.87 22.09 40.92
CA VAL B 214 -6.43 21.41 42.08
C VAL B 214 -7.96 21.41 42.00
N SER B 215 -8.54 20.32 41.51
CA SER B 215 -9.99 20.22 41.41
C SER B 215 -10.57 19.67 42.71
N GLN B 216 -11.87 19.33 42.67
CA GLN B 216 -12.49 18.65 43.80
C GLN B 216 -11.93 17.25 43.99
N SER B 217 -11.80 16.48 42.90
CA SER B 217 -11.27 15.13 42.99
C SER B 217 -9.75 15.12 43.10
N TYR B 218 -9.14 16.26 43.41
CA TYR B 218 -7.70 16.34 43.58
C TYR B 218 -7.22 15.40 44.68
N ARG B 219 -5.96 14.98 44.55
CA ARG B 219 -5.26 14.24 45.59
C ARG B 219 -4.04 15.02 46.05
N ARG B 220 -3.79 15.00 47.35
CA ARG B 220 -2.73 15.84 47.93
C ARG B 220 -1.34 15.32 47.60
N ARG B 221 -1.06 14.05 47.89
CA ARG B 221 0.28 13.49 47.73
C ARG B 221 0.70 13.32 46.27
N GLU B 222 -0.23 12.93 45.41
CA GLU B 222 0.06 12.92 43.97
C GLU B 222 0.58 14.28 43.54
N LEU B 223 -0.02 15.34 44.07
CA LEU B 223 0.41 16.69 43.73
C LEU B 223 1.82 16.97 44.26
N PHE B 224 2.08 16.58 45.51
CA PHE B 224 3.38 16.89 46.11
C PHE B 224 4.50 16.20 45.31
N LEU B 225 4.27 14.95 44.91
CA LEU B 225 5.30 14.25 44.14
C LEU B 225 5.63 14.98 42.85
N ASN B 226 4.61 15.46 42.14
CA ASN B 226 4.85 16.18 40.89
C ASN B 226 5.56 17.52 41.12
N ILE B 227 5.17 18.22 42.19
CA ILE B 227 5.80 19.52 42.42
C ILE B 227 7.28 19.33 42.75
N ILE B 228 7.62 18.27 43.48
CA ILE B 228 9.05 17.93 43.77
C ILE B 228 9.69 17.65 42.43
N SER B 229 8.94 17.06 41.50
CA SER B 229 9.45 16.69 40.16
C SER B 229 9.85 17.96 39.43
N LYS B 230 9.07 19.03 39.56
CA LYS B 230 9.42 20.34 38.94
C LYS B 230 10.89 20.63 39.21
N PHE B 231 11.43 20.22 40.37
CA PHE B 231 12.79 20.60 40.74
C PHE B 231 13.81 19.56 40.30
N THR B 232 13.55 18.28 40.55
CA THR B 232 14.52 17.22 40.28
C THR B 232 14.02 16.33 39.15
N ARG B 233 14.76 15.25 38.89
CA ARG B 233 14.48 14.41 37.73
C ARG B 233 13.57 13.24 38.07
N ASN B 234 13.87 12.53 39.15
CA ASN B 234 13.19 11.27 39.47
C ASN B 234 12.30 11.43 40.69
N THR B 235 11.09 10.87 40.61
CA THR B 235 10.17 10.80 41.73
C THR B 235 10.00 9.37 42.25
N LYS B 236 10.58 8.37 41.57
CA LYS B 236 10.39 6.99 42.01
C LYS B 236 10.96 6.78 43.41
N GLN B 237 11.86 7.65 43.85
CA GLN B 237 12.36 7.56 45.22
C GLN B 237 11.28 8.02 46.20
N TYR B 238 10.58 9.10 45.86
CA TYR B 238 9.58 9.66 46.76
C TYR B 238 8.24 8.94 46.65
N HIS B 239 8.14 7.92 45.79
CA HIS B 239 7.02 7.01 45.85
C HIS B 239 6.99 6.29 47.20
N GLY B 240 8.11 6.28 47.92
CA GLY B 240 8.23 5.53 49.15
C GLY B 240 8.49 6.36 50.39
N MET B 241 7.99 7.60 50.40
CA MET B 241 8.21 8.56 51.51
C MET B 241 6.85 9.13 51.91
N CYS B 242 6.71 9.63 53.13
CA CYS B 242 5.43 10.11 53.64
C CYS B 242 5.08 11.50 53.13
N GLU B 243 3.77 11.81 53.12
CA GLU B 243 3.32 13.12 52.65
C GLU B 243 3.93 14.25 53.47
N GLU B 244 4.03 14.06 54.78
CA GLU B 244 4.58 15.13 55.61
C GLU B 244 6.02 15.41 55.23
N ASP B 245 6.86 14.38 55.20
CA ASP B 245 8.30 14.52 54.84
C ASP B 245 8.32 15.10 53.44
N LEU B 246 7.42 14.62 52.58
CA LEU B 246 7.31 15.09 51.18
C LEU B 246 6.96 16.57 51.22
N ALA B 247 6.10 16.98 52.14
CA ALA B 247 5.75 18.40 52.31
C ALA B 247 7.01 19.16 52.74
N ASP B 248 7.81 18.56 53.63
CA ASP B 248 9.06 19.18 54.12
C ASP B 248 10.06 19.35 52.97
N GLU B 249 10.18 18.35 52.09
CA GLU B 249 11.20 18.39 51.02
C GLU B 249 10.81 19.47 50.03
N ILE B 250 9.56 19.54 49.60
CA ILE B 250 9.07 20.60 48.72
C ILE B 250 9.36 21.95 49.34
N GLN B 251 9.15 22.08 50.65
CA GLN B 251 9.47 23.31 51.36
C GLN B 251 10.93 23.70 51.16
N GLU B 252 11.84 22.76 51.38
CA GLU B 252 13.26 23.08 51.26
C GLU B 252 13.61 23.50 49.84
N PHE B 253 13.17 22.71 48.85
CA PHE B 253 13.49 23.02 47.46
C PHE B 253 12.90 24.37 47.06
N LEU B 254 11.66 24.64 47.46
CA LEU B 254 10.99 25.87 47.07
C LEU B 254 11.62 27.09 47.73
N GLY B 255 12.03 26.94 49.00
CA GLY B 255 12.71 28.04 49.66
C GLY B 255 14.07 28.32 49.06
N LYS B 256 14.78 27.27 48.62
CA LYS B 256 16.10 27.49 48.04
C LYS B 256 16.04 28.39 46.82
N GLY B 257 15.05 28.20 45.96
CA GLY B 257 14.97 28.94 44.71
C GLY B 257 14.43 30.35 44.85
N GLY B 258 15.00 31.15 45.75
CA GLY B 258 14.59 32.53 45.87
C GLY B 258 13.10 32.66 46.14
N LYS B 259 12.48 33.61 45.45
CA LYS B 259 11.04 33.79 45.57
C LYS B 259 10.31 32.64 44.87
N TYR B 260 8.98 32.69 44.91
CA TYR B 260 8.19 31.67 44.25
C TYR B 260 6.75 32.14 44.11
N LEU B 261 6.18 31.89 42.92
CA LEU B 261 4.77 32.09 42.66
C LEU B 261 4.17 30.73 42.28
N VAL B 262 3.09 30.37 42.96
CA VAL B 262 2.46 29.07 42.78
C VAL B 262 0.98 29.29 42.49
N VAL B 263 0.45 28.57 41.50
CA VAL B 263 -0.92 28.73 41.05
C VAL B 263 -1.66 27.41 41.30
N LEU B 264 -2.71 27.47 42.11
CA LEU B 264 -3.60 26.35 42.36
C LEU B 264 -4.98 26.71 41.81
N ASP B 265 -5.56 25.82 41.01
CA ASP B 265 -6.71 26.15 40.18
C ASP B 265 -7.99 25.53 40.73
N ASP B 266 -9.07 26.31 40.72
CA ASP B 266 -10.43 25.80 40.91
C ASP B 266 -10.57 25.01 42.22
N VAL B 267 -10.11 25.63 43.30
CA VAL B 267 -10.30 25.04 44.63
C VAL B 267 -11.78 25.03 44.95
N TRP B 268 -12.20 24.06 45.78
CA TRP B 268 -13.61 23.81 46.05
C TRP B 268 -13.95 23.82 47.53
N SER B 269 -13.05 23.32 48.38
CA SER B 269 -13.29 23.17 49.81
C SER B 269 -12.16 23.80 50.60
N ASP B 270 -12.52 24.61 51.60
CA ASP B 270 -11.51 25.34 52.36
C ASP B 270 -10.48 24.40 52.99
N GLU B 271 -10.92 23.23 53.46
CA GLU B 271 -9.96 22.27 53.99
C GLU B 271 -8.94 21.84 52.95
N ALA B 272 -9.30 21.91 51.66
CA ALA B 272 -8.33 21.64 50.61
C ALA B 272 -7.17 22.62 50.69
N TRP B 273 -7.47 23.92 50.77
CA TRP B 273 -6.43 24.92 50.97
C TRP B 273 -5.66 24.67 52.26
N GLU B 274 -6.39 24.37 53.35
CA GLU B 274 -5.71 24.15 54.62
C GLU B 274 -4.66 23.06 54.50
N ARG B 275 -5.00 21.95 53.83
CA ARG B 275 -4.05 20.85 53.71
C ARG B 275 -2.91 21.21 52.75
N ILE B 276 -3.23 21.79 51.59
CA ILE B 276 -2.22 22.03 50.57
C ILE B 276 -1.20 23.06 51.01
N LYS B 277 -1.60 24.06 51.80
CA LYS B 277 -0.70 25.17 52.11
C LYS B 277 0.59 24.74 52.80
N ILE B 278 0.61 23.57 53.45
CA ILE B 278 1.72 23.23 54.33
C ILE B 278 3.04 23.26 53.58
N ALA B 279 3.06 22.75 52.35
CA ALA B 279 4.31 22.64 51.61
C ALA B 279 4.98 23.99 51.41
N PHE B 280 4.21 25.07 51.33
CA PHE B 280 4.77 26.39 51.05
C PHE B 280 5.50 26.92 52.27
N PRO B 281 6.80 27.23 52.18
CA PRO B 281 7.51 27.80 53.33
C PRO B 281 7.26 29.30 53.43
N ASN B 282 6.74 29.74 54.58
CA ASN B 282 6.59 31.16 54.88
C ASN B 282 7.88 31.67 55.53
N ASN B 283 8.93 31.71 54.70
CA ASN B 283 10.29 31.99 55.17
C ASN B 283 10.62 33.47 55.17
N ASN B 284 9.64 34.35 55.35
CA ASN B 284 9.86 35.78 55.42
C ASN B 284 10.49 36.30 54.12
N LYS B 285 9.74 36.14 53.03
CA LYS B 285 10.11 36.64 51.71
C LYS B 285 8.83 37.10 51.03
N PRO B 286 8.92 37.97 50.02
CA PRO B 286 7.70 38.34 49.27
C PRO B 286 7.33 37.29 48.22
N ASN B 287 6.75 36.17 48.69
CA ASN B 287 6.33 35.07 47.79
C ASN B 287 4.81 35.15 47.67
N ARG B 288 4.27 35.04 46.47
CA ARG B 288 2.81 35.25 46.24
C ARG B 288 2.15 33.96 45.75
N VAL B 289 1.02 33.55 46.33
CA VAL B 289 0.23 32.36 45.91
C VAL B 289 -1.01 32.88 45.17
N LEU B 290 -1.48 32.20 44.13
CA LEU B 290 -2.61 32.67 43.34
C LEU B 290 -3.60 31.53 43.17
N LEU B 291 -4.64 31.50 43.99
CA LEU B 291 -5.71 30.52 43.88
C LEU B 291 -6.96 31.19 43.34
N THR B 292 -7.68 30.49 42.47
CA THR B 292 -8.94 30.93 41.91
C THR B 292 -10.03 30.02 42.48
N THR B 293 -11.30 30.33 42.21
CA THR B 293 -12.36 29.48 42.71
C THR B 293 -13.71 29.88 42.13
N ARG B 294 -14.74 29.17 42.60
CA ARG B 294 -16.13 29.46 42.29
C ARG B 294 -16.95 29.79 43.54
N ASP B 295 -16.73 29.06 44.64
CA ASP B 295 -17.42 29.28 45.89
C ASP B 295 -16.85 30.49 46.61
N SER B 296 -17.73 31.23 47.29
CA SER B 296 -17.31 32.42 48.03
C SER B 296 -16.73 32.07 49.40
N LYS B 297 -17.23 31.03 50.05
CA LYS B 297 -16.85 30.75 51.43
C LYS B 297 -15.37 30.47 51.55
N VAL B 298 -14.84 29.60 50.69
CA VAL B 298 -13.43 29.25 50.77
C VAL B 298 -12.55 30.45 50.45
N ALA B 299 -12.93 31.23 49.42
CA ALA B 299 -12.19 32.45 49.11
C ALA B 299 -12.14 33.37 50.31
N LYS B 300 -13.27 33.59 50.97
CA LYS B 300 -13.31 34.44 52.14
C LYS B 300 -12.43 33.90 53.26
N GLN B 301 -12.48 32.58 53.49
CA GLN B 301 -11.72 31.99 54.57
C GLN B 301 -10.22 32.16 54.34
N CYS B 302 -9.74 31.82 53.14
CA CYS B 302 -8.30 31.87 52.89
C CYS B 302 -7.77 33.30 52.88
N ASN B 303 -8.65 34.29 52.67
CA ASN B 303 -8.24 35.68 52.76
C ASN B 303 -9.49 36.56 52.85
N PRO B 304 -9.55 37.49 53.82
CA PRO B 304 -10.78 38.29 53.98
C PRO B 304 -11.10 39.22 52.80
N ILE B 305 -10.28 39.26 51.75
CA ILE B 305 -10.55 40.14 50.61
C ILE B 305 -10.44 39.36 49.30
N PRO B 306 -11.52 38.73 48.84
CA PRO B 306 -11.50 38.12 47.51
C PRO B 306 -11.82 39.13 46.42
N HIS B 307 -11.09 39.00 45.30
CA HIS B 307 -11.28 39.84 44.13
C HIS B 307 -12.30 39.15 43.24
N ASP B 308 -13.48 39.75 43.10
CA ASP B 308 -14.52 39.17 42.28
C ASP B 308 -14.31 39.50 40.81
N LEU B 309 -14.56 38.53 39.95
CA LEU B 309 -14.40 38.71 38.51
C LEU B 309 -15.59 39.47 37.95
N LYS B 310 -15.46 39.90 36.69
CA LYS B 310 -16.43 40.78 36.06
C LYS B 310 -16.93 40.17 34.76
N PHE B 311 -18.17 40.51 34.40
CA PHE B 311 -18.74 40.09 33.13
C PHE B 311 -18.23 40.97 32.00
N LEU B 312 -18.27 40.42 30.79
CA LEU B 312 -17.92 41.22 29.62
C LEU B 312 -19.08 42.15 29.27
N THR B 313 -18.77 43.42 29.06
CA THR B 313 -19.80 44.36 28.64
C THR B 313 -20.31 44.01 27.25
N GLU B 314 -21.32 44.75 26.79
CA GLU B 314 -21.94 44.44 25.52
C GLU B 314 -20.96 44.56 24.37
N ASP B 315 -20.09 45.57 24.40
CA ASP B 315 -19.16 45.78 23.30
C ASP B 315 -18.10 44.68 23.26
N GLU B 316 -17.52 44.36 24.42
CA GLU B 316 -16.60 43.23 24.49
C GLU B 316 -17.28 41.97 23.99
N SER B 317 -18.55 41.78 24.35
CA SER B 317 -19.28 40.60 23.91
C SER B 317 -19.35 40.54 22.38
N TRP B 318 -19.80 41.63 21.75
CA TRP B 318 -19.94 41.59 20.30
C TRP B 318 -18.59 41.38 19.63
N ILE B 319 -17.54 42.04 20.14
CA ILE B 319 -16.23 41.87 19.53
C ILE B 319 -15.76 40.43 19.66
N LEU B 320 -15.97 39.82 20.83
CA LEU B 320 -15.55 38.43 21.03
C LEU B 320 -16.28 37.50 20.06
N LEU B 321 -17.60 37.67 19.93
CA LEU B 321 -18.34 36.82 19.00
C LEU B 321 -17.85 37.03 17.57
N GLU B 322 -17.64 38.28 17.18
CA GLU B 322 -17.11 38.56 15.85
C GLU B 322 -15.80 37.84 15.64
N LYS B 323 -14.87 37.95 16.59
CA LYS B 323 -13.59 37.28 16.46
C LYS B 323 -13.76 35.79 16.29
N LYS B 324 -14.55 35.15 17.16
CA LYS B 324 -14.61 33.69 17.13
C LYS B 324 -15.28 33.18 15.86
N VAL B 325 -16.42 33.76 15.48
CA VAL B 325 -17.13 33.23 14.31
C VAL B 325 -16.39 33.57 13.02
N PHE B 326 -15.81 34.78 12.93
CA PHE B 326 -15.17 35.24 11.71
C PHE B 326 -13.66 35.17 11.76
N HIS B 327 -13.07 34.76 12.88
CA HIS B 327 -11.61 34.58 12.99
C HIS B 327 -10.94 35.88 12.59
N LYS B 328 -9.99 35.88 11.65
CA LYS B 328 -9.22 37.08 11.37
C LYS B 328 -10.00 38.06 10.50
N ASP B 329 -10.89 37.56 9.65
CA ASP B 329 -11.64 38.42 8.74
C ASP B 329 -12.70 39.19 9.49
N LYS B 330 -13.14 40.31 8.91
CA LYS B 330 -14.16 41.14 9.54
C LYS B 330 -15.55 40.78 9.03
N CYS B 331 -16.54 40.99 9.90
CA CYS B 331 -17.90 40.55 9.61
C CYS B 331 -18.47 41.34 8.44
N PRO B 332 -19.16 40.68 7.50
CA PRO B 332 -19.92 41.41 6.51
C PRO B 332 -21.09 42.13 7.14
N PRO B 333 -21.48 43.28 6.60
CA PRO B 333 -22.37 44.18 7.36
C PRO B 333 -23.73 43.58 7.71
N GLU B 334 -24.31 42.78 6.81
CA GLU B 334 -25.71 42.40 6.98
C GLU B 334 -25.98 41.66 8.27
N LEU B 335 -25.02 40.93 8.79
CA LEU B 335 -25.22 40.08 9.96
C LEU B 335 -24.91 40.82 11.25
N VAL B 336 -24.58 42.11 11.17
CA VAL B 336 -24.09 42.84 12.34
C VAL B 336 -25.18 42.99 13.38
N LEU B 337 -26.39 43.37 12.96
CA LEU B 337 -27.48 43.53 13.92
C LEU B 337 -27.83 42.21 14.58
N SER B 338 -27.90 41.14 13.78
CA SER B 338 -28.13 39.83 14.35
C SER B 338 -27.09 39.50 15.41
N GLY B 339 -25.81 39.64 15.05
CA GLY B 339 -24.75 39.27 15.97
C GLY B 339 -24.76 40.10 17.24
N LYS B 340 -25.04 41.41 17.11
CA LYS B 340 -25.11 42.24 18.30
C LYS B 340 -26.29 41.88 19.18
N SER B 341 -27.43 41.52 18.58
CA SER B 341 -28.56 41.07 19.38
C SER B 341 -28.22 39.79 20.14
N ILE B 342 -27.57 38.83 19.47
CA ILE B 342 -27.14 37.62 20.16
C ILE B 342 -26.15 37.96 21.28
N ALA B 343 -25.15 38.78 20.97
CA ALA B 343 -24.14 39.18 21.99
C ALA B 343 -24.90 39.72 23.20
N LYS B 344 -25.89 40.57 22.97
CA LYS B 344 -26.72 41.16 24.06
C LYS B 344 -27.48 40.02 24.74
N LYS B 345 -27.95 39.05 23.98
CA LYS B 345 -28.72 37.89 24.51
C LYS B 345 -27.79 37.12 25.45
N CYS B 346 -26.50 37.04 25.14
CA CYS B 346 -25.50 36.29 25.97
C CYS B 346 -25.39 36.88 27.38
N LYS B 347 -25.43 38.21 27.56
CA LYS B 347 -25.36 38.91 28.87
C LYS B 347 -23.89 39.07 29.29
N GLY B 348 -22.96 38.81 28.40
CA GLY B 348 -21.54 38.96 28.65
C GLY B 348 -20.85 37.77 29.25
N LEU B 349 -21.44 36.57 29.17
CA LEU B 349 -20.72 35.37 29.59
C LEU B 349 -19.80 34.90 28.48
N PRO B 350 -18.48 34.84 28.73
CA PRO B 350 -17.58 34.33 27.68
C PRO B 350 -17.92 32.92 27.23
N LEU B 351 -18.41 32.06 28.13
CA LEU B 351 -18.69 30.68 27.74
C LEU B 351 -19.92 30.59 26.82
N ALA B 352 -21.01 31.24 27.20
CA ALA B 352 -22.22 31.20 26.38
C ALA B 352 -21.95 31.78 25.00
N ILE B 353 -21.27 32.92 24.96
CA ILE B 353 -20.95 33.56 23.69
C ILE B 353 -20.03 32.66 22.87
N VAL B 354 -19.06 32.02 23.50
CA VAL B 354 -18.13 31.16 22.78
C VAL B 354 -18.86 29.99 22.14
N VAL B 355 -19.70 29.31 22.93
CA VAL B 355 -20.44 28.17 22.39
C VAL B 355 -21.40 28.63 21.30
N ILE B 356 -21.96 29.84 21.43
CA ILE B 356 -22.87 30.34 20.40
C ILE B 356 -22.12 30.63 19.12
N ALA B 357 -20.92 31.20 19.22
CA ALA B 357 -20.10 31.39 18.04
C ALA B 357 -19.80 30.05 17.39
N GLY B 358 -19.58 29.01 18.20
CA GLY B 358 -19.42 27.68 17.63
C GLY B 358 -20.65 27.23 16.86
N ALA B 359 -21.84 27.43 17.44
CA ALA B 359 -23.07 27.06 16.76
C ALA B 359 -23.21 27.82 15.45
N LEU B 360 -22.84 29.11 15.46
CA LEU B 360 -22.95 29.93 14.25
C LEU B 360 -21.98 29.45 13.17
N ILE B 361 -20.75 29.07 13.57
CA ILE B 361 -19.83 28.45 12.63
C ILE B 361 -20.47 27.21 12.03
N GLY B 362 -21.13 26.41 12.87
CA GLY B 362 -21.73 25.18 12.39
C GLY B 362 -22.84 25.41 11.38
N LYS B 363 -23.73 26.37 11.67
CA LYS B 363 -24.86 26.61 10.80
C LYS B 363 -24.43 27.15 9.44
N GLY B 364 -23.58 28.16 9.44
CA GLY B 364 -23.23 28.89 8.26
C GLY B 364 -23.09 30.36 8.58
N LYS B 365 -23.24 31.20 7.56
CA LYS B 365 -23.09 32.65 7.69
C LYS B 365 -24.18 33.37 6.91
N THR B 366 -25.34 32.74 6.80
CA THR B 366 -26.46 33.27 6.03
C THR B 366 -27.51 33.88 6.95
N PRO B 367 -28.23 34.90 6.48
CA PRO B 367 -29.10 35.67 7.39
C PRO B 367 -30.18 34.83 8.06
N ARG B 368 -30.74 33.84 7.36
CA ARG B 368 -31.79 33.02 7.95
C ARG B 368 -31.28 32.29 9.19
N GLU B 369 -30.08 31.71 9.08
CA GLU B 369 -29.50 31.01 10.22
C GLU B 369 -29.31 31.96 11.40
N TRP B 370 -28.83 33.17 11.15
CA TRP B 370 -28.60 34.13 12.22
C TRP B 370 -29.90 34.53 12.90
N LYS B 371 -30.95 34.78 12.12
CA LYS B 371 -32.23 35.12 12.74
C LYS B 371 -32.78 33.96 13.56
N GLN B 372 -32.67 32.73 13.04
CA GLN B 372 -33.15 31.58 13.79
C GLN B 372 -32.37 31.42 15.10
N VAL B 373 -31.05 31.58 15.04
CA VAL B 373 -30.23 31.45 16.23
C VAL B 373 -30.59 32.53 17.24
N ASP B 374 -30.84 33.75 16.75
CA ASP B 374 -31.27 34.84 17.62
C ASP B 374 -32.57 34.48 18.34
N ASP B 375 -33.55 33.97 17.59
CA ASP B 375 -34.83 33.60 18.21
C ASP B 375 -34.62 32.53 19.26
N SER B 376 -33.81 31.51 18.94
CA SER B 376 -33.61 30.41 19.87
C SER B 376 -32.91 30.88 21.14
N VAL B 377 -31.89 31.74 21.01
CA VAL B 377 -31.22 32.23 22.21
C VAL B 377 -32.17 33.09 23.04
N SER B 378 -32.96 33.93 22.36
CA SER B 378 -33.90 34.84 23.04
C SER B 378 -34.91 33.99 23.81
N GLU B 379 -34.91 32.69 23.56
CA GLU B 379 -35.83 31.74 24.23
C GLU B 379 -35.11 30.94 25.31
N HIS B 380 -33.84 30.60 25.12
CA HIS B 380 -33.16 29.69 26.04
C HIS B 380 -32.23 30.38 27.05
N LEU B 381 -32.39 31.67 27.30
CA LEU B 381 -31.66 32.33 28.39
C LEU B 381 -32.56 33.30 29.12
N ILE B 382 -33.81 32.92 29.36
CA ILE B 382 -34.74 33.80 30.05
C ILE B 382 -34.26 34.08 31.47
N ASN B 383 -33.59 33.11 32.09
CA ASN B 383 -32.97 33.29 33.40
C ASN B 383 -31.50 33.62 33.25
N ARG B 384 -30.88 34.00 34.37
CA ARG B 384 -29.44 34.21 34.45
C ARG B 384 -28.76 33.23 35.40
N ASP B 385 -29.22 33.17 36.65
CA ASP B 385 -28.48 32.46 37.69
C ASP B 385 -28.49 30.96 37.49
N HIS B 386 -29.43 30.41 36.74
CA HIS B 386 -29.54 28.96 36.60
C HIS B 386 -28.48 28.45 35.64
N PRO B 387 -27.54 27.61 36.08
CA PRO B 387 -26.58 27.02 35.13
C PRO B 387 -27.23 26.29 33.97
N GLU B 388 -28.36 25.62 34.19
CA GLU B 388 -29.01 24.87 33.11
C GLU B 388 -29.28 25.73 31.88
N ASN B 389 -29.22 27.06 32.00
CA ASN B 389 -29.27 27.91 30.82
C ASN B 389 -28.07 27.64 29.90
N CYS B 390 -26.87 27.53 30.50
CA CYS B 390 -25.71 27.14 29.72
C CYS B 390 -25.92 25.77 29.08
N ASN B 391 -26.53 24.83 29.82
CA ASN B 391 -26.82 23.52 29.26
C ASN B 391 -27.76 23.60 28.06
N LYS B 392 -28.79 24.44 28.15
CA LYS B 392 -29.70 24.63 27.01
C LYS B 392 -28.95 25.19 25.81
N LEU B 393 -28.07 26.17 26.04
CA LEU B 393 -27.30 26.74 24.96
C LEU B 393 -26.39 25.68 24.30
N VAL B 394 -25.70 24.88 25.11
CA VAL B 394 -24.82 23.88 24.54
C VAL B 394 -25.64 22.83 23.81
N GLN B 395 -26.85 22.53 24.28
CA GLN B 395 -27.70 21.58 23.57
C GLN B 395 -28.07 22.11 22.20
N MET B 396 -28.39 23.41 22.12
CA MET B 396 -28.68 24.02 20.84
C MET B 396 -27.50 23.90 19.89
N SER B 397 -26.30 24.18 20.40
CA SER B 397 -25.10 24.01 19.58
C SER B 397 -24.93 22.55 19.16
N TYR B 398 -25.18 21.63 20.09
CA TYR B 398 -24.93 20.21 19.88
C TYR B 398 -25.84 19.62 18.83
N ASP B 399 -27.09 20.08 18.75
CA ASP B 399 -28.05 19.45 17.85
C ASP B 399 -27.57 19.45 16.40
N ARG B 400 -26.75 20.45 16.02
CA ARG B 400 -26.33 20.58 14.62
C ARG B 400 -25.11 19.75 14.27
N LEU B 401 -24.48 19.11 15.24
CA LEU B 401 -23.28 18.31 14.96
C LEU B 401 -23.66 17.09 14.13
N PRO B 402 -22.76 16.60 13.27
CA PRO B 402 -22.98 15.30 12.64
C PRO B 402 -23.00 14.19 13.69
N TYR B 403 -23.74 13.13 13.40
CA TYR B 403 -23.93 12.07 14.38
C TYR B 403 -22.59 11.41 14.73
N ASP B 404 -21.65 11.39 13.78
CA ASP B 404 -20.33 10.86 14.08
C ASP B 404 -19.65 11.66 15.18
N LEU B 405 -19.63 13.00 15.06
CA LEU B 405 -19.09 13.82 16.14
C LEU B 405 -19.94 13.74 17.39
N LYS B 406 -21.25 13.48 17.25
CA LYS B 406 -22.09 13.29 18.42
C LYS B 406 -21.58 12.11 19.25
N ALA B 407 -21.21 11.01 18.59
CA ALA B 407 -20.63 9.90 19.32
C ALA B 407 -19.29 10.26 19.97
N CYS B 408 -18.39 10.92 19.23
CA CYS B 408 -17.06 11.23 19.73
C CYS B 408 -17.07 12.18 20.92
N PHE B 409 -17.94 13.20 20.90
CA PHE B 409 -18.02 14.14 22.01
C PHE B 409 -18.44 13.42 23.30
N LEU B 410 -19.53 12.66 23.24
CA LEU B 410 -19.94 11.88 24.40
C LEU B 410 -18.81 10.97 24.87
N TYR B 411 -18.20 10.22 23.94
CA TYR B 411 -17.14 9.32 24.34
C TYR B 411 -15.95 10.06 24.95
N CYS B 412 -15.72 11.30 24.54
CA CYS B 412 -14.71 12.14 25.19
C CYS B 412 -15.14 12.56 26.58
N SER B 413 -16.43 12.51 26.87
CA SER B 413 -16.90 12.73 28.23
C SER B 413 -16.71 11.50 29.12
N ALA B 414 -16.16 10.41 28.59
CA ALA B 414 -15.99 9.20 29.40
C ALA B 414 -14.90 9.38 30.44
N PHE B 415 -13.87 10.16 30.12
CA PHE B 415 -12.72 10.27 31.00
C PHE B 415 -13.10 11.00 32.29
N PRO B 416 -12.36 10.77 33.37
CA PRO B 416 -12.69 11.42 34.64
C PRO B 416 -12.52 12.93 34.56
N GLY B 417 -13.30 13.64 35.35
CA GLY B 417 -13.17 15.08 35.44
C GLY B 417 -11.78 15.49 35.88
N GLY B 418 -11.17 16.43 35.16
CA GLY B 418 -9.82 16.86 35.46
C GLY B 418 -8.72 16.04 34.81
N PHE B 419 -9.06 14.95 34.13
CA PHE B 419 -8.05 14.15 33.47
C PHE B 419 -7.69 14.75 32.12
N GLN B 420 -6.40 14.80 31.81
CA GLN B 420 -5.93 15.41 30.57
C GLN B 420 -5.76 14.31 29.54
N ILE B 421 -6.49 14.41 28.43
CA ILE B 421 -6.66 13.31 27.49
C ILE B 421 -5.44 13.21 26.57
N PRO B 422 -4.73 12.08 26.53
CA PRO B 422 -3.67 11.92 25.53
C PRO B 422 -4.27 11.69 24.15
N ALA B 423 -3.94 12.59 23.23
CA ALA B 423 -4.67 12.65 21.96
C ALA B 423 -4.51 11.38 21.15
N TRP B 424 -3.29 10.82 21.08
CA TRP B 424 -3.09 9.62 20.29
C TRP B 424 -3.92 8.45 20.82
N LYS B 425 -3.96 8.28 22.14
CA LYS B 425 -4.81 7.26 22.72
C LYS B 425 -6.28 7.52 22.38
N LEU B 426 -6.71 8.77 22.47
CA LEU B 426 -8.11 9.08 22.21
C LEU B 426 -8.49 8.70 20.78
N ILE B 427 -7.62 9.02 19.83
CA ILE B 427 -7.88 8.66 18.43
C ILE B 427 -7.93 7.14 18.27
N ARG B 428 -7.00 6.42 18.90
CA ARG B 428 -6.99 4.97 18.74
C ARG B 428 -8.20 4.31 19.39
N LEU B 429 -8.66 4.84 20.53
CA LEU B 429 -9.90 4.36 21.13
C LEU B 429 -11.08 4.61 20.22
N TRP B 430 -11.14 5.79 19.61
CA TRP B 430 -12.21 6.07 18.66
C TRP B 430 -12.20 5.07 17.52
N ILE B 431 -11.01 4.75 17.02
CA ILE B 431 -10.91 3.80 15.91
C ILE B 431 -11.41 2.43 16.36
N ALA B 432 -10.99 1.98 17.55
CA ALA B 432 -11.32 0.63 17.99
C ALA B 432 -12.81 0.51 18.33
N GLU B 433 -13.44 1.59 18.77
CA GLU B 433 -14.86 1.54 19.08
C GLU B 433 -15.73 1.55 17.83
N GLY B 434 -15.17 1.90 16.68
CA GLY B 434 -15.92 1.92 15.44
C GLY B 434 -16.64 3.22 15.16
N PHE B 435 -16.28 4.31 15.85
CA PHE B 435 -16.94 5.59 15.59
C PHE B 435 -16.47 6.21 14.28
N ILE B 436 -15.27 5.87 13.81
CA ILE B 436 -14.73 6.40 12.56
C ILE B 436 -14.81 5.28 11.54
N GLN B 437 -15.49 5.55 10.42
CA GLN B 437 -15.70 4.56 9.37
C GLN B 437 -15.04 5.01 8.08
N TYR B 438 -14.56 4.03 7.31
CA TYR B 438 -13.94 4.30 6.01
C TYR B 438 -14.80 5.25 5.18
N LYS B 439 -14.24 6.40 4.81
CA LYS B 439 -14.90 7.33 3.87
C LYS B 439 -13.79 8.11 3.16
N GLY B 440 -13.54 7.76 1.90
CA GLY B 440 -12.57 8.47 1.11
C GLY B 440 -11.23 7.77 1.00
N HIS B 441 -10.16 8.54 1.18
CA HIS B 441 -8.80 8.03 1.02
C HIS B 441 -7.88 8.35 2.20
N LEU B 442 -8.30 9.23 3.12
CA LEU B 442 -7.46 9.55 4.26
C LEU B 442 -7.27 8.32 5.14
N SER B 443 -6.08 8.21 5.73
CA SER B 443 -5.85 7.19 6.74
C SER B 443 -6.73 7.47 7.96
N LEU B 444 -7.17 6.39 8.62
CA LEU B 444 -8.08 6.53 9.74
C LEU B 444 -7.56 7.53 10.76
N GLU B 445 -6.26 7.49 11.03
CA GLU B 445 -5.67 8.40 12.01
C GLU B 445 -5.83 9.85 11.58
N CYS B 446 -5.64 10.13 10.28
CA CYS B 446 -5.80 11.50 9.79
C CYS B 446 -7.24 11.97 9.96
N LYS B 447 -8.20 11.09 9.64
CA LYS B 447 -9.60 11.45 9.84
C LYS B 447 -9.90 11.74 11.30
N GLY B 448 -9.32 10.94 12.22
CA GLY B 448 -9.52 11.21 13.63
C GLY B 448 -8.93 12.53 14.06
N GLU B 449 -7.72 12.84 13.59
CA GLU B 449 -7.11 14.12 13.91
C GLU B 449 -7.97 15.28 13.40
N ASP B 450 -8.50 15.14 12.20
CA ASP B 450 -9.37 16.17 11.65
C ASP B 450 -10.65 16.31 12.48
N ASN B 451 -11.20 15.19 12.94
CA ASN B 451 -12.39 15.25 13.78
C ASN B 451 -12.10 16.00 15.08
N LEU B 452 -10.94 15.73 15.68
CA LEU B 452 -10.59 16.43 16.92
C LEU B 452 -10.41 17.92 16.66
N ASN B 453 -9.77 18.28 15.55
CA ASN B 453 -9.63 19.69 15.20
C ASN B 453 -10.99 20.34 15.02
N ASP B 454 -11.90 19.65 14.32
CA ASP B 454 -13.27 20.15 14.18
C ASP B 454 -13.89 20.42 15.54
N LEU B 455 -13.81 19.44 16.45
CA LEU B 455 -14.43 19.61 17.77
C LEU B 455 -13.81 20.79 18.51
N ILE B 456 -12.50 21.02 18.33
CA ILE B 456 -11.87 22.16 18.97
C ILE B 456 -12.39 23.47 18.37
N ASN B 457 -12.64 23.47 17.05
CA ASN B 457 -12.99 24.72 16.37
C ASN B 457 -14.28 25.31 16.92
N ARG B 458 -15.33 24.49 17.04
CA ARG B 458 -16.59 25.00 17.57
C ARG B 458 -16.55 25.25 19.06
N ASN B 459 -15.38 25.15 19.69
CA ASN B 459 -15.13 25.55 21.07
C ASN B 459 -15.73 24.59 22.07
N LEU B 460 -15.99 23.34 21.68
CA LEU B 460 -16.51 22.36 22.63
C LEU B 460 -15.40 21.79 23.52
N VAL B 461 -14.22 21.57 22.96
CA VAL B 461 -13.09 20.99 23.68
C VAL B 461 -11.96 21.99 23.71
N MET B 462 -11.44 22.29 24.89
CA MET B 462 -10.32 23.20 25.07
C MET B 462 -9.01 22.42 25.02
N VAL B 463 -8.05 22.93 24.26
CA VAL B 463 -6.72 22.34 24.17
C VAL B 463 -5.90 22.77 25.37
N MET B 464 -4.99 21.90 25.79
CA MET B 464 -4.13 22.14 26.95
C MET B 464 -2.66 22.22 26.57
N GLU B 465 -2.14 21.24 25.85
CA GLU B 465 -0.75 21.18 25.45
C GLU B 465 -0.65 21.05 23.94
N ARG B 466 0.46 21.50 23.38
CA ARG B 466 0.76 21.33 21.96
C ARG B 466 2.16 20.78 21.82
N THR B 467 2.47 20.24 20.64
CA THR B 467 3.75 19.59 20.41
C THR B 467 4.79 20.62 19.93
N SER B 468 6.00 20.11 19.68
CA SER B 468 6.98 20.89 18.93
C SER B 468 6.49 21.10 17.50
N ASP B 469 5.86 20.09 16.91
CA ASP B 469 5.44 20.17 15.52
C ASP B 469 4.36 21.22 15.32
N GLY B 470 3.72 21.67 16.39
CA GLY B 470 2.54 22.50 16.29
C GLY B 470 1.23 21.76 16.42
N GLN B 471 1.27 20.44 16.54
CA GLN B 471 0.06 19.63 16.64
C GLN B 471 -0.43 19.60 18.08
N ILE B 472 -1.59 18.97 18.27
CA ILE B 472 -2.19 18.88 19.59
C ILE B 472 -1.68 17.62 20.31
N LYS B 473 -1.39 17.78 21.59
CA LYS B 473 -0.81 16.71 22.39
C LYS B 473 -1.66 16.31 23.58
N THR B 474 -2.56 17.18 24.05
CA THR B 474 -3.40 16.86 25.19
C THR B 474 -4.58 17.83 25.28
N CYS B 475 -5.80 17.31 25.37
CA CYS B 475 -7.00 18.13 25.46
C CYS B 475 -7.85 17.69 26.65
N ARG B 476 -8.97 18.39 26.84
CA ARG B 476 -9.90 18.08 27.91
C ARG B 476 -11.22 18.80 27.65
N LEU B 477 -12.12 18.71 28.62
CA LEU B 477 -13.46 19.25 28.48
C LEU B 477 -13.81 20.11 29.69
N HIS B 478 -14.35 21.30 29.43
CA HIS B 478 -14.72 22.22 30.49
C HIS B 478 -15.84 21.63 31.33
N ASP B 479 -15.87 22.00 32.62
CA ASP B 479 -16.71 21.30 33.59
C ASP B 479 -18.16 21.20 33.12
N MET B 480 -18.73 22.32 32.68
CA MET B 480 -20.14 22.32 32.27
C MET B 480 -20.37 21.35 31.12
N LEU B 481 -19.47 21.37 30.13
CA LEU B 481 -19.60 20.46 29.01
C LEU B 481 -19.50 19.01 29.47
N HIS B 482 -18.58 18.74 30.39
CA HIS B 482 -18.46 17.38 30.93
C HIS B 482 -19.76 16.94 31.58
N GLU B 483 -20.37 17.80 32.39
CA GLU B 483 -21.60 17.41 33.08
C GLU B 483 -22.74 17.17 32.10
N PHE B 484 -22.92 18.10 31.14
CA PHE B 484 -23.97 17.94 30.14
C PHE B 484 -23.79 16.65 29.36
N CYS B 485 -22.56 16.40 28.87
CA CYS B 485 -22.32 15.21 28.09
C CYS B 485 -22.52 13.93 28.90
N ARG B 486 -22.05 13.93 30.16
CA ARG B 486 -22.17 12.72 30.96
C ARG B 486 -23.63 12.40 31.22
N GLN B 487 -24.43 13.41 31.56
CA GLN B 487 -25.85 13.15 31.76
C GLN B 487 -26.49 12.64 30.49
N GLU B 488 -26.19 13.28 29.36
CA GLU B 488 -26.81 12.88 28.09
C GLU B 488 -26.46 11.44 27.75
N ALA B 489 -25.21 11.04 27.98
CA ALA B 489 -24.79 9.68 27.64
C ALA B 489 -25.40 8.66 28.59
N MET B 490 -25.25 8.84 29.90
CA MET B 490 -25.72 7.83 30.84
C MET B 490 -27.24 7.73 30.86
N LYS B 491 -27.96 8.77 30.44
CA LYS B 491 -29.42 8.72 30.57
C LYS B 491 -30.11 8.38 29.25
N GLU B 492 -29.85 9.14 28.19
CA GLU B 492 -30.61 8.95 26.96
C GLU B 492 -30.07 7.79 26.13
N GLU B 493 -28.82 7.87 25.69
CA GLU B 493 -28.27 6.94 24.73
C GLU B 493 -27.79 5.64 25.35
N ASN B 494 -27.60 5.59 26.67
CA ASN B 494 -26.98 4.44 27.34
C ASN B 494 -25.68 4.06 26.63
N LEU B 495 -24.94 5.08 26.20
CA LEU B 495 -23.64 4.84 25.60
C LEU B 495 -22.73 4.09 26.56
N PHE B 496 -22.58 4.60 27.77
CA PHE B 496 -21.85 3.92 28.83
C PHE B 496 -22.49 4.30 30.15
N GLN B 497 -22.06 3.64 31.22
CA GLN B 497 -22.49 3.94 32.57
C GLN B 497 -21.26 3.93 33.48
N GLU B 498 -21.23 4.86 34.44
CA GLU B 498 -20.10 4.92 35.35
C GLU B 498 -20.48 4.29 36.70
N ILE B 499 -19.47 3.81 37.41
CA ILE B 499 -19.68 3.03 38.62
C ILE B 499 -18.93 3.64 39.81
N LYS B 500 -18.76 4.97 39.82
CA LYS B 500 -18.14 5.60 40.98
C LYS B 500 -19.04 5.42 42.19
N LEU B 501 -18.44 5.06 43.31
CA LEU B 501 -19.17 4.64 44.50
C LEU B 501 -19.20 5.77 45.51
N GLY B 502 -20.41 6.27 45.79
CA GLY B 502 -20.59 7.18 46.90
C GLY B 502 -20.67 6.44 48.22
N SER B 503 -20.65 7.21 49.30
CA SER B 503 -20.65 6.62 50.63
C SER B 503 -21.92 5.84 50.89
N GLU B 504 -21.80 4.73 51.60
CA GLU B 504 -22.95 3.93 52.03
C GLU B 504 -23.75 3.42 50.83
N GLN B 505 -23.05 2.99 49.79
CA GLN B 505 -23.68 2.44 48.60
C GLN B 505 -23.00 1.13 48.23
N TYR B 506 -23.66 0.37 47.35
CA TYR B 506 -23.15 -0.92 46.91
C TYR B 506 -23.06 -0.93 45.39
N PHE B 507 -22.07 -1.65 44.88
CA PHE B 507 -21.97 -1.87 43.44
C PHE B 507 -23.19 -2.64 42.96
N PRO B 508 -23.76 -2.29 41.81
CA PRO B 508 -25.03 -2.90 41.41
C PRO B 508 -24.96 -4.42 41.38
N GLY B 509 -26.14 -5.04 41.34
CA GLY B 509 -26.24 -6.47 41.27
C GLY B 509 -26.34 -6.97 39.85
N LYS B 510 -26.18 -8.29 39.70
CA LYS B 510 -26.01 -8.87 38.37
C LYS B 510 -27.15 -8.48 37.44
N ARG B 511 -28.36 -8.30 37.98
CA ARG B 511 -29.49 -7.91 37.15
C ARG B 511 -29.30 -6.52 36.56
N GLU B 512 -28.89 -5.55 37.38
CA GLU B 512 -28.61 -4.21 36.86
C GLU B 512 -27.45 -4.25 35.86
N LEU B 513 -26.30 -4.77 36.28
CA LEU B 513 -25.09 -4.76 35.44
C LEU B 513 -25.39 -5.51 34.14
N SER B 514 -26.52 -6.22 34.06
CA SER B 514 -26.95 -6.94 32.84
C SER B 514 -27.19 -5.95 31.72
N THR B 515 -27.76 -4.78 32.02
CA THR B 515 -28.15 -3.79 30.99
C THR B 515 -27.06 -2.74 30.72
N TYR B 516 -25.77 -3.04 30.90
CA TYR B 516 -24.72 -2.10 30.53
C TYR B 516 -24.02 -2.53 29.25
N ARG B 517 -23.52 -1.55 28.51
CA ARG B 517 -22.70 -1.79 27.34
C ARG B 517 -21.25 -1.39 27.52
N ARG B 518 -20.96 -0.49 28.45
CA ARG B 518 -19.61 -0.02 28.69
C ARG B 518 -19.51 0.42 30.14
N LEU B 519 -18.36 0.16 30.75
CA LEU B 519 -18.11 0.50 32.14
C LEU B 519 -16.95 1.50 32.23
N CYS B 520 -17.04 2.43 33.16
CA CYS B 520 -15.92 3.26 33.56
C CYS B 520 -15.84 3.26 35.07
N ILE B 521 -14.68 2.86 35.60
CA ILE B 521 -14.43 2.86 37.03
C ILE B 521 -13.14 3.61 37.26
N HIS B 522 -13.24 4.82 37.82
CA HIS B 522 -12.08 5.67 38.04
C HIS B 522 -11.84 5.88 39.53
N SER B 523 -12.40 5.02 40.37
CA SER B 523 -12.25 5.04 41.81
C SER B 523 -11.75 3.67 42.21
N SER B 524 -11.79 3.33 43.50
CA SER B 524 -11.33 2.02 43.94
C SER B 524 -11.81 0.94 42.99
N VAL B 525 -10.88 0.33 42.26
CA VAL B 525 -11.20 -0.70 41.29
C VAL B 525 -11.04 -2.10 41.89
N LEU B 526 -10.01 -2.31 42.70
CA LEU B 526 -9.81 -3.62 43.31
C LEU B 526 -11.01 -3.99 44.18
N ASP B 527 -11.76 -2.98 44.64
CA ASP B 527 -12.93 -3.25 45.47
C ASP B 527 -14.07 -3.82 44.65
N PHE B 528 -14.26 -3.31 43.43
CA PHE B 528 -15.28 -3.87 42.54
C PHE B 528 -14.91 -5.27 42.09
N PHE B 529 -13.62 -5.54 41.92
CA PHE B 529 -13.17 -6.85 41.45
C PHE B 529 -12.97 -7.85 42.57
N SER B 530 -13.00 -7.44 43.84
CA SER B 530 -13.07 -8.39 44.93
C SER B 530 -14.46 -9.01 45.07
N THR B 531 -15.46 -8.43 44.42
CA THR B 531 -16.82 -8.95 44.46
C THR B 531 -17.08 -10.00 43.39
N LYS B 532 -16.19 -10.15 42.42
CA LYS B 532 -16.35 -11.10 41.33
C LYS B 532 -17.63 -10.79 40.56
N PRO B 533 -17.67 -9.68 39.83
CA PRO B 533 -18.87 -9.35 39.07
C PRO B 533 -19.12 -10.32 37.93
N SER B 534 -20.25 -10.20 37.25
CA SER B 534 -20.47 -10.96 36.01
C SER B 534 -21.54 -10.25 35.20
N ALA B 535 -21.15 -9.74 34.04
CA ALA B 535 -22.09 -9.12 33.10
C ALA B 535 -21.69 -9.53 31.69
N GLU B 536 -22.47 -10.46 31.12
CA GLU B 536 -22.14 -11.05 29.83
C GLU B 536 -22.16 -10.06 28.67
N HIS B 537 -22.78 -8.90 28.84
CA HIS B 537 -22.97 -7.94 27.76
C HIS B 537 -22.16 -6.66 27.94
N VAL B 538 -20.98 -6.74 28.53
CA VAL B 538 -20.07 -5.60 28.62
C VAL B 538 -19.05 -5.74 27.51
N ARG B 539 -18.99 -4.76 26.62
CA ARG B 539 -18.08 -4.79 25.49
C ARG B 539 -16.80 -4.01 25.71
N SER B 540 -16.84 -2.96 26.51
CA SER B 540 -15.67 -2.15 26.82
C SER B 540 -15.42 -2.19 28.32
N PHE B 541 -14.24 -1.72 28.73
CA PHE B 541 -13.91 -1.56 30.14
C PHE B 541 -12.78 -0.56 30.24
N LEU B 542 -13.04 0.57 30.89
CA LEU B 542 -12.11 1.68 30.95
C LEU B 542 -11.80 2.00 32.40
N SER B 543 -10.53 2.27 32.71
CA SER B 543 -10.11 2.66 34.04
C SER B 543 -8.92 3.61 33.90
N PHE B 544 -9.19 4.91 33.89
CA PHE B 544 -8.15 5.92 33.75
C PHE B 544 -7.82 6.50 35.13
N SER B 545 -6.96 5.79 35.84
CA SER B 545 -6.62 6.16 37.20
C SER B 545 -5.39 7.06 37.21
N SER B 546 -5.03 7.52 38.42
CA SER B 546 -3.86 8.39 38.59
C SER B 546 -2.64 7.59 39.04
N LYS B 547 -2.80 6.76 40.08
CA LYS B 547 -1.72 5.91 40.55
C LYS B 547 -1.71 4.58 39.80
N LYS B 548 -0.70 3.77 40.10
CA LYS B 548 -0.59 2.43 39.57
C LYS B 548 -0.94 1.44 40.67
N ILE B 549 -1.90 0.56 40.41
CA ILE B 549 -2.39 -0.39 41.39
C ILE B 549 -1.91 -1.79 41.02
N GLU B 550 -1.44 -2.54 42.00
CA GLU B 550 -1.08 -3.93 41.75
C GLU B 550 -2.32 -4.83 41.82
N MET B 551 -2.28 -5.90 41.04
CA MET B 551 -3.40 -6.83 40.94
C MET B 551 -3.09 -8.08 41.74
N PRO B 552 -3.89 -8.45 42.74
CA PRO B 552 -3.53 -9.60 43.58
C PRO B 552 -3.45 -10.89 42.77
N SER B 553 -2.59 -11.81 43.22
CA SER B 553 -2.37 -13.05 42.49
C SER B 553 -3.62 -13.91 42.38
N ALA B 554 -4.54 -13.81 43.34
CA ALA B 554 -5.76 -14.61 43.33
C ALA B 554 -6.91 -13.94 42.58
N ASP B 555 -6.67 -12.79 41.97
CA ASP B 555 -7.73 -11.97 41.40
C ASP B 555 -7.55 -11.73 39.90
N ILE B 556 -6.52 -12.30 39.30
CA ILE B 556 -6.30 -12.10 37.87
C ILE B 556 -7.46 -12.66 37.02
N PRO B 557 -8.01 -13.83 37.32
CA PRO B 557 -9.00 -14.43 36.40
C PRO B 557 -10.31 -13.67 36.26
N THR B 558 -10.56 -12.67 37.10
CA THR B 558 -11.91 -12.11 37.18
C THR B 558 -12.30 -11.37 35.91
N ILE B 559 -11.42 -10.54 35.35
CA ILE B 559 -11.78 -9.80 34.14
C ILE B 559 -12.10 -10.74 32.98
N PRO B 560 -11.25 -11.70 32.63
CA PRO B 560 -11.58 -12.58 31.50
C PRO B 560 -12.84 -13.40 31.71
N LYS B 561 -13.12 -13.87 32.92
CA LYS B 561 -14.30 -14.70 33.13
C LYS B 561 -15.54 -13.87 33.41
N GLY B 562 -15.40 -12.74 34.10
CA GLY B 562 -16.55 -11.88 34.35
C GLY B 562 -17.11 -11.29 33.06
N PHE B 563 -16.23 -10.83 32.18
CA PHE B 563 -16.64 -10.21 30.93
C PHE B 563 -16.03 -10.96 29.76
N PRO B 564 -16.67 -12.02 29.27
CA PRO B 564 -16.08 -12.81 28.17
C PRO B 564 -16.33 -12.27 26.77
N LEU B 565 -16.89 -11.06 26.62
CA LEU B 565 -17.19 -10.51 25.30
C LEU B 565 -16.54 -9.15 25.08
N LEU B 566 -15.39 -8.90 25.68
CA LEU B 566 -14.74 -7.59 25.60
C LEU B 566 -14.29 -7.29 24.17
N ARG B 567 -14.27 -5.99 23.83
CA ARG B 567 -13.55 -5.49 22.67
C ARG B 567 -12.41 -4.57 23.07
N VAL B 568 -12.71 -3.50 23.80
CA VAL B 568 -11.71 -2.55 24.27
C VAL B 568 -11.40 -2.88 25.72
N LEU B 569 -10.13 -2.77 26.10
CA LEU B 569 -9.69 -3.04 27.47
C LEU B 569 -8.48 -2.15 27.72
N ASP B 570 -8.71 -0.99 28.31
CA ASP B 570 -7.62 -0.10 28.71
C ASP B 570 -7.55 -0.09 30.22
N VAL B 571 -6.54 -0.77 30.75
CA VAL B 571 -6.27 -0.80 32.18
C VAL B 571 -4.82 -0.39 32.40
N GLU B 572 -4.32 0.50 31.54
CA GLU B 572 -2.92 0.92 31.61
C GLU B 572 -2.49 1.24 33.04
N SER B 573 -3.43 1.60 33.91
CA SER B 573 -3.12 1.98 35.28
C SER B 573 -3.15 0.81 36.26
N ILE B 574 -3.28 -0.43 35.77
CA ILE B 574 -3.26 -1.62 36.61
C ILE B 574 -2.10 -2.50 36.16
N ASN B 575 -1.26 -2.88 37.11
CA ASN B 575 -0.06 -3.66 36.83
C ASN B 575 -0.39 -5.14 36.99
N PHE B 576 -0.07 -5.94 35.97
CA PHE B 576 -0.25 -7.38 36.01
C PHE B 576 1.09 -8.07 36.20
N SER B 577 1.10 -9.15 36.99
CA SER B 577 2.27 -10.01 37.06
C SER B 577 2.24 -11.10 36.00
N ARG B 578 1.05 -11.47 35.52
CA ARG B 578 0.91 -12.55 34.55
C ARG B 578 -0.48 -12.48 33.95
N PHE B 579 -0.83 -13.54 33.21
CA PHE B 579 -2.10 -13.65 32.51
C PHE B 579 -2.63 -15.07 32.64
N SER B 580 -3.95 -15.22 32.59
CA SER B 580 -4.56 -16.54 32.66
C SER B 580 -5.11 -16.96 31.29
N ARG B 581 -5.39 -18.25 31.16
CA ARG B 581 -5.75 -18.80 29.85
C ARG B 581 -7.04 -18.18 29.32
N GLU B 582 -8.00 -17.91 30.21
CA GLU B 582 -9.22 -17.25 29.78
C GLU B 582 -8.91 -15.94 29.07
N PHE B 583 -7.79 -15.31 29.43
CA PHE B 583 -7.33 -14.13 28.69
C PHE B 583 -7.13 -14.45 27.23
N TYR B 584 -6.39 -15.51 26.93
CA TYR B 584 -6.15 -15.88 25.54
C TYR B 584 -7.43 -16.43 24.91
N GLN B 585 -8.47 -16.66 25.72
CA GLN B 585 -9.75 -17.09 25.15
C GLN B 585 -10.64 -15.89 24.81
N LEU B 586 -10.17 -14.67 25.06
CA LEU B 586 -10.91 -13.49 24.61
C LEU B 586 -10.65 -13.25 23.13
N TYR B 587 -11.62 -13.62 22.29
CA TYR B 587 -11.41 -13.62 20.84
C TYR B 587 -11.94 -12.38 20.12
N HIS B 588 -12.64 -11.47 20.79
CA HIS B 588 -13.12 -10.25 20.16
C HIS B 588 -12.24 -9.05 20.47
N LEU B 589 -11.16 -9.24 21.22
CA LEU B 589 -10.35 -8.14 21.71
C LEU B 589 -9.74 -7.37 20.55
N ARG B 590 -10.08 -6.09 20.43
CA ARG B 590 -9.53 -5.20 19.41
C ARG B 590 -8.43 -4.32 19.98
N TYR B 591 -8.72 -3.66 21.10
CA TYR B 591 -7.80 -2.75 21.75
C TYR B 591 -7.40 -3.37 23.09
N VAL B 592 -6.10 -3.47 23.34
CA VAL B 592 -5.65 -4.02 24.61
C VAL B 592 -4.41 -3.27 25.08
N ALA B 593 -4.52 -2.63 26.24
CA ALA B 593 -3.40 -1.98 26.91
C ALA B 593 -3.26 -2.57 28.30
N PHE B 594 -2.02 -2.67 28.77
CA PHE B 594 -1.77 -3.07 30.15
C PHE B 594 -0.34 -2.76 30.50
N SER B 595 -0.08 -2.61 31.79
CA SER B 595 1.26 -2.42 32.31
C SER B 595 1.76 -3.71 32.95
N SER B 596 3.02 -3.70 33.34
CA SER B 596 3.64 -4.86 33.99
C SER B 596 5.03 -4.46 34.45
N ASP B 597 5.57 -5.25 35.37
CA ASP B 597 6.92 -5.02 35.88
C ASP B 597 7.82 -6.24 35.82
N SER B 598 7.27 -7.45 35.71
CA SER B 598 8.07 -8.66 35.60
C SER B 598 7.89 -9.39 34.27
N ILE B 599 7.12 -8.83 33.34
CA ILE B 599 6.90 -9.46 32.05
C ILE B 599 8.17 -9.31 31.22
N LYS B 600 8.58 -10.38 30.56
CA LYS B 600 9.68 -10.35 29.61
C LYS B 600 9.37 -11.02 28.29
N ILE B 601 8.37 -11.89 28.25
CA ILE B 601 8.02 -12.65 27.06
C ILE B 601 6.55 -12.43 26.78
N LEU B 602 6.20 -12.20 25.51
CA LEU B 602 4.81 -12.11 25.14
C LEU B 602 4.33 -13.49 24.67
N PRO B 603 3.68 -14.28 25.53
CA PRO B 603 3.39 -15.68 25.18
C PRO B 603 2.81 -15.82 23.78
N LYS B 604 3.04 -17.00 23.20
CA LYS B 604 2.70 -17.21 21.80
C LYS B 604 1.20 -17.38 21.59
N LEU B 605 0.48 -17.84 22.62
CA LEU B 605 -0.98 -17.94 22.50
C LEU B 605 -1.59 -16.58 22.18
N MET B 606 -0.95 -15.50 22.61
CA MET B 606 -1.51 -14.17 22.40
C MET B 606 -1.67 -13.87 20.91
N GLY B 607 -0.94 -14.59 20.06
CA GLY B 607 -1.09 -14.38 18.63
C GLY B 607 -2.33 -15.05 18.06
N GLU B 608 -3.12 -15.68 18.93
CA GLU B 608 -4.33 -16.37 18.46
C GLU B 608 -5.54 -15.45 18.53
N LEU B 609 -5.37 -14.25 19.10
CA LEU B 609 -6.43 -13.26 19.06
C LEU B 609 -6.39 -12.54 17.72
N TRP B 610 -7.29 -12.92 16.80
CA TRP B 610 -7.06 -12.61 15.40
C TRP B 610 -7.70 -11.29 15.00
N ASN B 611 -8.23 -10.53 15.96
CA ASN B 611 -8.85 -9.24 15.68
C ASN B 611 -8.08 -8.05 16.26
N ILE B 612 -6.98 -8.29 16.97
CA ILE B 612 -6.28 -7.21 17.66
C ILE B 612 -5.83 -6.16 16.67
N GLN B 613 -6.12 -4.90 16.98
CA GLN B 613 -5.59 -3.76 16.24
C GLN B 613 -4.41 -3.12 16.96
N THR B 614 -4.61 -2.75 18.23
CA THR B 614 -3.63 -2.01 18.99
C THR B 614 -3.13 -2.83 20.17
N ILE B 615 -1.87 -2.59 20.53
CA ILE B 615 -1.25 -3.24 21.69
C ILE B 615 -0.33 -2.22 22.35
N ILE B 616 -0.47 -2.04 23.65
CA ILE B 616 0.37 -1.13 24.41
C ILE B 616 0.85 -1.87 25.65
N ILE B 617 2.15 -1.82 25.91
CA ILE B 617 2.78 -2.60 26.98
C ILE B 617 3.76 -1.70 27.72
N ASN B 618 3.78 -1.81 29.04
CA ASN B 618 4.78 -1.17 29.88
C ASN B 618 5.49 -2.24 30.69
N THR B 619 6.82 -2.23 30.65
CA THR B 619 7.63 -3.24 31.32
C THR B 619 8.91 -2.59 31.82
N GLN B 620 9.38 -3.04 33.00
CA GLN B 620 10.56 -2.45 33.60
C GLN B 620 11.84 -3.04 33.02
N GLN B 621 11.77 -4.28 32.54
CA GLN B 621 12.94 -4.90 31.91
C GLN B 621 13.31 -4.13 30.65
N ARG B 622 14.62 -4.06 30.37
CA ARG B 622 15.07 -3.35 29.18
C ARG B 622 14.62 -4.06 27.91
N THR B 623 14.70 -5.39 27.89
CA THR B 623 14.43 -6.18 26.69
C THR B 623 13.11 -6.90 26.85
N LEU B 624 12.21 -6.71 25.89
CA LEU B 624 10.96 -7.43 25.82
C LEU B 624 11.00 -8.37 24.62
N ASP B 625 10.82 -9.66 24.86
CA ASP B 625 10.92 -10.69 23.84
C ASP B 625 9.51 -11.07 23.40
N ILE B 626 9.27 -11.04 22.09
CA ILE B 626 7.95 -11.28 21.54
C ILE B 626 7.98 -12.60 20.79
N GLN B 627 7.10 -13.51 21.15
CA GLN B 627 7.01 -14.83 20.52
C GLN B 627 5.70 -15.05 19.78
N ALA B 628 4.78 -14.09 19.82
CA ALA B 628 3.53 -14.22 19.10
C ALA B 628 3.72 -13.81 17.65
N ASN B 629 3.10 -14.57 16.74
CA ASN B 629 3.28 -14.36 15.31
C ASN B 629 2.52 -13.10 14.93
N ILE B 630 3.16 -11.94 15.10
CA ILE B 630 2.52 -10.68 14.68
C ILE B 630 2.43 -10.62 13.16
N TRP B 631 3.15 -11.52 12.47
CA TRP B 631 2.96 -11.65 11.03
C TRP B 631 1.68 -12.41 10.73
N ASN B 632 1.13 -13.12 11.72
CA ASN B 632 -0.11 -13.85 11.53
C ASN B 632 -1.32 -12.94 11.74
N MET B 633 -1.23 -12.00 12.67
CA MET B 633 -2.35 -11.13 13.01
C MET B 633 -2.55 -10.15 11.87
N GLU B 634 -3.56 -10.40 11.03
CA GLU B 634 -3.71 -9.64 9.79
C GLU B 634 -3.98 -8.16 10.07
N ARG B 635 -4.83 -7.85 11.04
CA ARG B 635 -5.34 -6.51 11.23
C ARG B 635 -4.50 -5.65 12.17
N LEU B 636 -3.37 -6.17 12.67
CA LEU B 636 -2.53 -5.37 13.55
C LEU B 636 -2.16 -4.06 12.88
N ARG B 637 -2.32 -2.95 13.61
CA ARG B 637 -1.98 -1.64 13.09
C ARG B 637 -0.97 -0.88 13.93
N HIS B 638 -0.85 -1.18 15.22
CA HIS B 638 0.09 -0.49 16.08
C HIS B 638 0.64 -1.49 17.08
N LEU B 639 1.92 -1.31 17.44
CA LEU B 639 2.56 -2.11 18.47
C LEU B 639 3.47 -1.18 19.28
N HIS B 640 2.93 -0.64 20.37
CA HIS B 640 3.69 0.30 21.19
C HIS B 640 4.46 -0.49 22.24
N THR B 641 5.54 0.10 22.74
CA THR B 641 6.43 -0.55 23.70
C THR B 641 7.38 0.49 24.25
N ASN B 642 7.83 0.29 25.50
CA ASN B 642 8.74 1.22 26.13
C ASN B 642 10.10 0.59 26.36
N SER B 643 10.16 -0.74 26.36
CA SER B 643 11.45 -1.44 26.43
C SER B 643 11.92 -1.61 24.99
N SER B 644 12.95 -2.39 24.75
CA SER B 644 13.41 -2.69 23.40
C SER B 644 12.87 -4.05 22.97
N ALA B 645 12.00 -4.04 21.97
CA ALA B 645 11.24 -5.21 21.56
C ALA B 645 12.06 -6.04 20.59
N LYS B 646 12.05 -7.36 20.77
CA LYS B 646 12.73 -8.30 19.89
C LYS B 646 11.67 -9.05 19.08
N LEU B 647 11.42 -8.58 17.86
CA LEU B 647 10.39 -9.17 17.04
C LEU B 647 10.76 -10.61 16.66
N PRO B 648 9.77 -11.44 16.35
CA PRO B 648 10.08 -12.82 15.99
C PRO B 648 10.75 -12.91 14.62
N VAL B 649 11.37 -14.04 14.35
CA VAL B 649 12.03 -14.20 13.05
C VAL B 649 11.00 -14.60 12.01
N PRO B 650 10.81 -13.83 10.93
CA PRO B 650 9.70 -14.11 10.01
C PRO B 650 9.96 -15.28 9.07
N VAL B 651 8.93 -16.04 8.78
CA VAL B 651 8.98 -17.14 7.82
C VAL B 651 7.70 -17.11 6.99
N ALA B 652 7.85 -17.30 5.68
CA ALA B 652 6.68 -17.39 4.82
C ALA B 652 6.10 -18.80 4.87
N PRO B 653 4.81 -18.95 4.57
CA PRO B 653 4.22 -20.29 4.57
C PRO B 653 4.92 -21.20 3.57
N LYS B 654 5.07 -22.48 3.94
CA LYS B 654 5.74 -23.42 3.06
C LYS B 654 4.78 -24.06 2.08
N ASN B 655 3.67 -24.61 2.56
CA ASN B 655 2.67 -25.25 1.72
C ASN B 655 1.59 -24.30 1.23
N SER B 656 1.61 -23.04 1.65
CA SER B 656 0.65 -22.04 1.22
C SER B 656 1.35 -20.97 0.39
N LYS B 657 0.79 -20.68 -0.78
CA LYS B 657 1.37 -19.66 -1.65
C LYS B 657 1.29 -18.28 -1.01
N VAL B 658 0.27 -18.06 -0.17
CA VAL B 658 0.03 -16.73 0.36
C VAL B 658 1.24 -16.22 1.13
N THR B 659 1.55 -14.93 0.92
CA THR B 659 2.67 -14.27 1.58
C THR B 659 2.15 -13.45 2.74
N LEU B 660 2.97 -13.28 3.78
CA LEU B 660 2.56 -12.60 5.00
C LEU B 660 3.14 -11.18 5.02
N VAL B 661 2.46 -10.28 4.33
CA VAL B 661 2.83 -8.87 4.26
C VAL B 661 1.63 -8.05 4.70
N ASN B 662 1.76 -7.36 5.83
CA ASN B 662 0.67 -6.57 6.41
C ASN B 662 0.62 -5.22 5.71
N GLN B 663 -0.48 -4.95 5.02
CA GLN B 663 -0.64 -3.65 4.37
C GLN B 663 -0.95 -2.58 5.40
N SER B 664 -1.75 -2.90 6.41
CA SER B 664 -2.17 -1.93 7.41
C SER B 664 -1.35 -2.09 8.69
N LEU B 665 -0.16 -1.49 8.69
CA LEU B 665 0.72 -1.48 9.86
C LEU B 665 1.48 -0.17 9.85
N GLN B 666 1.23 0.66 10.87
CA GLN B 666 1.71 2.03 10.86
C GLN B 666 2.76 2.34 11.91
N THR B 667 3.04 1.43 12.85
CA THR B 667 3.96 1.74 13.93
C THR B 667 4.70 0.50 14.41
N LEU B 668 5.91 0.74 14.90
CA LEU B 668 6.70 -0.22 15.67
C LEU B 668 7.46 0.66 16.65
N SER B 669 6.89 0.86 17.84
CA SER B 669 7.31 1.99 18.66
C SER B 669 8.77 1.90 19.05
N THR B 670 9.22 0.74 19.52
CA THR B 670 10.61 0.57 19.90
C THR B 670 10.99 -0.90 19.70
N ILE B 671 11.69 -1.17 18.59
CA ILE B 671 12.18 -2.51 18.31
C ILE B 671 13.69 -2.55 18.52
N ALA B 672 14.22 -3.74 18.75
CA ALA B 672 15.66 -3.88 18.93
C ALA B 672 16.37 -3.67 17.59
N PRO B 673 17.60 -3.14 17.62
CA PRO B 673 18.37 -3.04 16.38
C PRO B 673 18.63 -4.38 15.72
N GLU B 674 18.67 -5.45 16.51
CA GLU B 674 18.99 -6.77 15.98
C GLU B 674 17.96 -7.23 14.95
N SER B 675 16.74 -6.68 14.99
CA SER B 675 15.67 -7.07 14.09
C SER B 675 15.43 -6.03 12.99
N CYS B 676 16.29 -5.02 12.90
CA CYS B 676 16.20 -4.04 11.82
C CYS B 676 16.77 -4.62 10.54
N THR B 677 16.11 -5.66 10.04
CA THR B 677 16.63 -6.47 8.95
C THR B 677 15.84 -6.21 7.67
N GLU B 678 16.27 -6.85 6.58
CA GLU B 678 15.61 -6.69 5.30
C GLU B 678 14.20 -7.25 5.33
N GLU B 679 14.02 -8.43 5.95
CA GLU B 679 12.71 -9.08 5.92
C GLU B 679 11.71 -8.34 6.79
N VAL B 680 12.15 -7.87 7.97
CA VAL B 680 11.24 -7.14 8.85
C VAL B 680 10.67 -5.93 8.14
N PHE B 681 11.46 -5.27 7.29
CA PHE B 681 11.00 -4.10 6.55
C PHE B 681 10.35 -4.47 5.22
N ALA B 682 10.54 -5.70 4.75
CA ALA B 682 9.83 -6.15 3.56
C ALA B 682 8.37 -6.39 3.86
N ARG B 683 8.03 -6.64 5.13
CA ARG B 683 6.68 -7.01 5.53
C ARG B 683 5.83 -5.82 5.93
N THR B 684 6.40 -4.62 6.00
CA THR B 684 5.70 -3.44 6.51
C THR B 684 5.85 -2.30 5.51
N PRO B 685 5.29 -2.45 4.31
CA PRO B 685 5.48 -1.42 3.27
C PRO B 685 4.97 -0.05 3.67
N ASN B 686 3.83 0.03 4.36
CA ASN B 686 3.15 1.28 4.63
C ASN B 686 3.60 1.92 5.94
N LEU B 687 4.66 1.40 6.54
CA LEU B 687 5.12 1.89 7.84
C LEU B 687 5.39 3.38 7.79
N LYS B 688 4.95 4.09 8.84
CA LYS B 688 5.05 5.53 8.91
C LYS B 688 5.83 6.04 10.11
N LYS B 689 6.07 5.19 11.12
CA LYS B 689 6.88 5.59 12.27
C LYS B 689 7.61 4.37 12.78
N LEU B 690 8.92 4.49 12.96
CA LEU B 690 9.75 3.41 13.48
C LEU B 690 10.68 3.95 14.55
N GLY B 691 10.93 3.14 15.57
CA GLY B 691 11.89 3.48 16.60
C GLY B 691 12.75 2.28 16.93
N ILE B 692 14.01 2.57 17.27
CA ILE B 692 14.99 1.53 17.59
C ILE B 692 15.69 1.89 18.88
N ARG B 693 15.56 1.00 19.86
CA ARG B 693 16.26 1.15 21.14
C ARG B 693 17.23 0.00 21.30
N GLY B 694 18.35 0.25 21.95
CA GLY B 694 19.36 -0.74 22.17
C GLY B 694 20.73 -0.12 22.02
N LYS B 695 21.62 -0.88 21.37
CA LYS B 695 22.96 -0.39 21.06
C LYS B 695 22.99 0.06 19.59
N ILE B 696 22.87 1.37 19.39
CA ILE B 696 22.80 1.94 18.04
C ILE B 696 24.05 1.58 17.24
N SER B 697 25.11 1.16 17.92
CA SER B 697 26.35 0.82 17.24
C SER B 697 26.15 -0.30 16.23
N VAL B 698 25.42 -1.35 16.61
CA VAL B 698 25.23 -2.48 15.69
C VAL B 698 24.61 -1.99 14.39
N LEU B 699 23.63 -1.10 14.47
CA LEU B 699 23.13 -0.44 13.26
C LEU B 699 24.28 0.23 12.51
N LEU B 700 24.97 1.17 13.16
CA LEU B 700 25.86 2.05 12.41
C LEU B 700 27.03 1.29 11.80
N ASP B 701 27.58 0.30 12.50
CA ASP B 701 28.62 -0.55 11.93
C ASP B 701 28.08 -1.20 10.66
N ASN B 702 28.97 -1.53 9.72
CA ASN B 702 28.53 -2.07 8.43
C ASN B 702 28.80 -3.56 8.34
N LYS B 703 29.04 -4.22 9.47
CA LYS B 703 29.36 -5.64 9.45
C LYS B 703 28.12 -6.49 9.69
N SER B 704 27.50 -6.34 10.86
CA SER B 704 26.41 -7.25 11.22
C SER B 704 25.22 -7.07 10.29
N ALA B 705 24.64 -5.87 10.26
CA ALA B 705 23.52 -5.56 9.40
C ALA B 705 23.68 -4.12 8.94
N ALA B 706 23.51 -3.92 7.64
CA ALA B 706 23.50 -2.56 7.09
C ALA B 706 22.14 -1.92 7.42
N SER B 707 21.91 -1.82 8.73
CA SER B 707 20.58 -1.56 9.25
C SER B 707 20.05 -0.20 8.81
N LEU B 708 20.84 0.84 9.04
CA LEU B 708 20.44 2.16 8.55
C LEU B 708 20.25 2.13 7.04
N LYS B 709 21.03 1.29 6.34
CA LYS B 709 20.82 1.10 4.92
C LYS B 709 19.51 0.35 4.66
N ASN B 710 19.20 -0.65 5.49
CA ASN B 710 17.91 -1.34 5.36
C ASN B 710 16.76 -0.35 5.45
N VAL B 711 16.90 0.71 6.24
CA VAL B 711 15.82 1.67 6.43
C VAL B 711 15.37 2.28 5.10
N LYS B 712 16.16 2.17 4.04
CA LYS B 712 15.83 2.84 2.79
C LYS B 712 14.54 2.30 2.18
N ARG B 713 14.13 1.09 2.57
CA ARG B 713 13.02 0.43 1.88
C ARG B 713 11.67 1.04 2.25
N LEU B 714 11.55 1.60 3.44
CA LEU B 714 10.29 2.17 3.91
C LEU B 714 10.07 3.49 3.19
N GLU B 715 9.30 3.44 2.09
CA GLU B 715 9.11 4.61 1.26
C GLU B 715 8.38 5.73 1.98
N TYR B 716 7.35 5.41 2.77
CA TYR B 716 6.52 6.41 3.41
C TYR B 716 7.01 6.83 4.78
N LEU B 717 8.03 6.17 5.32
CA LEU B 717 8.53 6.50 6.66
C LEU B 717 8.67 8.01 6.82
N GLU B 718 8.17 8.51 7.94
CA GLU B 718 8.07 9.95 8.17
C GLU B 718 8.58 10.35 9.55
N ASN B 719 8.96 9.38 10.39
CA ASN B 719 9.42 9.66 11.74
C ASN B 719 10.34 8.52 12.14
N LEU B 720 11.53 8.84 12.64
CA LEU B 720 12.50 7.84 13.08
C LEU B 720 13.17 8.31 14.36
N LYS B 721 13.57 7.36 15.19
CA LYS B 721 14.18 7.64 16.48
C LYS B 721 15.27 6.61 16.75
N LEU B 722 16.47 7.09 17.08
CA LEU B 722 17.61 6.24 17.39
C LEU B 722 17.91 6.40 18.88
N ILE B 723 17.53 5.41 19.68
CA ILE B 723 17.73 5.45 21.13
C ILE B 723 18.82 4.45 21.48
N ASN B 724 19.89 4.95 22.11
CA ASN B 724 21.01 4.11 22.53
C ASN B 724 20.88 3.85 24.03
N ASP B 725 21.01 2.59 24.42
CA ASP B 725 20.95 2.22 25.83
C ASP B 725 22.30 1.86 26.41
N SER B 726 23.29 1.60 25.56
CA SER B 726 24.67 1.47 26.03
C SER B 726 25.12 2.80 26.62
N SER B 727 25.75 2.75 27.79
CA SER B 727 26.25 3.95 28.44
C SER B 727 27.76 4.11 28.31
N ILE B 728 28.39 3.34 27.43
CA ILE B 728 29.85 3.24 27.33
C ILE B 728 30.26 3.65 25.93
N GLN B 729 31.17 4.61 25.83
CA GLN B 729 31.71 5.03 24.54
C GLN B 729 32.77 4.03 24.12
N THR B 730 32.33 2.96 23.47
CA THR B 730 33.24 1.93 23.00
C THR B 730 33.97 2.34 21.73
N SER B 731 33.34 3.14 20.88
CA SER B 731 33.97 3.62 19.64
C SER B 731 33.21 4.87 19.20
N LYS B 732 33.64 5.42 18.07
CA LYS B 732 32.96 6.55 17.47
C LYS B 732 32.05 6.09 16.34
N LEU B 733 30.89 6.73 16.24
CA LEU B 733 29.81 6.29 15.37
C LEU B 733 29.66 7.26 14.21
N ARG B 734 29.37 6.73 13.02
CA ARG B 734 29.33 7.53 11.80
C ARG B 734 28.04 7.27 11.03
N LEU B 735 27.35 8.35 10.69
CA LEU B 735 26.10 8.26 9.96
C LEU B 735 26.38 7.95 8.48
N PRO B 736 25.61 7.05 7.85
CA PRO B 736 25.81 6.77 6.42
C PRO B 736 25.38 7.95 5.56
N PRO B 737 25.66 7.92 4.27
CA PRO B 737 25.39 9.09 3.42
C PRO B 737 23.90 9.37 3.26
N ALA B 738 23.60 10.60 2.85
CA ALA B 738 22.23 11.10 2.90
C ALA B 738 21.36 10.59 1.75
N TYR B 739 21.87 9.67 0.93
CA TYR B 739 21.02 9.03 -0.07
C TYR B 739 20.45 7.72 0.41
N ILE B 740 20.71 7.33 1.66
CA ILE B 740 20.16 6.11 2.22
C ILE B 740 18.81 6.35 2.90
N PHE B 741 18.60 7.52 3.49
CA PHE B 741 17.38 7.78 4.23
C PHE B 741 16.19 7.93 3.29
N PRO B 742 14.97 7.72 3.78
CA PRO B 742 13.79 7.99 2.94
C PRO B 742 13.66 9.47 2.63
N THR B 743 12.83 9.77 1.63
CA THR B 743 12.77 11.14 1.11
C THR B 743 11.82 12.01 1.92
N LYS B 744 10.78 11.43 2.51
CA LYS B 744 9.77 12.21 3.22
C LYS B 744 10.05 12.37 4.72
N LEU B 745 11.12 11.75 5.23
CA LEU B 745 11.44 11.85 6.66
C LEU B 745 11.29 13.28 7.15
N ARG B 746 10.46 13.46 8.19
CA ARG B 746 10.06 14.79 8.64
C ARG B 746 10.40 15.07 10.09
N LYS B 747 10.90 14.09 10.84
CA LYS B 747 11.15 14.28 12.26
C LYS B 747 12.10 13.19 12.73
N LEU B 748 13.22 13.60 13.32
CA LEU B 748 14.26 12.67 13.75
C LEU B 748 14.61 12.94 15.21
N THR B 749 15.01 11.89 15.92
CA THR B 749 15.42 12.00 17.31
C THR B 749 16.63 11.11 17.56
N LEU B 750 17.64 11.68 18.21
CA LEU B 750 18.84 10.98 18.62
C LEU B 750 18.97 11.12 20.14
N LEU B 751 19.53 10.12 20.80
CA LEU B 751 19.74 10.22 22.23
C LEU B 751 20.87 9.28 22.65
N ASP B 752 22.04 9.86 22.90
CA ASP B 752 23.22 9.13 23.36
C ASP B 752 23.89 8.35 22.23
N THR B 753 23.66 8.77 20.99
CA THR B 753 24.54 8.34 19.92
C THR B 753 25.94 8.90 20.12
N TRP B 754 26.06 10.12 20.63
CA TRP B 754 27.35 10.75 20.86
C TRP B 754 28.13 10.83 19.55
N LEU B 755 27.56 11.55 18.59
CA LEU B 755 28.14 11.71 17.27
C LEU B 755 28.97 13.00 17.22
N GLU B 756 29.85 13.07 16.23
CA GLU B 756 30.72 14.23 16.05
C GLU B 756 30.01 15.26 15.18
N TRP B 757 30.22 16.54 15.50
CA TRP B 757 29.40 17.60 14.92
C TRP B 757 29.58 17.76 13.42
N LYS B 758 30.69 17.24 12.87
CA LYS B 758 30.90 17.36 11.43
C LYS B 758 29.81 16.66 10.63
N ASP B 759 29.21 15.61 11.19
CA ASP B 759 28.20 14.84 10.47
C ASP B 759 26.92 15.62 10.23
N MET B 760 26.75 16.77 10.86
CA MET B 760 25.51 17.53 10.70
C MET B 760 25.29 17.95 9.26
N SER B 761 26.33 17.93 8.42
CA SER B 761 26.15 18.18 7.00
C SER B 761 25.23 17.13 6.38
N ILE B 762 25.40 15.86 6.75
CA ILE B 762 24.54 14.81 6.22
C ILE B 762 23.09 15.12 6.50
N LEU B 763 22.77 15.49 7.74
CA LEU B 763 21.40 15.86 8.08
C LEU B 763 20.95 17.12 7.34
N GLY B 764 21.87 18.07 7.12
CA GLY B 764 21.52 19.24 6.34
C GLY B 764 21.10 18.87 4.92
N GLN B 765 21.72 17.84 4.36
CA GLN B 765 21.36 17.42 3.00
C GLN B 765 19.91 16.98 2.90
N LEU B 766 19.36 16.38 3.94
CA LEU B 766 17.97 15.94 3.92
C LEU B 766 17.06 17.12 3.60
N GLU B 767 15.98 16.85 2.85
CA GLU B 767 15.19 17.90 2.23
C GLU B 767 13.97 18.31 3.04
N HIS B 768 13.13 17.36 3.47
CA HIS B 768 11.86 17.71 4.11
C HIS B 768 11.91 17.70 5.63
N LEU B 769 12.96 17.18 6.24
CA LEU B 769 13.07 17.13 7.70
C LEU B 769 12.72 18.47 8.32
N GLU B 770 11.70 18.48 9.18
CA GLU B 770 11.15 19.70 9.75
C GLU B 770 11.42 19.88 11.24
N VAL B 771 11.84 18.84 11.95
CA VAL B 771 12.12 18.94 13.38
C VAL B 771 13.26 17.99 13.70
N LEU B 772 14.32 18.51 14.33
CA LEU B 772 15.46 17.71 14.76
C LEU B 772 15.56 17.85 16.28
N LYS B 773 15.62 16.72 16.98
CA LYS B 773 15.59 16.71 18.43
C LYS B 773 16.66 15.75 18.93
N MET B 774 17.79 16.31 19.37
CA MET B 774 18.90 15.54 19.92
C MET B 774 18.97 15.82 21.42
N LYS B 775 18.80 14.79 22.22
CA LYS B 775 18.72 14.91 23.67
C LYS B 775 19.74 14.00 24.33
N GLU B 776 20.27 14.44 25.47
CA GLU B 776 21.19 13.65 26.29
C GLU B 776 22.46 13.31 25.50
N ASN B 777 23.17 14.37 25.12
CA ASN B 777 24.48 14.27 24.47
C ASN B 777 24.40 13.41 23.21
N GLY B 778 23.52 13.81 22.29
CA GLY B 778 23.43 13.12 21.01
C GLY B 778 24.66 13.32 20.17
N PHE B 779 25.09 14.58 20.01
CA PHE B 779 26.28 14.93 19.25
C PHE B 779 27.31 15.49 20.21
N SER B 780 28.50 14.90 20.23
CA SER B 780 29.57 15.33 21.13
C SER B 780 30.58 16.18 20.36
N GLY B 781 30.95 17.31 20.95
CA GLY B 781 32.04 18.10 20.41
C GLY B 781 32.08 19.48 21.03
N GLU B 782 32.95 20.31 20.45
CA GLU B 782 33.17 21.67 20.90
C GLU B 782 33.18 22.69 19.77
N SER B 783 33.03 22.25 18.52
CA SER B 783 33.20 23.12 17.36
C SER B 783 32.30 22.62 16.23
N TRP B 784 31.13 23.24 16.09
CA TRP B 784 30.25 23.00 14.95
C TRP B 784 30.18 24.28 14.13
N GLU B 785 30.26 24.12 12.81
CA GLU B 785 30.21 25.26 11.89
C GLU B 785 29.17 24.95 10.82
N SER B 786 28.07 25.70 10.81
CA SER B 786 26.98 25.40 9.89
C SER B 786 27.47 25.44 8.45
N THR B 787 26.99 24.49 7.65
CA THR B 787 27.40 24.35 6.26
C THR B 787 26.20 24.30 5.31
N GLY B 788 25.02 24.73 5.74
CA GLY B 788 23.87 24.83 4.87
C GLY B 788 23.23 23.48 4.57
N GLY B 789 21.95 23.55 4.24
CA GLY B 789 21.20 22.36 3.84
C GLY B 789 19.84 22.26 4.48
N PHE B 790 19.70 22.79 5.70
CA PHE B 790 18.45 22.67 6.45
C PHE B 790 17.42 23.63 5.85
N CYS B 791 16.95 23.27 4.66
CA CYS B 791 16.10 24.17 3.89
C CYS B 791 14.74 24.36 4.56
N SER B 792 14.14 23.28 5.04
CA SER B 792 12.79 23.34 5.60
C SER B 792 12.74 23.11 7.10
N LEU B 793 13.88 22.89 7.76
CA LEU B 793 13.88 22.63 9.19
C LEU B 793 13.19 23.77 9.93
N LEU B 794 12.25 23.40 10.81
CA LEU B 794 11.39 24.35 11.48
C LEU B 794 11.65 24.50 12.97
N VAL B 795 12.10 23.45 13.64
CA VAL B 795 12.41 23.51 15.07
C VAL B 795 13.73 22.79 15.29
N LEU B 796 14.64 23.43 16.02
CA LEU B 796 15.92 22.85 16.38
C LEU B 796 15.98 22.69 17.88
N TRP B 797 16.41 21.52 18.35
CA TRP B 797 16.36 21.17 19.76
C TRP B 797 17.69 20.54 20.15
N ILE B 798 18.39 21.17 21.09
CA ILE B 798 19.69 20.71 21.56
C ILE B 798 19.63 20.64 23.08
N GLU B 799 19.96 19.48 23.65
CA GLU B 799 19.91 19.30 25.09
C GLU B 799 21.09 18.46 25.56
N ARG B 800 21.70 18.87 26.67
CA ARG B 800 22.72 18.09 27.36
C ARG B 800 23.87 17.75 26.41
N THR B 801 24.57 18.80 25.99
CA THR B 801 25.72 18.68 25.12
C THR B 801 26.86 19.53 25.67
N ASN B 802 28.07 19.21 25.24
CA ASN B 802 29.28 19.95 25.62
C ASN B 802 29.80 20.80 24.47
N LEU B 803 28.91 21.25 23.58
CA LEU B 803 29.29 22.18 22.53
C LEU B 803 29.69 23.51 23.13
N VAL B 804 30.65 24.18 22.50
CA VAL B 804 31.18 25.47 22.95
C VAL B 804 31.05 26.54 21.86
N SER B 805 31.53 26.25 20.67
CA SER B 805 31.61 27.24 19.60
C SER B 805 30.72 26.81 18.43
N TRP B 806 29.80 27.69 18.04
CA TRP B 806 28.89 27.45 16.92
C TRP B 806 28.92 28.70 16.04
N LYS B 807 28.95 28.50 14.72
CA LYS B 807 29.14 29.58 13.77
C LYS B 807 28.34 29.29 12.51
N ALA B 808 27.60 30.29 12.04
CA ALA B 808 26.68 30.10 10.92
C ALA B 808 26.45 31.43 10.23
N SER B 809 25.66 31.38 9.17
CA SER B 809 25.22 32.57 8.44
C SER B 809 23.72 32.48 8.22
N ALA B 810 23.10 33.64 7.99
CA ALA B 810 21.64 33.69 7.92
C ALA B 810 21.10 32.91 6.74
N ASP B 811 21.97 32.36 5.88
CA ASP B 811 21.53 31.48 4.83
C ASP B 811 21.60 30.01 5.22
N ASP B 812 21.99 29.70 6.45
CA ASP B 812 22.05 28.31 6.90
C ASP B 812 20.67 27.76 7.25
N PHE B 813 19.79 28.59 7.81
CA PHE B 813 18.47 28.16 8.30
C PHE B 813 17.41 29.13 7.81
N PRO B 814 16.91 28.95 6.59
CA PRO B 814 16.00 29.96 6.02
C PRO B 814 14.61 29.97 6.62
N ARG B 815 14.08 28.83 7.07
CA ARG B 815 12.70 28.73 7.52
C ARG B 815 12.56 28.56 9.04
N LEU B 816 13.62 28.80 9.81
CA LEU B 816 13.56 28.57 11.24
C LEU B 816 12.46 29.40 11.89
N LYS B 817 11.70 28.77 12.78
CA LYS B 817 10.66 29.45 13.56
C LYS B 817 10.92 29.29 15.05
N HIS B 818 11.43 28.13 15.47
CA HIS B 818 11.57 27.78 16.87
C HIS B 818 12.97 27.25 17.11
N LEU B 819 13.56 27.63 18.24
CA LEU B 819 14.90 27.19 18.60
C LEU B 819 14.93 26.86 20.09
N VAL B 820 15.36 25.64 20.41
CA VAL B 820 15.35 25.15 21.78
C VAL B 820 16.77 24.77 22.16
N LEU B 821 17.27 25.36 23.23
CA LEU B 821 18.65 25.20 23.70
C LEU B 821 18.59 24.88 25.20
N ILE B 822 18.54 23.60 25.53
CA ILE B 822 18.37 23.16 26.91
C ILE B 822 19.70 22.64 27.42
N CYS B 823 20.00 22.96 28.68
CA CYS B 823 21.06 22.29 29.41
C CYS B 823 22.40 22.39 28.68
N CYS B 824 22.55 23.46 27.92
CA CYS B 824 23.78 23.75 27.18
C CYS B 824 24.63 24.69 28.04
N ASP B 825 25.23 24.13 29.09
CA ASP B 825 26.02 24.93 30.01
C ASP B 825 27.50 25.00 29.63
N ASN B 826 27.83 24.78 28.35
CA ASN B 826 29.19 25.03 27.89
C ASN B 826 29.25 25.78 26.57
N LEU B 827 28.11 26.11 25.98
CA LEU B 827 28.09 27.02 24.84
C LEU B 827 28.42 28.43 25.31
N LYS B 828 29.06 29.21 24.43
CA LYS B 828 29.47 30.56 24.81
C LYS B 828 28.52 31.62 24.23
N GLU B 829 28.32 31.61 22.91
CA GLU B 829 27.41 32.57 22.28
C GLU B 829 26.68 31.88 21.14
N VAL B 830 25.56 32.49 20.75
CA VAL B 830 24.81 32.07 19.57
C VAL B 830 25.18 33.03 18.44
N PRO B 831 25.48 32.55 17.24
CA PRO B 831 25.77 33.48 16.14
C PRO B 831 24.64 34.47 15.92
N ILE B 832 24.98 35.74 15.74
CA ILE B 832 23.96 36.78 15.59
C ILE B 832 23.27 36.72 14.23
N ALA B 833 23.83 35.98 13.27
CA ALA B 833 23.22 35.90 11.96
C ALA B 833 21.82 35.29 12.04
N LEU B 834 21.51 34.61 13.16
CA LEU B 834 20.17 34.11 13.37
C LEU B 834 19.16 35.23 13.57
N ALA B 835 19.62 36.46 13.80
CA ALA B 835 18.70 37.58 13.96
C ALA B 835 18.23 38.14 12.63
N ASP B 836 18.78 37.64 11.51
CA ASP B 836 18.41 38.10 10.19
C ASP B 836 17.22 37.35 9.59
N ILE B 837 16.97 36.13 10.04
CA ILE B 837 15.92 35.31 9.44
C ILE B 837 14.56 35.88 9.83
N ARG B 838 13.70 36.08 8.83
CA ARG B 838 12.39 36.68 9.09
C ARG B 838 11.55 35.80 10.00
N SER B 839 11.39 34.52 9.65
CA SER B 839 10.42 33.67 10.30
C SER B 839 10.82 33.31 11.73
N PHE B 840 12.05 33.62 12.15
CA PHE B 840 12.50 33.23 13.47
C PHE B 840 11.65 33.98 14.49
N GLN B 841 10.79 33.26 15.20
CA GLN B 841 9.76 33.85 16.06
C GLN B 841 9.99 33.57 17.54
N VAL B 842 10.20 32.32 17.92
CA VAL B 842 10.28 31.91 19.32
C VAL B 842 11.67 31.31 19.55
N MET B 843 12.29 31.69 20.66
CA MET B 843 13.53 31.09 21.10
C MET B 843 13.43 30.81 22.59
N MET B 844 14.09 29.74 23.03
CA MET B 844 14.20 29.44 24.46
C MET B 844 15.59 28.89 24.72
N LEU B 845 16.06 29.06 25.94
CA LEU B 845 17.45 28.82 26.32
C LEU B 845 17.46 28.49 27.80
N GLN B 846 17.55 27.21 28.13
CA GLN B 846 17.39 26.74 29.50
C GLN B 846 18.73 26.28 30.04
N ASN B 847 19.04 26.68 31.27
CA ASN B 847 20.27 26.32 31.96
C ASN B 847 21.46 26.47 31.02
N SER B 848 21.67 27.70 30.58
CA SER B 848 22.69 28.05 29.61
C SER B 848 23.56 29.17 30.17
N THR B 849 24.73 29.34 29.55
CA THR B 849 25.67 30.36 30.00
C THR B 849 25.11 31.76 29.74
N LYS B 850 25.41 32.68 30.67
CA LYS B 850 24.77 33.99 30.64
C LYS B 850 25.18 34.81 29.41
N THR B 851 26.39 34.58 28.89
CA THR B 851 26.78 35.28 27.67
C THR B 851 25.82 34.97 26.53
N ALA B 852 25.38 33.71 26.43
CA ALA B 852 24.35 33.37 25.46
C ALA B 852 23.09 34.18 25.71
N ALA B 853 22.73 34.42 26.97
CA ALA B 853 21.54 35.21 27.27
C ALA B 853 21.71 36.66 26.81
N ILE B 854 22.89 37.23 27.02
CA ILE B 854 23.14 38.60 26.55
C ILE B 854 23.00 38.66 25.03
N SER B 855 23.58 37.68 24.33
CA SER B 855 23.48 37.65 22.88
C SER B 855 22.03 37.48 22.44
N ALA B 856 21.26 36.67 23.16
CA ALA B 856 19.85 36.48 22.83
C ALA B 856 19.07 37.78 22.98
N ARG B 857 19.34 38.53 24.04
CA ARG B 857 18.69 39.83 24.18
C ARG B 857 19.10 40.79 23.06
N GLN B 858 20.36 40.73 22.64
CA GLN B 858 20.77 41.47 21.45
C GLN B 858 19.92 41.09 20.25
N ILE B 859 19.73 39.79 20.03
CA ILE B 859 18.96 39.32 18.89
C ILE B 859 17.52 39.82 18.97
N GLN B 860 16.94 39.81 20.17
CA GLN B 860 15.59 40.29 20.35
C GLN B 860 15.49 41.77 20.03
N ALA B 861 16.44 42.57 20.51
CA ALA B 861 16.43 43.99 20.16
C ALA B 861 16.53 44.18 18.66
N LYS B 862 17.38 43.39 18.00
CA LYS B 862 17.52 43.47 16.55
C LYS B 862 16.19 43.21 15.85
N LYS B 863 15.52 42.10 16.19
CA LYS B 863 14.24 41.81 15.56
C LYS B 863 13.19 42.86 15.90
N ASP B 864 13.28 43.46 17.09
CA ASP B 864 12.36 44.54 17.44
C ASP B 864 12.55 45.73 16.51
N ASN B 865 13.80 46.11 16.24
CA ASN B 865 14.03 47.19 15.29
C ASN B 865 13.53 46.80 13.91
N GLN B 866 13.76 45.56 13.50
CA GLN B 866 13.25 45.10 12.21
C GLN B 866 11.75 45.31 12.11
N THR B 867 11.00 44.81 13.09
CA THR B 867 9.55 44.95 13.04
C THR B 867 9.14 46.42 13.08
N GLN B 868 9.88 47.23 13.84
CA GLN B 868 9.64 48.67 13.85
C GLN B 868 9.86 49.29 12.47
N GLN B 869 10.70 48.68 11.63
CA GLN B 869 11.11 49.26 10.37
C GLN B 869 10.06 49.12 9.26
N GLY B 870 8.81 48.81 9.61
CA GLY B 870 7.73 48.73 8.64
C GLY B 870 7.58 47.38 7.97
N THR B 871 8.46 46.43 8.24
CA THR B 871 8.34 45.10 7.66
C THR B 871 7.15 44.37 8.28
N LYS B 872 6.52 43.50 7.48
CA LYS B 872 5.38 42.71 7.94
C LYS B 872 5.87 41.42 8.61
N ASN B 873 6.66 41.59 9.67
CA ASN B 873 7.23 40.46 10.39
C ASN B 873 6.22 39.91 11.38
N ILE B 874 6.33 38.61 11.65
CA ILE B 874 5.50 37.99 12.69
C ILE B 874 6.10 38.30 14.06
N ALA B 875 5.22 38.59 15.02
CA ALA B 875 5.66 39.12 16.31
C ALA B 875 6.76 38.25 16.90
N PHE B 876 7.58 38.87 17.75
CA PHE B 876 8.78 38.24 18.26
C PHE B 876 8.61 37.94 19.75
N LYS B 877 8.95 36.72 20.16
CA LYS B 877 8.89 36.31 21.56
C LYS B 877 10.16 35.55 21.92
N LEU B 878 10.80 35.96 23.03
CA LEU B 878 12.01 35.34 23.52
C LEU B 878 11.77 34.66 24.86
N SER B 879 12.75 33.85 25.27
CA SER B 879 12.69 33.08 26.54
C SER B 879 14.12 32.77 26.98
N ILE B 880 14.58 33.32 28.10
CA ILE B 880 15.93 33.00 28.66
C ILE B 880 15.70 32.39 30.04
N PHE B 881 16.31 31.25 30.36
CA PHE B 881 16.05 30.53 31.63
C PHE B 881 16.41 31.31 32.87
N PRO B 882 17.55 32.04 32.92
CA PRO B 882 17.96 32.68 34.17
C PRO B 882 16.92 33.75 34.52
N PRO B 883 16.45 33.86 35.78
CA PRO B 883 15.55 34.96 36.14
C PRO B 883 16.31 36.27 35.95
N ASP B 884 17.58 36.33 36.36
CA ASP B 884 18.44 37.53 36.24
C ASP B 884 18.67 37.90 34.78
N LEU B 885 18.88 36.91 33.90
CA LEU B 885 19.23 37.14 32.47
C LEU B 885 18.01 36.87 31.58
N MET C 1 -2.26 -0.64 82.88
CA MET C 1 -1.70 -0.01 84.07
C MET C 1 -0.26 0.43 83.82
N ALA C 2 0.13 1.54 84.45
CA ALA C 2 1.50 2.04 84.30
C ALA C 2 2.50 1.06 84.90
N ASN C 3 2.13 0.40 85.98
CA ASN C 3 3.01 -0.62 86.57
C ASN C 3 3.39 -1.65 85.52
N VAL C 4 2.48 -1.97 84.60
CA VAL C 4 2.78 -2.94 83.55
C VAL C 4 3.93 -2.44 82.69
N ALA C 5 3.88 -1.17 82.27
CA ALA C 5 4.95 -0.63 81.44
C ALA C 5 6.26 -0.58 82.21
N VAL C 6 6.22 -0.16 83.47
CA VAL C 6 7.45 -0.08 84.26
C VAL C 6 8.07 -1.47 84.40
N GLU C 7 7.25 -2.47 84.69
CA GLU C 7 7.74 -3.84 84.84
C GLU C 7 8.29 -4.39 83.53
N PHE C 8 7.60 -4.12 82.42
CA PHE C 8 8.10 -4.56 81.13
C PHE C 8 9.48 -3.97 80.85
N LEU C 9 9.62 -2.66 81.07
CA LEU C 9 10.91 -2.00 80.85
C LEU C 9 11.98 -2.58 81.76
N VAL C 10 11.64 -2.82 83.03
CA VAL C 10 12.61 -3.37 83.97
C VAL C 10 13.09 -4.74 83.49
N GLU C 11 12.14 -5.61 83.10
CA GLU C 11 12.52 -6.95 82.70
C GLU C 11 13.38 -6.93 81.44
N ASN C 12 13.01 -6.11 80.46
CA ASN C 12 13.80 -6.05 79.24
C ASN C 12 15.19 -5.48 79.52
N LEU C 13 15.28 -4.48 80.40
CA LEU C 13 16.59 -3.91 80.72
C LEU C 13 17.49 -4.92 81.42
N MET C 14 16.95 -5.66 82.39
CA MET C 14 17.73 -6.71 83.04
C MET C 14 18.18 -7.75 82.02
N GLN C 15 17.26 -8.18 81.16
CA GLN C 15 17.61 -9.15 80.11
C GLN C 15 18.76 -8.63 79.26
N LEU C 16 18.66 -7.38 78.80
CA LEU C 16 19.68 -6.85 77.90
C LEU C 16 21.01 -6.70 78.59
N LEU C 17 21.01 -6.28 79.86
CA LEU C 17 22.25 -6.21 80.62
C LEU C 17 22.88 -7.59 80.75
N ARG C 18 22.07 -8.61 81.03
CA ARG C 18 22.62 -9.94 81.27
C ARG C 18 23.18 -10.55 79.98
N ASP C 19 22.39 -10.50 78.90
CA ASP C 19 22.73 -11.28 77.71
C ASP C 19 23.92 -10.67 76.96
N ASN C 20 23.93 -9.34 76.78
CA ASN C 20 24.90 -8.68 75.93
C ASN C 20 25.47 -7.47 76.66
N VAL C 21 26.75 -7.58 77.07
CA VAL C 21 27.44 -6.44 77.64
C VAL C 21 27.69 -5.38 76.57
N GLU C 22 27.96 -5.82 75.34
CA GLU C 22 28.32 -4.87 74.28
C GLU C 22 27.18 -3.92 73.96
N LEU C 23 25.95 -4.42 73.97
CA LEU C 23 24.82 -3.59 73.55
C LEU C 23 24.67 -2.37 74.46
N ILE C 24 24.86 -2.57 75.77
CA ILE C 24 24.77 -1.48 76.75
C ILE C 24 26.13 -1.10 77.30
N SER C 25 27.22 -1.47 76.60
CA SER C 25 28.56 -1.19 77.14
C SER C 25 28.78 0.31 77.31
N GLY C 26 28.35 1.12 76.34
CA GLY C 26 28.61 2.55 76.41
C GLY C 26 27.89 3.22 77.55
N VAL C 27 26.63 2.84 77.78
CA VAL C 27 25.77 3.56 78.72
C VAL C 27 25.28 2.60 79.80
N LYS C 28 26.12 1.63 80.18
CA LYS C 28 25.73 0.67 81.20
C LYS C 28 25.39 1.36 82.52
N GLU C 29 26.16 2.40 82.88
CA GLU C 29 25.96 3.06 84.17
C GLU C 29 24.57 3.70 84.25
N ALA C 30 24.22 4.52 83.26
CA ALA C 30 22.91 5.15 83.26
C ALA C 30 21.80 4.13 83.12
N ALA C 31 22.06 3.05 82.35
CA ALA C 31 21.07 1.99 82.22
C ALA C 31 20.75 1.35 83.56
N GLU C 32 21.79 1.03 84.34
CA GLU C 32 21.60 0.41 85.64
C GLU C 32 20.92 1.38 86.61
N SER C 33 21.31 2.66 86.56
CA SER C 33 20.66 3.66 87.40
C SER C 33 19.18 3.74 87.07
N LEU C 34 18.85 3.75 85.77
CA LEU C 34 17.45 3.77 85.35
C LEU C 34 16.72 2.52 85.80
N LEU C 35 17.41 1.36 85.78
CA LEU C 35 16.78 0.13 86.23
C LEU C 35 16.41 0.19 87.70
N GLN C 36 17.34 0.63 88.55
CA GLN C 36 17.03 0.76 89.97
C GLN C 36 15.95 1.81 90.21
N ASP C 37 16.01 2.91 89.46
CA ASP C 37 14.97 3.93 89.58
C ASP C 37 13.61 3.37 89.21
N LEU C 38 13.56 2.55 88.15
CA LEU C 38 12.32 1.92 87.75
C LEU C 38 11.80 0.98 88.83
N ASN C 39 12.70 0.22 89.47
CA ASN C 39 12.26 -0.65 90.56
C ASN C 39 11.62 0.14 91.68
N ASP C 40 12.29 1.20 92.15
CA ASP C 40 11.72 1.95 93.27
C ASP C 40 10.45 2.69 92.84
N PHE C 41 10.40 3.16 91.60
CA PHE C 41 9.20 3.87 91.14
C PHE C 41 8.05 2.91 90.92
N ASN C 42 8.34 1.63 90.62
CA ASN C 42 7.28 0.63 90.56
C ASN C 42 6.75 0.32 91.95
N ALA C 43 7.64 0.27 92.93
CA ALA C 43 7.16 0.18 94.31
C ALA C 43 6.25 1.36 94.64
N PHE C 44 6.65 2.57 94.21
CA PHE C 44 5.83 3.75 94.44
C PHE C 44 4.48 3.64 93.72
N LEU C 45 4.48 3.12 92.49
CA LEU C 45 3.25 2.96 91.74
C LEU C 45 2.32 1.96 92.41
N LYS C 46 2.86 0.87 92.95
CA LYS C 46 2.05 -0.07 93.70
C LYS C 46 1.47 0.59 94.95
N GLN C 47 2.28 1.38 95.66
CA GLN C 47 1.77 2.08 96.83
C GLN C 47 0.64 3.03 96.45
N ALA C 48 0.78 3.71 95.31
CA ALA C 48 -0.31 4.56 94.81
C ALA C 48 -1.54 3.73 94.48
N ALA C 49 -1.35 2.59 93.84
CA ALA C 49 -2.48 1.73 93.48
C ALA C 49 -3.21 1.24 94.72
N LYS C 50 -2.50 1.16 95.85
CA LYS C 50 -3.16 0.78 97.09
C LYS C 50 -4.24 1.80 97.46
N CYS C 51 -3.94 3.09 97.34
CA CYS C 51 -4.91 4.15 97.57
C CYS C 51 -5.76 4.38 96.31
N HIS C 52 -6.95 4.92 96.52
CA HIS C 52 -7.88 5.15 95.43
C HIS C 52 -7.23 6.01 94.35
N ILE C 53 -7.42 5.62 93.09
CA ILE C 53 -6.82 6.34 91.96
C ILE C 53 -7.88 7.11 91.19
N ASN C 54 -9.07 6.53 91.01
CA ASN C 54 -10.09 7.19 90.22
C ASN C 54 -10.59 8.47 90.89
N GLU C 55 -10.70 8.46 92.22
CA GLU C 55 -11.31 9.57 92.94
C GLU C 55 -10.33 10.72 93.21
N ASN C 56 -9.04 10.52 93.00
CA ASN C 56 -8.04 11.53 93.32
C ASN C 56 -7.33 11.97 92.05
N GLU C 57 -7.24 13.29 91.86
CA GLU C 57 -6.54 13.86 90.72
C GLU C 57 -5.08 14.17 91.03
N VAL C 58 -4.81 14.68 92.24
CA VAL C 58 -3.43 14.99 92.62
C VAL C 58 -2.60 13.72 92.69
N LEU C 59 -3.18 12.64 93.21
CA LEU C 59 -2.46 11.36 93.25
C LEU C 59 -2.13 10.89 91.85
N ARG C 60 -3.09 10.98 90.93
CA ARG C 60 -2.84 10.60 89.54
C ARG C 60 -1.73 11.46 88.94
N GLU C 61 -1.75 12.76 89.22
CA GLU C 61 -0.69 13.63 88.72
C GLU C 61 0.67 13.22 89.27
N LEU C 62 0.71 12.76 90.53
CA LEU C 62 1.98 12.29 91.17
C LEU C 62 2.52 11.10 90.37
N VAL C 63 1.74 10.02 90.24
CA VAL C 63 2.14 8.80 89.49
C VAL C 63 2.33 9.21 88.03
N LYS C 64 1.48 10.10 87.52
CA LYS C 64 1.58 10.62 86.13
C LYS C 64 2.89 11.41 86.04
N LYS C 65 3.56 11.44 84.90
CA LYS C 65 4.89 12.10 84.69
C LYS C 65 5.92 10.99 84.92
N ILE C 66 5.54 9.91 85.61
CA ILE C 66 6.44 8.77 85.73
C ILE C 66 6.23 7.82 84.56
N ARG C 67 4.98 7.70 84.11
CA ARG C 67 4.69 6.92 82.91
C ARG C 67 5.30 7.56 81.67
N THR C 68 5.28 8.89 81.59
CA THR C 68 5.87 9.56 80.43
C THR C 68 7.37 9.33 80.37
N VAL C 69 8.05 9.46 81.51
CA VAL C 69 9.49 9.21 81.54
C VAL C 69 9.78 7.75 81.27
N VAL C 70 8.91 6.84 81.74
CA VAL C 70 9.10 5.43 81.45
C VAL C 70 9.01 5.16 79.96
N ASN C 71 8.01 5.75 79.29
CA ASN C 71 7.89 5.60 77.84
C ASN C 71 9.10 6.19 77.13
N SER C 72 9.55 7.36 77.56
CA SER C 72 10.72 7.98 76.93
C SER C 72 11.97 7.12 77.12
N ALA C 73 12.13 6.55 78.31
CA ALA C 73 13.25 5.66 78.56
C ALA C 73 13.19 4.43 77.66
N GLU C 74 11.99 3.85 77.52
CA GLU C 74 11.84 2.74 76.58
C GLU C 74 12.28 3.14 75.18
N ASP C 75 11.82 4.31 74.73
CA ASP C 75 12.16 4.77 73.38
C ASP C 75 13.67 4.90 73.22
N ALA C 76 14.31 5.61 74.15
CA ALA C 76 15.75 5.84 74.03
C ALA C 76 16.54 4.55 74.15
N ILE C 77 16.10 3.64 75.02
CA ILE C 77 16.82 2.38 75.21
C ILE C 77 16.75 1.54 73.95
N ASP C 78 15.56 1.43 73.35
CA ASP C 78 15.45 0.69 72.10
C ASP C 78 16.23 1.37 70.99
N LYS C 79 16.27 2.71 71.00
CA LYS C 79 17.08 3.44 70.03
C LYS C 79 18.55 3.06 70.17
N PHE C 80 19.06 3.00 71.40
CA PHE C 80 20.44 2.63 71.61
C PHE C 80 20.69 1.18 71.21
N VAL C 81 19.71 0.30 71.44
CA VAL C 81 19.86 -1.09 71.05
C VAL C 81 20.00 -1.20 69.53
N ILE C 82 19.09 -0.56 68.79
CA ILE C 82 19.13 -0.63 67.34
C ILE C 82 20.43 0.01 66.83
N GLU C 83 20.87 1.10 67.47
CA GLU C 83 22.07 1.79 67.01
C GLU C 83 23.32 0.95 67.25
N ALA C 84 23.39 0.28 68.41
CA ALA C 84 24.52 -0.59 68.69
C ALA C 84 24.53 -1.80 67.75
N LYS C 85 23.35 -2.36 67.47
CA LYS C 85 23.32 -3.45 66.49
C LYS C 85 23.73 -2.96 65.12
N LEU C 86 23.38 -1.72 64.75
CA LEU C 86 23.84 -1.17 63.48
C LEU C 86 25.35 -1.00 63.47
N HIS C 87 25.93 -0.57 64.59
CA HIS C 87 27.40 -0.55 64.69
C HIS C 87 27.97 -1.94 64.45
N LYS C 88 27.40 -2.95 65.08
CA LYS C 88 27.86 -4.32 64.84
C LYS C 88 27.73 -4.68 63.36
N ASP C 89 26.64 -4.26 62.73
CA ASP C 89 26.45 -4.55 61.31
C ASP C 89 27.53 -3.90 60.46
N LYS C 90 27.87 -2.65 60.77
CA LYS C 90 28.93 -1.97 60.02
C LYS C 90 30.25 -2.72 60.13
N GLY C 91 30.45 -3.45 61.21
CA GLY C 91 31.67 -4.22 61.37
C GLY C 91 32.92 -3.38 61.34
N VAL C 92 32.89 -2.22 61.99
CA VAL C 92 34.04 -1.32 62.00
C VAL C 92 35.02 -1.79 63.06
N THR C 93 36.23 -2.16 62.63
CA THR C 93 37.27 -2.60 63.53
C THR C 93 38.07 -1.46 64.13
N ARG C 94 37.76 -0.21 63.76
CA ARG C 94 38.50 0.93 64.29
C ARG C 94 38.28 1.06 65.79
N VAL C 95 39.35 1.39 66.50
CA VAL C 95 39.24 1.63 67.94
C VAL C 95 38.30 2.81 68.19
N LEU C 96 38.47 3.88 67.43
CA LEU C 96 37.60 5.05 67.49
C LEU C 96 36.86 5.16 66.15
N ASP C 97 35.59 4.74 66.16
CA ASP C 97 34.76 4.74 64.96
C ASP C 97 34.33 6.18 64.71
N LEU C 98 35.24 6.96 64.14
CA LEU C 98 34.98 8.40 64.04
C LEU C 98 33.63 8.74 63.45
N PRO C 99 33.15 8.08 62.39
CA PRO C 99 31.77 8.34 61.96
C PRO C 99 30.74 7.53 62.74
N HIS C 100 29.69 8.19 63.19
CA HIS C 100 28.49 7.63 63.84
C HIS C 100 28.71 7.25 65.30
N TYR C 101 29.92 7.43 65.86
CA TYR C 101 30.09 7.12 67.27
C TYR C 101 29.76 8.36 68.10
N LYS C 102 29.86 9.54 67.46
CA LYS C 102 29.38 10.77 68.07
C LYS C 102 27.86 10.82 68.07
N ARG C 103 27.22 10.31 67.00
CA ARG C 103 25.76 10.21 67.01
C ARG C 103 25.30 9.27 68.11
N VAL C 104 25.98 8.14 68.29
CA VAL C 104 25.60 7.21 69.34
C VAL C 104 25.90 7.80 70.72
N LYS C 105 26.96 8.62 70.82
CA LYS C 105 27.21 9.30 72.09
C LYS C 105 26.14 10.35 72.37
N GLU C 106 25.59 10.97 71.32
CA GLU C 106 24.48 11.90 71.51
C GLU C 106 23.23 11.14 71.94
N VAL C 107 23.03 9.93 71.42
CA VAL C 107 21.92 9.10 71.87
C VAL C 107 22.15 8.69 73.32
N ALA C 108 23.40 8.43 73.69
CA ALA C 108 23.73 8.20 75.09
C ALA C 108 23.45 9.44 75.93
N GLY C 109 23.67 10.63 75.35
CA GLY C 109 23.30 11.85 76.04
C GLY C 109 21.80 11.96 76.26
N GLU C 110 21.02 11.50 75.28
CA GLU C 110 19.56 11.44 75.48
C GLU C 110 19.20 10.45 76.58
N ILE C 111 19.87 9.30 76.61
CA ILE C 111 19.67 8.34 77.69
C ILE C 111 19.97 8.98 79.03
N LYS C 112 21.07 9.75 79.09
CA LYS C 112 21.45 10.42 80.33
C LYS C 112 20.45 11.50 80.69
N ALA C 113 19.86 12.16 79.69
CA ALA C 113 18.81 13.13 79.95
C ALA C 113 17.58 12.47 80.56
N ILE C 114 17.23 11.28 80.07
CA ILE C 114 16.11 10.55 80.68
C ILE C 114 16.45 10.12 82.09
N ARG C 115 17.69 9.67 82.30
CA ARG C 115 18.14 9.35 83.65
C ARG C 115 18.03 10.58 84.55
N ASN C 116 18.39 11.75 84.03
CA ASN C 116 18.27 12.98 84.80
C ASN C 116 16.82 13.32 85.10
N LYS C 117 15.92 13.05 84.14
CA LYS C 117 14.51 13.31 84.39
C LYS C 117 13.98 12.40 85.50
N VAL C 118 14.36 11.12 85.48
CA VAL C 118 13.93 10.21 86.53
C VAL C 118 14.51 10.64 87.87
N ARG C 119 15.79 11.01 87.87
CA ARG C 119 16.41 11.51 89.09
C ARG C 119 15.75 12.80 89.55
N GLU C 120 15.21 13.59 88.62
CA GLU C 120 14.51 14.81 88.97
C GLU C 120 13.18 14.49 89.64
N ILE C 121 12.46 13.49 89.13
CA ILE C 121 11.25 13.03 89.80
C ILE C 121 11.59 12.59 91.21
N ARG C 122 12.68 11.82 91.36
CA ARG C 122 13.12 11.41 92.69
C ARG C 122 13.53 12.59 93.56
N GLN C 123 14.02 13.67 92.95
CA GLN C 123 14.41 14.85 93.72
C GLN C 123 13.20 15.62 94.20
N THR C 124 12.14 15.67 93.39
CA THR C 124 10.91 16.31 93.84
C THR C 124 10.40 15.66 95.11
N ASP C 125 10.39 14.34 95.14
CA ASP C 125 10.09 13.58 96.35
C ASP C 125 11.00 12.36 96.38
N ALA C 126 11.66 12.13 97.52
CA ALA C 126 12.61 11.02 97.61
C ALA C 126 11.97 9.72 97.15
N ILE C 127 10.77 9.41 97.65
CA ILE C 127 9.96 8.31 97.16
C ILE C 127 8.61 8.80 96.64
N GLY C 128 8.00 9.76 97.36
CA GLY C 128 6.70 10.27 97.01
C GLY C 128 5.54 9.46 97.54
N LEU C 129 5.81 8.31 98.17
CA LEU C 129 4.78 7.44 98.71
C LEU C 129 4.64 7.57 100.21
N GLN C 130 5.24 8.60 100.83
CA GLN C 130 5.07 8.79 102.26
C GLN C 130 3.60 8.98 102.61
N ALA C 131 2.92 9.89 101.90
CA ALA C 131 1.47 10.03 102.08
C ALA C 131 0.75 8.75 101.69
N LEU C 132 1.18 8.11 100.61
CA LEU C 132 0.61 6.82 100.23
C LEU C 132 0.87 5.77 101.30
N GLN C 133 2.09 5.76 101.86
CA GLN C 133 2.42 4.81 102.91
C GLN C 133 1.57 5.05 104.15
N ASP C 134 1.17 6.29 104.39
CA ASP C 134 0.34 6.59 105.55
C ASP C 134 -1.00 5.86 105.49
N ASP C 135 -1.62 5.84 104.32
CA ASP C 135 -2.94 5.24 104.14
C ASP C 135 -2.85 3.98 103.29
N ASP C 136 -3.38 2.89 103.80
CA ASP C 136 -3.42 1.62 103.07
C ASP C 136 -4.84 1.08 103.09
N LEU C 137 -5.28 0.58 101.93
CA LEU C 137 -6.62 0.02 101.78
C LEU C 137 -6.53 -1.32 101.05
N SER C 138 -7.57 -2.14 101.25
CA SER C 138 -7.68 -3.42 100.56
C SER C 138 -6.48 -4.32 100.85
N ALA C 139 -6.15 -4.49 102.12
CA ALA C 139 -5.08 -5.40 102.51
C ALA C 139 -5.64 -6.81 102.71
N ARG C 140 -5.12 -7.78 101.97
CA ARG C 140 -5.60 -9.15 102.04
C ARG C 140 -4.72 -10.03 101.16
N GLY C 141 -4.81 -11.34 101.40
CA GLY C 141 -4.02 -12.28 100.64
C GLY C 141 -4.69 -12.69 99.34
N SER C 142 -3.94 -13.43 98.53
CA SER C 142 -4.40 -13.93 97.24
C SER C 142 -4.55 -15.44 97.30
N GLU C 143 -5.77 -15.91 97.11
CA GLU C 143 -6.10 -17.33 97.14
C GLU C 143 -6.29 -17.85 95.70
N GLU C 144 -6.72 -19.10 95.61
CA GLU C 144 -6.88 -19.78 94.33
C GLU C 144 -8.08 -19.26 93.56
N ARG C 145 -8.04 -19.45 92.25
CA ARG C 145 -9.20 -19.34 91.38
C ARG C 145 -9.52 -20.72 90.82
N LYS C 146 -10.79 -21.10 90.89
CA LYS C 146 -11.17 -22.44 90.49
C LYS C 146 -10.87 -22.68 89.02
N PRO C 147 -10.58 -23.93 88.63
CA PRO C 147 -10.49 -24.25 87.20
C PRO C 147 -11.84 -24.06 86.53
N PRO C 148 -11.85 -23.73 85.24
CA PRO C 148 -13.13 -23.45 84.58
C PRO C 148 -14.07 -24.65 84.64
N VAL C 149 -15.34 -24.37 84.86
CA VAL C 149 -16.39 -25.38 84.90
C VAL C 149 -17.57 -24.88 84.08
N VAL C 150 -17.99 -25.68 83.09
CA VAL C 150 -19.19 -25.33 82.33
C VAL C 150 -20.40 -25.42 83.26
N GLU C 151 -21.08 -24.29 83.42
CA GLU C 151 -22.12 -24.19 84.44
C GLU C 151 -23.22 -23.26 83.96
N GLU C 152 -24.40 -23.41 84.57
CA GLU C 152 -25.56 -22.58 84.26
C GLU C 152 -25.87 -22.59 82.77
N ASP C 153 -25.74 -23.77 82.15
CA ASP C 153 -26.16 -23.92 80.76
C ASP C 153 -27.66 -23.69 80.62
N ASP C 154 -28.39 -23.77 81.73
CA ASP C 154 -29.80 -23.43 81.74
C ASP C 154 -29.96 -21.91 81.66
N VAL C 155 -31.02 -21.47 80.98
CA VAL C 155 -31.39 -20.06 80.92
C VAL C 155 -32.61 -19.85 81.80
N VAL C 156 -32.57 -18.80 82.62
CA VAL C 156 -33.60 -18.53 83.60
C VAL C 156 -34.61 -17.56 83.03
N GLY C 157 -35.87 -17.99 82.95
CA GLY C 157 -36.97 -17.11 82.65
C GLY C 157 -37.23 -16.85 81.19
N PHE C 158 -36.43 -17.40 80.28
CA PHE C 158 -36.61 -17.23 78.85
C PHE C 158 -37.24 -18.44 78.19
N ASP C 159 -37.64 -19.45 78.97
CA ASP C 159 -38.20 -20.67 78.39
C ASP C 159 -39.57 -20.42 77.78
N GLU C 160 -40.35 -19.49 78.34
CA GLU C 160 -41.65 -19.20 77.77
C GLU C 160 -41.51 -18.49 76.43
N GLU C 161 -40.50 -17.61 76.30
CA GLU C 161 -40.19 -17.05 74.98
C GLU C 161 -39.79 -18.16 74.01
N ALA C 162 -39.03 -19.15 74.49
CA ALA C 162 -38.69 -20.29 73.63
C ALA C 162 -39.94 -21.02 73.17
N ASP C 163 -40.89 -21.24 74.08
CA ASP C 163 -42.12 -21.91 73.70
C ASP C 163 -42.92 -21.09 72.69
N ILE C 164 -42.97 -19.77 72.87
CA ILE C 164 -43.73 -18.93 71.95
C ILE C 164 -43.09 -18.96 70.57
N VAL C 165 -41.76 -18.89 70.51
CA VAL C 165 -41.07 -18.95 69.22
C VAL C 165 -41.30 -20.30 68.56
N ILE C 166 -41.18 -21.38 69.33
CA ILE C 166 -41.43 -22.72 68.81
C ILE C 166 -42.90 -22.91 68.47
N ASN C 167 -43.77 -22.00 68.90
CA ASN C 167 -45.14 -21.97 68.43
C ASN C 167 -45.29 -21.16 67.15
N ARG C 168 -44.37 -20.20 66.91
CA ARG C 168 -44.36 -19.40 65.66
C ARG C 168 -44.14 -20.32 64.46
N LEU C 169 -43.09 -21.16 64.51
CA LEU C 169 -42.84 -22.15 63.43
C LEU C 169 -44.02 -23.12 63.48
N LEU C 170 -44.47 -23.62 62.32
CA LEU C 170 -45.69 -24.46 62.27
C LEU C 170 -46.90 -23.52 62.23
N GLY C 171 -46.66 -22.21 62.15
CA GLY C 171 -47.76 -21.23 62.01
C GLY C 171 -48.42 -21.39 60.65
N GLU C 172 -47.66 -21.19 59.56
CA GLU C 172 -48.23 -21.47 58.25
C GLU C 172 -47.16 -22.14 57.41
N SER C 173 -47.40 -23.40 57.05
CA SER C 173 -46.47 -24.10 56.17
C SER C 173 -46.54 -23.53 54.77
N ASN C 174 -45.60 -23.95 53.93
CA ASN C 174 -45.57 -23.54 52.52
C ASN C 174 -45.48 -22.02 52.40
N HIS C 175 -44.66 -21.39 53.24
CA HIS C 175 -44.54 -19.94 53.26
C HIS C 175 -43.26 -19.55 54.01
N LEU C 176 -42.80 -18.33 53.77
CA LEU C 176 -41.62 -17.78 54.43
C LEU C 176 -42.03 -16.59 55.27
N GLU C 177 -42.08 -16.77 56.59
CA GLU C 177 -42.39 -15.70 57.52
C GLU C 177 -41.21 -15.48 58.44
N VAL C 178 -40.80 -14.23 58.61
CA VAL C 178 -39.64 -13.88 59.43
C VAL C 178 -40.10 -13.65 60.86
N VAL C 179 -39.39 -14.24 61.81
CA VAL C 179 -39.65 -14.07 63.24
C VAL C 179 -38.75 -12.93 63.73
N PRO C 180 -39.31 -11.77 64.11
CA PRO C 180 -38.47 -10.70 64.66
C PRO C 180 -38.37 -10.79 66.18
N VAL C 181 -37.15 -10.73 66.69
CA VAL C 181 -36.89 -10.71 68.13
C VAL C 181 -36.25 -9.35 68.42
N VAL C 182 -36.93 -8.55 69.26
CA VAL C 182 -36.55 -7.13 69.52
C VAL C 182 -36.32 -6.85 71.01
N GLY C 183 -35.19 -6.24 71.38
CA GLY C 183 -34.84 -6.00 72.80
C GLY C 183 -33.83 -4.89 73.02
N MET C 184 -33.73 -4.38 74.25
CA MET C 184 -32.70 -3.37 74.66
C MET C 184 -31.35 -4.09 74.79
N PRO C 185 -30.21 -3.37 74.76
CA PRO C 185 -28.90 -4.03 74.78
C PRO C 185 -28.64 -4.79 76.09
N GLY C 186 -27.99 -5.96 76.02
CA GLY C 186 -27.71 -6.79 77.20
C GLY C 186 -28.99 -7.41 77.74
N LEU C 187 -30.04 -7.57 76.92
CA LEU C 187 -31.33 -8.07 77.37
C LEU C 187 -31.42 -9.59 77.28
N GLY C 188 -30.78 -10.19 76.29
CA GLY C 188 -30.73 -11.64 76.16
C GLY C 188 -31.50 -12.22 75.00
N LYS C 189 -31.72 -11.46 73.93
CA LYS C 189 -32.31 -12.04 72.73
C LYS C 189 -31.44 -13.16 72.17
N THR C 190 -30.13 -12.93 72.11
CA THR C 190 -29.24 -13.92 71.51
C THR C 190 -29.20 -15.20 72.34
N THR C 191 -29.35 -15.07 73.66
CA THR C 191 -29.43 -16.27 74.51
C THR C 191 -30.72 -17.04 74.24
N LEU C 192 -31.85 -16.32 74.09
CA LEU C 192 -33.09 -17.01 73.76
C LEU C 192 -32.98 -17.71 72.41
N ALA C 193 -32.31 -17.07 71.44
CA ALA C 193 -32.10 -17.69 70.15
C ALA C 193 -31.21 -18.93 70.25
N ASN C 194 -30.13 -18.83 71.02
CA ASN C 194 -29.23 -19.98 71.17
C ASN C 194 -29.90 -21.11 71.93
N LYS C 195 -30.92 -20.77 72.73
CA LYS C 195 -31.74 -21.81 73.36
C LYS C 195 -32.66 -22.47 72.35
N ILE C 196 -33.56 -21.67 71.75
CA ILE C 196 -34.62 -22.21 70.84
C ILE C 196 -33.97 -22.97 69.69
N TYR C 197 -32.84 -22.50 69.19
CA TYR C 197 -32.14 -23.15 68.07
C TYR C 197 -31.75 -24.55 68.55
N LYS C 198 -31.36 -24.70 69.82
CA LYS C 198 -30.90 -26.00 70.39
C LYS C 198 -32.07 -26.89 70.87
N HIS C 199 -33.33 -26.49 70.66
CA HIS C 199 -34.45 -27.24 71.20
C HIS C 199 -34.68 -28.49 70.35
N PRO C 200 -34.96 -29.64 70.98
CA PRO C 200 -35.08 -30.87 70.18
C PRO C 200 -36.15 -30.77 69.10
N LYS C 201 -37.27 -30.11 69.41
CA LYS C 201 -38.32 -29.94 68.40
C LYS C 201 -37.79 -29.21 67.18
N ILE C 202 -36.98 -28.17 67.40
CA ILE C 202 -36.44 -27.42 66.27
C ILE C 202 -35.60 -28.32 65.38
N GLY C 203 -34.70 -29.09 65.98
CA GLY C 203 -33.88 -30.00 65.18
C GLY C 203 -34.70 -31.03 64.45
N TYR C 204 -35.75 -31.52 65.11
CA TYR C 204 -36.65 -32.55 64.52
C TYR C 204 -37.55 -31.90 63.48
N GLU C 205 -38.02 -30.67 63.73
CA GLU C 205 -38.95 -29.97 62.81
C GLU C 205 -38.26 -29.75 61.46
N PHE C 206 -37.00 -29.30 61.46
CA PHE C 206 -36.23 -29.01 60.21
C PHE C 206 -34.98 -29.88 60.19
N PHE C 207 -34.73 -30.59 59.08
CA PHE C 207 -33.53 -31.45 58.92
C PHE C 207 -32.31 -30.53 58.81
N THR C 208 -32.44 -29.41 58.09
CA THR C 208 -31.40 -28.41 57.95
C THR C 208 -31.68 -27.23 58.88
N ARG C 209 -30.66 -26.80 59.63
CA ARG C 209 -30.79 -25.60 60.50
C ARG C 209 -29.49 -24.81 60.37
N ILE C 210 -29.57 -23.49 60.16
CA ILE C 210 -28.43 -22.60 60.05
C ILE C 210 -28.51 -21.55 61.15
N TRP C 211 -27.34 -21.23 61.72
CA TRP C 211 -27.14 -20.07 62.57
C TRP C 211 -26.31 -19.06 61.80
N VAL C 212 -26.79 -17.82 61.69
CA VAL C 212 -26.07 -16.77 61.00
C VAL C 212 -26.05 -15.53 61.88
N TYR C 213 -24.89 -14.89 61.96
CA TYR C 213 -24.70 -13.68 62.75
C TYR C 213 -24.63 -12.48 61.82
N VAL C 214 -25.56 -11.56 61.97
CA VAL C 214 -25.60 -10.34 61.18
C VAL C 214 -25.02 -9.21 62.03
N SER C 215 -23.72 -8.97 61.87
CA SER C 215 -23.08 -7.85 62.54
C SER C 215 -23.58 -6.53 61.96
N GLN C 216 -23.07 -5.43 62.51
CA GLN C 216 -23.35 -4.12 61.92
C GLN C 216 -22.59 -3.92 60.62
N SER C 217 -21.35 -4.42 60.54
CA SER C 217 -20.52 -4.30 59.35
C SER C 217 -20.49 -5.60 58.54
N TYR C 218 -21.61 -6.31 58.49
CA TYR C 218 -21.68 -7.58 57.76
C TYR C 218 -21.42 -7.38 56.27
N ARG C 219 -20.74 -8.35 55.67
CA ARG C 219 -20.62 -8.47 54.22
C ARG C 219 -21.44 -9.68 53.76
N ARG C 220 -22.30 -9.46 52.77
CA ARG C 220 -23.24 -10.50 52.35
C ARG C 220 -22.50 -11.70 51.75
N ARG C 221 -21.50 -11.45 50.89
CA ARG C 221 -20.84 -12.53 50.18
C ARG C 221 -20.21 -13.53 51.13
N GLU C 222 -19.50 -13.04 52.14
CA GLU C 222 -18.83 -13.92 53.10
C GLU C 222 -19.86 -14.75 53.87
N LEU C 223 -20.99 -14.13 54.22
CA LEU C 223 -22.05 -14.84 54.93
C LEU C 223 -22.62 -15.97 54.08
N PHE C 224 -22.86 -15.71 52.79
CA PHE C 224 -23.34 -16.77 51.90
C PHE C 224 -22.30 -17.87 51.74
N LEU C 225 -21.03 -17.50 51.62
CA LEU C 225 -19.98 -18.50 51.56
C LEU C 225 -20.00 -19.39 52.80
N ASN C 226 -20.23 -18.81 53.97
CA ASN C 226 -20.31 -19.60 55.18
C ASN C 226 -21.48 -20.58 55.14
N ILE C 227 -22.66 -20.09 54.75
CA ILE C 227 -23.82 -20.98 54.66
C ILE C 227 -23.51 -22.14 53.73
N ILE C 228 -22.96 -21.87 52.55
CA ILE C 228 -22.64 -22.94 51.62
C ILE C 228 -21.64 -23.90 52.24
N SER C 229 -20.53 -23.37 52.78
CA SER C 229 -19.47 -24.22 53.29
C SER C 229 -19.99 -25.16 54.36
N LYS C 230 -21.05 -24.76 55.06
CA LYS C 230 -21.66 -25.66 56.04
C LYS C 230 -21.99 -27.01 55.40
N PHE C 231 -22.72 -26.99 54.28
CA PHE C 231 -23.27 -28.22 53.73
C PHE C 231 -22.20 -29.09 53.08
N THR C 232 -21.34 -28.49 52.24
CA THR C 232 -20.46 -29.25 51.36
C THR C 232 -19.05 -29.24 51.93
N ARG C 233 -18.19 -30.11 51.38
CA ARG C 233 -16.80 -30.15 51.81
C ARG C 233 -15.91 -29.36 50.85
N ASN C 234 -16.10 -29.53 49.54
CA ASN C 234 -15.31 -28.83 48.55
C ASN C 234 -15.96 -27.50 48.22
N THR C 235 -15.14 -26.45 48.12
CA THR C 235 -15.62 -25.11 47.83
C THR C 235 -14.74 -24.39 46.81
N LYS C 236 -13.89 -25.13 46.09
CA LYS C 236 -13.03 -24.50 45.10
C LYS C 236 -13.84 -23.72 44.08
N GLN C 237 -15.10 -24.11 43.89
CA GLN C 237 -15.97 -23.42 42.94
C GLN C 237 -16.54 -22.14 43.53
N TYR C 238 -17.07 -22.22 44.75
CA TYR C 238 -17.81 -21.10 45.32
C TYR C 238 -16.91 -19.90 45.61
N HIS C 239 -15.60 -20.13 45.71
CA HIS C 239 -14.69 -18.98 45.78
C HIS C 239 -14.66 -18.23 44.45
N GLY C 240 -15.24 -18.82 43.40
CA GLY C 240 -15.09 -18.24 42.08
C GLY C 240 -16.36 -17.59 41.55
N MET C 241 -17.52 -18.02 42.05
CA MET C 241 -18.78 -17.50 41.54
C MET C 241 -19.38 -16.44 42.47
N CYS C 242 -20.28 -15.63 41.90
CA CYS C 242 -20.73 -14.38 42.47
C CYS C 242 -21.83 -14.58 43.51
N GLU C 243 -22.11 -13.51 44.25
CA GLU C 243 -22.98 -13.59 45.41
C GLU C 243 -24.44 -13.74 45.04
N GLU C 244 -24.85 -13.27 43.86
CA GLU C 244 -26.18 -13.62 43.35
C GLU C 244 -26.23 -15.09 43.00
N ASP C 245 -25.26 -15.56 42.23
CA ASP C 245 -25.13 -17.00 41.96
C ASP C 245 -24.92 -17.76 43.26
N LEU C 246 -24.21 -17.16 44.23
CA LEU C 246 -23.98 -17.81 45.51
C LEU C 246 -25.29 -18.01 46.26
N ALA C 247 -26.15 -16.99 46.30
CA ALA C 247 -27.46 -17.14 46.93
C ALA C 247 -28.32 -18.14 46.16
N ASP C 248 -28.17 -18.16 44.84
CA ASP C 248 -28.88 -19.17 44.05
C ASP C 248 -28.45 -20.58 44.47
N GLU C 249 -27.15 -20.78 44.65
CA GLU C 249 -26.64 -22.08 45.09
C GLU C 249 -27.10 -22.40 46.51
N ILE C 250 -27.17 -21.38 47.37
CA ILE C 250 -27.67 -21.59 48.72
C ILE C 250 -29.13 -22.06 48.67
N GLN C 251 -29.92 -21.43 47.81
CA GLN C 251 -31.30 -21.89 47.61
C GLN C 251 -31.32 -23.33 47.15
N GLU C 252 -30.48 -23.66 46.16
CA GLU C 252 -30.44 -25.03 45.65
C GLU C 252 -30.13 -26.02 46.76
N PHE C 253 -29.13 -25.70 47.59
CA PHE C 253 -28.68 -26.68 48.58
C PHE C 253 -29.67 -26.78 49.73
N LEU C 254 -30.23 -25.65 50.16
CA LEU C 254 -31.26 -25.70 51.19
C LEU C 254 -32.52 -26.38 50.68
N GLY C 255 -32.72 -26.42 49.36
CA GLY C 255 -33.85 -27.13 48.81
C GLY C 255 -33.58 -28.60 48.57
N LYS C 256 -32.30 -28.97 48.45
CA LYS C 256 -31.95 -30.38 48.30
C LYS C 256 -32.42 -31.19 49.50
N GLY C 257 -32.18 -30.67 50.71
CA GLY C 257 -32.53 -31.37 51.92
C GLY C 257 -33.87 -30.96 52.50
N GLY C 258 -34.81 -30.51 51.65
CA GLY C 258 -36.16 -30.10 52.09
C GLY C 258 -36.24 -28.84 52.95
N LYS C 259 -37.02 -28.83 54.04
CA LYS C 259 -37.26 -27.64 54.92
C LYS C 259 -36.03 -27.24 55.75
N TYR C 260 -35.88 -25.95 56.07
CA TYR C 260 -34.73 -25.41 56.85
C TYR C 260 -35.14 -24.34 57.87
N LEU C 261 -34.32 -24.07 58.89
CA LEU C 261 -34.56 -22.95 59.86
C LEU C 261 -33.25 -22.16 60.05
N VAL C 262 -33.13 -20.93 59.54
CA VAL C 262 -31.92 -20.12 59.58
C VAL C 262 -32.11 -19.02 60.62
N VAL C 263 -31.00 -18.56 61.19
CA VAL C 263 -31.01 -17.56 62.25
C VAL C 263 -30.11 -16.40 61.82
N LEU C 264 -30.64 -15.18 61.88
CA LEU C 264 -29.88 -13.96 61.64
C LEU C 264 -29.77 -13.21 62.97
N ASP C 265 -28.55 -12.93 63.40
CA ASP C 265 -28.30 -12.40 64.74
C ASP C 265 -28.03 -10.90 64.69
N ASP C 266 -28.71 -10.16 65.55
CA ASP C 266 -28.42 -8.75 65.80
C ASP C 266 -28.50 -7.92 64.50
N VAL C 267 -29.70 -7.90 63.91
CA VAL C 267 -29.93 -7.10 62.71
C VAL C 267 -30.09 -5.64 63.14
N TRP C 268 -29.40 -4.73 62.45
CA TRP C 268 -29.34 -3.35 62.88
C TRP C 268 -30.20 -2.44 62.01
N SER C 269 -30.00 -2.47 60.70
CA SER C 269 -30.72 -1.61 59.77
C SER C 269 -31.73 -2.41 58.98
N ASP C 270 -32.59 -1.70 58.24
CA ASP C 270 -33.57 -2.37 57.39
C ASP C 270 -32.91 -2.94 56.14
N GLU C 271 -31.96 -2.21 55.56
CA GLU C 271 -31.29 -2.66 54.34
C GLU C 271 -30.67 -4.05 54.55
N ALA C 272 -30.16 -4.30 55.75
CA ALA C 272 -29.67 -5.64 56.07
C ALA C 272 -30.73 -6.68 55.75
N TRP C 273 -31.95 -6.47 56.24
CA TRP C 273 -33.02 -7.42 55.98
C TRP C 273 -33.36 -7.47 54.49
N GLU C 274 -33.50 -6.30 53.88
CA GLU C 274 -33.90 -6.24 52.47
C GLU C 274 -32.94 -7.03 51.60
N ARG C 275 -31.65 -7.02 51.92
CA ARG C 275 -30.66 -7.71 51.10
C ARG C 275 -30.46 -9.16 51.49
N ILE C 276 -30.53 -9.49 52.79
CA ILE C 276 -30.34 -10.89 53.18
C ILE C 276 -31.56 -11.72 52.84
N LYS C 277 -32.74 -11.10 52.72
CA LYS C 277 -33.96 -11.88 52.51
C LYS C 277 -34.03 -12.52 51.13
N ILE C 278 -33.20 -12.09 50.17
CA ILE C 278 -33.25 -12.70 48.85
C ILE C 278 -32.58 -14.07 48.82
N ALA C 279 -31.88 -14.46 49.88
CA ALA C 279 -31.22 -15.75 49.96
C ALA C 279 -32.13 -16.84 50.49
N PHE C 280 -33.36 -16.52 50.86
CA PHE C 280 -34.32 -17.52 51.34
C PHE C 280 -35.53 -17.56 50.41
N PRO C 281 -35.38 -17.96 49.16
CA PRO C 281 -36.55 -18.19 48.32
C PRO C 281 -37.32 -19.42 48.78
N ASN C 282 -38.53 -19.20 49.29
CA ASN C 282 -39.37 -20.28 49.78
C ASN C 282 -39.65 -21.25 48.66
N ASN C 283 -39.28 -22.52 48.84
CA ASN C 283 -39.63 -23.58 47.90
C ASN C 283 -41.00 -24.14 48.25
N ASN C 284 -41.95 -23.22 48.42
CA ASN C 284 -43.29 -23.53 48.92
C ASN C 284 -43.21 -24.48 50.11
N LYS C 285 -42.18 -24.33 50.93
CA LYS C 285 -41.91 -25.21 52.08
C LYS C 285 -42.06 -24.46 53.39
N PRO C 286 -42.30 -25.19 54.51
CA PRO C 286 -42.45 -24.56 55.84
C PRO C 286 -41.12 -24.07 56.41
N ASN C 287 -40.68 -22.92 55.91
CA ASN C 287 -39.36 -22.38 56.17
C ASN C 287 -39.48 -21.20 57.13
N ARG C 288 -38.60 -21.17 58.14
CA ARG C 288 -38.63 -20.11 59.18
C ARG C 288 -37.27 -19.44 59.30
N VAL C 289 -37.25 -18.14 59.57
CA VAL C 289 -36.05 -17.35 59.75
C VAL C 289 -36.17 -16.71 61.12
N LEU C 290 -35.12 -16.81 61.93
CA LEU C 290 -35.11 -16.25 63.27
C LEU C 290 -34.16 -15.08 63.31
N LEU C 291 -34.70 -13.90 63.62
CA LEU C 291 -33.99 -12.64 63.50
C LEU C 291 -34.01 -11.91 64.84
N THR C 292 -32.82 -11.72 65.42
CA THR C 292 -32.66 -10.98 66.67
C THR C 292 -32.14 -9.60 66.31
N THR C 293 -32.90 -8.56 66.66
CA THR C 293 -32.53 -7.19 66.36
C THR C 293 -32.77 -6.31 67.57
N ARG C 294 -31.77 -5.52 67.93
CA ARG C 294 -31.94 -4.57 69.02
C ARG C 294 -32.87 -3.42 68.66
N ASP C 295 -32.83 -2.95 67.42
CA ASP C 295 -33.68 -1.85 66.97
C ASP C 295 -35.08 -2.40 66.67
N SER C 296 -36.05 -1.48 66.52
CA SER C 296 -37.43 -1.90 66.35
C SER C 296 -37.93 -1.62 64.93
N LYS C 297 -37.46 -0.54 64.32
CA LYS C 297 -37.92 -0.19 62.98
C LYS C 297 -37.61 -1.31 61.99
N VAL C 298 -36.40 -1.86 62.08
CA VAL C 298 -36.04 -2.99 61.23
C VAL C 298 -36.97 -4.16 61.47
N ALA C 299 -37.30 -4.41 62.74
CA ALA C 299 -38.19 -5.52 63.07
C ALA C 299 -39.55 -5.33 62.42
N LYS C 300 -40.11 -4.12 62.48
CA LYS C 300 -41.42 -3.90 61.88
C LYS C 300 -41.36 -4.02 60.37
N GLN C 301 -40.27 -3.57 59.75
CA GLN C 301 -40.12 -3.78 58.31
C GLN C 301 -40.06 -5.26 57.98
N CYS C 302 -39.35 -6.06 58.80
CA CYS C 302 -39.28 -7.49 58.55
C CYS C 302 -40.67 -8.13 58.64
N ASN C 303 -41.43 -7.78 59.67
CA ASN C 303 -42.72 -8.40 59.92
C ASN C 303 -43.54 -7.47 60.81
N PRO C 304 -44.79 -7.14 60.45
CA PRO C 304 -45.57 -6.26 61.33
C PRO C 304 -45.81 -6.83 62.73
N ILE C 305 -45.38 -8.06 63.00
CA ILE C 305 -45.47 -8.63 64.34
C ILE C 305 -44.07 -9.05 64.80
N PRO C 306 -43.36 -8.20 65.55
CA PRO C 306 -42.09 -8.63 66.14
C PRO C 306 -42.26 -9.23 67.53
N HIS C 307 -41.51 -10.29 67.79
CA HIS C 307 -41.58 -11.00 69.07
C HIS C 307 -40.84 -10.16 70.10
N ASP C 308 -41.59 -9.65 71.08
CA ASP C 308 -41.03 -8.66 71.99
C ASP C 308 -40.46 -9.33 73.23
N LEU C 309 -39.13 -9.28 73.37
CA LEU C 309 -38.45 -9.93 74.48
C LEU C 309 -38.71 -9.15 75.76
N LYS C 310 -39.43 -9.77 76.69
CA LYS C 310 -39.75 -9.13 77.96
C LYS C 310 -38.51 -9.08 78.85
N PHE C 311 -38.59 -8.25 79.88
CA PHE C 311 -37.54 -8.19 80.88
C PHE C 311 -37.74 -9.27 81.94
N LEU C 312 -36.63 -9.71 82.53
CA LEU C 312 -36.69 -10.71 83.59
C LEU C 312 -37.51 -10.19 84.75
N THR C 313 -38.24 -11.10 85.40
CA THR C 313 -38.94 -10.74 86.61
C THR C 313 -37.99 -10.76 87.80
N GLU C 314 -38.42 -10.13 88.90
CA GLU C 314 -37.56 -9.93 90.04
C GLU C 314 -37.00 -11.26 90.56
N ASP C 315 -37.86 -12.25 90.72
CA ASP C 315 -37.42 -13.55 91.22
C ASP C 315 -36.45 -14.20 90.25
N GLU C 316 -36.72 -14.09 88.95
CA GLU C 316 -35.80 -14.60 87.96
C GLU C 316 -34.45 -13.89 88.09
N SER C 317 -34.48 -12.57 88.29
CA SER C 317 -33.27 -11.80 88.44
C SER C 317 -32.44 -12.31 89.62
N TRP C 318 -33.08 -12.54 90.76
CA TRP C 318 -32.32 -13.03 91.90
C TRP C 318 -31.82 -14.45 91.73
N ILE C 319 -32.63 -15.36 91.21
CA ILE C 319 -32.12 -16.71 91.02
C ILE C 319 -30.89 -16.65 90.12
N LEU C 320 -30.91 -15.77 89.12
CA LEU C 320 -29.71 -15.56 88.32
C LEU C 320 -28.55 -15.04 89.13
N LEU C 321 -28.77 -13.99 89.91
CA LEU C 321 -27.64 -13.39 90.61
C LEU C 321 -26.98 -14.41 91.52
N GLU C 322 -27.78 -15.18 92.27
CA GLU C 322 -27.20 -16.17 93.15
C GLU C 322 -26.54 -17.30 92.37
N LYS C 323 -27.15 -17.74 91.26
CA LYS C 323 -26.53 -18.80 90.47
C LYS C 323 -25.17 -18.35 89.94
N LYS C 324 -25.09 -17.12 89.42
CA LYS C 324 -23.85 -16.64 88.83
C LYS C 324 -22.77 -16.46 89.89
N VAL C 325 -23.09 -15.78 90.99
CA VAL C 325 -22.06 -15.49 91.99
C VAL C 325 -21.65 -16.75 92.73
N PHE C 326 -22.60 -17.65 92.99
CA PHE C 326 -22.37 -18.85 93.77
C PHE C 326 -22.22 -20.11 92.92
N HIS C 327 -22.49 -20.02 91.62
CA HIS C 327 -22.36 -21.16 90.70
C HIS C 327 -23.32 -22.25 91.18
N LYS C 328 -22.89 -23.50 91.35
CA LYS C 328 -23.83 -24.55 91.74
C LYS C 328 -24.41 -24.29 93.12
N ASP C 329 -23.57 -23.86 94.07
CA ASP C 329 -24.03 -23.68 95.43
C ASP C 329 -25.01 -22.52 95.52
N LYS C 330 -25.89 -22.58 96.52
CA LYS C 330 -26.95 -21.59 96.67
C LYS C 330 -26.46 -20.40 97.49
N CYS C 331 -27.34 -19.41 97.60
CA CYS C 331 -26.97 -18.17 98.28
C CYS C 331 -26.99 -18.38 99.79
N PRO C 332 -25.91 -18.07 100.49
CA PRO C 332 -25.91 -18.17 101.96
C PRO C 332 -26.99 -17.29 102.56
N PRO C 333 -27.67 -17.74 103.62
CA PRO C 333 -28.83 -16.97 104.12
C PRO C 333 -28.50 -15.53 104.49
N GLU C 334 -27.29 -15.24 105.00
CA GLU C 334 -26.99 -13.88 105.42
C GLU C 334 -26.89 -12.92 104.25
N LEU C 335 -26.35 -13.37 103.12
CA LEU C 335 -26.21 -12.53 101.94
C LEU C 335 -27.49 -12.44 101.12
N VAL C 336 -28.56 -13.10 101.57
CA VAL C 336 -29.80 -13.16 100.82
C VAL C 336 -30.34 -11.75 100.59
N LEU C 337 -30.36 -10.91 101.62
CA LEU C 337 -31.03 -9.63 101.52
C LEU C 337 -30.23 -8.65 100.67
N SER C 338 -28.91 -8.64 100.83
CA SER C 338 -28.08 -7.83 99.97
C SER C 338 -28.23 -8.25 98.51
N GLY C 339 -28.28 -9.56 98.27
CA GLY C 339 -28.49 -10.04 96.93
C GLY C 339 -29.84 -9.60 96.37
N LYS C 340 -30.89 -9.69 97.19
CA LYS C 340 -32.21 -9.29 96.71
C LYS C 340 -32.25 -7.81 96.37
N SER C 341 -31.62 -6.98 97.21
CA SER C 341 -31.54 -5.56 96.90
C SER C 341 -30.80 -5.33 95.58
N ILE C 342 -29.64 -5.96 95.40
CA ILE C 342 -28.89 -5.79 94.16
C ILE C 342 -29.74 -6.20 92.96
N ALA C 343 -30.32 -7.40 93.02
CA ALA C 343 -31.06 -7.93 91.88
C ALA C 343 -32.28 -7.07 91.56
N LYS C 344 -33.03 -6.65 92.59
CA LYS C 344 -34.17 -5.78 92.34
C LYS C 344 -33.72 -4.43 91.78
N LYS C 345 -32.51 -3.99 92.10
CA LYS C 345 -31.96 -2.80 91.47
C LYS C 345 -31.54 -3.03 90.03
N CYS C 346 -31.26 -4.29 89.65
CA CYS C 346 -30.86 -4.58 88.27
C CYS C 346 -31.95 -4.23 87.26
N LYS C 347 -33.21 -4.11 87.70
CA LYS C 347 -34.32 -3.75 86.81
C LYS C 347 -34.60 -4.82 85.77
N GLY C 348 -34.01 -6.00 85.93
CA GLY C 348 -34.25 -7.11 85.04
C GLY C 348 -33.26 -7.28 83.92
N LEU C 349 -32.39 -6.30 83.67
CA LEU C 349 -31.40 -6.41 82.61
C LEU C 349 -30.44 -7.53 83.00
N PRO C 350 -30.49 -8.69 82.34
CA PRO C 350 -29.65 -9.82 82.81
C PRO C 350 -28.17 -9.50 82.81
N LEU C 351 -27.71 -8.68 81.88
CA LEU C 351 -26.30 -8.35 81.79
C LEU C 351 -25.83 -7.60 83.04
N ALA C 352 -26.67 -6.70 83.57
CA ALA C 352 -26.34 -6.03 84.81
C ALA C 352 -26.20 -7.04 85.95
N ILE C 353 -27.13 -7.98 86.04
CA ILE C 353 -27.04 -9.03 87.06
C ILE C 353 -25.72 -9.77 86.93
N VAL C 354 -25.36 -10.13 85.71
CA VAL C 354 -24.16 -10.92 85.48
C VAL C 354 -22.91 -10.13 85.87
N VAL C 355 -22.82 -8.87 85.46
CA VAL C 355 -21.61 -8.10 85.74
C VAL C 355 -21.50 -7.81 87.23
N ILE C 356 -22.63 -7.56 87.91
CA ILE C 356 -22.56 -7.38 89.36
C ILE C 356 -22.18 -8.68 90.05
N ALA C 357 -22.63 -9.82 89.54
CA ALA C 357 -22.20 -11.10 90.08
C ALA C 357 -20.69 -11.27 89.94
N GLY C 358 -20.15 -10.90 88.78
CA GLY C 358 -18.71 -10.93 88.60
C GLY C 358 -17.99 -10.03 89.60
N ALA C 359 -18.52 -8.83 89.80
CA ALA C 359 -17.92 -7.91 90.77
C ALA C 359 -17.95 -8.51 92.17
N LEU C 360 -19.06 -9.15 92.55
CA LEU C 360 -19.16 -9.75 93.87
C LEU C 360 -18.16 -10.88 94.04
N ILE C 361 -18.09 -11.79 93.07
CA ILE C 361 -17.17 -12.91 93.19
C ILE C 361 -15.73 -12.41 93.25
N GLY C 362 -15.40 -11.40 92.45
CA GLY C 362 -14.07 -10.83 92.52
C GLY C 362 -13.78 -10.21 93.88
N LYS C 363 -14.72 -9.43 94.39
CA LYS C 363 -14.54 -8.80 95.70
C LYS C 363 -14.45 -9.85 96.80
N GLY C 364 -15.40 -10.77 96.84
CA GLY C 364 -15.42 -11.81 97.84
C GLY C 364 -16.85 -12.15 98.24
N LYS C 365 -16.97 -12.74 99.42
CA LYS C 365 -18.23 -13.30 99.91
C LYS C 365 -18.49 -12.87 101.35
N THR C 366 -18.37 -11.57 101.62
CA THR C 366 -18.55 -11.05 102.97
C THR C 366 -19.66 -10.00 102.98
N PRO C 367 -20.42 -9.89 104.07
CA PRO C 367 -21.58 -8.97 104.07
C PRO C 367 -21.21 -7.53 103.84
N ARG C 368 -20.05 -7.08 104.32
CA ARG C 368 -19.62 -5.70 104.09
C ARG C 368 -19.44 -5.44 102.60
N GLU C 369 -18.81 -6.38 101.89
CA GLU C 369 -18.62 -6.24 100.45
C GLU C 369 -19.96 -6.22 99.73
N TRP C 370 -20.89 -7.09 100.11
CA TRP C 370 -22.20 -7.10 99.49
C TRP C 370 -22.92 -5.77 99.70
N LYS C 371 -22.84 -5.21 100.92
CA LYS C 371 -23.50 -3.94 101.17
C LYS C 371 -22.86 -2.83 100.36
N GLN C 372 -21.52 -2.81 100.28
CA GLN C 372 -20.86 -1.81 99.45
C GLN C 372 -21.34 -1.89 98.01
N VAL C 373 -21.37 -3.11 97.46
CA VAL C 373 -21.76 -3.30 96.06
C VAL C 373 -23.20 -2.86 95.85
N ASP C 374 -24.09 -3.24 96.78
CA ASP C 374 -25.49 -2.84 96.67
C ASP C 374 -25.65 -1.33 96.70
N ASP C 375 -24.95 -0.66 97.61
CA ASP C 375 -25.06 0.79 97.68
C ASP C 375 -24.57 1.43 96.39
N SER C 376 -23.46 0.95 95.85
CA SER C 376 -22.97 1.50 94.58
C SER C 376 -23.99 1.29 93.46
N VAL C 377 -24.56 0.09 93.38
CA VAL C 377 -25.52 -0.21 92.32
C VAL C 377 -26.74 0.70 92.44
N SER C 378 -27.20 0.93 93.67
CA SER C 378 -28.28 1.89 93.87
C SER C 378 -27.87 3.28 93.41
N GLU C 379 -26.63 3.67 93.71
CA GLU C 379 -26.17 5.02 93.39
C GLU C 379 -26.08 5.23 91.88
N HIS C 380 -25.84 4.17 91.12
CA HIS C 380 -25.53 4.30 89.70
C HIS C 380 -26.63 3.81 88.76
N LEU C 381 -27.75 3.30 89.29
CA LEU C 381 -28.84 2.80 88.45
C LEU C 381 -30.11 3.60 88.72
N ILE C 382 -29.97 4.93 88.78
CA ILE C 382 -31.10 5.79 89.04
C ILE C 382 -32.03 5.84 87.83
N ASN C 383 -31.46 5.80 86.63
CA ASN C 383 -32.23 5.90 85.40
C ASN C 383 -32.34 4.55 84.71
N ARG C 384 -33.18 4.51 83.66
CA ARG C 384 -33.55 3.26 83.01
C ARG C 384 -33.19 3.22 81.53
N ASP C 385 -33.46 4.30 80.78
CA ASP C 385 -33.38 4.22 79.32
C ASP C 385 -31.94 4.25 78.83
N HIS C 386 -31.05 4.94 79.52
CA HIS C 386 -29.71 5.15 79.00
C HIS C 386 -28.87 3.87 79.08
N PRO C 387 -28.34 3.36 77.96
CA PRO C 387 -27.40 2.24 78.05
C PRO C 387 -26.18 2.53 78.91
N GLU C 388 -25.74 3.78 79.01
CA GLU C 388 -24.55 4.12 79.78
C GLU C 388 -24.59 3.56 81.21
N ASN C 389 -25.77 3.18 81.70
CA ASN C 389 -25.84 2.45 82.96
C ASN C 389 -24.93 1.23 82.94
N CYS C 390 -24.93 0.49 81.82
CA CYS C 390 -24.08 -0.67 81.70
C CYS C 390 -22.61 -0.30 81.69
N ASN C 391 -22.24 0.81 81.04
CA ASN C 391 -20.86 1.28 81.10
C ASN C 391 -20.46 1.56 82.54
N LYS C 392 -21.35 2.19 83.30
CA LYS C 392 -21.05 2.48 84.70
C LYS C 392 -20.86 1.19 85.51
N LEU C 393 -21.76 0.23 85.32
CA LEU C 393 -21.64 -1.05 86.03
C LEU C 393 -20.32 -1.74 85.67
N VAL C 394 -19.98 -1.75 84.39
CA VAL C 394 -18.73 -2.37 83.95
C VAL C 394 -17.54 -1.65 84.55
N GLN C 395 -17.61 -0.32 84.68
CA GLN C 395 -16.52 0.42 85.30
C GLN C 395 -16.35 0.01 86.75
N MET C 396 -17.46 -0.15 87.47
CA MET C 396 -17.38 -0.68 88.84
C MET C 396 -16.65 -2.01 88.84
N SER C 397 -17.10 -2.94 88.00
CA SER C 397 -16.48 -4.26 87.97
C SER C 397 -15.00 -4.17 87.63
N TYR C 398 -14.63 -3.23 86.75
CA TYR C 398 -13.27 -3.19 86.23
C TYR C 398 -12.30 -2.60 87.25
N ASP C 399 -12.76 -1.65 88.07
CA ASP C 399 -11.83 -1.03 89.02
C ASP C 399 -11.30 -2.04 90.02
N ARG C 400 -11.93 -3.21 90.12
CA ARG C 400 -11.54 -4.23 91.08
C ARG C 400 -10.64 -5.31 90.49
N LEU C 401 -10.44 -5.34 89.17
CA LEU C 401 -9.60 -6.35 88.58
C LEU C 401 -8.15 -6.17 89.05
N PRO C 402 -7.41 -7.26 89.22
CA PRO C 402 -5.96 -7.11 89.45
C PRO C 402 -5.31 -6.39 88.28
N TYR C 403 -4.34 -5.53 88.59
CA TYR C 403 -3.77 -4.67 87.56
C TYR C 403 -3.28 -5.48 86.38
N ASP C 404 -2.61 -6.62 86.63
CA ASP C 404 -2.33 -7.55 85.55
C ASP C 404 -3.61 -7.97 84.86
N LEU C 405 -4.63 -8.36 85.64
CA LEU C 405 -5.87 -8.84 85.04
C LEU C 405 -6.70 -7.68 84.49
N LYS C 406 -6.50 -6.46 85.00
CA LYS C 406 -7.09 -5.30 84.35
C LYS C 406 -6.54 -5.13 82.94
N ALA C 407 -5.21 -5.13 82.83
CA ALA C 407 -4.57 -5.04 81.52
C ALA C 407 -5.01 -6.20 80.62
N CYS C 408 -5.21 -7.38 81.21
CA CYS C 408 -5.70 -8.51 80.44
C CYS C 408 -7.12 -8.28 79.93
N PHE C 409 -8.04 -7.91 80.82
CA PHE C 409 -9.42 -7.63 80.40
C PHE C 409 -9.44 -6.60 79.29
N LEU C 410 -8.64 -5.55 79.41
CA LEU C 410 -8.52 -4.54 78.37
C LEU C 410 -7.54 -5.03 77.32
N TYR C 411 -7.50 -4.34 76.18
CA TYR C 411 -6.70 -4.74 75.02
C TYR C 411 -7.33 -5.98 74.37
N CYS C 412 -8.41 -6.50 74.97
CA CYS C 412 -9.26 -7.46 74.26
C CYS C 412 -10.14 -6.75 73.25
N SER C 413 -10.37 -5.45 73.46
CA SER C 413 -11.08 -4.64 72.47
C SER C 413 -10.20 -4.34 71.27
N ALA C 414 -8.90 -4.65 71.38
CA ALA C 414 -8.01 -4.52 70.23
C ALA C 414 -8.48 -5.43 69.11
N PHE C 415 -9.16 -6.51 69.46
CA PHE C 415 -9.79 -7.36 68.47
C PHE C 415 -11.16 -6.79 68.11
N PRO C 416 -11.44 -6.57 66.82
CA PRO C 416 -12.63 -5.79 66.45
C PRO C 416 -13.90 -6.37 67.04
N GLY C 417 -14.83 -5.49 67.39
CA GLY C 417 -16.06 -5.93 68.02
C GLY C 417 -16.82 -6.92 67.16
N GLY C 418 -17.21 -8.02 67.77
CA GLY C 418 -17.92 -9.09 67.06
C GLY C 418 -17.04 -10.18 66.52
N PHE C 419 -15.77 -10.21 66.89
CA PHE C 419 -14.81 -11.15 66.31
C PHE C 419 -14.45 -12.24 67.32
N GLN C 420 -14.78 -13.48 67.01
CA GLN C 420 -14.39 -14.61 67.84
C GLN C 420 -12.87 -14.64 67.96
N ILE C 421 -12.38 -14.66 69.19
CA ILE C 421 -10.95 -14.53 69.47
C ILE C 421 -10.41 -15.91 69.86
N PRO C 422 -9.54 -16.52 69.06
CA PRO C 422 -8.87 -17.74 69.52
C PRO C 422 -8.10 -17.48 70.81
N ALA C 423 -8.35 -18.33 71.81
CA ALA C 423 -7.73 -18.13 73.11
C ALA C 423 -6.22 -18.25 73.04
N TRP C 424 -5.72 -19.22 72.26
CA TRP C 424 -4.27 -19.41 72.14
C TRP C 424 -3.59 -18.15 71.59
N LYS C 425 -4.19 -17.50 70.61
CA LYS C 425 -3.58 -16.30 70.04
C LYS C 425 -3.53 -15.19 71.08
N LEU C 426 -4.60 -15.03 71.85
CA LEU C 426 -4.61 -14.06 72.94
C LEU C 426 -3.51 -14.35 73.94
N ILE C 427 -3.34 -15.62 74.33
CA ILE C 427 -2.36 -15.95 75.37
C ILE C 427 -0.95 -15.68 74.87
N ARG C 428 -0.62 -16.16 73.67
CA ARG C 428 0.71 -15.89 73.13
C ARG C 428 0.95 -14.39 72.95
N LEU C 429 -0.08 -13.63 72.57
CA LEU C 429 0.09 -12.18 72.46
C LEU C 429 0.37 -11.55 73.82
N TRP C 430 -0.40 -11.93 74.84
CA TRP C 430 -0.15 -11.41 76.17
C TRP C 430 1.28 -11.72 76.62
N ILE C 431 1.75 -12.93 76.30
CA ILE C 431 3.10 -13.32 76.70
C ILE C 431 4.12 -12.45 76.00
N ALA C 432 3.99 -12.29 74.69
CA ALA C 432 4.95 -11.48 73.93
C ALA C 432 4.90 -10.03 74.36
N GLU C 433 3.70 -9.51 74.65
CA GLU C 433 3.53 -8.10 74.98
C GLU C 433 3.99 -7.76 76.40
N GLY C 434 4.65 -8.67 77.10
CA GLY C 434 5.03 -8.43 78.47
C GLY C 434 3.86 -8.31 79.42
N PHE C 435 2.65 -8.61 78.97
CA PHE C 435 1.47 -8.48 79.82
C PHE C 435 1.53 -9.50 80.95
N ILE C 436 1.91 -10.73 80.64
CA ILE C 436 2.12 -11.79 81.62
C ILE C 436 3.62 -11.91 81.82
N GLN C 437 4.07 -11.82 83.08
CA GLN C 437 5.48 -11.85 83.40
C GLN C 437 5.75 -12.97 84.41
N TYR C 438 6.98 -13.49 84.37
CA TYR C 438 7.36 -14.58 85.26
C TYR C 438 7.07 -14.24 86.71
N LYS C 439 6.14 -14.97 87.32
CA LYS C 439 5.81 -14.81 88.74
C LYS C 439 5.49 -16.20 89.29
N GLY C 440 6.45 -16.79 89.99
CA GLY C 440 6.25 -18.10 90.60
C GLY C 440 6.93 -19.22 89.84
N HIS C 441 6.21 -20.33 89.67
CA HIS C 441 6.73 -21.49 88.95
C HIS C 441 5.90 -21.86 87.73
N LEU C 442 4.71 -21.28 87.58
CA LEU C 442 3.83 -21.68 86.49
C LEU C 442 4.42 -21.27 85.15
N SER C 443 4.29 -22.16 84.16
CA SER C 443 4.72 -21.83 82.81
C SER C 443 3.89 -20.68 82.26
N LEU C 444 4.50 -19.89 81.38
CA LEU C 444 3.86 -18.67 80.91
C LEU C 444 2.48 -18.95 80.34
N GLU C 445 2.39 -19.95 79.46
CA GLU C 445 1.10 -20.27 78.83
C GLU C 445 0.10 -20.77 79.86
N CYS C 446 0.57 -21.54 80.85
CA CYS C 446 -0.32 -22.01 81.91
C CYS C 446 -0.88 -20.82 82.70
N LYS C 447 -0.02 -19.85 83.02
CA LYS C 447 -0.49 -18.65 83.71
C LYS C 447 -1.47 -17.88 82.82
N GLY C 448 -1.23 -17.86 81.52
CA GLY C 448 -2.16 -17.18 80.62
C GLY C 448 -3.53 -17.83 80.59
N GLU C 449 -3.57 -19.16 80.48
CA GLU C 449 -4.86 -19.85 80.52
C GLU C 449 -5.52 -19.66 81.88
N ASP C 450 -4.74 -19.60 82.95
CA ASP C 450 -5.29 -19.31 84.27
C ASP C 450 -5.96 -17.95 84.28
N ASN C 451 -5.28 -16.94 83.72
CA ASN C 451 -5.84 -15.59 83.68
C ASN C 451 -7.12 -15.57 82.85
N LEU C 452 -7.13 -16.30 81.72
CA LEU C 452 -8.30 -16.33 80.87
C LEU C 452 -9.48 -16.98 81.58
N ASN C 453 -9.24 -18.10 82.26
CA ASN C 453 -10.28 -18.72 83.07
C ASN C 453 -10.79 -17.76 84.13
N ASP C 454 -9.88 -17.05 84.78
CA ASP C 454 -10.27 -16.07 85.80
C ASP C 454 -11.19 -15.01 85.21
N LEU C 455 -10.82 -14.44 84.06
CA LEU C 455 -11.66 -13.43 83.42
C LEU C 455 -13.03 -13.99 83.09
N ILE C 456 -13.08 -15.18 82.46
CA ILE C 456 -14.36 -15.75 82.08
C ILE C 456 -15.24 -15.96 83.30
N ASN C 457 -14.62 -16.38 84.41
CA ASN C 457 -15.38 -16.55 85.65
C ASN C 457 -16.07 -15.27 86.07
N ARG C 458 -15.37 -14.13 85.92
CA ARG C 458 -15.95 -12.84 86.28
C ARG C 458 -17.04 -12.41 85.32
N ASN C 459 -17.22 -13.12 84.20
CA ASN C 459 -18.29 -12.86 83.24
C ASN C 459 -18.07 -11.57 82.46
N LEU C 460 -16.81 -11.24 82.16
CA LEU C 460 -16.49 -10.16 81.24
C LEU C 460 -16.06 -10.66 79.87
N VAL C 461 -15.71 -11.93 79.76
CA VAL C 461 -15.33 -12.55 78.49
C VAL C 461 -16.27 -13.72 78.23
N MET C 462 -16.78 -13.79 77.00
CA MET C 462 -17.71 -14.83 76.61
C MET C 462 -17.00 -15.89 75.77
N VAL C 463 -17.37 -17.14 75.98
CA VAL C 463 -16.79 -18.27 75.26
C VAL C 463 -17.79 -18.72 74.20
N MET C 464 -17.30 -18.92 72.97
CA MET C 464 -18.13 -19.37 71.87
C MET C 464 -18.14 -20.88 71.71
N GLU C 465 -16.97 -21.52 71.82
CA GLU C 465 -16.84 -22.96 71.60
C GLU C 465 -15.87 -23.50 72.64
N ARG C 466 -15.90 -24.82 72.81
CA ARG C 466 -14.98 -25.51 73.75
C ARG C 466 -14.33 -26.65 72.97
N THR C 467 -14.02 -27.77 73.61
CA THR C 467 -13.37 -28.93 72.96
C THR C 467 -13.96 -30.19 73.60
N SER C 468 -13.71 -31.37 73.03
CA SER C 468 -14.12 -32.65 73.65
C SER C 468 -13.38 -32.62 74.98
N ASP C 469 -12.16 -32.07 74.98
CA ASP C 469 -11.36 -31.86 76.21
C ASP C 469 -12.18 -30.91 77.09
N GLY C 470 -12.89 -29.95 76.48
CA GLY C 470 -13.69 -28.95 77.21
C GLY C 470 -12.89 -27.71 77.46
N GLN C 471 -11.67 -27.64 76.91
CA GLN C 471 -10.82 -26.43 77.01
C GLN C 471 -11.43 -25.31 76.15
N ILE C 472 -11.43 -24.08 76.66
CA ILE C 472 -11.88 -22.91 75.90
C ILE C 472 -11.18 -22.88 74.56
N LYS C 473 -11.96 -22.61 73.51
CA LYS C 473 -11.43 -22.53 72.15
C LYS C 473 -11.44 -21.12 71.59
N THR C 474 -12.58 -20.46 71.56
CA THR C 474 -12.68 -19.11 71.02
C THR C 474 -13.57 -18.29 71.94
N CYS C 475 -13.20 -17.02 72.14
CA CYS C 475 -13.88 -16.13 73.06
C CYS C 475 -14.10 -14.78 72.39
N ARG C 476 -15.11 -14.06 72.89
CA ARG C 476 -15.42 -12.73 72.36
C ARG C 476 -16.09 -11.92 73.46
N LEU C 477 -16.01 -10.60 73.32
CA LEU C 477 -16.55 -9.67 74.30
C LEU C 477 -17.94 -9.21 73.87
N HIS C 478 -18.78 -8.90 74.86
CA HIS C 478 -20.12 -8.40 74.57
C HIS C 478 -20.05 -7.03 73.91
N ASP C 479 -21.07 -6.72 73.13
CA ASP C 479 -21.08 -5.47 72.36
C ASP C 479 -20.83 -4.28 73.28
N MET C 480 -21.61 -4.16 74.35
CA MET C 480 -21.43 -3.04 75.27
C MET C 480 -20.07 -3.11 75.96
N LEU C 481 -19.65 -4.31 76.35
CA LEU C 481 -18.34 -4.45 76.98
C LEU C 481 -17.22 -4.06 76.03
N HIS C 482 -17.33 -4.47 74.77
CA HIS C 482 -16.32 -4.11 73.78
C HIS C 482 -16.29 -2.60 73.58
N GLU C 483 -17.46 -1.97 73.51
CA GLU C 483 -17.53 -0.52 73.42
C GLU C 483 -16.85 0.16 74.61
N PHE C 484 -17.14 -0.34 75.82
CA PHE C 484 -16.57 0.23 77.02
C PHE C 484 -15.05 0.13 77.00
N CYS C 485 -14.53 -1.06 76.68
CA CYS C 485 -13.09 -1.26 76.65
C CYS C 485 -12.44 -0.40 75.58
N ARG C 486 -13.09 -0.27 74.42
CA ARG C 486 -12.57 0.60 73.38
C ARG C 486 -12.40 2.02 73.89
N GLN C 487 -13.47 2.60 74.45
CA GLN C 487 -13.37 3.98 74.91
C GLN C 487 -12.30 4.10 75.99
N GLU C 488 -12.32 3.19 76.97
CA GLU C 488 -11.28 3.15 78.00
C GLU C 488 -9.90 3.28 77.38
N ALA C 489 -9.52 2.29 76.55
CA ALA C 489 -8.15 2.20 76.07
C ALA C 489 -7.78 3.40 75.21
N MET C 490 -8.65 3.80 74.28
CA MET C 490 -8.25 4.86 73.36
C MET C 490 -8.28 6.24 74.00
N LYS C 491 -9.00 6.42 75.10
CA LYS C 491 -9.09 7.76 75.69
C LYS C 491 -8.19 7.93 76.91
N GLU C 492 -8.37 7.08 77.93
CA GLU C 492 -7.80 7.42 79.23
C GLU C 492 -6.36 6.92 79.38
N GLU C 493 -6.07 5.69 78.96
CA GLU C 493 -4.76 5.09 79.18
C GLU C 493 -3.84 5.21 77.99
N ASN C 494 -4.39 5.22 76.76
CA ASN C 494 -3.62 5.13 75.54
C ASN C 494 -2.85 3.79 75.49
N LEU C 495 -3.63 2.71 75.43
CA LEU C 495 -3.07 1.39 75.13
C LEU C 495 -2.98 1.14 73.64
N PHE C 496 -3.94 1.66 72.87
CA PHE C 496 -3.96 1.45 71.44
C PHE C 496 -4.92 2.45 70.82
N GLN C 497 -4.80 2.63 69.51
CA GLN C 497 -5.64 3.54 68.75
C GLN C 497 -6.14 2.85 67.49
N GLU C 498 -7.41 3.06 67.18
CA GLU C 498 -8.06 2.40 66.05
C GLU C 498 -8.26 3.39 64.91
N ILE C 499 -7.56 3.18 63.81
CA ILE C 499 -7.65 4.09 62.67
C ILE C 499 -8.76 3.59 61.76
N LYS C 500 -10.01 3.97 62.07
CA LYS C 500 -11.16 3.62 61.26
C LYS C 500 -11.66 4.86 60.55
N LEU C 501 -11.46 4.91 59.24
CA LEU C 501 -11.72 6.10 58.44
C LEU C 501 -13.15 6.07 57.92
N GLY C 502 -13.85 7.18 58.09
CA GLY C 502 -15.08 7.39 57.36
C GLY C 502 -14.80 7.68 55.90
N SER C 503 -15.82 8.17 55.20
CA SER C 503 -15.63 8.59 53.82
C SER C 503 -14.92 9.93 53.74
N GLU C 504 -15.32 10.88 54.60
CA GLU C 504 -14.67 12.18 54.60
C GLU C 504 -13.29 12.12 55.25
N GLN C 505 -13.16 11.37 56.33
CA GLN C 505 -11.94 11.36 57.12
C GLN C 505 -10.75 10.94 56.27
N TYR C 506 -9.56 11.38 56.70
CA TYR C 506 -8.30 10.93 56.13
C TYR C 506 -7.47 10.29 57.23
N PHE C 507 -6.50 9.49 56.81
CA PHE C 507 -5.63 8.83 57.77
C PHE C 507 -4.84 9.87 58.54
N PRO C 508 -4.38 9.56 59.76
CA PRO C 508 -3.70 10.57 60.56
C PRO C 508 -2.45 11.09 59.86
N GLY C 509 -2.01 12.28 60.25
CA GLY C 509 -0.69 12.72 59.86
C GLY C 509 0.38 12.00 60.65
N LYS C 510 1.62 12.13 60.19
CA LYS C 510 2.73 11.56 60.94
C LYS C 510 2.81 12.15 62.34
N ARG C 511 2.33 13.38 62.51
CA ARG C 511 2.36 14.02 63.83
C ARG C 511 1.49 13.27 64.82
N GLU C 512 0.23 13.01 64.46
CA GLU C 512 -0.64 12.24 65.34
C GLU C 512 -0.07 10.85 65.58
N LEU C 513 0.41 10.20 64.52
CA LEU C 513 1.01 8.88 64.63
C LEU C 513 2.20 8.87 65.58
N SER C 514 2.87 10.01 65.77
CA SER C 514 4.02 10.06 66.65
C SER C 514 3.67 9.71 68.10
N THR C 515 2.44 9.99 68.54
CA THR C 515 2.07 9.77 69.92
C THR C 515 1.37 8.44 70.16
N TYR C 516 1.26 7.60 69.13
CA TYR C 516 0.65 6.29 69.26
C TYR C 516 1.71 5.27 69.67
N ARG C 517 1.33 4.35 70.56
CA ARG C 517 2.19 3.24 70.92
C ARG C 517 1.74 1.91 70.33
N ARG C 518 0.44 1.74 70.07
CA ARG C 518 -0.08 0.56 69.40
C ARG C 518 -1.08 0.98 68.34
N LEU C 519 -0.94 0.37 67.16
CA LEU C 519 -1.82 0.63 66.02
C LEU C 519 -2.76 -0.55 65.84
N CYS C 520 -4.05 -0.27 65.73
CA CYS C 520 -5.03 -1.26 65.29
C CYS C 520 -5.81 -0.68 64.11
N ILE C 521 -5.76 -1.37 62.98
CA ILE C 521 -6.54 -1.01 61.79
C ILE C 521 -7.55 -2.12 61.56
N HIS C 522 -8.74 -1.77 61.11
CA HIS C 522 -9.74 -2.77 60.75
C HIS C 522 -10.42 -2.44 59.42
N SER C 523 -10.07 -1.31 58.83
CA SER C 523 -10.45 -1.00 57.46
C SER C 523 -9.22 -1.16 56.58
N SER C 524 -9.31 -0.76 55.31
CA SER C 524 -8.26 -1.08 54.35
C SER C 524 -6.88 -0.69 54.87
N VAL C 525 -6.06 -1.70 55.15
CA VAL C 525 -4.66 -1.46 55.49
C VAL C 525 -3.86 -1.23 54.23
N LEU C 526 -4.36 -1.70 53.08
CA LEU C 526 -3.69 -1.43 51.82
C LEU C 526 -3.66 0.06 51.53
N ASP C 527 -4.78 0.74 51.75
CA ASP C 527 -4.82 2.19 51.55
C ASP C 527 -4.01 2.90 52.62
N PHE C 528 -4.12 2.46 53.88
CA PHE C 528 -3.29 3.01 54.94
C PHE C 528 -1.83 3.02 54.54
N PHE C 529 -1.29 1.86 54.15
CA PHE C 529 0.08 1.80 53.69
C PHE C 529 0.28 2.54 52.37
N SER C 530 -0.79 2.79 51.61
CA SER C 530 -0.67 3.57 50.39
C SER C 530 -0.22 5.00 50.69
N THR C 531 -0.66 5.57 51.81
CA THR C 531 -0.20 6.90 52.20
C THR C 531 1.23 6.88 52.71
N LYS C 532 1.80 5.69 52.93
CA LYS C 532 3.18 5.57 53.39
C LYS C 532 3.37 6.26 54.74
N PRO C 533 2.53 6.00 55.73
CA PRO C 533 2.75 6.60 57.06
C PRO C 533 4.05 6.14 57.67
N SER C 534 4.43 6.81 58.76
CA SER C 534 5.66 6.47 59.48
C SER C 534 5.45 6.81 60.95
N ALA C 535 6.08 6.03 61.84
CA ALA C 535 5.99 6.28 63.27
C ALA C 535 7.12 5.53 63.97
N GLU C 536 7.82 6.22 64.86
CA GLU C 536 8.91 5.62 65.62
C GLU C 536 8.48 5.06 66.96
N HIS C 537 7.42 5.62 67.57
CA HIS C 537 6.99 5.23 68.90
C HIS C 537 5.95 4.11 68.86
N VAL C 538 5.86 3.40 67.74
CA VAL C 538 4.88 2.34 67.54
C VAL C 538 5.54 1.00 67.82
N ARG C 539 4.94 0.22 68.72
CA ARG C 539 5.46 -1.10 69.08
C ARG C 539 4.51 -2.24 68.72
N SER C 540 3.24 -1.95 68.47
CA SER C 540 2.24 -2.97 68.20
C SER C 540 1.39 -2.58 67.00
N PHE C 541 1.13 -3.55 66.13
CA PHE C 541 0.33 -3.38 64.94
C PHE C 541 -0.64 -4.55 64.85
N LEU C 542 -1.91 -4.25 64.56
CA LEU C 542 -2.95 -5.26 64.46
C LEU C 542 -3.94 -4.85 63.38
N SER C 543 -4.31 -5.81 62.52
CA SER C 543 -5.33 -5.53 61.51
C SER C 543 -6.10 -6.82 61.25
N PHE C 544 -7.26 -6.96 61.89
CA PHE C 544 -8.10 -8.14 61.73
C PHE C 544 -9.17 -7.92 60.67
N SER C 545 -8.70 -7.73 59.44
CA SER C 545 -9.62 -7.71 58.31
C SER C 545 -10.36 -9.04 58.24
N SER C 546 -11.51 -9.03 57.56
CA SER C 546 -12.29 -10.26 57.43
C SER C 546 -11.61 -11.26 56.52
N LYS C 547 -11.11 -10.77 55.38
CA LYS C 547 -10.59 -11.62 54.33
C LYS C 547 -9.08 -11.79 54.46
N LYS C 548 -8.48 -12.36 53.42
CA LYS C 548 -7.04 -12.32 53.24
C LYS C 548 -6.71 -11.36 52.09
N ILE C 549 -5.68 -10.53 52.29
CA ILE C 549 -5.38 -9.44 51.37
C ILE C 549 -3.90 -9.50 51.02
N GLU C 550 -3.57 -9.02 49.82
CA GLU C 550 -2.19 -9.03 49.34
C GLU C 550 -1.50 -7.69 49.62
N MET C 551 -0.16 -7.76 49.69
CA MET C 551 0.68 -6.58 49.84
C MET C 551 1.40 -6.32 48.52
N PRO C 552 1.13 -5.21 47.82
CA PRO C 552 1.83 -4.96 46.55
C PRO C 552 3.34 -4.94 46.75
N SER C 553 4.06 -5.44 45.75
CA SER C 553 5.51 -5.55 45.84
C SER C 553 6.16 -4.21 46.14
N ALA C 554 5.57 -3.09 45.71
CA ALA C 554 6.09 -1.78 46.05
C ALA C 554 5.75 -1.36 47.47
N ASP C 555 4.76 -2.02 48.08
CA ASP C 555 4.29 -1.69 49.43
C ASP C 555 4.90 -2.61 50.48
N ILE C 556 5.77 -3.54 50.08
CA ILE C 556 6.30 -4.51 51.03
C ILE C 556 7.12 -3.85 52.14
N PRO C 557 8.07 -2.94 51.84
CA PRO C 557 8.98 -2.46 52.90
C PRO C 557 8.42 -1.35 53.75
N THR C 558 7.12 -1.10 53.71
CA THR C 558 6.59 0.05 54.43
C THR C 558 6.63 -0.15 55.94
N ILE C 559 6.19 -1.31 56.41
CA ILE C 559 6.04 -1.54 57.85
C ILE C 559 7.42 -1.43 58.50
N PRO C 560 8.47 -2.08 57.98
CA PRO C 560 9.78 -1.95 58.65
C PRO C 560 10.28 -0.52 58.72
N LYS C 561 10.36 0.17 57.58
CA LYS C 561 10.93 1.51 57.57
C LYS C 561 10.13 2.46 58.44
N GLY C 562 8.80 2.41 58.34
CA GLY C 562 7.98 3.22 59.22
C GLY C 562 8.15 2.85 60.68
N PHE C 563 8.19 1.56 60.97
CA PHE C 563 8.18 1.07 62.36
C PHE C 563 9.50 0.34 62.63
N PRO C 564 10.50 0.99 63.21
CA PRO C 564 11.77 0.32 63.51
C PRO C 564 11.85 -0.32 64.88
N LEU C 565 10.85 -0.13 65.74
CA LEU C 565 10.87 -0.66 67.09
C LEU C 565 9.70 -1.61 67.29
N LEU C 566 9.38 -2.39 66.27
CA LEU C 566 8.16 -3.20 66.28
C LEU C 566 8.33 -4.47 67.09
N ARG C 567 7.32 -4.79 67.89
CA ARG C 567 7.30 -5.99 68.72
C ARG C 567 6.23 -6.97 68.27
N VAL C 568 4.98 -6.53 68.23
CA VAL C 568 3.84 -7.39 67.94
C VAL C 568 3.30 -7.02 66.57
N LEU C 569 3.40 -7.97 65.64
CA LEU C 569 3.11 -7.75 64.23
C LEU C 569 1.99 -8.72 63.87
N ASP C 570 0.75 -8.31 64.15
CA ASP C 570 -0.41 -9.19 63.99
C ASP C 570 -1.04 -8.86 62.63
N VAL C 571 -0.63 -9.60 61.61
CA VAL C 571 -0.98 -9.32 60.22
C VAL C 571 -1.47 -10.59 59.55
N GLU C 572 -2.04 -11.51 60.32
CA GLU C 572 -2.32 -12.83 59.78
C GLU C 572 -3.36 -12.77 58.68
N SER C 573 -4.17 -11.70 58.66
CA SER C 573 -5.08 -11.48 57.54
C SER C 573 -4.42 -10.80 56.36
N ILE C 574 -3.09 -10.66 56.37
CA ILE C 574 -2.35 -10.04 55.29
C ILE C 574 -1.44 -11.07 54.63
N ASN C 575 -1.30 -10.97 53.32
CA ASN C 575 -0.50 -11.91 52.52
C ASN C 575 0.84 -11.26 52.21
N PHE C 576 1.90 -12.05 52.20
CA PHE C 576 3.24 -11.60 51.90
C PHE C 576 3.89 -12.50 50.86
N SER C 577 4.21 -11.94 49.70
CA SER C 577 4.96 -12.70 48.70
C SER C 577 6.43 -12.80 49.06
N ARG C 578 7.01 -11.72 49.61
CA ARG C 578 8.40 -11.74 50.02
C ARG C 578 8.61 -10.67 51.09
N PHE C 579 9.88 -10.46 51.46
CA PHE C 579 10.25 -9.62 52.59
C PHE C 579 11.43 -8.75 52.20
N SER C 580 11.35 -7.47 52.54
CA SER C 580 12.49 -6.57 52.36
C SER C 580 13.56 -6.87 53.41
N ARG C 581 14.80 -6.46 53.10
CA ARG C 581 15.88 -6.66 54.05
C ARG C 581 15.65 -5.88 55.33
N GLU C 582 14.83 -4.82 55.26
CA GLU C 582 14.60 -3.99 56.44
C GLU C 582 13.79 -4.74 57.49
N PHE C 583 13.09 -5.81 57.10
CA PHE C 583 12.51 -6.70 58.09
C PHE C 583 13.56 -7.23 59.04
N TYR C 584 14.75 -7.51 58.53
CA TYR C 584 15.80 -8.22 59.25
C TYR C 584 16.67 -7.30 60.09
N GLN C 585 16.17 -6.11 60.39
CA GLN C 585 16.79 -5.20 61.36
C GLN C 585 15.82 -4.88 62.48
N LEU C 586 14.68 -5.57 62.53
CA LEU C 586 13.64 -5.32 63.52
C LEU C 586 14.02 -6.09 64.79
N TYR C 587 15.04 -5.59 65.48
CA TYR C 587 15.61 -6.32 66.60
C TYR C 587 14.74 -6.26 67.83
N HIS C 588 13.59 -5.60 67.74
CA HIS C 588 12.62 -5.52 68.82
C HIS C 588 11.38 -6.36 68.57
N LEU C 589 11.38 -7.18 67.51
CA LEU C 589 10.23 -8.02 67.20
C LEU C 589 10.13 -9.18 68.18
N ARG C 590 8.96 -9.33 68.78
CA ARG C 590 8.66 -10.45 69.68
C ARG C 590 7.67 -11.43 69.08
N TYR C 591 6.69 -10.93 68.33
CA TYR C 591 5.61 -11.73 67.78
C TYR C 591 5.54 -11.52 66.28
N VAL C 592 5.54 -12.62 65.53
CA VAL C 592 5.42 -12.60 64.07
C VAL C 592 4.34 -13.60 63.68
N ALA C 593 3.24 -13.11 63.11
CA ALA C 593 2.20 -13.94 62.54
C ALA C 593 1.82 -13.36 61.19
N PHE C 594 1.85 -14.20 60.16
CA PHE C 594 1.71 -13.73 58.79
C PHE C 594 1.40 -14.91 57.89
N SER C 595 0.79 -14.61 56.74
CA SER C 595 0.40 -15.61 55.77
C SER C 595 1.26 -15.50 54.51
N SER C 596 1.06 -16.45 53.60
CA SER C 596 1.78 -16.49 52.34
C SER C 596 1.21 -17.64 51.52
N ASP C 597 1.49 -17.63 50.23
CA ASP C 597 1.15 -18.73 49.34
C ASP C 597 2.29 -19.17 48.43
N SER C 598 3.40 -18.44 48.39
CA SER C 598 4.55 -18.82 47.59
C SER C 598 5.82 -19.00 48.40
N ILE C 599 5.83 -18.59 49.66
CA ILE C 599 7.05 -18.63 50.45
C ILE C 599 7.47 -20.09 50.66
N LYS C 600 8.60 -20.46 50.07
CA LYS C 600 9.15 -21.80 50.22
C LYS C 600 10.34 -21.86 51.15
N ILE C 601 11.07 -20.75 51.32
CA ILE C 601 12.26 -20.71 52.15
C ILE C 601 12.15 -19.55 53.12
N LEU C 602 12.44 -19.82 54.39
CA LEU C 602 12.64 -18.76 55.38
C LEU C 602 14.12 -18.36 55.35
N PRO C 603 14.46 -17.13 54.98
CA PRO C 603 15.87 -16.81 54.76
C PRO C 603 16.68 -16.89 56.04
N LYS C 604 17.97 -17.21 55.87
CA LYS C 604 18.87 -17.32 57.01
C LYS C 604 18.91 -16.01 57.80
N LEU C 605 18.72 -14.88 57.13
CA LEU C 605 18.71 -13.60 57.83
C LEU C 605 17.59 -13.52 58.85
N MET C 606 16.56 -14.36 58.72
CA MET C 606 15.54 -14.46 59.76
C MET C 606 16.17 -14.85 61.10
N GLY C 607 17.18 -15.71 61.07
CA GLY C 607 17.81 -16.16 62.31
C GLY C 607 18.53 -15.05 63.05
N GLU C 608 18.95 -14.01 62.33
CA GLU C 608 19.66 -12.90 62.97
C GLU C 608 18.86 -12.36 64.16
N LEU C 609 17.54 -12.39 64.07
CA LEU C 609 16.72 -11.86 65.14
C LEU C 609 16.85 -12.73 66.38
N TRP C 610 16.59 -12.14 67.56
CA TRP C 610 16.69 -12.87 68.81
C TRP C 610 15.52 -12.66 69.75
N ASN C 611 14.77 -11.56 69.61
CA ASN C 611 13.75 -11.21 70.59
C ASN C 611 12.39 -11.86 70.31
N ILE C 612 12.25 -12.57 69.19
CA ILE C 612 10.97 -13.16 68.85
C ILE C 612 10.67 -14.34 69.77
N GLN C 613 9.39 -14.54 70.06
CA GLN C 613 8.93 -15.68 70.86
C GLN C 613 8.06 -16.62 70.03
N THR C 614 7.18 -16.07 69.21
CA THR C 614 6.23 -16.85 68.42
C THR C 614 6.45 -16.62 66.93
N ILE C 615 6.36 -17.71 66.18
CA ILE C 615 6.43 -17.65 64.71
C ILE C 615 5.29 -18.47 64.14
N ILE C 616 4.55 -17.90 63.20
CA ILE C 616 3.28 -18.44 62.73
C ILE C 616 3.20 -18.24 61.22
N ILE C 617 2.95 -19.32 60.49
CA ILE C 617 2.94 -19.28 59.04
C ILE C 617 1.88 -20.26 58.54
N ASN C 618 1.00 -19.78 57.66
CA ASN C 618 0.04 -20.63 56.97
C ASN C 618 0.29 -20.51 55.47
N THR C 619 1.12 -21.41 54.93
CA THR C 619 1.48 -21.40 53.52
C THR C 619 0.76 -22.52 52.79
N GLN C 620 0.51 -22.31 51.49
CA GLN C 620 -0.04 -23.36 50.64
C GLN C 620 1.04 -24.13 49.90
N GLN C 621 2.31 -23.77 50.06
CA GLN C 621 3.39 -24.66 49.66
C GLN C 621 3.37 -25.91 50.53
N ARG C 622 3.35 -27.07 49.88
CA ARG C 622 3.34 -28.34 50.60
C ARG C 622 4.59 -28.55 51.45
N THR C 623 5.67 -27.85 51.15
CA THR C 623 6.89 -27.92 51.93
C THR C 623 7.34 -26.52 52.31
N LEU C 624 8.05 -26.40 53.44
CA LEU C 624 8.57 -25.11 53.90
C LEU C 624 9.95 -25.34 54.48
N ASP C 625 10.98 -25.15 53.65
CA ASP C 625 12.35 -25.23 54.12
C ASP C 625 12.60 -24.10 55.12
N ILE C 626 13.06 -24.46 56.32
CA ILE C 626 13.40 -23.47 57.34
C ILE C 626 14.92 -23.39 57.41
N GLN C 627 15.49 -22.36 56.79
CA GLN C 627 16.94 -22.18 56.77
C GLN C 627 17.46 -21.27 57.88
N ALA C 628 16.58 -20.73 58.71
CA ALA C 628 17.03 -19.93 59.85
C ALA C 628 17.56 -20.85 60.94
N ASN C 629 18.61 -20.39 61.63
CA ASN C 629 19.20 -21.13 62.74
C ASN C 629 18.36 -20.86 63.98
N ILE C 630 17.29 -21.63 64.12
CA ILE C 630 16.39 -21.48 65.26
C ILE C 630 17.10 -21.82 66.56
N TRP C 631 18.01 -22.80 66.52
CA TRP C 631 18.68 -23.26 67.73
C TRP C 631 19.42 -22.15 68.46
N ASN C 632 19.83 -21.09 67.75
CA ASN C 632 20.50 -19.96 68.38
C ASN C 632 19.54 -18.93 68.95
N MET C 633 18.24 -19.10 68.74
CA MET C 633 17.23 -18.22 69.35
C MET C 633 16.75 -18.87 70.64
N GLU C 634 17.24 -18.34 71.76
CA GLU C 634 16.92 -18.93 73.06
C GLU C 634 15.45 -18.68 73.43
N ARG C 635 14.91 -17.53 73.07
CA ARG C 635 13.57 -17.16 73.51
C ARG C 635 12.49 -17.67 72.57
N LEU C 636 12.86 -18.35 71.49
CA LEU C 636 11.83 -18.96 70.66
C LEU C 636 11.03 -19.93 71.50
N ARG C 637 9.79 -19.56 71.79
CA ARG C 637 8.87 -20.42 72.52
C ARG C 637 7.97 -21.22 71.60
N HIS C 638 7.72 -20.74 70.38
CA HIS C 638 6.66 -21.26 69.55
C HIS C 638 7.00 -21.06 68.09
N LEU C 639 6.98 -22.16 67.34
CA LEU C 639 7.11 -22.14 65.88
C LEU C 639 5.90 -22.91 65.35
N HIS C 640 4.78 -22.20 65.21
CA HIS C 640 3.54 -22.79 64.72
C HIS C 640 3.44 -22.62 63.22
N THR C 641 2.91 -23.64 62.56
CA THR C 641 2.67 -23.59 61.13
C THR C 641 1.62 -24.63 60.80
N ASN C 642 1.46 -24.92 59.51
CA ASN C 642 0.70 -26.06 59.04
C ASN C 642 1.42 -26.83 57.95
N SER C 643 2.66 -26.46 57.63
CA SER C 643 3.43 -27.10 56.58
C SER C 643 4.33 -28.19 57.16
N SER C 644 4.94 -28.97 56.27
CA SER C 644 5.86 -30.04 56.65
C SER C 644 7.26 -29.46 56.77
N ALA C 645 7.45 -28.64 57.81
CA ALA C 645 8.69 -27.90 57.98
C ALA C 645 9.88 -28.84 58.09
N LYS C 646 10.95 -28.51 57.38
CA LYS C 646 12.22 -29.24 57.41
C LYS C 646 13.22 -28.38 58.16
N LEU C 647 13.51 -28.74 59.41
CA LEU C 647 14.37 -27.93 60.25
C LEU C 647 15.83 -28.07 59.82
N PRO C 648 16.67 -27.09 60.13
CA PRO C 648 18.10 -27.22 59.87
C PRO C 648 18.73 -28.27 60.79
N VAL C 649 19.81 -28.87 60.30
CA VAL C 649 20.50 -29.94 61.03
C VAL C 649 21.22 -29.30 62.22
N PRO C 650 20.90 -29.68 63.45
CA PRO C 650 21.58 -29.06 64.60
C PRO C 650 23.05 -29.45 64.65
N VAL C 651 23.91 -28.46 64.41
CA VAL C 651 25.36 -28.66 64.42
C VAL C 651 25.94 -27.78 65.51
N ALA C 652 26.67 -28.39 66.44
CA ALA C 652 27.34 -27.62 67.48
C ALA C 652 28.57 -26.93 66.90
N PRO C 653 28.93 -25.74 67.36
CA PRO C 653 30.14 -25.10 66.83
C PRO C 653 31.38 -25.92 67.16
N LYS C 654 32.37 -25.84 66.26
CA LYS C 654 33.60 -26.60 66.46
C LYS C 654 34.45 -26.03 67.59
N ASN C 655 34.28 -24.74 67.92
CA ASN C 655 35.09 -24.08 68.93
C ASN C 655 34.21 -23.30 69.91
N SER C 656 33.15 -23.93 70.40
CA SER C 656 32.33 -23.36 71.45
C SER C 656 31.92 -24.46 72.42
N LYS C 657 31.85 -24.10 73.70
CA LYS C 657 31.38 -25.03 74.73
C LYS C 657 29.90 -24.85 75.05
N VAL C 658 29.23 -23.90 74.41
CA VAL C 658 27.82 -23.64 74.67
C VAL C 658 26.99 -24.76 74.05
N THR C 659 26.03 -25.26 74.82
CA THR C 659 25.10 -26.28 74.34
C THR C 659 23.91 -25.59 73.70
N LEU C 660 23.67 -25.89 72.42
CA LEU C 660 22.54 -25.30 71.69
C LEU C 660 21.26 -26.06 72.03
N VAL C 661 20.93 -26.03 73.32
CA VAL C 661 19.71 -26.65 73.85
C VAL C 661 18.80 -25.49 74.24
N ASN C 662 17.73 -25.29 73.47
CA ASN C 662 16.82 -24.18 73.69
C ASN C 662 15.80 -24.61 74.74
N GLN C 663 15.88 -23.99 75.92
CA GLN C 663 15.05 -24.38 77.05
C GLN C 663 13.71 -23.65 77.11
N SER C 664 13.41 -22.80 76.13
CA SER C 664 12.13 -22.10 76.10
C SER C 664 11.11 -22.73 75.16
N LEU C 665 11.58 -23.46 74.15
CA LEU C 665 10.68 -24.02 73.14
C LEU C 665 9.59 -24.85 73.80
N GLN C 666 8.39 -24.80 73.23
CA GLN C 666 7.26 -25.58 73.71
C GLN C 666 6.59 -26.43 72.64
N THR C 667 6.49 -25.94 71.41
CA THR C 667 5.75 -26.63 70.37
C THR C 667 6.46 -26.57 69.03
N LEU C 668 6.33 -27.67 68.27
CA LEU C 668 6.75 -27.75 66.86
C LEU C 668 5.60 -28.44 66.13
N SER C 669 4.72 -27.64 65.53
CA SER C 669 3.41 -28.14 65.14
C SER C 669 3.51 -29.27 64.11
N THR C 670 4.13 -29.00 62.96
CA THR C 670 4.07 -29.93 61.83
C THR C 670 5.44 -30.08 61.16
N ILE C 671 6.49 -30.31 61.95
CA ILE C 671 7.81 -30.48 61.35
C ILE C 671 7.79 -31.66 60.38
N ALA C 672 8.82 -31.69 59.51
CA ALA C 672 8.92 -32.72 58.48
C ALA C 672 9.35 -34.05 59.08
N PRO C 673 8.83 -35.17 58.56
CA PRO C 673 9.31 -36.47 59.05
C PRO C 673 10.81 -36.66 58.85
N GLU C 674 11.36 -36.11 57.76
CA GLU C 674 12.80 -36.20 57.54
C GLU C 674 13.58 -35.47 58.64
N SER C 675 12.97 -34.47 59.26
CA SER C 675 13.64 -33.64 60.25
C SER C 675 13.51 -34.17 61.67
N CYS C 676 13.04 -35.40 61.84
CA CYS C 676 12.91 -36.00 63.17
C CYS C 676 14.12 -36.90 63.47
N THR C 677 15.23 -36.24 63.81
CA THR C 677 16.49 -36.90 64.16
C THR C 677 16.73 -36.75 65.66
N GLU C 678 17.55 -37.65 66.19
CA GLU C 678 17.78 -37.67 67.64
C GLU C 678 18.21 -36.31 68.14
N GLU C 679 19.02 -35.58 67.36
CA GLU C 679 19.52 -34.28 67.82
C GLU C 679 18.38 -33.33 68.13
N VAL C 680 17.49 -33.10 67.16
CA VAL C 680 16.52 -32.00 67.28
C VAL C 680 15.65 -32.20 68.51
N PHE C 681 15.25 -33.44 68.80
CA PHE C 681 14.60 -33.71 70.07
C PHE C 681 15.56 -33.46 71.23
N ALA C 682 16.82 -33.85 71.06
CA ALA C 682 17.79 -33.70 72.14
C ALA C 682 18.07 -32.23 72.46
N ARG C 683 17.74 -31.32 71.54
CA ARG C 683 17.90 -29.89 71.80
C ARG C 683 16.73 -29.30 72.57
N THR C 684 15.62 -30.01 72.69
CA THR C 684 14.38 -29.48 73.23
C THR C 684 13.87 -30.36 74.37
N PRO C 685 14.50 -30.27 75.55
CA PRO C 685 14.01 -31.08 76.68
C PRO C 685 12.58 -30.78 77.07
N ASN C 686 12.12 -29.55 76.84
CA ASN C 686 10.83 -29.09 77.34
C ASN C 686 9.77 -28.98 76.24
N LEU C 687 9.76 -29.92 75.30
CA LEU C 687 8.75 -29.91 74.26
C LEU C 687 7.45 -30.53 74.79
N LYS C 688 6.34 -29.81 74.56
CA LYS C 688 5.05 -30.16 75.14
C LYS C 688 4.00 -30.58 74.13
N LYS C 689 4.12 -30.14 72.88
CA LYS C 689 3.10 -30.41 71.86
C LYS C 689 3.82 -30.65 70.55
N LEU C 690 3.64 -31.83 69.97
CA LEU C 690 4.29 -32.17 68.71
C LEU C 690 3.26 -32.71 67.72
N GLY C 691 3.59 -32.58 66.44
CA GLY C 691 2.78 -33.15 65.39
C GLY C 691 3.60 -33.21 64.12
N ILE C 692 3.35 -34.25 63.33
CA ILE C 692 4.10 -34.47 62.10
C ILE C 692 3.15 -34.45 60.92
N ARG C 693 3.67 -34.07 59.77
CA ARG C 693 2.90 -34.02 58.53
C ARG C 693 3.86 -34.25 57.37
N GLY C 694 3.58 -35.25 56.56
CA GLY C 694 4.45 -35.64 55.48
C GLY C 694 4.37 -37.14 55.27
N LYS C 695 5.49 -37.74 54.88
CA LYS C 695 5.58 -39.18 54.70
C LYS C 695 5.85 -39.81 56.06
N ILE C 696 4.77 -40.21 56.75
CA ILE C 696 4.89 -40.79 58.08
C ILE C 696 5.48 -42.19 58.06
N SER C 697 5.25 -42.97 57.00
CA SER C 697 5.83 -44.30 56.94
C SER C 697 7.34 -44.24 57.09
N VAL C 698 7.95 -43.13 56.69
CA VAL C 698 9.37 -42.90 56.98
C VAL C 698 9.59 -42.87 58.49
N LEU C 699 8.63 -42.33 59.24
CA LEU C 699 8.72 -42.37 60.70
C LEU C 699 8.56 -43.79 61.22
N LEU C 700 7.53 -44.49 60.75
CA LEU C 700 7.24 -45.82 61.28
C LEU C 700 8.38 -46.79 61.05
N ASP C 701 8.73 -47.02 59.79
CA ASP C 701 9.56 -48.17 59.43
C ASP C 701 10.92 -48.09 60.12
N ASN C 702 11.39 -49.26 60.59
CA ASN C 702 12.64 -49.30 61.35
C ASN C 702 13.85 -49.15 60.45
N LYS C 703 13.82 -49.74 59.25
CA LYS C 703 14.88 -49.49 58.28
C LYS C 703 15.08 -48.00 58.09
N SER C 704 13.99 -47.26 57.99
CA SER C 704 14.05 -45.81 57.95
C SER C 704 14.61 -45.28 59.26
N ALA C 705 15.25 -44.12 59.19
CA ALA C 705 15.73 -43.46 60.40
C ALA C 705 14.62 -43.44 61.44
N ALA C 706 14.92 -44.01 62.61
CA ALA C 706 13.88 -44.32 63.59
C ALA C 706 13.41 -43.04 64.27
N SER C 707 12.53 -42.32 63.57
CA SER C 707 11.98 -41.09 64.12
C SER C 707 11.02 -41.38 65.27
N LEU C 708 10.10 -42.33 65.06
CA LEU C 708 9.08 -42.58 66.07
C LEU C 708 9.70 -43.15 67.35
N LYS C 709 10.77 -43.93 67.23
CA LYS C 709 11.48 -44.40 68.42
C LYS C 709 12.15 -43.25 69.16
N ASN C 710 12.77 -42.32 68.43
CA ASN C 710 13.40 -41.17 69.07
C ASN C 710 12.36 -40.29 69.74
N VAL C 711 11.13 -40.27 69.22
CA VAL C 711 10.07 -39.46 69.82
C VAL C 711 9.85 -39.82 71.29
N LYS C 712 10.38 -40.97 71.73
CA LYS C 712 10.31 -41.33 73.15
C LYS C 712 11.06 -40.32 74.02
N ARG C 713 12.18 -39.78 73.51
CA ARG C 713 13.07 -38.98 74.34
C ARG C 713 12.36 -37.79 74.97
N LEU C 714 11.28 -37.30 74.36
CA LEU C 714 10.57 -36.13 74.86
C LEU C 714 9.71 -36.55 76.06
N GLU C 715 10.29 -36.41 77.25
CA GLU C 715 9.59 -36.84 78.46
C GLU C 715 8.44 -35.92 78.82
N TYR C 716 8.45 -34.68 78.33
CA TYR C 716 7.40 -33.72 78.61
C TYR C 716 6.40 -33.58 77.46
N LEU C 717 6.43 -34.49 76.49
CA LEU C 717 5.48 -34.41 75.37
C LEU C 717 4.08 -34.82 75.84
N GLU C 718 3.07 -34.07 75.38
CA GLU C 718 1.70 -34.33 75.77
C GLU C 718 0.70 -34.31 74.62
N ASN C 719 1.07 -33.80 73.45
CA ASN C 719 0.15 -33.68 72.33
C ASN C 719 0.86 -34.15 71.06
N LEU C 720 0.34 -35.18 70.41
CA LEU C 720 0.95 -35.77 69.22
C LEU C 720 -0.07 -35.87 68.09
N LYS C 721 0.33 -35.39 66.91
CA LYS C 721 -0.53 -35.42 65.72
C LYS C 721 0.27 -35.99 64.56
N LEU C 722 -0.22 -37.08 63.96
CA LEU C 722 0.44 -37.72 62.84
C LEU C 722 -0.43 -37.53 61.60
N ILE C 723 0.15 -36.98 60.55
CA ILE C 723 -0.56 -36.61 59.33
C ILE C 723 0.22 -37.16 58.15
N ASN C 724 -0.50 -37.77 57.20
CA ASN C 724 0.10 -38.28 55.97
C ASN C 724 -0.46 -37.50 54.79
N ASP C 725 0.43 -36.86 54.01
CA ASP C 725 0.04 -36.26 52.75
C ASP C 725 0.00 -37.27 51.62
N SER C 726 0.68 -38.40 51.77
CA SER C 726 0.70 -39.41 50.71
C SER C 726 -0.69 -40.02 50.54
N SER C 727 -1.35 -39.64 49.45
CA SER C 727 -2.66 -40.20 49.09
C SER C 727 -2.56 -41.65 48.63
N ILE C 728 -1.35 -42.14 48.41
CA ILE C 728 -1.12 -43.47 47.83
C ILE C 728 -0.77 -44.43 48.96
N GLN C 729 -1.42 -45.59 48.96
CA GLN C 729 -1.13 -46.65 49.93
C GLN C 729 -0.12 -47.60 49.29
N THR C 730 1.16 -47.28 49.44
CA THR C 730 2.23 -48.12 48.90
C THR C 730 2.57 -49.29 49.81
N SER C 731 2.05 -49.32 51.03
CA SER C 731 2.30 -50.42 51.95
C SER C 731 1.48 -50.25 53.24
N LYS C 732 1.49 -51.25 54.10
CA LYS C 732 0.76 -51.21 55.36
C LYS C 732 1.70 -50.79 56.49
N LEU C 733 1.19 -49.93 57.36
CA LEU C 733 1.98 -49.35 58.45
C LEU C 733 1.64 -50.04 59.77
N ARG C 734 2.66 -50.16 60.62
CA ARG C 734 2.52 -50.80 61.92
C ARG C 734 3.12 -49.88 62.98
N LEU C 735 2.40 -49.72 64.10
CA LEU C 735 2.84 -48.86 65.19
C LEU C 735 3.98 -49.51 65.96
N PRO C 736 4.78 -48.75 66.71
CA PRO C 736 5.82 -49.35 67.53
C PRO C 736 5.24 -49.86 68.84
N PRO C 737 6.08 -50.39 69.73
CA PRO C 737 5.59 -50.81 71.04
C PRO C 737 5.08 -49.63 71.85
N ALA C 738 4.20 -49.94 72.81
CA ALA C 738 3.58 -48.89 73.62
C ALA C 738 4.59 -48.10 74.43
N TYR C 739 5.64 -48.75 74.95
CA TYR C 739 6.60 -48.04 75.79
C TYR C 739 7.36 -46.95 75.05
N ILE C 740 7.55 -47.09 73.74
CA ILE C 740 8.30 -46.11 72.97
C ILE C 740 7.64 -44.74 73.02
N PHE C 741 6.36 -44.66 73.33
CA PHE C 741 5.73 -43.36 73.36
C PHE C 741 6.09 -42.59 74.63
N PRO C 742 6.09 -41.26 74.57
CA PRO C 742 6.35 -40.48 75.78
C PRO C 742 5.34 -40.80 76.88
N THR C 743 5.81 -40.82 78.12
CA THR C 743 4.97 -41.23 79.24
C THR C 743 3.77 -40.30 79.39
N LYS C 744 3.98 -38.99 79.21
CA LYS C 744 2.96 -38.01 79.53
C LYS C 744 2.09 -37.63 78.34
N LEU C 745 2.06 -38.44 77.28
CA LEU C 745 1.20 -38.17 76.13
C LEU C 745 -0.27 -38.25 76.53
N ARG C 746 -1.04 -37.24 76.15
CA ARG C 746 -2.43 -37.13 76.61
C ARG C 746 -3.44 -36.91 75.50
N LYS C 747 -3.06 -36.34 74.36
CA LYS C 747 -3.98 -36.15 73.24
C LYS C 747 -3.28 -36.64 71.98
N LEU C 748 -4.01 -37.38 71.14
CA LEU C 748 -3.43 -37.92 69.91
C LEU C 748 -4.43 -37.71 68.78
N THR C 749 -3.91 -37.30 67.62
CA THR C 749 -4.71 -37.13 66.41
C THR C 749 -4.05 -37.91 65.28
N LEU C 750 -4.85 -38.59 64.48
CA LEU C 750 -4.36 -39.39 63.36
C LEU C 750 -5.13 -39.02 62.10
N LEU C 751 -4.40 -38.73 61.02
CA LEU C 751 -5.00 -38.33 59.75
C LEU C 751 -4.26 -39.01 58.61
N ASP C 752 -4.98 -39.85 57.86
CA ASP C 752 -4.47 -40.45 56.62
C ASP C 752 -3.36 -41.47 56.89
N THR C 753 -3.38 -42.08 58.08
CA THR C 753 -2.37 -43.09 58.39
C THR C 753 -2.81 -44.47 57.92
N TRP C 754 -4.12 -44.74 57.94
CA TRP C 754 -4.67 -46.02 57.47
C TRP C 754 -4.06 -47.19 58.23
N LEU C 755 -3.99 -47.04 59.55
CA LEU C 755 -3.48 -48.08 60.42
C LEU C 755 -4.47 -49.24 60.50
N GLU C 756 -4.02 -50.32 61.12
CA GLU C 756 -4.79 -51.56 61.20
C GLU C 756 -5.34 -51.71 62.61
N TRP C 757 -6.65 -51.92 62.73
CA TRP C 757 -7.31 -51.91 64.03
C TRP C 757 -6.64 -52.84 65.02
N LYS C 758 -5.92 -53.86 64.54
CA LYS C 758 -5.18 -54.74 65.44
C LYS C 758 -4.18 -53.96 66.29
N ASP C 759 -3.70 -52.81 65.82
CA ASP C 759 -2.81 -51.96 66.60
C ASP C 759 -3.52 -51.20 67.71
N MET C 760 -4.85 -51.13 67.70
CA MET C 760 -5.56 -50.32 68.67
C MET C 760 -5.24 -50.77 70.10
N SER C 761 -4.84 -52.02 70.28
CA SER C 761 -4.40 -52.48 71.59
C SER C 761 -3.21 -51.66 72.08
N ILE C 762 -2.25 -51.38 71.19
CA ILE C 762 -1.05 -50.65 71.58
C ILE C 762 -1.43 -49.27 72.12
N LEU C 763 -2.34 -48.59 71.42
CA LEU C 763 -2.82 -47.30 71.90
C LEU C 763 -3.61 -47.45 73.19
N GLY C 764 -4.31 -48.57 73.37
CA GLY C 764 -4.96 -48.82 74.65
C GLY C 764 -3.97 -48.80 75.79
N GLN C 765 -2.81 -49.42 75.61
CA GLN C 765 -1.84 -49.53 76.70
C GLN C 765 -1.39 -48.17 77.22
N LEU C 766 -1.54 -47.11 76.44
CA LEU C 766 -1.10 -45.80 76.89
C LEU C 766 -1.85 -45.40 78.16
N GLU C 767 -1.08 -45.07 79.21
CA GLU C 767 -1.66 -44.86 80.52
C GLU C 767 -2.38 -43.51 80.61
N HIS C 768 -1.81 -42.46 80.02
CA HIS C 768 -2.30 -41.11 80.25
C HIS C 768 -3.10 -40.53 79.08
N LEU C 769 -3.26 -41.27 77.99
CA LEU C 769 -3.94 -40.70 76.83
C LEU C 769 -5.37 -40.33 77.19
N GLU C 770 -5.73 -39.07 76.91
CA GLU C 770 -7.02 -38.52 77.27
C GLU C 770 -7.83 -38.02 76.08
N VAL C 771 -7.22 -37.87 74.91
CA VAL C 771 -7.91 -37.45 73.71
C VAL C 771 -7.37 -38.22 72.52
N LEU C 772 -8.25 -38.92 71.81
CA LEU C 772 -7.87 -39.67 70.62
C LEU C 772 -8.71 -39.18 69.45
N LYS C 773 -8.05 -38.89 68.33
CA LYS C 773 -8.71 -38.37 67.14
C LYS C 773 -8.14 -39.07 65.91
N MET C 774 -8.86 -40.05 65.39
CA MET C 774 -8.51 -40.70 64.13
C MET C 774 -9.43 -40.19 63.04
N LYS C 775 -8.83 -39.65 61.98
CA LYS C 775 -9.58 -39.05 60.89
C LYS C 775 -8.92 -39.47 59.58
N GLU C 776 -9.66 -39.26 58.48
CA GLU C 776 -9.19 -39.68 57.15
C GLU C 776 -8.78 -41.14 57.20
N ASN C 777 -9.72 -42.01 57.54
CA ASN C 777 -9.47 -43.45 57.66
C ASN C 777 -8.18 -43.71 58.44
N GLY C 778 -8.07 -43.10 59.63
CA GLY C 778 -6.89 -43.25 60.46
C GLY C 778 -6.52 -44.70 60.66
N PHE C 779 -7.52 -45.53 60.92
CA PHE C 779 -7.34 -46.97 61.01
C PHE C 779 -8.19 -47.62 59.92
N SER C 780 -7.54 -48.36 59.03
CA SER C 780 -8.19 -48.92 57.86
C SER C 780 -8.56 -50.37 58.12
N GLY C 781 -9.84 -50.69 57.95
CA GLY C 781 -10.30 -52.05 58.13
C GLY C 781 -11.81 -52.09 58.21
N GLU C 782 -12.32 -53.28 58.54
CA GLU C 782 -13.76 -53.51 58.63
C GLU C 782 -14.22 -54.01 59.99
N SER C 783 -13.48 -54.87 60.67
CA SER C 783 -13.88 -55.42 61.96
C SER C 783 -12.96 -54.88 63.04
N TRP C 784 -13.54 -54.32 64.09
CA TRP C 784 -12.81 -53.89 65.28
C TRP C 784 -13.32 -54.65 66.49
N GLU C 785 -12.38 -55.09 67.33
CA GLU C 785 -12.68 -55.77 68.59
C GLU C 785 -11.82 -55.12 69.66
N SER C 786 -12.39 -54.15 70.37
CA SER C 786 -11.64 -53.45 71.39
C SER C 786 -11.15 -54.43 72.44
N THR C 787 -9.88 -54.29 72.81
CA THR C 787 -9.22 -55.21 73.72
C THR C 787 -8.83 -54.53 75.04
N GLY C 788 -9.32 -53.31 75.25
CA GLY C 788 -9.09 -52.61 76.50
C GLY C 788 -7.80 -51.82 76.53
N GLY C 789 -7.56 -51.12 77.63
CA GLY C 789 -6.36 -50.32 77.78
C GLY C 789 -6.65 -48.85 77.96
N PHE C 790 -7.73 -48.36 77.36
CA PHE C 790 -8.03 -46.93 77.38
C PHE C 790 -8.63 -46.54 78.73
N CYS C 791 -7.89 -46.83 79.81
CA CYS C 791 -8.38 -46.52 81.15
C CYS C 791 -8.55 -45.02 81.35
N SER C 792 -7.56 -44.23 80.92
CA SER C 792 -7.57 -42.79 81.15
C SER C 792 -8.07 -41.99 79.94
N LEU C 793 -8.52 -42.65 78.88
CA LEU C 793 -9.11 -41.93 77.76
C LEU C 793 -10.43 -41.31 78.19
N LEU C 794 -10.80 -40.21 77.51
CA LEU C 794 -12.02 -39.49 77.85
C LEU C 794 -12.92 -39.19 76.66
N VAL C 795 -12.37 -39.07 75.46
CA VAL C 795 -13.14 -38.66 74.28
C VAL C 795 -12.65 -39.46 73.09
N LEU C 796 -13.58 -39.85 72.22
CA LEU C 796 -13.25 -40.65 71.04
C LEU C 796 -13.81 -39.97 69.80
N TRP C 797 -12.94 -39.76 68.81
CA TRP C 797 -13.30 -39.07 67.58
C TRP C 797 -13.03 -40.03 66.42
N ILE C 798 -14.07 -40.45 65.73
CA ILE C 798 -13.94 -41.30 64.54
C ILE C 798 -14.63 -40.59 63.38
N GLU C 799 -13.88 -40.40 62.30
CA GLU C 799 -14.37 -39.65 61.14
C GLU C 799 -13.79 -40.25 59.88
N ARG C 800 -14.66 -40.56 58.91
CA ARG C 800 -14.26 -41.08 57.61
C ARG C 800 -13.35 -42.30 57.78
N THR C 801 -13.97 -43.36 58.30
CA THR C 801 -13.33 -44.66 58.40
C THR C 801 -14.32 -45.72 57.95
N ASN C 802 -13.79 -46.75 57.27
CA ASN C 802 -14.61 -47.78 56.65
C ASN C 802 -14.88 -48.96 57.58
N LEU C 803 -14.87 -48.73 58.89
CA LEU C 803 -15.13 -49.81 59.84
C LEU C 803 -16.51 -50.42 59.60
N VAL C 804 -16.58 -51.74 59.72
CA VAL C 804 -17.83 -52.48 59.57
C VAL C 804 -18.33 -52.98 60.92
N SER C 805 -17.59 -53.87 61.57
CA SER C 805 -18.03 -54.51 62.80
C SER C 805 -17.17 -54.02 63.96
N TRP C 806 -17.83 -53.49 64.99
CA TRP C 806 -17.16 -53.08 66.21
C TRP C 806 -17.70 -53.91 67.37
N LYS C 807 -16.80 -54.53 68.12
CA LYS C 807 -17.16 -55.31 69.30
C LYS C 807 -16.35 -54.82 70.48
N ALA C 808 -17.03 -54.31 71.50
CA ALA C 808 -16.37 -53.82 72.70
C ALA C 808 -17.27 -54.11 73.91
N SER C 809 -16.63 -54.20 75.08
CA SER C 809 -17.34 -54.40 76.33
C SER C 809 -17.23 -53.14 77.18
N ALA C 810 -18.02 -53.11 78.25
CA ALA C 810 -17.99 -51.96 79.15
C ALA C 810 -16.67 -51.86 79.89
N ASP C 811 -15.89 -52.93 79.91
CA ASP C 811 -14.63 -52.95 80.65
C ASP C 811 -13.52 -52.22 79.91
N ASP C 812 -13.69 -51.95 78.61
CA ASP C 812 -12.62 -51.33 77.84
C ASP C 812 -12.56 -49.82 78.05
N PHE C 813 -13.68 -49.18 78.37
CA PHE C 813 -13.77 -47.72 78.44
C PHE C 813 -14.46 -47.31 79.73
N PRO C 814 -13.85 -47.58 80.88
CA PRO C 814 -14.50 -47.22 82.14
C PRO C 814 -14.59 -45.73 82.41
N ARG C 815 -13.63 -44.93 81.91
CA ARG C 815 -13.57 -43.50 82.19
C ARG C 815 -13.95 -42.63 81.00
N LEU C 816 -14.54 -43.20 79.97
CA LEU C 816 -14.78 -42.42 78.76
C LEU C 816 -16.07 -41.62 78.88
N LYS C 817 -16.14 -40.50 78.17
CA LYS C 817 -17.23 -39.54 78.32
C LYS C 817 -17.96 -39.23 77.03
N HIS C 818 -17.31 -39.35 75.88
CA HIS C 818 -17.84 -38.82 74.63
C HIS C 818 -17.59 -39.79 73.48
N LEU C 819 -18.65 -40.18 72.78
CA LEU C 819 -18.55 -40.86 71.49
C LEU C 819 -19.13 -39.98 70.40
N VAL C 820 -18.47 -39.95 69.25
CA VAL C 820 -18.89 -39.18 68.10
C VAL C 820 -18.46 -39.95 66.86
N LEU C 821 -19.30 -39.97 65.83
CA LEU C 821 -19.06 -40.77 64.63
C LEU C 821 -19.46 -39.94 63.42
N ILE C 822 -18.47 -39.52 62.64
CA ILE C 822 -18.67 -38.66 61.47
C ILE C 822 -18.56 -39.51 60.21
N CYS C 823 -19.60 -39.46 59.38
CA CYS C 823 -19.53 -39.95 58.00
C CYS C 823 -19.15 -41.43 57.95
N CYS C 824 -19.62 -42.20 58.93
CA CYS C 824 -19.41 -43.65 58.93
C CYS C 824 -20.60 -44.30 58.22
N ASP C 825 -20.64 -44.13 56.90
CA ASP C 825 -21.66 -44.77 56.09
C ASP C 825 -21.44 -46.28 56.00
N ASN C 826 -20.30 -46.77 56.47
CA ASN C 826 -20.01 -48.20 56.47
C ASN C 826 -20.34 -48.86 57.81
N LEU C 827 -20.25 -48.14 58.92
CA LEU C 827 -20.44 -48.71 60.25
C LEU C 827 -21.86 -49.24 60.43
N LYS C 828 -21.98 -50.39 61.10
CA LYS C 828 -23.29 -51.02 61.27
C LYS C 828 -23.94 -50.65 62.60
N GLU C 829 -23.28 -50.98 63.71
CA GLU C 829 -23.87 -50.82 65.03
C GLU C 829 -22.80 -50.37 66.02
N VAL C 830 -23.26 -49.82 67.13
CA VAL C 830 -22.39 -49.37 68.20
C VAL C 830 -22.54 -50.33 69.38
N PRO C 831 -21.43 -50.80 69.99
CA PRO C 831 -21.56 -51.77 71.08
C PRO C 831 -22.44 -51.28 72.22
N ILE C 832 -23.54 -52.01 72.46
CA ILE C 832 -24.46 -51.63 73.52
C ILE C 832 -23.81 -51.69 74.90
N ALA C 833 -22.67 -52.37 75.02
CA ALA C 833 -21.94 -52.40 76.28
C ALA C 833 -21.51 -51.00 76.70
N LEU C 834 -21.26 -50.11 75.74
CA LEU C 834 -20.87 -48.74 76.08
C LEU C 834 -21.96 -48.03 76.85
N ALA C 835 -23.19 -48.53 76.81
CA ALA C 835 -24.29 -47.96 77.60
C ALA C 835 -24.07 -48.15 79.10
N ASP C 836 -23.23 -49.09 79.51
CA ASP C 836 -22.94 -49.33 80.91
C ASP C 836 -21.85 -48.41 81.45
N ILE C 837 -21.30 -47.54 80.61
CA ILE C 837 -20.24 -46.62 81.01
C ILE C 837 -20.88 -45.43 81.71
N ARG C 838 -20.66 -45.32 83.02
CA ARG C 838 -21.25 -44.23 83.80
C ARG C 838 -20.76 -42.88 83.28
N SER C 839 -19.46 -42.78 83.02
CA SER C 839 -18.88 -41.49 82.63
C SER C 839 -19.36 -41.03 81.27
N PHE C 840 -19.81 -41.94 80.43
CA PHE C 840 -20.36 -41.58 79.12
C PHE C 840 -21.37 -40.46 79.26
N GLN C 841 -21.06 -39.31 78.66
CA GLN C 841 -21.85 -38.09 78.84
C GLN C 841 -22.65 -37.71 77.63
N VAL C 842 -22.01 -37.54 76.47
CA VAL C 842 -22.66 -37.01 75.27
C VAL C 842 -22.28 -37.86 74.08
N MET C 843 -23.25 -38.10 73.20
CA MET C 843 -23.03 -38.83 71.96
C MET C 843 -23.52 -38.00 70.79
N MET C 844 -22.73 -38.00 69.72
CA MET C 844 -23.11 -37.38 68.45
C MET C 844 -22.93 -38.41 67.35
N LEU C 845 -23.73 -38.30 66.29
CA LEU C 845 -23.65 -39.22 65.16
C LEU C 845 -23.99 -38.44 63.89
N GLN C 846 -23.08 -38.44 62.92
CA GLN C 846 -23.26 -37.71 61.66
C GLN C 846 -23.11 -38.65 60.48
N ASN C 847 -24.08 -38.57 59.56
CA ASN C 847 -24.05 -39.31 58.30
C ASN C 847 -23.53 -40.73 58.48
N SER C 848 -24.21 -41.45 59.35
CA SER C 848 -23.93 -42.86 59.62
C SER C 848 -25.10 -43.71 59.14
N THR C 849 -24.93 -45.02 59.22
CA THR C 849 -26.01 -45.94 58.89
C THR C 849 -27.11 -45.85 59.94
N LYS C 850 -28.36 -45.95 59.48
CA LYS C 850 -29.48 -45.83 60.41
C LYS C 850 -29.48 -46.97 61.42
N THR C 851 -28.81 -48.08 61.10
CA THR C 851 -28.65 -49.14 62.09
C THR C 851 -27.87 -48.64 63.30
N ALA C 852 -26.78 -47.90 63.05
CA ALA C 852 -26.02 -47.32 64.15
C ALA C 852 -26.88 -46.33 64.93
N ALA C 853 -27.73 -45.58 64.25
CA ALA C 853 -28.62 -44.64 64.94
C ALA C 853 -29.60 -45.38 65.85
N ILE C 854 -30.16 -46.49 65.38
CA ILE C 854 -31.12 -47.24 66.19
C ILE C 854 -30.43 -47.88 67.38
N SER C 855 -29.23 -48.43 67.17
CA SER C 855 -28.47 -48.98 68.29
C SER C 855 -28.09 -47.89 69.30
N ALA C 856 -27.78 -46.69 68.80
CA ALA C 856 -27.49 -45.57 69.69
C ALA C 856 -28.74 -45.18 70.48
N ARG C 857 -29.91 -45.26 69.85
CA ARG C 857 -31.16 -45.01 70.57
C ARG C 857 -31.35 -46.06 71.66
N GLN C 858 -31.01 -47.32 71.36
CA GLN C 858 -31.03 -48.36 72.38
C GLN C 858 -30.12 -48.00 73.55
N ILE C 859 -28.91 -47.53 73.25
CA ILE C 859 -27.98 -47.15 74.32
C ILE C 859 -28.53 -45.99 75.13
N GLN C 860 -29.13 -45.00 74.45
CA GLN C 860 -29.71 -43.86 75.17
C GLN C 860 -30.83 -44.33 76.09
N ALA C 861 -31.68 -45.25 75.61
CA ALA C 861 -32.73 -45.78 76.46
C ALA C 861 -32.15 -46.53 77.65
N LYS C 862 -31.07 -47.29 77.42
CA LYS C 862 -30.44 -48.00 78.54
C LYS C 862 -29.91 -47.03 79.59
N LYS C 863 -29.28 -45.94 79.15
CA LYS C 863 -28.77 -44.96 80.10
C LYS C 863 -29.92 -44.28 80.85
N ASP C 864 -30.99 -43.94 80.14
CA ASP C 864 -32.15 -43.33 80.79
C ASP C 864 -32.75 -44.27 81.83
N ASN C 865 -32.80 -45.57 81.51
CA ASN C 865 -33.26 -46.55 82.48
C ASN C 865 -32.30 -46.62 83.68
N GLN C 866 -31.00 -46.60 83.42
CA GLN C 866 -30.02 -46.61 84.50
C GLN C 866 -30.27 -45.47 85.47
N THR C 867 -30.36 -44.25 84.95
CA THR C 867 -30.53 -43.09 85.84
C THR C 867 -31.92 -43.07 86.46
N GLN C 868 -32.93 -43.59 85.74
CA GLN C 868 -34.29 -43.62 86.27
C GLN C 868 -34.40 -44.58 87.45
N GLN C 869 -33.42 -45.48 87.60
CA GLN C 869 -33.44 -46.48 88.67
C GLN C 869 -32.87 -45.94 89.97
N GLY C 870 -32.60 -44.64 90.06
CA GLY C 870 -32.04 -44.04 91.25
C GLY C 870 -30.53 -43.94 91.25
N THR C 871 -29.86 -44.46 90.23
CA THR C 871 -28.41 -44.31 90.14
C THR C 871 -28.05 -42.85 89.89
N LYS C 872 -27.00 -42.39 90.56
CA LYS C 872 -26.52 -41.01 90.37
C LYS C 872 -25.62 -40.94 89.14
N ASN C 873 -26.15 -41.44 88.03
CA ASN C 873 -25.45 -41.39 86.75
C ASN C 873 -25.71 -40.04 86.09
N ILE C 874 -24.64 -39.43 85.58
CA ILE C 874 -24.76 -38.09 85.03
C ILE C 874 -25.74 -38.12 83.86
N ALA C 875 -26.41 -36.99 83.64
CA ALA C 875 -27.36 -36.89 82.54
C ALA C 875 -26.69 -37.22 81.22
N PHE C 876 -27.37 -38.02 80.40
CA PHE C 876 -26.87 -38.41 79.09
C PHE C 876 -27.51 -37.52 78.03
N LYS C 877 -26.79 -37.29 76.93
CA LYS C 877 -27.27 -36.49 75.82
C LYS C 877 -27.03 -37.26 74.53
N LEU C 878 -28.06 -37.35 73.69
CA LEU C 878 -27.95 -37.91 72.35
C LEU C 878 -28.21 -36.81 71.34
N SER C 879 -27.48 -36.84 70.23
CA SER C 879 -27.74 -35.96 69.10
C SER C 879 -27.33 -36.68 67.83
N ILE C 880 -28.20 -36.62 66.81
CA ILE C 880 -27.91 -37.16 65.49
C ILE C 880 -28.05 -36.03 64.49
N PHE C 881 -27.01 -35.82 63.69
CA PHE C 881 -27.06 -34.74 62.71
C PHE C 881 -28.21 -34.91 61.73
N PRO C 882 -28.39 -36.04 61.05
CA PRO C 882 -29.64 -36.29 60.36
C PRO C 882 -30.66 -36.95 61.28
N PRO C 883 -31.77 -36.26 61.60
CA PRO C 883 -32.78 -36.91 62.46
C PRO C 883 -33.47 -38.08 61.80
N ASP C 884 -33.38 -38.19 60.47
CA ASP C 884 -34.04 -39.29 59.77
C ASP C 884 -33.44 -40.64 60.14
N LEU C 885 -32.14 -40.69 60.45
CA LEU C 885 -31.44 -41.94 60.70
C LEU C 885 -32.13 -42.77 61.78
N MET D 1 1.84 -0.17 -82.14
CA MET D 1 1.37 -0.25 -83.51
C MET D 1 0.10 -1.10 -83.60
N ALA D 2 -0.87 -0.62 -84.38
CA ALA D 2 -2.17 -1.31 -84.46
C ALA D 2 -2.02 -2.70 -85.07
N ASN D 3 -1.19 -2.83 -86.10
CA ASN D 3 -0.93 -4.14 -86.68
C ASN D 3 -0.49 -5.13 -85.61
N VAL D 4 0.34 -4.67 -84.67
CA VAL D 4 0.81 -5.55 -83.59
C VAL D 4 -0.36 -6.03 -82.76
N ALA D 5 -1.26 -5.13 -82.39
CA ALA D 5 -2.41 -5.53 -81.57
C ALA D 5 -3.30 -6.51 -82.31
N VAL D 6 -3.59 -6.23 -83.58
CA VAL D 6 -4.45 -7.12 -84.34
C VAL D 6 -3.81 -8.50 -84.48
N GLU D 7 -2.51 -8.55 -84.79
CA GLU D 7 -1.82 -9.82 -84.94
C GLU D 7 -1.79 -10.59 -83.63
N PHE D 8 -1.52 -9.90 -82.52
CA PHE D 8 -1.48 -10.57 -81.22
C PHE D 8 -2.84 -11.13 -80.86
N LEU D 9 -3.90 -10.37 -81.09
CA LEU D 9 -5.24 -10.87 -80.80
C LEU D 9 -5.57 -12.06 -81.68
N VAL D 10 -5.20 -12.01 -82.95
CA VAL D 10 -5.41 -13.15 -83.84
C VAL D 10 -4.72 -14.38 -83.28
N GLU D 11 -3.46 -14.25 -82.90
CA GLU D 11 -2.70 -15.39 -82.44
C GLU D 11 -3.29 -15.97 -81.15
N ASN D 12 -3.64 -15.10 -80.21
CA ASN D 12 -4.19 -15.59 -78.94
C ASN D 12 -5.55 -16.24 -79.14
N LEU D 13 -6.40 -15.65 -79.98
CA LEU D 13 -7.71 -16.27 -80.23
C LEU D 13 -7.56 -17.62 -80.92
N MET D 14 -6.68 -17.71 -81.91
CA MET D 14 -6.46 -18.99 -82.58
C MET D 14 -5.94 -20.04 -81.60
N GLN D 15 -5.00 -19.65 -80.74
CA GLN D 15 -4.49 -20.58 -79.74
C GLN D 15 -5.59 -21.03 -78.79
N LEU D 16 -6.43 -20.10 -78.35
CA LEU D 16 -7.53 -20.47 -77.46
C LEU D 16 -8.48 -21.45 -78.13
N LEU D 17 -8.82 -21.20 -79.40
CA LEU D 17 -9.69 -22.12 -80.11
C LEU D 17 -9.05 -23.50 -80.21
N ARG D 18 -7.75 -23.54 -80.52
CA ARG D 18 -7.09 -24.82 -80.71
C ARG D 18 -6.99 -25.62 -79.41
N ASP D 19 -6.68 -24.94 -78.30
CA ASP D 19 -6.41 -25.66 -77.06
C ASP D 19 -7.69 -26.17 -76.39
N ASN D 20 -8.57 -25.25 -76.00
CA ASN D 20 -9.74 -25.58 -75.18
C ASN D 20 -11.00 -25.24 -75.95
N VAL D 21 -11.72 -26.27 -76.40
CA VAL D 21 -13.01 -26.06 -77.04
C VAL D 21 -14.04 -25.57 -76.02
N GLU D 22 -13.95 -26.06 -74.78
CA GLU D 22 -14.96 -25.71 -73.78
C GLU D 22 -14.88 -24.24 -73.40
N LEU D 23 -13.67 -23.70 -73.26
CA LEU D 23 -13.53 -22.31 -72.81
C LEU D 23 -14.16 -21.32 -73.78
N ILE D 24 -14.42 -21.74 -75.02
CA ILE D 24 -14.94 -20.86 -76.06
C ILE D 24 -16.27 -21.34 -76.62
N SER D 25 -16.72 -22.54 -76.25
CA SER D 25 -17.85 -23.16 -76.94
C SER D 25 -19.08 -22.28 -76.96
N GLY D 26 -19.25 -21.43 -75.94
CA GLY D 26 -20.44 -20.60 -75.88
C GLY D 26 -20.55 -19.65 -77.05
N VAL D 27 -19.42 -19.14 -77.53
CA VAL D 27 -19.42 -18.04 -78.49
C VAL D 27 -18.51 -18.34 -79.68
N LYS D 28 -18.07 -19.60 -79.80
CA LYS D 28 -17.14 -19.98 -80.87
C LYS D 28 -17.45 -19.32 -82.21
N GLU D 29 -18.73 -19.22 -82.58
CA GLU D 29 -19.06 -18.67 -83.89
C GLU D 29 -18.65 -17.21 -84.00
N ALA D 30 -19.07 -16.38 -83.05
CA ALA D 30 -18.68 -14.97 -83.08
C ALA D 30 -17.17 -14.83 -82.92
N ALA D 31 -16.55 -15.71 -82.13
CA ALA D 31 -15.10 -15.66 -81.97
C ALA D 31 -14.38 -15.90 -83.30
N GLU D 32 -14.83 -16.88 -84.06
CA GLU D 32 -14.26 -17.13 -85.38
C GLU D 32 -14.51 -15.93 -86.30
N SER D 33 -15.69 -15.32 -86.19
CA SER D 33 -15.96 -14.11 -86.96
C SER D 33 -14.95 -13.02 -86.64
N LEU D 34 -14.69 -12.80 -85.35
CA LEU D 34 -13.69 -11.82 -84.95
C LEU D 34 -12.31 -12.19 -85.48
N LEU D 35 -11.98 -13.47 -85.47
CA LEU D 35 -10.67 -13.90 -85.98
C LEU D 35 -10.54 -13.54 -87.46
N GLN D 36 -11.58 -13.82 -88.24
CA GLN D 36 -11.54 -13.48 -89.67
C GLN D 36 -11.44 -11.97 -89.87
N ASP D 37 -12.21 -11.20 -89.10
CA ASP D 37 -12.15 -9.74 -89.22
C ASP D 37 -10.77 -9.23 -88.86
N LEU D 38 -10.17 -9.78 -87.81
CA LEU D 38 -8.83 -9.35 -87.42
C LEU D 38 -7.82 -9.67 -88.51
N ASN D 39 -7.92 -10.84 -89.15
CA ASN D 39 -7.00 -11.15 -90.23
C ASN D 39 -7.15 -10.16 -91.38
N ASP D 40 -8.38 -9.96 -91.86
CA ASP D 40 -8.54 -9.12 -93.04
C ASP D 40 -8.21 -7.67 -92.74
N PHE D 41 -8.46 -7.20 -91.52
CA PHE D 41 -8.12 -5.83 -91.17
C PHE D 41 -6.67 -5.66 -90.75
N ASN D 42 -5.98 -6.73 -90.36
CA ASN D 42 -4.52 -6.66 -90.30
C ASN D 42 -3.95 -6.48 -91.69
N ALA D 43 -4.51 -7.18 -92.68
CA ALA D 43 -4.12 -6.94 -94.06
C ALA D 43 -4.41 -5.50 -94.47
N PHE D 44 -5.57 -4.99 -94.08
CA PHE D 44 -5.92 -3.61 -94.39
C PHE D 44 -4.96 -2.63 -93.72
N LEU D 45 -4.56 -2.92 -92.48
CA LEU D 45 -3.62 -2.06 -91.77
C LEU D 45 -2.26 -2.07 -92.46
N LYS D 46 -1.82 -3.23 -92.94
CA LYS D 46 -0.58 -3.28 -93.71
C LYS D 46 -0.70 -2.44 -94.98
N GLN D 47 -1.84 -2.54 -95.68
CA GLN D 47 -2.04 -1.77 -96.90
C GLN D 47 -2.01 -0.28 -96.61
N ALA D 48 -2.61 0.14 -95.48
CA ALA D 48 -2.54 1.54 -95.08
C ALA D 48 -1.10 1.93 -94.77
N ALA D 49 -0.36 1.07 -94.08
CA ALA D 49 1.02 1.38 -93.74
C ALA D 49 1.89 1.46 -94.99
N LYS D 50 1.46 0.86 -96.09
CA LYS D 50 2.18 1.04 -97.34
C LYS D 50 2.23 2.51 -97.74
N CYS D 51 1.14 3.23 -97.56
CA CYS D 51 1.07 4.65 -97.83
C CYS D 51 1.39 5.44 -96.56
N HIS D 52 1.89 6.66 -96.76
CA HIS D 52 2.36 7.49 -95.65
C HIS D 52 1.28 7.62 -94.58
N ILE D 53 1.62 7.24 -93.35
CA ILE D 53 0.70 7.35 -92.22
C ILE D 53 0.84 8.68 -91.50
N ASN D 54 2.09 9.14 -91.32
CA ASN D 54 2.31 10.37 -90.58
C ASN D 54 1.75 11.58 -91.31
N GLU D 55 1.86 11.63 -92.63
CA GLU D 55 1.48 12.81 -93.40
C GLU D 55 0.00 12.84 -93.75
N ASN D 56 -0.60 11.68 -94.03
CA ASN D 56 -1.98 11.61 -94.52
C ASN D 56 -2.92 11.30 -93.35
N GLU D 57 -3.84 12.25 -93.08
CA GLU D 57 -4.78 12.06 -91.99
C GLU D 57 -5.82 11.01 -92.33
N VAL D 58 -6.25 10.94 -93.59
CA VAL D 58 -7.31 10.02 -93.96
C VAL D 58 -6.90 8.58 -93.65
N LEU D 59 -5.63 8.25 -93.86
CA LEU D 59 -5.14 6.91 -93.53
C LEU D 59 -5.27 6.65 -92.03
N ARG D 60 -4.94 7.66 -91.21
CA ARG D 60 -5.14 7.52 -89.77
C ARG D 60 -6.60 7.25 -89.46
N GLU D 61 -7.52 7.93 -90.15
CA GLU D 61 -8.94 7.71 -89.90
C GLU D 61 -9.38 6.31 -90.30
N LEU D 62 -8.94 5.82 -91.45
CA LEU D 62 -9.31 4.47 -91.85
C LEU D 62 -8.76 3.44 -90.87
N VAL D 63 -7.49 3.59 -90.49
CA VAL D 63 -6.91 2.69 -89.49
C VAL D 63 -7.61 2.86 -88.15
N LYS D 64 -7.97 4.10 -87.82
CA LYS D 64 -8.71 4.34 -86.59
C LYS D 64 -9.98 3.51 -86.56
N LYS D 65 -10.47 3.25 -85.34
CA LYS D 65 -11.69 2.49 -85.09
C LYS D 65 -11.45 1.00 -85.32
N ILE D 66 -10.27 0.64 -85.81
CA ILE D 66 -9.84 -0.75 -85.72
C ILE D 66 -9.09 -0.99 -84.42
N ARG D 67 -8.31 0.01 -83.99
CA ARG D 67 -7.68 -0.08 -82.67
C ARG D 67 -8.72 -0.19 -81.56
N THR D 68 -9.76 0.64 -81.61
CA THR D 68 -10.75 0.66 -80.54
C THR D 68 -11.48 -0.67 -80.45
N VAL D 69 -12.02 -1.16 -81.56
CA VAL D 69 -12.76 -2.42 -81.54
C VAL D 69 -11.84 -3.61 -81.30
N VAL D 70 -10.58 -3.55 -81.73
CA VAL D 70 -9.64 -4.62 -81.40
C VAL D 70 -9.43 -4.67 -79.89
N ASN D 71 -9.24 -3.51 -79.25
CA ASN D 71 -9.08 -3.49 -77.81
C ASN D 71 -10.34 -4.00 -77.12
N SER D 72 -11.51 -3.59 -77.60
CA SER D 72 -12.76 -4.06 -77.01
C SER D 72 -12.91 -5.57 -77.14
N ALA D 73 -12.58 -6.10 -78.32
CA ALA D 73 -12.63 -7.53 -78.54
C ALA D 73 -11.69 -8.26 -77.60
N GLU D 74 -10.47 -7.73 -77.42
CA GLU D 74 -9.53 -8.35 -76.50
C GLU D 74 -10.09 -8.39 -75.09
N ASP D 75 -10.60 -7.25 -74.62
CA ASP D 75 -11.13 -7.21 -73.25
C ASP D 75 -12.28 -8.20 -73.08
N ALA D 76 -13.21 -8.20 -74.04
CA ALA D 76 -14.38 -9.06 -73.92
C ALA D 76 -14.00 -10.54 -73.99
N ILE D 77 -13.06 -10.90 -74.85
CA ILE D 77 -12.68 -12.31 -74.98
C ILE D 77 -11.92 -12.78 -73.75
N ASP D 78 -11.03 -11.94 -73.21
CA ASP D 78 -10.38 -12.32 -71.96
C ASP D 78 -11.39 -12.46 -70.84
N LYS D 79 -12.38 -11.57 -70.81
CA LYS D 79 -13.46 -11.70 -69.82
C LYS D 79 -14.18 -13.02 -69.98
N PHE D 80 -14.48 -13.40 -71.23
CA PHE D 80 -15.18 -14.66 -71.47
C PHE D 80 -14.33 -15.84 -71.02
N VAL D 81 -13.03 -15.81 -71.29
CA VAL D 81 -12.16 -16.93 -70.91
C VAL D 81 -12.10 -17.06 -69.39
N ILE D 82 -11.84 -15.95 -68.70
CA ILE D 82 -11.71 -16.01 -67.26
C ILE D 82 -13.03 -16.41 -66.61
N GLU D 83 -14.16 -15.93 -67.16
CA GLU D 83 -15.45 -16.29 -66.60
C GLU D 83 -15.79 -17.74 -66.86
N ALA D 84 -15.40 -18.27 -68.02
CA ALA D 84 -15.61 -19.69 -68.30
C ALA D 84 -14.81 -20.55 -67.34
N LYS D 85 -13.55 -20.18 -67.08
CA LYS D 85 -12.76 -20.93 -66.11
C LYS D 85 -13.37 -20.81 -64.71
N LEU D 86 -13.86 -19.62 -64.34
CA LEU D 86 -14.54 -19.49 -63.06
C LEU D 86 -15.77 -20.39 -63.00
N HIS D 87 -16.46 -20.56 -64.13
CA HIS D 87 -17.60 -21.47 -64.18
C HIS D 87 -17.15 -22.91 -63.95
N LYS D 88 -16.04 -23.32 -64.57
CA LYS D 88 -15.44 -24.61 -64.25
C LYS D 88 -15.20 -24.73 -62.75
N ASP D 89 -14.69 -23.65 -62.14
CA ASP D 89 -14.47 -23.64 -60.70
C ASP D 89 -15.78 -23.84 -59.95
N LYS D 90 -16.87 -23.25 -60.43
CA LYS D 90 -18.18 -23.48 -59.83
C LYS D 90 -18.56 -24.95 -59.93
N GLY D 91 -18.30 -25.58 -61.06
CA GLY D 91 -18.57 -27.00 -61.22
C GLY D 91 -20.04 -27.35 -61.13
N VAL D 92 -20.90 -26.56 -61.77
CA VAL D 92 -22.33 -26.86 -61.75
C VAL D 92 -22.60 -28.16 -62.48
N THR D 93 -23.51 -28.96 -61.92
CA THR D 93 -23.87 -30.22 -62.57
C THR D 93 -24.52 -29.97 -63.93
N ARG D 94 -25.39 -28.98 -64.01
CA ARG D 94 -26.05 -28.66 -65.27
C ARG D 94 -25.02 -28.16 -66.29
N VAL D 95 -25.24 -28.49 -67.56
CA VAL D 95 -24.39 -27.96 -68.62
C VAL D 95 -24.49 -26.44 -68.66
N LEU D 96 -25.71 -25.91 -68.58
CA LEU D 96 -25.96 -24.48 -68.50
C LEU D 96 -26.63 -24.18 -67.16
N ASP D 97 -26.04 -23.27 -66.40
CA ASP D 97 -26.55 -22.90 -65.07
C ASP D 97 -27.12 -21.49 -65.13
N LEU D 98 -28.42 -21.36 -64.86
CA LEU D 98 -29.04 -20.05 -64.94
C LEU D 98 -28.28 -19.01 -64.13
N PRO D 99 -27.81 -19.29 -62.92
CA PRO D 99 -26.87 -18.35 -62.28
C PRO D 99 -25.47 -18.46 -62.87
N HIS D 100 -24.93 -17.30 -63.27
CA HIS D 100 -23.56 -17.09 -63.71
C HIS D 100 -23.28 -17.64 -65.11
N TYR D 101 -24.14 -18.53 -65.64
CA TYR D 101 -23.97 -18.87 -67.05
C TYR D 101 -24.73 -17.89 -67.92
N LYS D 102 -25.75 -17.25 -67.36
CA LYS D 102 -26.36 -16.12 -68.06
C LYS D 102 -25.44 -14.90 -67.99
N ARG D 103 -24.57 -14.84 -66.97
CA ARG D 103 -23.49 -13.86 -66.99
C ARG D 103 -22.48 -14.19 -68.08
N VAL D 104 -22.15 -15.48 -68.23
CA VAL D 104 -21.33 -15.90 -69.37
C VAL D 104 -22.01 -15.49 -70.68
N LYS D 105 -23.33 -15.61 -70.73
CA LYS D 105 -24.07 -15.22 -71.93
C LYS D 105 -24.04 -13.71 -72.13
N GLU D 106 -24.02 -12.94 -71.04
CA GLU D 106 -23.86 -11.49 -71.19
C GLU D 106 -22.48 -11.15 -71.75
N VAL D 107 -21.44 -11.84 -71.30
CA VAL D 107 -20.12 -11.66 -71.90
C VAL D 107 -20.17 -12.06 -73.37
N ALA D 108 -20.90 -13.13 -73.69
CA ALA D 108 -21.08 -13.54 -75.08
C ALA D 108 -21.76 -12.44 -75.88
N GLY D 109 -22.77 -11.81 -75.30
CA GLY D 109 -23.44 -10.70 -75.98
C GLY D 109 -22.53 -9.52 -76.16
N GLU D 110 -21.62 -9.30 -75.21
CA GLU D 110 -20.62 -8.24 -75.38
C GLU D 110 -19.72 -8.52 -76.57
N ILE D 111 -19.18 -9.75 -76.65
CA ILE D 111 -18.33 -10.08 -77.79
C ILE D 111 -19.14 -10.10 -79.08
N LYS D 112 -20.46 -10.32 -78.98
CA LYS D 112 -21.30 -10.30 -80.17
C LYS D 112 -21.58 -8.87 -80.63
N ALA D 113 -21.71 -7.94 -79.68
CA ALA D 113 -21.76 -6.53 -80.03
C ALA D 113 -20.45 -6.09 -80.67
N ILE D 114 -19.33 -6.60 -80.16
CA ILE D 114 -18.04 -6.35 -80.81
C ILE D 114 -18.01 -6.97 -82.20
N ARG D 115 -18.68 -8.12 -82.36
CA ARG D 115 -18.81 -8.74 -83.68
C ARG D 115 -19.56 -7.84 -84.64
N ASN D 116 -20.66 -7.23 -84.17
CA ASN D 116 -21.38 -6.28 -85.00
C ASN D 116 -20.53 -5.05 -85.28
N LYS D 117 -19.73 -4.63 -84.31
CA LYS D 117 -18.84 -3.49 -84.51
C LYS D 117 -17.80 -3.79 -85.59
N VAL D 118 -17.24 -5.00 -85.59
CA VAL D 118 -16.28 -5.35 -86.64
C VAL D 118 -16.99 -5.56 -87.96
N ARG D 119 -18.26 -5.94 -87.94
CA ARG D 119 -19.06 -5.95 -89.17
C ARG D 119 -19.14 -4.54 -89.75
N GLU D 120 -19.45 -3.56 -88.89
CA GLU D 120 -19.46 -2.17 -89.33
C GLU D 120 -18.07 -1.75 -89.80
N ILE D 121 -17.02 -2.32 -89.20
CA ILE D 121 -15.66 -1.97 -89.61
C ILE D 121 -15.39 -2.52 -91.01
N ARG D 122 -15.91 -3.71 -91.31
CA ARG D 122 -15.81 -4.20 -92.69
C ARG D 122 -16.54 -3.27 -93.64
N GLN D 123 -17.72 -2.80 -93.24
CA GLN D 123 -18.46 -1.86 -94.07
C GLN D 123 -17.64 -0.59 -94.33
N THR D 124 -17.02 -0.04 -93.28
CA THR D 124 -16.20 1.16 -93.45
C THR D 124 -14.96 0.88 -94.31
N ASP D 125 -14.34 -0.28 -94.12
CA ASP D 125 -13.11 -0.60 -94.83
C ASP D 125 -13.35 -0.66 -96.33
N ALA D 126 -14.50 -1.21 -96.74
CA ALA D 126 -14.86 -1.21 -98.15
C ALA D 126 -14.82 0.22 -98.68
N ILE D 127 -14.04 0.43 -99.74
CA ILE D 127 -13.82 1.74 -100.32
C ILE D 127 -14.17 1.67 -101.80
N GLY D 128 -14.60 2.81 -102.34
CA GLY D 128 -14.86 2.88 -103.77
C GLY D 128 -13.64 2.43 -104.55
N LEU D 129 -13.81 1.42 -105.40
CA LEU D 129 -12.66 0.75 -106.04
C LEU D 129 -11.77 0.27 -104.90
N GLN D 130 -10.48 0.62 -104.88
CA GLN D 130 -9.64 0.40 -103.70
C GLN D 130 -8.62 1.54 -103.68
N ALA D 131 -8.95 2.61 -102.97
CA ALA D 131 -8.12 3.80 -102.97
C ALA D 131 -6.77 3.54 -102.32
N LEU D 132 -6.77 2.95 -101.12
CA LEU D 132 -5.52 2.70 -100.41
C LEU D 132 -4.65 1.71 -101.17
N GLN D 133 -5.26 0.67 -101.73
CA GLN D 133 -4.48 -0.34 -102.45
C GLN D 133 -3.92 0.22 -103.76
N ASP D 134 -4.60 1.21 -104.34
CA ASP D 134 -4.13 1.77 -105.61
C ASP D 134 -2.75 2.41 -105.47
N ASP D 135 -2.41 2.89 -104.27
CA ASP D 135 -1.14 3.55 -104.03
C ASP D 135 -0.28 2.67 -103.13
N ASP D 136 0.99 2.52 -103.50
CA ASP D 136 1.94 1.74 -102.72
C ASP D 136 3.29 2.43 -102.76
N LEU D 137 4.10 2.13 -101.75
CA LEU D 137 5.43 2.73 -101.65
C LEU D 137 6.35 1.76 -100.91
N SER D 138 7.66 1.97 -101.09
CA SER D 138 8.69 1.18 -100.43
C SER D 138 8.54 -0.31 -100.72
N ALA D 139 8.17 -0.66 -101.95
CA ALA D 139 8.12 -2.06 -102.34
C ALA D 139 9.53 -2.59 -102.54
N ARG D 140 9.88 -3.64 -101.80
CA ARG D 140 11.22 -4.19 -101.86
C ARG D 140 11.30 -5.42 -100.96
N GLY D 141 12.37 -6.20 -101.13
CA GLY D 141 12.57 -7.39 -100.33
C GLY D 141 13.33 -7.10 -99.05
N SER D 142 13.29 -8.07 -98.14
CA SER D 142 14.00 -7.99 -96.86
C SER D 142 15.20 -8.93 -96.88
N GLU D 143 16.38 -8.36 -96.70
CA GLU D 143 17.64 -9.11 -96.70
C GLU D 143 18.21 -9.20 -95.29
N GLU D 144 19.39 -9.82 -95.15
CA GLU D 144 19.99 -10.05 -93.82
C GLU D 144 20.78 -8.84 -93.33
N ARG D 145 21.10 -8.79 -92.04
CA ARG D 145 21.93 -7.72 -91.45
C ARG D 145 23.21 -8.39 -90.95
N LYS D 146 24.37 -7.86 -91.30
CA LYS D 146 25.67 -8.48 -90.92
C LYS D 146 25.75 -8.49 -89.39
N PRO D 147 26.10 -9.62 -88.74
CA PRO D 147 26.27 -9.62 -87.30
C PRO D 147 27.43 -8.63 -87.12
N PRO D 148 27.43 -7.75 -86.10
CA PRO D 148 28.46 -6.73 -86.00
C PRO D 148 29.52 -6.89 -84.91
N VAL D 149 30.80 -6.92 -85.29
CA VAL D 149 31.86 -6.92 -84.23
C VAL D 149 31.92 -5.47 -83.77
N VAL D 150 32.63 -5.17 -82.68
CA VAL D 150 32.71 -3.72 -82.36
C VAL D 150 33.46 -3.10 -83.54
N GLU D 151 32.95 -1.98 -84.07
CA GLU D 151 33.58 -1.36 -85.27
C GLU D 151 33.64 0.14 -85.05
N GLU D 152 34.69 0.80 -85.54
CA GLU D 152 34.82 2.27 -85.39
C GLU D 152 34.78 2.55 -83.90
N ASP D 153 35.37 1.66 -83.09
CA ASP D 153 35.30 1.77 -81.62
C ASP D 153 36.00 3.07 -81.22
N ASP D 154 37.12 3.40 -81.86
CA ASP D 154 37.87 4.65 -81.58
C ASP D 154 36.94 5.85 -81.62
N VAL D 155 37.32 6.98 -81.02
CA VAL D 155 36.54 8.20 -81.11
C VAL D 155 37.26 9.15 -82.06
N VAL D 156 36.52 9.74 -82.99
CA VAL D 156 37.10 10.64 -83.96
C VAL D 156 37.34 12.00 -83.32
N GLY D 157 38.60 12.45 -83.33
CA GLY D 157 38.92 13.83 -83.03
C GLY D 157 38.59 14.27 -81.62
N PHE D 158 38.58 13.35 -80.66
CA PHE D 158 38.37 13.71 -79.26
C PHE D 158 39.61 13.49 -78.41
N ASP D 159 40.74 13.08 -79.01
CA ASP D 159 41.97 12.95 -78.25
C ASP D 159 42.51 14.30 -77.79
N GLU D 160 42.07 15.41 -78.39
CA GLU D 160 42.45 16.72 -77.90
C GLU D 160 41.96 16.92 -76.47
N GLU D 161 40.67 16.70 -76.24
CA GLU D 161 40.10 16.85 -74.91
C GLU D 161 40.65 15.78 -73.97
N ALA D 162 40.85 14.56 -74.48
CA ALA D 162 41.41 13.50 -73.67
C ALA D 162 42.79 13.88 -73.14
N ASP D 163 43.65 14.39 -74.02
CA ASP D 163 45.00 14.76 -73.61
C ASP D 163 44.98 15.98 -72.69
N ILE D 164 44.07 16.93 -72.90
CA ILE D 164 44.00 18.06 -72.00
C ILE D 164 43.59 17.60 -70.60
N VAL D 165 42.58 16.72 -70.52
CA VAL D 165 42.14 16.22 -69.22
C VAL D 165 43.28 15.45 -68.54
N ILE D 166 43.93 14.53 -69.26
CA ILE D 166 45.08 13.78 -68.67
C ILE D 166 46.13 14.83 -68.28
N ASN D 167 46.20 15.95 -69.00
CA ASN D 167 47.12 17.07 -68.66
C ASN D 167 46.72 17.63 -67.29
N ARG D 168 45.43 17.74 -66.99
CA ARG D 168 44.93 18.37 -65.74
C ARG D 168 45.41 17.61 -64.50
N LEU D 169 45.42 16.27 -64.52
CA LEU D 169 45.79 15.47 -63.32
C LEU D 169 47.26 15.75 -62.99
N LEU D 170 47.59 15.84 -61.70
CA LEU D 170 48.99 16.12 -61.27
C LEU D 170 49.30 17.62 -61.37
N GLY D 171 48.29 18.45 -61.65
CA GLY D 171 48.51 19.91 -61.67
C GLY D 171 48.91 20.40 -60.28
N GLU D 172 48.28 19.86 -59.23
CA GLU D 172 48.66 20.21 -57.84
C GLU D 172 48.52 18.93 -56.98
N SER D 173 49.57 18.10 -56.95
CA SER D 173 49.52 16.86 -56.18
C SER D 173 49.25 17.18 -54.71
N ASN D 174 48.89 16.16 -53.92
CA ASN D 174 48.53 16.37 -52.53
C ASN D 174 47.42 17.42 -52.43
N HIS D 175 46.27 17.07 -52.98
CA HIS D 175 45.12 17.96 -53.01
C HIS D 175 43.93 17.27 -53.65
N LEU D 176 42.72 17.76 -53.39
CA LEU D 176 41.49 17.17 -53.91
C LEU D 176 40.75 18.21 -54.74
N GLU D 177 41.21 18.40 -55.98
CA GLU D 177 40.61 19.44 -56.86
C GLU D 177 39.73 18.77 -57.92
N VAL D 178 38.51 19.27 -58.11
CA VAL D 178 37.53 18.68 -59.07
C VAL D 178 37.96 18.96 -60.50
N VAL D 179 37.55 18.14 -61.47
CA VAL D 179 37.76 18.44 -62.91
C VAL D 179 36.37 18.63 -63.49
N PRO D 180 36.02 19.73 -64.18
CA PRO D 180 34.70 19.85 -64.82
C PRO D 180 34.66 19.60 -66.33
N VAL D 181 33.56 19.08 -66.87
CA VAL D 181 33.34 18.92 -68.30
C VAL D 181 31.92 19.40 -68.59
N VAL D 182 31.78 20.23 -69.62
CA VAL D 182 30.53 20.94 -69.88
C VAL D 182 30.14 20.74 -71.33
N GLY D 183 28.84 20.53 -71.59
CA GLY D 183 28.36 20.27 -72.97
C GLY D 183 26.87 20.09 -73.13
N MET D 184 26.32 20.33 -74.32
CA MET D 184 24.88 20.15 -74.61
C MET D 184 24.63 18.68 -74.96
N PRO D 185 23.38 18.19 -75.03
CA PRO D 185 23.14 16.77 -75.28
C PRO D 185 23.66 16.44 -76.68
N GLY D 186 24.27 15.27 -76.86
CA GLY D 186 24.85 14.86 -78.15
C GLY D 186 26.24 15.45 -78.36
N LEU D 187 26.84 16.10 -77.35
CA LEU D 187 28.19 16.74 -77.49
C LEU D 187 29.27 15.68 -77.23
N GLY D 188 29.07 14.72 -76.31
CA GLY D 188 29.97 13.56 -76.14
C GLY D 188 30.93 13.64 -74.95
N LYS D 189 30.56 14.31 -73.87
CA LYS D 189 31.37 14.40 -72.66
C LYS D 189 31.52 13.02 -72.03
N THR D 190 30.47 12.20 -72.10
CA THR D 190 30.54 10.84 -71.56
C THR D 190 31.53 9.99 -72.33
N THR D 191 31.55 10.13 -73.67
CA THR D 191 32.51 9.37 -74.47
C THR D 191 33.94 9.78 -74.14
N LEU D 192 34.17 11.08 -74.00
CA LEU D 192 35.51 11.56 -73.63
C LEU D 192 35.92 11.01 -72.27
N ALA D 193 34.99 11.00 -71.32
CA ALA D 193 35.29 10.46 -70.00
C ALA D 193 35.59 8.97 -70.06
N ASN D 194 34.79 8.21 -70.82
CA ASN D 194 35.00 6.76 -70.90
C ASN D 194 36.27 6.44 -71.69
N LYS D 195 36.78 7.41 -72.46
CA LYS D 195 38.08 7.22 -73.09
C LYS D 195 39.20 7.50 -72.11
N ILE D 196 39.14 8.63 -71.39
CA ILE D 196 40.23 8.98 -70.48
C ILE D 196 40.34 7.95 -69.37
N TYR D 197 39.21 7.54 -68.80
CA TYR D 197 39.22 6.59 -67.68
C TYR D 197 39.97 5.31 -68.05
N LYS D 198 39.96 4.94 -69.33
CA LYS D 198 40.64 3.74 -69.80
C LYS D 198 41.96 4.02 -70.51
N HIS D 199 42.51 5.22 -70.39
CA HIS D 199 43.84 5.45 -70.94
C HIS D 199 44.90 4.77 -70.08
N PRO D 200 45.96 4.23 -70.69
CA PRO D 200 46.95 3.50 -69.88
C PRO D 200 47.64 4.36 -68.83
N LYS D 201 48.04 5.59 -69.19
CA LYS D 201 48.71 6.46 -68.23
C LYS D 201 47.84 6.68 -66.99
N ILE D 202 46.54 6.84 -67.18
CA ILE D 202 45.63 7.05 -66.06
C ILE D 202 45.67 5.87 -65.11
N GLY D 203 45.64 4.65 -65.65
CA GLY D 203 45.75 3.48 -64.80
C GLY D 203 47.10 3.38 -64.10
N TYR D 204 48.17 3.69 -64.82
CA TYR D 204 49.51 3.57 -64.24
C TYR D 204 49.70 4.55 -63.09
N GLU D 205 49.21 5.77 -63.25
CA GLU D 205 49.43 6.80 -62.23
C GLU D 205 48.57 6.55 -60.99
N PHE D 206 47.35 6.05 -61.18
CA PHE D 206 46.45 5.73 -60.09
C PHE D 206 46.17 4.24 -60.09
N PHE D 207 46.71 3.54 -59.09
CA PHE D 207 46.54 2.06 -58.98
C PHE D 207 45.04 1.79 -58.92
N THR D 208 44.27 2.73 -58.39
CA THR D 208 42.79 2.60 -58.28
C THR D 208 42.11 3.73 -59.05
N ARG D 209 41.10 3.42 -59.87
CA ARG D 209 40.28 4.43 -60.56
C ARG D 209 38.83 3.96 -60.42
N ILE D 210 37.84 4.85 -60.44
CA ILE D 210 36.43 4.42 -60.19
C ILE D 210 35.47 5.16 -61.13
N TRP D 211 34.48 4.44 -61.69
CA TRP D 211 33.40 5.03 -62.47
C TRP D 211 32.16 5.20 -61.61
N VAL D 212 31.50 6.34 -61.74
CA VAL D 212 30.23 6.56 -61.07
C VAL D 212 29.34 7.42 -61.95
N TYR D 213 28.14 6.91 -62.26
CA TYR D 213 27.14 7.67 -62.99
C TYR D 213 26.26 8.43 -62.00
N VAL D 214 25.92 9.67 -62.37
CA VAL D 214 25.08 10.54 -61.56
C VAL D 214 23.88 10.93 -62.41
N SER D 215 22.77 10.20 -62.25
CA SER D 215 21.52 10.56 -62.90
C SER D 215 20.91 11.77 -62.19
N GLN D 216 19.72 12.15 -62.64
CA GLN D 216 19.00 13.22 -61.96
C GLN D 216 18.42 12.75 -60.62
N SER D 217 17.95 11.50 -60.55
CA SER D 217 17.34 10.97 -59.34
C SER D 217 18.29 10.09 -58.53
N TYR D 218 19.59 10.39 -58.54
CA TYR D 218 20.56 9.60 -57.80
C TYR D 218 20.26 9.63 -56.30
N ARG D 219 20.47 8.48 -55.65
CA ARG D 219 20.44 8.37 -54.20
C ARG D 219 21.86 8.18 -53.68
N ARG D 220 22.23 8.94 -52.66
CA ARG D 220 23.62 8.95 -52.19
C ARG D 220 24.04 7.60 -51.62
N ARG D 221 23.25 7.06 -50.69
CA ARG D 221 23.60 5.81 -50.01
C ARG D 221 23.88 4.70 -51.01
N GLU D 222 22.98 4.53 -51.97
CA GLU D 222 23.15 3.49 -52.98
C GLU D 222 24.46 3.70 -53.76
N LEU D 223 24.78 4.96 -54.04
CA LEU D 223 25.98 5.26 -54.83
C LEU D 223 27.26 4.94 -54.03
N PHE D 224 27.28 5.25 -52.74
CA PHE D 224 28.45 4.90 -51.93
C PHE D 224 28.58 3.39 -51.76
N LEU D 225 27.46 2.70 -51.53
CA LEU D 225 27.49 1.24 -51.54
C LEU D 225 28.08 0.71 -52.84
N ASN D 226 27.71 1.32 -53.97
CA ASN D 226 28.20 0.87 -55.26
C ASN D 226 29.70 1.11 -55.39
N ILE D 227 30.18 2.26 -54.89
CA ILE D 227 31.61 2.51 -54.89
C ILE D 227 32.35 1.43 -54.10
N ILE D 228 31.88 1.15 -52.88
CA ILE D 228 32.55 0.16 -52.05
C ILE D 228 32.53 -1.24 -52.67
N SER D 229 31.39 -1.67 -53.22
CA SER D 229 31.20 -3.09 -53.51
C SER D 229 32.32 -3.63 -54.38
N LYS D 230 32.91 -2.79 -55.23
CA LYS D 230 34.01 -3.25 -56.08
C LYS D 230 35.31 -3.36 -55.31
N PHE D 231 35.49 -2.53 -54.28
CA PHE D 231 36.75 -2.54 -53.53
C PHE D 231 36.93 -3.85 -52.77
N THR D 232 35.87 -4.36 -52.15
CA THR D 232 35.97 -5.49 -51.24
C THR D 232 35.01 -6.59 -51.63
N ARG D 233 35.09 -7.72 -50.91
CA ARG D 233 34.20 -8.85 -51.17
C ARG D 233 32.96 -8.78 -50.29
N ASN D 234 33.15 -8.56 -48.99
CA ASN D 234 32.07 -8.62 -48.01
C ASN D 234 31.54 -7.21 -47.76
N THR D 235 30.21 -7.10 -47.68
CA THR D 235 29.55 -5.81 -47.47
C THR D 235 28.45 -5.90 -46.42
N LYS D 236 28.30 -7.07 -45.78
CA LYS D 236 27.18 -7.26 -44.87
C LYS D 236 27.27 -6.30 -43.69
N GLN D 237 28.46 -5.75 -43.43
CA GLN D 237 28.56 -4.64 -42.49
C GLN D 237 28.15 -3.33 -43.16
N TYR D 238 28.66 -3.08 -44.36
CA TYR D 238 28.38 -1.84 -45.07
C TYR D 238 26.90 -1.62 -45.34
N HIS D 239 26.08 -2.68 -45.34
CA HIS D 239 24.65 -2.50 -45.42
C HIS D 239 24.09 -1.88 -44.15
N GLY D 240 24.88 -1.89 -43.07
CA GLY D 240 24.35 -1.54 -41.77
C GLY D 240 24.65 -0.11 -41.34
N MET D 241 25.54 0.57 -42.05
CA MET D 241 25.98 1.88 -41.58
C MET D 241 25.45 3.00 -42.47
N CYS D 242 25.63 4.23 -42.00
CA CYS D 242 24.93 5.36 -42.57
C CYS D 242 25.79 6.08 -43.60
N GLU D 243 25.16 7.01 -44.33
CA GLU D 243 25.81 7.63 -45.48
C GLU D 243 27.07 8.39 -45.09
N GLU D 244 27.06 9.08 -43.94
CA GLU D 244 28.26 9.80 -43.53
C GLU D 244 29.33 8.84 -43.03
N ASP D 245 28.97 7.87 -42.19
CA ASP D 245 29.92 6.85 -41.79
C ASP D 245 30.34 5.99 -42.98
N LEU D 246 29.40 5.71 -43.89
CA LEU D 246 29.73 4.95 -45.08
C LEU D 246 30.71 5.70 -45.96
N ALA D 247 30.52 7.01 -46.12
CA ALA D 247 31.48 7.83 -46.85
C ALA D 247 32.82 7.91 -46.14
N ASP D 248 32.82 7.90 -44.81
CA ASP D 248 34.08 7.81 -44.08
C ASP D 248 34.80 6.48 -44.38
N GLU D 249 34.04 5.40 -44.46
CA GLU D 249 34.62 4.11 -44.83
C GLU D 249 35.17 4.15 -46.25
N ILE D 250 34.43 4.77 -47.16
CA ILE D 250 34.94 4.99 -48.51
C ILE D 250 36.24 5.79 -48.43
N GLN D 251 36.26 6.78 -47.55
CA GLN D 251 37.43 7.65 -47.41
C GLN D 251 38.64 6.82 -47.00
N GLU D 252 38.46 5.96 -45.99
CA GLU D 252 39.52 5.10 -45.50
C GLU D 252 39.97 4.09 -46.55
N PHE D 253 39.01 3.46 -47.23
CA PHE D 253 39.36 2.48 -48.25
C PHE D 253 40.15 3.12 -49.38
N LEU D 254 39.75 4.32 -49.79
CA LEU D 254 40.48 5.02 -50.84
C LEU D 254 41.86 5.41 -50.37
N GLY D 255 42.02 5.69 -49.06
CA GLY D 255 43.34 5.97 -48.54
C GLY D 255 44.20 4.74 -48.31
N LYS D 256 43.59 3.56 -48.22
CA LYS D 256 44.37 2.34 -48.02
C LYS D 256 45.32 2.09 -49.19
N GLY D 257 44.82 2.24 -50.41
CA GLY D 257 45.62 1.99 -51.59
C GLY D 257 46.21 3.25 -52.18
N GLY D 258 46.57 4.20 -51.33
CA GLY D 258 47.20 5.42 -51.81
C GLY D 258 46.25 6.26 -52.64
N LYS D 259 46.57 6.39 -53.92
CA LYS D 259 45.86 7.28 -54.81
C LYS D 259 44.58 6.65 -55.32
N TYR D 260 43.81 7.45 -56.05
CA TYR D 260 42.66 6.95 -56.80
C TYR D 260 42.31 8.01 -57.83
N LEU D 261 41.42 7.66 -58.75
CA LEU D 261 40.80 8.60 -59.67
C LEU D 261 39.34 8.23 -59.84
N VAL D 262 38.45 9.12 -59.48
CA VAL D 262 37.02 8.83 -59.41
C VAL D 262 36.29 9.75 -60.38
N VAL D 263 35.18 9.26 -60.93
CA VAL D 263 34.45 9.95 -61.99
C VAL D 263 32.96 9.96 -61.64
N LEU D 264 32.33 11.12 -61.80
CA LEU D 264 30.89 11.26 -61.66
C LEU D 264 30.34 11.75 -63.00
N ASP D 265 29.33 11.07 -63.53
CA ASP D 265 28.86 11.34 -64.87
C ASP D 265 27.52 12.08 -64.87
N ASP D 266 27.43 13.10 -65.73
CA ASP D 266 26.19 13.84 -65.99
C ASP D 266 25.64 14.44 -64.69
N VAL D 267 26.40 15.37 -64.13
CA VAL D 267 26.00 16.07 -62.91
C VAL D 267 25.04 17.18 -63.32
N TRP D 268 23.83 17.17 -62.73
CA TRP D 268 22.79 18.09 -63.16
C TRP D 268 22.83 19.40 -62.37
N SER D 269 22.67 19.31 -61.06
CA SER D 269 22.53 20.48 -60.20
C SER D 269 23.77 20.66 -59.33
N ASP D 270 23.72 21.68 -58.48
CA ASP D 270 24.83 21.97 -57.60
C ASP D 270 24.77 21.12 -56.33
N GLU D 271 23.56 20.90 -55.82
CA GLU D 271 23.41 20.13 -54.59
C GLU D 271 24.07 18.77 -54.73
N ALA D 272 23.97 18.19 -55.93
CA ALA D 272 24.65 16.92 -56.19
C ALA D 272 26.14 17.08 -55.94
N TRP D 273 26.75 18.11 -56.52
CA TRP D 273 28.18 18.31 -56.36
C TRP D 273 28.55 18.44 -54.88
N GLU D 274 27.85 19.31 -54.16
CA GLU D 274 28.27 19.56 -52.78
C GLU D 274 28.04 18.37 -51.88
N ARG D 275 26.87 17.73 -51.94
CA ARG D 275 26.61 16.56 -51.11
C ARG D 275 27.42 15.34 -51.52
N ILE D 276 27.94 15.30 -52.75
CA ILE D 276 28.76 14.16 -53.19
C ILE D 276 30.24 14.36 -52.94
N LYS D 277 30.70 15.61 -52.87
CA LYS D 277 32.14 15.92 -52.73
C LYS D 277 32.62 15.57 -51.32
N ILE D 278 31.68 15.38 -50.40
CA ILE D 278 32.01 15.09 -48.97
C ILE D 278 32.74 13.75 -48.93
N ALA D 279 32.30 12.77 -49.73
CA ALA D 279 32.89 11.41 -49.74
C ALA D 279 34.34 11.46 -50.20
N PHE D 280 34.60 12.14 -51.32
CA PHE D 280 35.96 12.22 -51.93
C PHE D 280 36.97 12.58 -50.87
N PRO D 281 37.71 11.60 -50.32
CA PRO D 281 38.57 11.88 -49.20
C PRO D 281 39.67 12.84 -49.62
N ASN D 282 39.94 13.84 -48.80
CA ASN D 282 41.12 14.70 -49.04
C ASN D 282 42.04 14.21 -47.95
N ASN D 283 43.17 13.63 -48.32
CA ASN D 283 44.13 13.05 -47.36
C ASN D 283 45.48 13.60 -47.78
N ASN D 284 45.46 14.75 -48.45
CA ASN D 284 46.70 15.35 -48.90
C ASN D 284 47.42 14.43 -49.90
N LYS D 285 46.64 13.75 -50.74
CA LYS D 285 47.14 12.88 -51.80
C LYS D 285 46.70 13.39 -53.18
N PRO D 286 47.42 13.01 -54.25
CA PRO D 286 47.18 13.51 -55.63
C PRO D 286 45.95 12.90 -56.30
N ASN D 287 44.82 13.51 -56.04
CA ASN D 287 43.50 12.89 -56.08
C ASN D 287 42.61 13.67 -57.01
N ARG D 288 42.24 13.11 -58.16
CA ARG D 288 41.48 13.86 -59.18
C ARG D 288 40.09 13.24 -59.36
N VAL D 289 39.10 14.07 -59.68
CA VAL D 289 37.71 13.58 -59.91
C VAL D 289 37.27 14.12 -61.27
N LEU D 290 36.46 13.35 -62.02
CA LEU D 290 35.99 13.76 -63.37
C LEU D 290 34.47 13.94 -63.36
N LEU D 291 33.95 15.17 -63.37
CA LEU D 291 32.52 15.37 -63.49
C LEU D 291 32.18 15.86 -64.89
N THR D 292 31.25 15.17 -65.54
CA THR D 292 30.69 15.57 -66.82
C THR D 292 29.29 16.11 -66.54
N THR D 293 29.07 17.38 -66.87
CA THR D 293 27.79 18.02 -66.58
C THR D 293 27.29 18.77 -67.81
N ARG D 294 25.98 18.71 -68.02
CA ARG D 294 25.33 19.46 -69.09
C ARG D 294 25.01 20.90 -68.70
N ASP D 295 25.34 21.29 -67.47
CA ASP D 295 25.07 22.63 -66.97
C ASP D 295 26.39 23.39 -66.81
N SER D 296 26.31 24.72 -66.86
CA SER D 296 27.49 25.54 -66.63
C SER D 296 27.58 26.01 -65.20
N LYS D 297 26.44 26.28 -64.56
CA LYS D 297 26.45 26.78 -63.19
C LYS D 297 27.10 25.76 -62.25
N VAL D 298 26.69 24.50 -62.36
CA VAL D 298 27.24 23.47 -61.49
C VAL D 298 28.74 23.33 -61.72
N ALA D 299 29.16 23.32 -62.99
CA ALA D 299 30.58 23.17 -63.29
C ALA D 299 31.39 24.32 -62.71
N LYS D 300 30.91 25.55 -62.88
CA LYS D 300 31.64 26.70 -62.37
C LYS D 300 31.73 26.67 -60.85
N GLN D 301 30.67 26.21 -60.19
CA GLN D 301 30.76 26.05 -58.73
C GLN D 301 31.79 24.99 -58.36
N CYS D 302 31.80 23.86 -59.08
CA CYS D 302 32.75 22.81 -58.77
C CYS D 302 34.19 23.29 -58.93
N ASN D 303 34.46 24.01 -60.00
CA ASN D 303 35.80 24.50 -60.30
C ASN D 303 35.67 25.74 -61.17
N PRO D 304 36.24 26.88 -60.76
CA PRO D 304 36.13 28.09 -61.59
C PRO D 304 36.69 27.93 -62.99
N ILE D 305 37.30 26.80 -63.32
CA ILE D 305 37.84 26.54 -64.65
C ILE D 305 37.26 25.23 -65.20
N PRO D 306 36.03 25.24 -65.68
CA PRO D 306 35.47 24.01 -66.26
C PRO D 306 35.98 23.76 -67.67
N HIS D 307 35.95 22.49 -68.06
CA HIS D 307 36.43 22.07 -69.39
C HIS D 307 35.24 22.17 -70.33
N ASP D 308 35.37 23.01 -71.37
CA ASP D 308 34.25 23.39 -72.20
C ASP D 308 34.25 22.56 -73.47
N LEU D 309 33.48 21.46 -73.48
CA LEU D 309 33.60 20.49 -74.55
C LEU D 309 33.34 21.13 -75.90
N LYS D 310 34.23 20.85 -76.84
CA LYS D 310 34.21 21.43 -78.17
C LYS D 310 33.37 20.59 -79.13
N PHE D 311 32.84 21.25 -80.15
CA PHE D 311 32.09 20.58 -81.19
C PHE D 311 33.05 20.02 -82.25
N LEU D 312 32.66 18.89 -82.83
CA LEU D 312 33.49 18.25 -83.84
C LEU D 312 33.61 19.13 -85.08
N THR D 313 34.71 18.97 -85.81
CA THR D 313 34.89 19.67 -87.08
C THR D 313 34.21 18.88 -88.19
N GLU D 314 33.98 19.57 -89.32
CA GLU D 314 33.23 18.95 -90.42
C GLU D 314 33.91 17.68 -90.90
N ASP D 315 35.24 17.71 -91.05
CA ASP D 315 35.95 16.51 -91.48
C ASP D 315 35.77 15.37 -90.48
N GLU D 316 35.86 15.70 -89.19
CA GLU D 316 35.60 14.71 -88.14
C GLU D 316 34.18 14.18 -88.26
N SER D 317 33.21 15.06 -88.50
CA SER D 317 31.83 14.63 -88.65
C SER D 317 31.68 13.65 -89.82
N TRP D 318 32.31 13.96 -90.95
CA TRP D 318 32.16 13.12 -92.12
C TRP D 318 32.81 11.76 -91.92
N ILE D 319 34.03 11.73 -91.35
CA ILE D 319 34.66 10.44 -91.10
C ILE D 319 33.85 9.64 -90.11
N LEU D 320 33.25 10.31 -89.11
CA LEU D 320 32.41 9.61 -88.16
C LEU D 320 31.20 8.98 -88.84
N LEU D 321 30.51 9.74 -89.68
CA LEU D 321 29.36 9.20 -90.38
C LEU D 321 29.77 8.04 -91.27
N GLU D 322 30.90 8.18 -91.95
CA GLU D 322 31.37 7.12 -92.84
C GLU D 322 31.68 5.86 -92.06
N LYS D 323 32.34 6.00 -90.90
CA LYS D 323 32.64 4.84 -90.08
C LYS D 323 31.36 4.18 -89.58
N LYS D 324 30.40 4.99 -89.15
CA LYS D 324 29.16 4.44 -88.59
C LYS D 324 28.34 3.72 -89.66
N VAL D 325 28.33 4.25 -90.88
CA VAL D 325 27.48 3.66 -91.93
C VAL D 325 28.18 2.47 -92.58
N PHE D 326 29.44 2.66 -93.00
CA PHE D 326 30.16 1.66 -93.78
C PHE D 326 31.05 0.76 -92.93
N HIS D 327 31.23 1.08 -91.65
CA HIS D 327 32.02 0.26 -90.73
C HIS D 327 33.44 0.16 -91.28
N LYS D 328 33.98 -1.03 -91.53
CA LYS D 328 35.32 -1.16 -92.08
C LYS D 328 35.36 -1.01 -93.59
N ASP D 329 34.20 -0.87 -94.24
CA ASP D 329 34.15 -0.66 -95.67
C ASP D 329 34.19 0.84 -95.98
N LYS D 330 34.60 1.18 -97.19
CA LYS D 330 34.79 2.57 -97.56
C LYS D 330 33.56 3.14 -98.25
N CYS D 331 33.36 4.44 -98.05
CA CYS D 331 32.21 5.12 -98.61
C CYS D 331 32.30 5.16 -100.13
N PRO D 332 31.28 4.69 -100.85
CA PRO D 332 31.35 4.70 -102.32
C PRO D 332 31.53 6.12 -102.84
N PRO D 333 32.26 6.29 -103.95
CA PRO D 333 32.48 7.65 -104.47
C PRO D 333 31.20 8.40 -104.75
N GLU D 334 30.16 7.71 -105.22
CA GLU D 334 28.91 8.38 -105.58
C GLU D 334 28.29 9.08 -104.39
N LEU D 335 28.31 8.44 -103.23
CA LEU D 335 27.64 8.94 -102.04
C LEU D 335 28.53 9.86 -101.20
N VAL D 336 29.74 10.16 -101.67
CA VAL D 336 30.67 11.00 -100.91
C VAL D 336 30.05 12.36 -100.64
N LEU D 337 29.48 12.98 -101.67
CA LEU D 337 29.02 14.36 -101.52
C LEU D 337 27.74 14.42 -100.68
N SER D 338 26.85 13.45 -100.84
CA SER D 338 25.67 13.40 -99.99
C SER D 338 26.07 13.20 -98.53
N GLY D 339 27.02 12.32 -98.27
CA GLY D 339 27.50 12.15 -96.90
C GLY D 339 28.13 13.40 -96.35
N LYS D 340 28.93 14.10 -97.16
CA LYS D 340 29.55 15.34 -96.70
C LYS D 340 28.49 16.39 -96.39
N SER D 341 27.47 16.51 -97.23
CA SER D 341 26.42 17.48 -96.97
C SER D 341 25.64 17.14 -95.70
N ILE D 342 25.32 15.87 -95.50
CA ILE D 342 24.63 15.47 -94.27
C ILE D 342 25.48 15.79 -93.06
N ALA D 343 26.77 15.42 -93.11
CA ALA D 343 27.65 15.65 -91.98
C ALA D 343 27.79 17.15 -91.69
N LYS D 344 27.91 17.97 -92.74
CA LYS D 344 27.96 19.40 -92.54
C LYS D 344 26.67 19.91 -91.89
N LYS D 345 25.53 19.36 -92.30
CA LYS D 345 24.25 19.75 -91.71
C LYS D 345 24.10 19.24 -90.27
N CYS D 346 24.92 18.30 -89.83
CA CYS D 346 24.89 17.89 -88.44
C CYS D 346 25.38 18.98 -87.48
N LYS D 347 26.03 20.02 -88.00
CA LYS D 347 26.39 21.20 -87.21
C LYS D 347 27.28 20.85 -86.02
N GLY D 348 28.13 19.84 -86.21
CA GLY D 348 29.04 19.46 -85.15
C GLY D 348 28.38 18.73 -83.99
N LEU D 349 27.15 18.26 -84.18
CA LEU D 349 26.48 17.45 -83.17
C LEU D 349 26.57 15.99 -83.59
N PRO D 350 27.56 15.23 -83.09
CA PRO D 350 27.68 13.84 -83.57
C PRO D 350 26.49 12.96 -83.21
N LEU D 351 25.62 13.42 -82.30
CA LEU D 351 24.37 12.69 -82.07
C LEU D 351 23.53 12.66 -83.33
N ALA D 352 23.44 13.81 -84.02
CA ALA D 352 22.76 13.84 -85.31
C ALA D 352 23.47 12.94 -86.31
N ILE D 353 24.81 12.97 -86.33
CA ILE D 353 25.55 12.10 -87.23
C ILE D 353 25.17 10.65 -86.99
N VAL D 354 25.13 10.23 -85.73
CA VAL D 354 24.90 8.83 -85.40
C VAL D 354 23.46 8.43 -85.75
N VAL D 355 22.49 9.26 -85.38
CA VAL D 355 21.10 8.91 -85.67
C VAL D 355 20.85 8.89 -87.18
N ILE D 356 21.45 9.84 -87.91
CA ILE D 356 21.30 9.85 -89.36
C ILE D 356 21.98 8.64 -89.98
N ALA D 357 23.12 8.22 -89.43
CA ALA D 357 23.78 7.02 -89.93
C ALA D 357 22.90 5.79 -89.71
N GLY D 358 22.26 5.69 -88.56
CA GLY D 358 21.32 4.60 -88.34
C GLY D 358 20.17 4.61 -89.33
N ALA D 359 19.57 5.79 -89.53
CA ALA D 359 18.49 5.90 -90.50
C ALA D 359 18.98 5.56 -91.90
N LEU D 360 20.24 5.88 -92.21
CA LEU D 360 20.77 5.64 -93.55
C LEU D 360 21.02 4.16 -93.78
N ILE D 361 21.62 3.48 -92.81
CA ILE D 361 21.82 2.03 -92.95
C ILE D 361 20.48 1.34 -93.04
N GLY D 362 19.48 1.82 -92.29
CA GLY D 362 18.14 1.29 -92.45
C GLY D 362 17.60 1.53 -93.85
N LYS D 363 17.82 2.74 -94.39
CA LYS D 363 17.32 3.08 -95.71
C LYS D 363 17.93 2.18 -96.78
N GLY D 364 19.26 2.10 -96.80
CA GLY D 364 19.98 1.33 -97.80
C GLY D 364 21.20 2.09 -98.26
N LYS D 365 21.65 1.76 -99.47
CA LYS D 365 22.90 2.28 -100.02
C LYS D 365 22.72 2.74 -101.45
N THR D 366 21.67 3.54 -101.71
CA THR D 366 21.40 4.06 -103.05
C THR D 366 21.36 5.58 -103.04
N PRO D 367 21.79 6.22 -104.15
CA PRO D 367 21.93 7.69 -104.12
C PRO D 367 20.63 8.43 -103.85
N ARG D 368 19.50 7.92 -104.34
CA ARG D 368 18.22 8.59 -104.09
C ARG D 368 17.93 8.67 -102.60
N GLU D 369 18.18 7.58 -101.88
CA GLU D 369 17.98 7.58 -100.44
C GLU D 369 18.88 8.60 -99.76
N TRP D 370 20.14 8.68 -100.18
CA TRP D 370 21.05 9.67 -99.58
C TRP D 370 20.55 11.09 -99.84
N LYS D 371 20.10 11.36 -101.06
CA LYS D 371 19.60 12.70 -101.36
C LYS D 371 18.38 13.04 -100.51
N GLN D 372 17.44 12.10 -100.39
CA GLN D 372 16.26 12.34 -99.56
C GLN D 372 16.66 12.60 -98.12
N VAL D 373 17.60 11.80 -97.59
CA VAL D 373 18.04 11.97 -96.21
C VAL D 373 18.66 13.35 -96.02
N ASP D 374 19.54 13.75 -96.94
CA ASP D 374 20.20 15.05 -96.80
C ASP D 374 19.20 16.19 -96.86
N ASP D 375 18.26 16.14 -97.81
CA ASP D 375 17.27 17.21 -97.93
C ASP D 375 16.40 17.31 -96.69
N SER D 376 15.96 16.16 -96.16
CA SER D 376 15.15 16.19 -94.94
C SER D 376 15.94 16.75 -93.77
N VAL D 377 17.21 16.35 -93.64
CA VAL D 377 18.04 16.84 -92.53
C VAL D 377 18.20 18.35 -92.65
N SER D 378 18.36 18.86 -93.87
CA SER D 378 18.38 20.30 -94.07
C SER D 378 17.06 20.92 -93.63
N GLU D 379 15.95 20.27 -93.96
CA GLU D 379 14.64 20.82 -93.63
C GLU D 379 14.46 20.96 -92.14
N HIS D 380 14.94 19.99 -91.35
CA HIS D 380 14.59 19.92 -89.94
C HIS D 380 15.62 20.53 -88.99
N LEU D 381 16.83 20.84 -89.47
CA LEU D 381 17.91 21.30 -88.58
C LEU D 381 18.25 22.75 -88.85
N ILE D 382 17.22 23.58 -88.99
CA ILE D 382 17.42 24.99 -89.32
C ILE D 382 18.03 25.75 -88.15
N ASN D 383 17.66 25.39 -86.92
CA ASN D 383 18.11 26.10 -85.74
C ASN D 383 19.20 25.31 -85.01
N ARG D 384 19.76 25.94 -83.98
CA ARG D 384 20.92 25.39 -83.27
C ARG D 384 20.67 25.23 -81.78
N ASP D 385 19.97 26.16 -81.15
CA ASP D 385 19.80 26.16 -79.70
C ASP D 385 18.59 25.36 -79.24
N HIS D 386 17.84 24.76 -80.15
CA HIS D 386 16.67 23.97 -79.78
C HIS D 386 17.05 22.50 -79.65
N PRO D 387 17.01 21.91 -78.45
CA PRO D 387 17.29 20.47 -78.36
C PRO D 387 16.27 19.62 -79.10
N GLU D 388 15.07 20.14 -79.34
CA GLU D 388 14.01 19.35 -79.96
C GLU D 388 14.38 18.92 -81.38
N ASN D 389 15.38 19.55 -81.99
CA ASN D 389 15.83 19.09 -83.30
C ASN D 389 16.38 17.67 -83.22
N CYS D 390 16.98 17.31 -82.08
CA CYS D 390 17.41 15.93 -81.89
C CYS D 390 16.22 14.97 -81.87
N ASN D 391 15.16 15.34 -81.17
CA ASN D 391 13.94 14.54 -81.18
C ASN D 391 13.40 14.43 -82.60
N LYS D 392 13.49 15.51 -83.37
CA LYS D 392 13.02 15.50 -84.75
C LYS D 392 13.83 14.51 -85.59
N LEU D 393 15.16 14.55 -85.47
CA LEU D 393 16.02 13.61 -86.16
C LEU D 393 15.67 12.16 -85.79
N VAL D 394 15.45 11.93 -84.49
CA VAL D 394 15.11 10.59 -84.03
C VAL D 394 13.78 10.14 -84.63
N GLN D 395 12.82 11.06 -84.73
CA GLN D 395 11.55 10.73 -85.37
C GLN D 395 11.74 10.32 -86.83
N MET D 396 12.54 11.08 -87.58
CA MET D 396 12.81 10.69 -88.96
C MET D 396 13.40 9.30 -89.01
N SER D 397 14.39 9.03 -88.18
CA SER D 397 14.97 7.68 -88.14
C SER D 397 13.88 6.65 -87.86
N TYR D 398 13.00 6.95 -86.91
CA TYR D 398 12.07 5.95 -86.41
C TYR D 398 11.03 5.59 -87.47
N ASP D 399 10.48 6.58 -88.17
CA ASP D 399 9.38 6.28 -89.09
C ASP D 399 9.79 5.27 -90.15
N ARG D 400 11.08 5.17 -90.44
CA ARG D 400 11.59 4.17 -91.38
C ARG D 400 11.66 2.78 -90.80
N LEU D 401 11.66 2.65 -89.47
CA LEU D 401 11.89 1.36 -88.84
C LEU D 401 10.69 0.43 -89.10
N PRO D 402 10.92 -0.88 -89.22
CA PRO D 402 9.79 -1.80 -89.36
C PRO D 402 8.85 -1.70 -88.17
N TYR D 403 7.56 -1.85 -88.45
CA TYR D 403 6.55 -1.77 -87.38
C TYR D 403 6.85 -2.77 -86.28
N ASP D 404 7.39 -3.94 -86.65
CA ASP D 404 7.75 -4.93 -85.64
C ASP D 404 8.81 -4.38 -84.69
N LEU D 405 9.81 -3.68 -85.23
CA LEU D 405 10.88 -3.14 -84.39
C LEU D 405 10.43 -1.88 -83.67
N LYS D 406 9.64 -1.03 -84.34
CA LYS D 406 9.00 0.08 -83.64
C LYS D 406 8.28 -0.43 -82.41
N ALA D 407 7.63 -1.58 -82.54
CA ALA D 407 7.27 -2.36 -81.37
C ALA D 407 8.55 -2.83 -80.69
N CYS D 408 8.59 -2.65 -79.37
CA CYS D 408 9.76 -2.87 -78.52
C CYS D 408 10.77 -1.73 -78.59
N PHE D 409 10.71 -0.88 -79.63
CA PHE D 409 11.60 0.28 -79.65
C PHE D 409 11.17 1.29 -78.61
N LEU D 410 9.86 1.43 -78.39
CA LEU D 410 9.34 2.28 -77.34
C LEU D 410 9.23 1.53 -76.02
N TYR D 411 9.00 0.22 -76.07
CA TYR D 411 9.04 -0.59 -74.86
C TYR D 411 10.39 -0.47 -74.16
N CYS D 412 11.45 -0.23 -74.95
CA CYS D 412 12.75 0.06 -74.35
C CYS D 412 12.66 1.22 -73.36
N SER D 413 11.75 2.16 -73.62
CA SER D 413 11.63 3.33 -72.75
C SER D 413 10.72 3.09 -71.55
N ALA D 414 10.05 1.94 -71.47
CA ALA D 414 9.35 1.59 -70.24
C ALA D 414 10.34 1.34 -69.11
N PHE D 415 11.62 1.19 -69.46
CA PHE D 415 12.66 1.05 -68.45
C PHE D 415 13.22 2.43 -68.12
N PRO D 416 13.20 2.85 -66.85
CA PRO D 416 13.40 4.26 -66.53
C PRO D 416 14.62 4.86 -67.21
N GLY D 417 14.63 6.19 -67.30
CA GLY D 417 15.76 6.86 -67.93
C GLY D 417 17.04 6.63 -67.17
N GLY D 418 18.06 6.16 -67.90
CA GLY D 418 19.35 5.90 -67.31
C GLY D 418 19.49 4.53 -66.67
N PHE D 419 18.61 3.59 -66.98
CA PHE D 419 18.65 2.26 -66.39
C PHE D 419 19.50 1.34 -67.26
N GLN D 420 20.26 0.47 -66.61
CA GLN D 420 21.21 -0.42 -67.28
C GLN D 420 20.47 -1.72 -67.59
N ILE D 421 19.98 -1.85 -68.81
CA ILE D 421 18.92 -2.82 -69.11
C ILE D 421 19.54 -4.17 -69.50
N PRO D 422 19.29 -5.24 -68.74
CA PRO D 422 19.72 -6.56 -69.21
C PRO D 422 19.03 -6.94 -70.50
N ALA D 423 19.76 -7.61 -71.39
CA ALA D 423 19.22 -7.98 -72.69
C ALA D 423 18.29 -9.19 -72.57
N TRP D 424 18.63 -10.14 -71.71
CA TRP D 424 17.81 -11.34 -71.56
C TRP D 424 16.40 -11.00 -71.07
N LYS D 425 16.31 -10.13 -70.07
CA LYS D 425 15.01 -9.75 -69.54
C LYS D 425 14.15 -9.16 -70.65
N LEU D 426 14.73 -8.30 -71.47
CA LEU D 426 13.97 -7.67 -72.54
C LEU D 426 13.57 -8.68 -73.61
N ILE D 427 14.47 -9.62 -73.94
CA ILE D 427 14.11 -10.62 -74.94
C ILE D 427 12.89 -11.41 -74.49
N ARG D 428 12.92 -11.92 -73.26
CA ARG D 428 11.80 -12.72 -72.80
C ARG D 428 10.55 -11.87 -72.57
N LEU D 429 10.72 -10.60 -72.19
CA LEU D 429 9.55 -9.71 -72.09
C LEU D 429 8.91 -9.49 -73.44
N TRP D 430 9.74 -9.26 -74.47
CA TRP D 430 9.23 -9.06 -75.81
C TRP D 430 8.51 -10.30 -76.31
N ILE D 431 9.05 -11.48 -75.96
CA ILE D 431 8.38 -12.72 -76.32
C ILE D 431 7.03 -12.83 -75.64
N ALA D 432 6.99 -12.58 -74.33
CA ALA D 432 5.73 -12.69 -73.59
C ALA D 432 4.70 -11.71 -74.12
N GLU D 433 5.13 -10.49 -74.44
CA GLU D 433 4.20 -9.47 -74.91
C GLU D 433 3.68 -9.76 -76.31
N GLY D 434 4.24 -10.75 -77.00
CA GLY D 434 3.83 -11.06 -78.36
C GLY D 434 4.38 -10.13 -79.41
N PHE D 435 5.29 -9.22 -79.05
CA PHE D 435 5.91 -8.37 -80.05
C PHE D 435 6.71 -9.20 -81.06
N ILE D 436 7.43 -10.21 -80.59
CA ILE D 436 8.18 -11.12 -81.44
C ILE D 436 7.25 -12.30 -81.74
N GLN D 437 6.69 -12.33 -82.94
CA GLN D 437 5.78 -13.39 -83.33
C GLN D 437 6.52 -14.43 -84.18
N TYR D 438 6.10 -15.68 -84.05
CA TYR D 438 6.70 -16.76 -84.83
C TYR D 438 6.64 -16.44 -86.32
N LYS D 439 7.80 -16.29 -86.95
CA LYS D 439 7.88 -16.08 -88.40
C LYS D 439 9.13 -16.81 -88.89
N GLY D 440 8.91 -17.81 -89.75
CA GLY D 440 10.01 -18.60 -90.28
C GLY D 440 10.29 -19.85 -89.48
N HIS D 441 11.57 -20.16 -89.29
CA HIS D 441 12.01 -21.33 -88.53
C HIS D 441 12.85 -21.00 -87.31
N LEU D 442 13.11 -19.73 -87.05
CA LEU D 442 14.01 -19.37 -85.96
C LEU D 442 13.30 -19.47 -84.61
N SER D 443 14.05 -19.82 -83.58
CA SER D 443 13.51 -19.80 -82.23
C SER D 443 13.16 -18.38 -81.83
N LEU D 444 12.06 -18.23 -81.08
CA LEU D 444 11.59 -16.91 -80.69
C LEU D 444 12.70 -16.10 -80.03
N GLU D 445 13.42 -16.72 -79.09
CA GLU D 445 14.46 -16.00 -78.37
C GLU D 445 15.58 -15.56 -79.30
N CYS D 446 15.92 -16.39 -80.30
CA CYS D 446 16.94 -15.99 -81.26
C CYS D 446 16.44 -14.86 -82.14
N LYS D 447 15.15 -14.85 -82.47
CA LYS D 447 14.59 -13.73 -83.21
C LYS D 447 14.67 -12.44 -82.40
N GLY D 448 14.39 -12.54 -81.09
CA GLY D 448 14.57 -11.37 -80.23
C GLY D 448 16.02 -10.91 -80.17
N GLU D 449 16.94 -11.86 -80.10
CA GLU D 449 18.36 -11.52 -80.14
C GLU D 449 18.70 -10.78 -81.43
N ASP D 450 18.18 -11.27 -82.57
CA ASP D 450 18.45 -10.61 -83.85
C ASP D 450 17.81 -9.23 -83.90
N ASN D 451 16.71 -9.05 -83.17
CA ASN D 451 16.07 -7.71 -83.09
C ASN D 451 16.99 -6.82 -82.26
N LEU D 452 17.61 -7.38 -81.21
CA LEU D 452 18.60 -6.62 -80.39
C LEU D 452 19.76 -6.27 -81.31
N ASN D 453 20.19 -7.19 -82.16
CA ASN D 453 21.25 -6.92 -83.16
C ASN D 453 20.73 -5.87 -84.13
N ASP D 454 19.46 -5.96 -84.51
CA ASP D 454 18.86 -5.05 -85.52
C ASP D 454 18.88 -3.60 -85.04
N LEU D 455 18.58 -3.34 -83.77
CA LEU D 455 18.45 -1.93 -83.28
C LEU D 455 19.79 -1.40 -82.78
N ILE D 456 20.60 -2.18 -82.06
CA ILE D 456 21.92 -1.66 -81.71
C ILE D 456 22.68 -1.24 -82.96
N ASN D 457 22.52 -1.99 -84.05
CA ASN D 457 23.19 -1.64 -85.30
C ASN D 457 22.77 -0.25 -85.76
N ARG D 458 21.48 0.07 -85.63
CA ARG D 458 20.95 1.36 -86.04
C ARG D 458 21.34 2.50 -85.10
N ASN D 459 22.04 2.20 -84.01
CA ASN D 459 22.54 3.20 -83.06
C ASN D 459 21.43 3.84 -82.24
N LEU D 460 20.25 3.23 -82.17
CA LEU D 460 19.20 3.71 -81.27
C LEU D 460 19.38 3.20 -79.85
N VAL D 461 20.14 2.12 -79.68
CA VAL D 461 20.36 1.50 -78.37
C VAL D 461 21.86 1.48 -78.13
N MET D 462 22.28 1.92 -76.94
CA MET D 462 23.69 1.92 -76.57
C MET D 462 24.00 0.71 -75.70
N VAL D 463 25.11 0.04 -76.01
CA VAL D 463 25.54 -1.14 -75.26
C VAL D 463 26.58 -0.73 -74.23
N MET D 464 26.42 -1.23 -73.01
CA MET D 464 27.32 -0.95 -71.90
C MET D 464 28.37 -2.03 -71.69
N GLU D 465 27.95 -3.29 -71.58
CA GLU D 465 28.86 -4.38 -71.27
C GLU D 465 28.58 -5.51 -72.26
N ARG D 466 29.60 -6.34 -72.49
CA ARG D 466 29.47 -7.51 -73.38
C ARG D 466 30.25 -8.67 -72.77
N THR D 467 29.93 -9.91 -73.13
CA THR D 467 30.58 -11.13 -72.59
C THR D 467 31.95 -11.34 -73.26
N SER D 468 32.77 -12.24 -72.76
CA SER D 468 34.08 -12.58 -73.39
C SER D 468 33.70 -13.10 -74.79
N ASP D 469 32.61 -13.86 -74.88
CA ASP D 469 32.05 -14.32 -76.18
C ASP D 469 31.68 -13.03 -76.93
N GLY D 470 31.21 -12.01 -76.21
CA GLY D 470 30.83 -10.71 -76.80
C GLY D 470 29.34 -10.61 -77.05
N GLN D 471 28.58 -11.64 -76.68
CA GLN D 471 27.11 -11.55 -76.73
C GLN D 471 26.71 -10.36 -75.85
N ILE D 472 25.68 -9.61 -76.22
CA ILE D 472 25.23 -8.44 -75.47
C ILE D 472 24.88 -8.87 -74.05
N LYS D 473 25.29 -8.06 -73.07
CA LYS D 473 24.98 -8.35 -71.67
C LYS D 473 24.12 -7.28 -71.01
N THR D 474 24.33 -6.00 -71.33
CA THR D 474 23.54 -4.94 -70.70
C THR D 474 23.52 -3.73 -71.63
N CYS D 475 22.33 -3.15 -71.82
CA CYS D 475 22.12 -2.05 -72.74
C CYS D 475 21.26 -0.97 -72.06
N ARG D 476 21.33 0.24 -72.61
CA ARG D 476 20.51 1.34 -72.10
C ARG D 476 19.91 2.11 -73.26
N LEU D 477 19.29 3.25 -72.97
CA LEU D 477 18.76 4.14 -74.00
C LEU D 477 19.26 5.56 -73.72
N HIS D 478 19.62 6.26 -74.78
CA HIS D 478 20.21 7.59 -74.64
C HIS D 478 19.18 8.56 -74.05
N ASP D 479 19.70 9.61 -73.40
CA ASP D 479 18.83 10.56 -72.71
C ASP D 479 17.78 11.14 -73.65
N MET D 480 18.23 11.69 -74.78
CA MET D 480 17.28 12.28 -75.73
C MET D 480 16.43 11.20 -76.38
N LEU D 481 17.03 10.06 -76.71
CA LEU D 481 16.26 8.95 -77.24
C LEU D 481 15.24 8.46 -76.23
N HIS D 482 15.65 8.37 -74.95
CA HIS D 482 14.73 7.87 -73.94
C HIS D 482 13.55 8.82 -73.75
N GLU D 483 13.80 10.14 -73.69
CA GLU D 483 12.70 11.08 -73.53
C GLU D 483 11.80 11.09 -74.77
N PHE D 484 12.39 11.01 -75.95
CA PHE D 484 11.60 10.91 -77.18
C PHE D 484 10.68 9.69 -77.13
N CYS D 485 11.26 8.53 -76.81
CA CYS D 485 10.47 7.30 -76.78
C CYS D 485 9.37 7.39 -75.75
N ARG D 486 9.68 7.93 -74.57
CA ARG D 486 8.68 8.04 -73.52
C ARG D 486 7.49 8.85 -74.00
N GLN D 487 7.77 10.05 -74.53
CA GLN D 487 6.69 10.92 -74.97
C GLN D 487 5.87 10.25 -76.06
N GLU D 488 6.55 9.66 -77.05
CA GLU D 488 5.84 9.00 -78.14
C GLU D 488 4.87 7.96 -77.60
N ALA D 489 5.40 7.04 -76.79
CA ALA D 489 4.57 5.94 -76.29
C ALA D 489 3.42 6.45 -75.44
N MET D 490 3.69 7.39 -74.53
CA MET D 490 2.68 7.79 -73.57
C MET D 490 1.60 8.66 -74.20
N LYS D 491 1.92 9.34 -75.31
CA LYS D 491 0.97 10.28 -75.88
C LYS D 491 0.26 9.72 -77.11
N GLU D 492 1.01 9.31 -78.14
CA GLU D 492 0.35 9.00 -79.40
C GLU D 492 -0.19 7.58 -79.44
N GLU D 493 0.63 6.59 -79.06
CA GLU D 493 0.24 5.20 -79.17
C GLU D 493 -0.47 4.66 -77.94
N ASN D 494 -0.25 5.26 -76.77
CA ASN D 494 -0.76 4.72 -75.51
C ASN D 494 -0.28 3.28 -75.31
N LEU D 495 1.01 3.06 -75.57
CA LEU D 495 1.60 1.76 -75.28
C LEU D 495 1.71 1.54 -73.77
N PHE D 496 2.02 2.59 -73.03
CA PHE D 496 2.12 2.51 -71.58
C PHE D 496 2.07 3.93 -71.01
N GLN D 497 1.86 4.01 -69.69
CA GLN D 497 1.81 5.29 -69.00
C GLN D 497 2.65 5.22 -67.73
N GLU D 498 3.40 6.29 -67.48
CA GLU D 498 4.32 6.37 -66.34
C GLU D 498 3.77 7.32 -65.29
N ILE D 499 3.49 6.78 -64.11
CA ILE D 499 2.92 7.58 -63.02
C ILE D 499 4.05 8.04 -62.12
N LYS D 500 4.65 9.18 -62.44
CA LYS D 500 5.67 9.79 -61.62
C LYS D 500 5.11 11.08 -61.04
N LEU D 501 5.10 11.17 -59.71
CA LEU D 501 4.30 12.16 -58.99
C LEU D 501 5.20 12.90 -58.01
N GLY D 502 4.94 14.19 -57.85
CA GLY D 502 5.60 14.95 -56.80
C GLY D 502 4.88 14.80 -55.48
N SER D 503 5.11 15.77 -54.59
CA SER D 503 4.35 15.81 -53.34
C SER D 503 2.94 16.31 -53.59
N GLU D 504 2.79 17.39 -54.37
CA GLU D 504 1.47 17.90 -54.69
C GLU D 504 0.68 16.90 -55.52
N GLN D 505 1.31 16.31 -56.53
CA GLN D 505 0.62 15.37 -57.40
C GLN D 505 0.19 14.13 -56.63
N TYR D 506 -0.93 13.55 -57.04
CA TYR D 506 -1.50 12.39 -56.38
C TYR D 506 -1.89 11.37 -57.44
N PHE D 507 -1.95 10.12 -57.00
CA PHE D 507 -2.16 9.01 -57.92
C PHE D 507 -3.50 9.18 -58.64
N PRO D 508 -3.63 8.66 -59.86
CA PRO D 508 -4.83 8.93 -60.65
C PRO D 508 -6.09 8.43 -59.96
N GLY D 509 -7.23 8.79 -60.52
CA GLY D 509 -8.47 8.14 -60.15
C GLY D 509 -8.64 6.82 -60.88
N LYS D 510 -9.72 6.11 -60.53
CA LYS D 510 -10.01 4.86 -61.22
C LYS D 510 -10.41 5.10 -62.67
N ARG D 511 -11.05 6.24 -62.95
CA ARG D 511 -11.44 6.55 -64.33
C ARG D 511 -10.23 6.61 -65.25
N GLU D 512 -9.23 7.42 -64.89
CA GLU D 512 -8.03 7.51 -65.70
C GLU D 512 -7.34 6.16 -65.81
N LEU D 513 -7.27 5.44 -64.69
CA LEU D 513 -6.63 4.13 -64.69
C LEU D 513 -7.33 3.14 -65.60
N SER D 514 -8.61 3.35 -65.87
CA SER D 514 -9.35 2.42 -66.71
C SER D 514 -8.91 2.47 -68.17
N THR D 515 -8.33 3.58 -68.62
CA THR D 515 -7.94 3.74 -70.02
C THR D 515 -6.48 3.37 -70.27
N TYR D 516 -5.76 2.90 -69.25
CA TYR D 516 -4.38 2.48 -69.39
C TYR D 516 -4.33 1.00 -69.75
N ARG D 517 -3.52 0.66 -70.75
CA ARG D 517 -3.26 -0.74 -71.07
C ARG D 517 -2.03 -1.28 -70.36
N ARG D 518 -0.99 -0.45 -70.19
CA ARG D 518 0.22 -0.87 -69.53
C ARG D 518 0.59 0.15 -68.46
N LEU D 519 1.01 -0.35 -67.30
CA LEU D 519 1.38 0.47 -66.15
C LEU D 519 2.87 0.38 -65.89
N CYS D 520 3.51 1.54 -65.69
CA CYS D 520 4.89 1.59 -65.23
C CYS D 520 4.99 2.58 -64.07
N ILE D 521 5.61 2.13 -62.98
CA ILE D 521 5.83 2.93 -61.79
C ILE D 521 7.33 2.97 -61.52
N HIS D 522 7.83 4.12 -61.07
CA HIS D 522 9.25 4.22 -60.71
C HIS D 522 9.48 4.99 -59.43
N SER D 523 8.43 5.39 -58.72
CA SER D 523 8.53 5.91 -57.37
C SER D 523 7.80 4.93 -56.45
N SER D 524 7.62 5.32 -55.19
CA SER D 524 7.13 4.37 -54.20
C SER D 524 5.88 3.66 -54.69
N VAL D 525 6.02 2.39 -54.98
CA VAL D 525 4.87 1.57 -55.39
C VAL D 525 4.08 1.10 -54.17
N LEU D 526 4.72 1.09 -53.00
CA LEU D 526 3.99 0.76 -51.77
C LEU D 526 2.90 1.78 -51.50
N ASP D 527 3.18 3.06 -51.72
CA ASP D 527 2.16 4.09 -51.55
C ASP D 527 1.07 3.97 -52.61
N PHE D 528 1.48 3.81 -53.88
CA PHE D 528 0.50 3.65 -54.95
C PHE D 528 -0.47 2.51 -54.65
N PHE D 529 0.07 1.36 -54.25
CA PHE D 529 -0.80 0.26 -53.84
C PHE D 529 -1.55 0.58 -52.56
N SER D 530 -1.03 1.48 -51.72
CA SER D 530 -1.76 1.93 -50.55
C SER D 530 -3.08 2.59 -50.92
N THR D 531 -3.19 3.08 -52.16
CA THR D 531 -4.45 3.62 -52.68
C THR D 531 -5.45 2.53 -53.04
N LYS D 532 -5.03 1.26 -53.04
CA LYS D 532 -5.91 0.16 -53.43
C LYS D 532 -6.43 0.41 -54.83
N PRO D 533 -5.56 0.59 -55.82
CA PRO D 533 -6.02 0.91 -57.17
C PRO D 533 -6.87 -0.21 -57.74
N SER D 534 -7.56 0.10 -58.83
CA SER D 534 -8.43 -0.88 -59.49
C SER D 534 -8.51 -0.51 -60.97
N ALA D 535 -7.93 -1.35 -61.82
CA ALA D 535 -7.97 -1.14 -63.26
C ALA D 535 -8.14 -2.49 -63.94
N GLU D 536 -9.17 -2.61 -64.78
CA GLU D 536 -9.50 -3.88 -65.42
C GLU D 536 -8.95 -3.96 -66.85
N HIS D 537 -8.53 -2.84 -67.44
CA HIS D 537 -7.95 -2.82 -68.77
C HIS D 537 -6.42 -2.84 -68.73
N VAL D 538 -5.84 -3.23 -67.59
CA VAL D 538 -4.39 -3.27 -67.41
C VAL D 538 -3.91 -4.67 -67.71
N ARG D 539 -2.89 -4.78 -68.58
CA ARG D 539 -2.32 -6.06 -68.96
C ARG D 539 -0.85 -6.23 -68.55
N SER D 540 -0.15 -5.16 -68.21
CA SER D 540 1.24 -5.26 -67.79
C SER D 540 1.54 -4.24 -66.71
N PHE D 541 2.38 -4.64 -65.75
CA PHE D 541 2.80 -3.79 -64.65
C PHE D 541 4.31 -3.87 -64.50
N LEU D 542 4.94 -2.70 -64.34
CA LEU D 542 6.39 -2.60 -64.26
C LEU D 542 6.74 -1.60 -63.16
N SER D 543 7.70 -1.96 -62.31
CA SER D 543 8.09 -1.09 -61.18
C SER D 543 9.59 -1.26 -60.94
N PHE D 544 10.38 -0.37 -61.53
CA PHE D 544 11.83 -0.38 -61.39
C PHE D 544 12.30 0.60 -60.31
N SER D 545 11.90 0.32 -59.08
CA SER D 545 12.51 0.99 -57.95
C SER D 545 13.99 0.61 -57.88
N SER D 546 14.74 1.35 -57.07
CA SER D 546 16.17 1.10 -56.96
C SER D 546 16.45 -0.19 -56.21
N LYS D 547 15.83 -0.35 -55.04
CA LYS D 547 16.16 -1.41 -54.11
C LYS D 547 15.23 -2.61 -54.29
N LYS D 548 15.33 -3.55 -53.35
CA LYS D 548 14.28 -4.54 -53.12
C LYS D 548 13.38 -4.00 -52.02
N ILE D 549 12.06 -4.12 -52.19
CA ILE D 549 11.10 -3.57 -51.24
C ILE D 549 10.13 -4.66 -50.81
N GLU D 550 9.68 -4.58 -49.56
CA GLU D 550 8.72 -5.52 -49.00
C GLU D 550 7.29 -5.03 -49.20
N MET D 551 6.38 -5.99 -49.35
CA MET D 551 4.96 -5.73 -49.53
C MET D 551 4.22 -6.04 -48.24
N PRO D 552 3.52 -5.09 -47.61
CA PRO D 552 2.81 -5.42 -46.37
C PRO D 552 1.84 -6.57 -46.58
N SER D 553 1.74 -7.43 -45.57
CA SER D 553 0.88 -8.60 -45.66
C SER D 553 -0.57 -8.24 -45.95
N ALA D 554 -1.01 -7.05 -45.52
CA ALA D 554 -2.34 -6.56 -45.86
C ALA D 554 -2.40 -5.97 -47.26
N ASP D 555 -1.26 -5.71 -47.89
CA ASP D 555 -1.21 -5.08 -49.20
C ASP D 555 -0.85 -6.06 -50.31
N ILE D 556 -0.86 -7.36 -50.03
CA ILE D 556 -0.49 -8.34 -51.05
C ILE D 556 -1.58 -8.52 -52.10
N PRO D 557 -2.85 -8.76 -51.73
CA PRO D 557 -3.86 -9.14 -52.74
C PRO D 557 -4.33 -7.99 -53.62
N THR D 558 -3.72 -6.81 -53.51
CA THR D 558 -4.16 -5.68 -54.31
C THR D 558 -3.88 -5.87 -55.80
N ILE D 559 -2.77 -6.52 -56.15
CA ILE D 559 -2.36 -6.63 -57.55
C ILE D 559 -3.37 -7.49 -58.30
N PRO D 560 -3.66 -8.71 -57.83
CA PRO D 560 -4.64 -9.54 -58.58
C PRO D 560 -6.01 -8.89 -58.72
N LYS D 561 -6.65 -8.53 -57.60
CA LYS D 561 -8.00 -8.00 -57.64
C LYS D 561 -8.12 -6.79 -58.53
N GLY D 562 -7.19 -5.84 -58.41
CA GLY D 562 -7.21 -4.69 -59.30
C GLY D 562 -7.03 -5.08 -60.75
N PHE D 563 -6.10 -6.00 -61.03
CA PHE D 563 -5.71 -6.35 -62.38
C PHE D 563 -5.99 -7.83 -62.61
N PRO D 564 -7.18 -8.19 -63.09
CA PRO D 564 -7.50 -9.60 -63.34
C PRO D 564 -7.12 -10.10 -64.72
N LEU D 565 -6.60 -9.24 -65.60
CA LEU D 565 -6.22 -9.64 -66.95
C LEU D 565 -4.72 -9.45 -67.15
N LEU D 566 -3.95 -9.73 -66.11
CA LEU D 566 -2.52 -9.41 -66.10
C LEU D 566 -1.71 -10.46 -66.85
N ARG D 567 -0.78 -10.00 -67.68
CA ARG D 567 0.10 -10.86 -68.46
C ARG D 567 1.55 -10.75 -68.03
N VAL D 568 2.06 -9.53 -67.90
CA VAL D 568 3.46 -9.28 -67.59
C VAL D 568 3.52 -8.66 -66.21
N LEU D 569 4.09 -9.41 -65.25
CA LEU D 569 4.07 -9.05 -63.84
C LEU D 569 5.52 -8.84 -63.43
N ASP D 570 6.02 -7.62 -63.66
CA ASP D 570 7.43 -7.31 -63.49
C ASP D 570 7.61 -6.65 -62.12
N VAL D 571 7.78 -7.50 -61.12
CA VAL D 571 7.94 -7.06 -59.73
C VAL D 571 9.22 -7.67 -59.17
N GLU D 572 10.19 -7.92 -60.05
CA GLU D 572 11.46 -8.51 -59.62
C GLU D 572 12.09 -7.73 -58.48
N SER D 573 11.80 -6.43 -58.38
CA SER D 573 12.36 -5.59 -57.34
C SER D 573 11.42 -5.43 -56.16
N ILE D 574 10.38 -6.25 -56.07
CA ILE D 574 9.43 -6.25 -54.97
C ILE D 574 9.56 -7.58 -54.25
N ASN D 575 9.42 -7.58 -52.93
CA ASN D 575 9.57 -8.78 -52.12
C ASN D 575 8.18 -9.28 -51.77
N PHE D 576 7.98 -10.59 -51.89
CA PHE D 576 6.72 -11.24 -51.55
C PHE D 576 6.99 -12.35 -50.53
N SER D 577 6.44 -12.20 -49.32
CA SER D 577 6.50 -13.29 -48.35
C SER D 577 5.52 -14.39 -48.72
N ARG D 578 4.34 -14.04 -49.23
CA ARG D 578 3.36 -15.03 -49.65
C ARG D 578 2.48 -14.42 -50.73
N PHE D 579 1.59 -15.26 -51.26
CA PHE D 579 0.74 -14.91 -52.39
C PHE D 579 -0.71 -15.18 -52.03
N SER D 580 -1.61 -14.27 -52.42
CA SER D 580 -3.02 -14.49 -52.19
C SER D 580 -3.54 -15.57 -53.14
N ARG D 581 -4.64 -16.22 -52.74
CA ARG D 581 -5.26 -17.22 -53.59
C ARG D 581 -5.70 -16.62 -54.92
N GLU D 582 -5.89 -15.31 -54.97
CA GLU D 582 -6.34 -14.65 -56.20
C GLU D 582 -5.22 -14.51 -57.23
N PHE D 583 -3.97 -14.64 -56.80
CA PHE D 583 -2.88 -14.86 -57.75
C PHE D 583 -3.13 -16.08 -58.61
N TYR D 584 -3.71 -17.14 -58.04
CA TYR D 584 -3.88 -18.42 -58.70
C TYR D 584 -5.18 -18.49 -59.50
N GLN D 585 -5.76 -17.33 -59.83
CA GLN D 585 -6.81 -17.25 -60.84
C GLN D 585 -6.39 -16.33 -61.97
N LEU D 586 -5.12 -15.92 -61.99
CA LEU D 586 -4.59 -15.07 -63.06
C LEU D 586 -4.16 -15.94 -64.22
N TYR D 587 -5.17 -16.49 -64.91
CA TYR D 587 -4.92 -17.41 -66.01
C TYR D 587 -4.41 -16.68 -67.24
N HIS D 588 -4.38 -15.35 -67.22
CA HIS D 588 -3.87 -14.55 -68.31
C HIS D 588 -2.43 -14.11 -68.10
N LEU D 589 -1.74 -14.70 -67.12
CA LEU D 589 -0.34 -14.36 -66.85
C LEU D 589 0.56 -15.08 -67.83
N ARG D 590 1.45 -14.32 -68.49
CA ARG D 590 2.47 -14.87 -69.36
C ARG D 590 3.87 -14.76 -68.78
N TYR D 591 4.19 -13.63 -68.14
CA TYR D 591 5.50 -13.39 -67.56
C TYR D 591 5.36 -13.13 -66.08
N VAL D 592 6.17 -13.81 -65.27
CA VAL D 592 6.14 -13.66 -63.83
C VAL D 592 7.56 -13.58 -63.28
N ALA D 593 8.03 -12.36 -63.01
CA ALA D 593 9.31 -12.12 -62.34
C ALA D 593 9.01 -11.49 -60.99
N PHE D 594 9.60 -12.05 -59.94
CA PHE D 594 9.33 -11.61 -58.58
C PHE D 594 10.42 -12.12 -57.65
N SER D 595 10.59 -11.42 -56.54
CA SER D 595 11.59 -11.76 -55.54
C SER D 595 10.91 -12.30 -54.28
N SER D 596 11.73 -12.82 -53.37
CA SER D 596 11.26 -13.35 -52.09
C SER D 596 12.50 -13.74 -51.29
N ASP D 597 12.32 -13.92 -49.99
CA ASP D 597 13.37 -14.46 -49.14
C ASP D 597 12.86 -15.65 -48.33
N SER D 598 11.60 -15.60 -47.91
CA SER D 598 11.02 -16.65 -47.08
C SER D 598 10.33 -17.75 -47.87
N ILE D 599 10.22 -17.61 -49.19
CA ILE D 599 9.46 -18.59 -49.97
C ILE D 599 10.29 -19.85 -50.12
N LYS D 600 9.81 -20.95 -49.52
CA LYS D 600 10.45 -22.25 -49.62
C LYS D 600 9.65 -23.23 -50.48
N ILE D 601 8.39 -22.95 -50.75
CA ILE D 601 7.51 -23.85 -51.51
C ILE D 601 6.77 -23.04 -52.55
N LEU D 602 6.69 -23.58 -53.76
CA LEU D 602 5.84 -23.01 -54.81
C LEU D 602 4.57 -23.84 -54.87
N PRO D 603 3.42 -23.29 -54.49
CA PRO D 603 2.24 -24.14 -54.31
C PRO D 603 1.80 -24.82 -55.60
N LYS D 604 1.21 -26.00 -55.43
CA LYS D 604 0.72 -26.76 -56.59
C LYS D 604 -0.28 -25.95 -57.39
N LEU D 605 -0.99 -25.03 -56.75
CA LEU D 605 -1.94 -24.19 -57.46
C LEU D 605 -1.25 -23.33 -58.52
N MET D 606 0.06 -23.15 -58.42
CA MET D 606 0.79 -22.38 -59.43
C MET D 606 0.71 -23.04 -60.80
N GLY D 607 0.46 -24.34 -60.87
CA GLY D 607 0.36 -25.06 -62.12
C GLY D 607 -0.88 -24.78 -62.93
N GLU D 608 -1.92 -24.21 -62.31
CA GLU D 608 -3.15 -23.88 -63.03
C GLU D 608 -2.92 -22.83 -64.11
N LEU D 609 -1.79 -22.13 -64.08
CA LEU D 609 -1.50 -21.06 -65.03
C LEU D 609 -0.94 -21.65 -66.31
N TRP D 610 -1.82 -21.87 -67.30
CA TRP D 610 -1.40 -22.45 -68.57
C TRP D 610 -0.71 -21.44 -69.48
N ASN D 611 -0.92 -20.14 -69.27
CA ASN D 611 -0.50 -19.11 -70.21
C ASN D 611 0.86 -18.52 -69.88
N ILE D 612 1.50 -18.96 -68.80
CA ILE D 612 2.80 -18.41 -68.41
C ILE D 612 3.87 -18.94 -69.37
N GLN D 613 4.85 -18.09 -69.66
CA GLN D 613 6.01 -18.49 -70.44
C GLN D 613 7.31 -18.44 -69.66
N THR D 614 7.44 -17.52 -68.70
CA THR D 614 8.67 -17.34 -67.96
C THR D 614 8.37 -17.29 -66.47
N ILE D 615 9.32 -17.79 -65.68
CA ILE D 615 9.28 -17.71 -64.22
C ILE D 615 10.68 -17.40 -63.73
N ILE D 616 10.82 -16.35 -62.93
CA ILE D 616 12.11 -15.95 -62.39
C ILE D 616 11.93 -15.69 -60.90
N ILE D 617 12.80 -16.30 -60.08
CA ILE D 617 12.71 -16.22 -58.63
C ILE D 617 14.14 -16.19 -58.08
N ASN D 618 14.52 -15.05 -57.50
CA ASN D 618 15.78 -14.96 -56.75
C ASN D 618 15.43 -15.00 -55.27
N THR D 619 15.27 -16.21 -54.76
CA THR D 619 14.95 -16.44 -53.35
C THR D 619 16.22 -16.79 -52.60
N GLN D 620 16.39 -16.19 -51.41
CA GLN D 620 17.59 -16.44 -50.63
C GLN D 620 17.55 -17.79 -49.92
N GLN D 621 16.41 -18.46 -49.90
CA GLN D 621 16.37 -19.84 -49.43
C GLN D 621 17.26 -20.72 -50.31
N ARG D 622 18.10 -21.53 -49.65
CA ARG D 622 18.99 -22.40 -50.39
C ARG D 622 18.23 -23.37 -51.28
N THR D 623 17.14 -23.95 -50.77
CA THR D 623 16.35 -24.92 -51.51
C THR D 623 14.96 -24.36 -51.74
N LEU D 624 14.39 -24.66 -52.90
CA LEU D 624 13.04 -24.21 -53.26
C LEU D 624 12.28 -25.39 -53.84
N ASP D 625 11.47 -26.04 -53.00
CA ASP D 625 10.63 -27.15 -53.45
C ASP D 625 9.61 -26.63 -54.45
N ILE D 626 9.64 -27.16 -55.67
CA ILE D 626 8.70 -26.80 -56.71
C ILE D 626 7.65 -27.90 -56.79
N GLN D 627 6.47 -27.65 -56.22
CA GLN D 627 5.43 -28.66 -56.13
C GLN D 627 4.38 -28.57 -57.21
N ALA D 628 4.42 -27.53 -58.06
CA ALA D 628 3.49 -27.46 -59.17
C ALA D 628 3.93 -28.39 -60.29
N ASN D 629 2.95 -28.98 -60.98
CA ASN D 629 3.23 -29.84 -62.14
C ASN D 629 3.57 -28.96 -63.35
N ILE D 630 4.88 -28.69 -63.49
CA ILE D 630 5.35 -27.88 -64.60
C ILE D 630 5.15 -28.63 -65.92
N TRP D 631 5.28 -29.96 -65.90
CA TRP D 631 5.11 -30.74 -67.11
C TRP D 631 3.76 -30.48 -67.76
N ASN D 632 2.75 -30.15 -66.94
CA ASN D 632 1.43 -29.84 -67.48
C ASN D 632 1.38 -28.48 -68.17
N MET D 633 2.40 -27.64 -67.95
CA MET D 633 2.45 -26.32 -68.58
C MET D 633 3.13 -26.46 -69.94
N GLU D 634 2.33 -26.44 -71.00
CA GLU D 634 2.85 -26.70 -72.34
C GLU D 634 3.47 -25.43 -72.94
N ARG D 635 2.95 -24.26 -72.57
CA ARG D 635 3.49 -23.01 -73.08
C ARG D 635 4.65 -22.49 -72.24
N LEU D 636 4.93 -23.12 -71.09
CA LEU D 636 6.02 -22.69 -70.18
C LEU D 636 7.35 -22.86 -70.90
N ARG D 637 8.08 -21.77 -71.15
CA ARG D 637 9.35 -21.81 -71.92
C ARG D 637 10.57 -21.54 -71.05
N HIS D 638 10.43 -20.97 -69.84
CA HIS D 638 11.55 -20.53 -69.04
C HIS D 638 11.22 -20.63 -67.56
N LEU D 639 12.22 -21.08 -66.79
CA LEU D 639 12.16 -21.10 -65.33
C LEU D 639 13.60 -20.87 -64.84
N HIS D 640 13.90 -19.61 -64.55
CA HIS D 640 15.21 -19.21 -64.03
C HIS D 640 15.11 -19.06 -62.52
N THR D 641 16.15 -19.48 -61.81
CA THR D 641 16.28 -19.27 -60.38
C THR D 641 17.75 -19.33 -60.01
N ASN D 642 18.06 -18.90 -58.79
CA ASN D 642 19.38 -19.10 -58.23
C ASN D 642 19.40 -20.16 -57.14
N SER D 643 18.30 -20.90 -56.96
CA SER D 643 18.16 -21.90 -55.92
C SER D 643 18.19 -23.30 -56.50
N SER D 644 18.75 -24.23 -55.73
CA SER D 644 18.88 -25.63 -56.13
C SER D 644 17.49 -26.27 -56.06
N ALA D 645 16.68 -26.02 -57.07
CA ALA D 645 15.28 -26.43 -57.04
C ALA D 645 15.15 -27.95 -57.12
N LYS D 646 14.13 -28.46 -56.43
CA LYS D 646 13.77 -29.87 -56.45
C LYS D 646 12.49 -30.03 -57.25
N LEU D 647 12.61 -30.58 -58.45
CA LEU D 647 11.49 -30.66 -59.39
C LEU D 647 10.53 -31.78 -59.00
N PRO D 648 9.29 -31.74 -59.47
CA PRO D 648 8.37 -32.86 -59.24
C PRO D 648 8.68 -34.03 -60.17
N VAL D 649 8.50 -35.23 -59.64
CA VAL D 649 8.79 -36.43 -60.44
C VAL D 649 7.81 -36.49 -61.62
N PRO D 650 8.27 -36.64 -62.87
CA PRO D 650 7.32 -36.73 -63.98
C PRO D 650 6.60 -38.07 -63.96
N VAL D 651 5.32 -38.04 -63.59
CA VAL D 651 4.48 -39.23 -63.53
C VAL D 651 3.47 -39.10 -64.67
N ALA D 652 3.52 -40.01 -65.62
CA ALA D 652 2.52 -40.03 -66.68
C ALA D 652 1.18 -40.46 -66.11
N PRO D 653 0.07 -39.99 -66.66
CA PRO D 653 -1.24 -40.46 -66.17
C PRO D 653 -1.41 -41.95 -66.40
N LYS D 654 -2.20 -42.58 -65.54
CA LYS D 654 -2.39 -44.02 -65.60
C LYS D 654 -3.26 -44.45 -66.77
N ASN D 655 -4.07 -43.55 -67.33
CA ASN D 655 -5.00 -43.90 -68.38
C ASN D 655 -4.90 -43.02 -69.62
N SER D 656 -4.07 -41.98 -69.61
CA SER D 656 -3.94 -41.07 -70.74
C SER D 656 -2.78 -41.50 -71.63
N LYS D 657 -2.95 -41.32 -72.94
CA LYS D 657 -1.90 -41.61 -73.91
C LYS D 657 -1.09 -40.38 -74.28
N VAL D 658 -1.37 -39.22 -73.68
CA VAL D 658 -0.61 -38.01 -73.95
C VAL D 658 0.75 -38.12 -73.28
N THR D 659 1.80 -37.80 -74.03
CA THR D 659 3.16 -37.83 -73.49
C THR D 659 3.48 -36.45 -72.93
N LEU D 660 3.72 -36.40 -71.62
CA LEU D 660 4.03 -35.14 -70.96
C LEU D 660 5.45 -34.70 -71.31
N VAL D 661 5.67 -34.38 -72.57
CA VAL D 661 6.96 -33.94 -73.08
C VAL D 661 6.81 -32.48 -73.49
N ASN D 662 7.45 -31.59 -72.75
CA ASN D 662 7.31 -30.14 -72.97
C ASN D 662 8.33 -29.74 -74.03
N GLN D 663 7.84 -29.31 -75.20
CA GLN D 663 8.69 -29.01 -76.34
C GLN D 663 8.86 -27.51 -76.58
N SER D 664 8.48 -26.66 -75.62
CA SER D 664 8.77 -25.24 -75.70
C SER D 664 9.87 -24.83 -74.74
N LEU D 665 10.03 -25.56 -73.64
CA LEU D 665 11.04 -25.25 -72.63
C LEU D 665 12.41 -25.06 -73.29
N GLN D 666 13.20 -24.15 -72.73
CA GLN D 666 14.54 -23.86 -73.22
C GLN D 666 15.62 -23.92 -72.15
N THR D 667 15.31 -23.57 -70.90
CA THR D 667 16.32 -23.52 -69.86
C THR D 667 15.73 -23.96 -68.52
N LEU D 668 16.58 -24.60 -67.72
CA LEU D 668 16.31 -24.90 -66.30
C LEU D 668 17.62 -24.59 -65.59
N SER D 669 17.76 -23.34 -65.14
CA SER D 669 19.08 -22.80 -64.83
C SER D 669 19.71 -23.48 -63.63
N THR D 670 18.94 -23.68 -62.56
CA THR D 670 19.52 -24.07 -61.28
C THR D 670 18.69 -25.16 -60.61
N ILE D 671 18.48 -26.26 -61.33
CA ILE D 671 17.79 -27.41 -60.75
C ILE D 671 18.71 -28.10 -59.75
N ALA D 672 18.16 -28.99 -58.92
CA ALA D 672 18.97 -29.71 -57.95
C ALA D 672 19.55 -30.98 -58.56
N PRO D 673 20.78 -31.36 -58.16
CA PRO D 673 21.34 -32.61 -58.69
C PRO D 673 20.51 -33.82 -58.36
N GLU D 674 19.74 -33.79 -57.27
CA GLU D 674 18.77 -34.84 -57.01
C GLU D 674 17.78 -35.01 -58.15
N SER D 675 17.43 -33.92 -58.84
CA SER D 675 16.45 -33.94 -59.91
C SER D 675 17.09 -34.11 -61.29
N CYS D 676 18.27 -34.72 -61.37
CA CYS D 676 18.87 -35.02 -62.66
C CYS D 676 18.57 -36.47 -63.02
N THR D 677 17.30 -36.76 -63.27
CA THR D 677 16.82 -38.13 -63.49
C THR D 677 16.50 -38.36 -64.96
N GLU D 678 16.49 -39.63 -65.34
CA GLU D 678 16.27 -40.01 -66.74
C GLU D 678 15.02 -39.34 -67.31
N GLU D 679 13.89 -39.48 -66.60
CA GLU D 679 12.66 -38.90 -67.11
C GLU D 679 12.78 -37.39 -67.23
N VAL D 680 13.29 -36.73 -66.19
CA VAL D 680 13.25 -35.27 -66.14
C VAL D 680 13.88 -34.67 -67.39
N PHE D 681 15.04 -35.21 -67.79
CA PHE D 681 15.62 -34.86 -69.09
C PHE D 681 14.77 -35.36 -70.25
N ALA D 682 14.23 -36.57 -70.15
CA ALA D 682 13.51 -37.17 -71.27
C ALA D 682 12.24 -36.41 -71.60
N ARG D 683 11.75 -35.56 -70.68
CA ARG D 683 10.60 -34.72 -70.96
C ARG D 683 10.97 -33.45 -71.72
N THR D 684 12.26 -33.13 -71.82
CA THR D 684 12.72 -31.84 -72.34
C THR D 684 13.74 -32.08 -73.46
N PRO D 685 13.29 -32.55 -74.62
CA PRO D 685 14.22 -32.72 -75.74
C PRO D 685 14.87 -31.43 -76.21
N ASN D 686 14.20 -30.29 -76.01
CA ASN D 686 14.65 -29.01 -76.52
C ASN D 686 15.44 -28.20 -75.51
N LEU D 687 15.80 -28.79 -74.37
CA LEU D 687 16.55 -28.04 -73.36
C LEU D 687 17.90 -27.62 -73.94
N LYS D 688 18.22 -26.34 -73.74
CA LYS D 688 19.37 -25.70 -74.38
C LYS D 688 20.42 -25.23 -73.38
N LYS D 689 20.01 -24.72 -72.22
CA LYS D 689 20.94 -24.24 -71.20
C LYS D 689 20.61 -24.93 -69.90
N LEU D 690 21.64 -25.36 -69.18
CA LEU D 690 21.45 -26.05 -67.91
C LEU D 690 22.50 -25.59 -66.91
N GLY D 691 22.17 -25.73 -65.64
CA GLY D 691 23.10 -25.43 -64.56
C GLY D 691 22.63 -26.08 -63.30
N ILE D 692 23.57 -26.59 -62.51
CA ILE D 692 23.26 -27.35 -61.32
C ILE D 692 23.93 -26.72 -60.11
N ARG D 693 23.23 -26.74 -58.97
CA ARG D 693 23.74 -26.25 -57.71
C ARG D 693 23.27 -27.17 -56.61
N GLY D 694 24.14 -27.46 -55.64
CA GLY D 694 23.83 -28.41 -54.59
C GLY D 694 25.01 -29.30 -54.26
N LYS D 695 24.74 -30.57 -53.98
CA LYS D 695 25.81 -31.54 -53.70
C LYS D 695 26.25 -32.12 -55.04
N ILE D 696 27.36 -31.58 -55.56
CA ILE D 696 27.86 -31.95 -56.87
C ILE D 696 28.46 -33.34 -56.87
N SER D 697 28.84 -33.84 -55.69
CA SER D 697 29.43 -35.18 -55.59
C SER D 697 28.44 -36.24 -56.05
N VAL D 698 27.16 -36.07 -55.71
CA VAL D 698 26.15 -37.03 -56.13
C VAL D 698 26.15 -37.17 -57.65
N LEU D 699 26.54 -36.12 -58.36
CA LEU D 699 26.71 -36.23 -59.81
C LEU D 699 28.04 -36.87 -60.17
N LEU D 700 29.14 -36.25 -59.77
CA LEU D 700 30.45 -36.69 -60.23
C LEU D 700 30.87 -38.04 -59.67
N ASP D 701 30.18 -38.55 -58.66
CA ASP D 701 30.40 -39.93 -58.20
C ASP D 701 29.50 -40.83 -59.04
N ASN D 702 30.02 -41.26 -60.18
CA ASN D 702 29.19 -41.91 -61.19
C ASN D 702 28.70 -43.27 -60.72
N LYS D 703 29.49 -43.95 -59.89
CA LYS D 703 29.08 -45.26 -59.40
C LYS D 703 27.71 -45.22 -58.74
N SER D 704 27.47 -44.21 -57.90
CA SER D 704 26.19 -44.02 -57.22
C SER D 704 25.34 -43.06 -58.04
N ALA D 705 24.21 -43.56 -58.54
CA ALA D 705 23.30 -42.78 -59.38
C ALA D 705 23.81 -42.71 -60.81
N ALA D 706 22.93 -42.40 -61.75
CA ALA D 706 23.30 -42.23 -63.16
C ALA D 706 22.88 -40.85 -63.68
N SER D 707 23.11 -39.80 -62.89
CA SER D 707 22.51 -38.51 -63.19
C SER D 707 23.27 -37.77 -64.30
N LEU D 708 24.60 -37.75 -64.23
CA LEU D 708 25.37 -37.08 -65.28
C LEU D 708 25.24 -37.84 -66.60
N LYS D 709 25.16 -39.17 -66.52
CA LYS D 709 24.87 -39.95 -67.72
C LYS D 709 23.52 -39.56 -68.31
N ASN D 710 22.54 -39.27 -67.45
CA ASN D 710 21.27 -38.72 -67.94
C ASN D 710 21.47 -37.36 -68.57
N VAL D 711 22.32 -36.52 -67.96
CA VAL D 711 22.62 -35.21 -68.53
C VAL D 711 23.16 -35.35 -69.94
N LYS D 712 23.81 -36.48 -70.22
CA LYS D 712 24.24 -36.76 -71.59
C LYS D 712 23.09 -36.62 -72.57
N ARG D 713 21.89 -37.05 -72.19
CA ARG D 713 20.80 -37.24 -73.15
C ARG D 713 20.44 -35.95 -73.89
N LEU D 714 20.72 -34.78 -73.33
CA LEU D 714 20.29 -33.52 -73.93
C LEU D 714 21.16 -33.24 -75.16
N GLU D 715 20.72 -33.78 -76.30
CA GLU D 715 21.48 -33.61 -77.54
C GLU D 715 21.53 -32.15 -77.97
N TYR D 716 20.61 -31.32 -77.49
CA TYR D 716 20.53 -29.92 -77.87
C TYR D 716 21.07 -28.97 -76.80
N LEU D 717 21.84 -29.47 -75.84
CA LEU D 717 22.39 -28.60 -74.81
C LEU D 717 23.64 -27.88 -75.31
N GLU D 718 23.80 -26.63 -74.91
CA GLU D 718 24.99 -25.85 -75.24
C GLU D 718 25.58 -25.10 -74.06
N ASN D 719 24.81 -24.85 -73.00
CA ASN D 719 25.28 -24.07 -71.87
C ASN D 719 25.12 -24.89 -70.59
N LEU D 720 26.21 -25.06 -69.85
CA LEU D 720 26.20 -25.83 -68.61
C LEU D 720 26.88 -25.04 -67.51
N LYS D 721 26.46 -25.29 -66.27
CA LYS D 721 27.03 -24.61 -65.10
C LYS D 721 26.92 -25.55 -63.91
N LEU D 722 28.05 -25.99 -63.38
CA LEU D 722 28.09 -26.90 -62.24
C LEU D 722 28.49 -26.11 -61.00
N ILE D 723 27.63 -26.14 -59.98
CA ILE D 723 27.83 -25.39 -58.74
C ILE D 723 27.71 -26.36 -57.58
N ASN D 724 28.63 -26.24 -56.62
CA ASN D 724 28.52 -26.93 -55.34
C ASN D 724 28.45 -25.90 -54.24
N ASP D 725 27.54 -26.09 -53.29
CA ASP D 725 27.48 -25.24 -52.12
C ASP D 725 28.02 -25.92 -50.86
N SER D 726 28.14 -27.25 -50.87
CA SER D 726 28.74 -27.94 -49.75
C SER D 726 30.17 -27.44 -49.54
N SER D 727 30.48 -27.05 -48.31
CA SER D 727 31.79 -26.52 -47.97
C SER D 727 32.74 -27.61 -47.47
N ILE D 728 32.34 -28.87 -47.50
CA ILE D 728 33.10 -29.97 -46.93
C ILE D 728 33.58 -30.86 -48.06
N GLN D 729 34.88 -31.18 -48.07
CA GLN D 729 35.46 -32.11 -49.02
C GLN D 729 35.49 -33.50 -48.38
N THR D 730 34.38 -34.22 -48.50
CA THR D 730 34.30 -35.56 -47.94
C THR D 730 34.96 -36.61 -48.82
N SER D 731 35.37 -36.25 -50.04
CA SER D 731 36.08 -37.16 -50.93
C SER D 731 36.45 -36.37 -52.19
N LYS D 732 37.28 -37.00 -53.03
CA LYS D 732 37.63 -36.41 -54.31
C LYS D 732 36.62 -36.80 -55.37
N LEU D 733 36.47 -35.94 -56.37
CA LEU D 733 35.47 -36.09 -57.42
C LEU D 733 36.17 -36.38 -58.75
N ARG D 734 35.57 -37.28 -59.53
CA ARG D 734 36.09 -37.68 -60.82
C ARG D 734 35.06 -37.44 -61.91
N LEU D 735 35.45 -36.70 -62.94
CA LEU D 735 34.56 -36.42 -64.05
C LEU D 735 34.32 -37.71 -64.83
N PRO D 736 33.14 -37.88 -65.43
CA PRO D 736 32.91 -39.01 -66.32
C PRO D 736 33.61 -38.81 -67.65
N PRO D 737 33.69 -39.84 -68.48
CA PRO D 737 34.37 -39.68 -69.78
C PRO D 737 33.78 -38.55 -70.59
N ALA D 738 34.54 -38.09 -71.58
CA ALA D 738 34.13 -36.92 -72.36
C ALA D 738 32.82 -37.19 -73.11
N TYR D 739 32.66 -38.39 -73.67
CA TYR D 739 31.49 -38.66 -74.51
C TYR D 739 30.18 -38.46 -73.76
N ILE D 740 30.16 -38.69 -72.45
CA ILE D 740 28.93 -38.52 -71.67
C ILE D 740 28.43 -37.09 -71.68
N PHE D 741 29.25 -36.13 -72.11
CA PHE D 741 28.74 -34.78 -72.26
C PHE D 741 27.95 -34.64 -73.55
N PRO D 742 26.97 -33.74 -73.60
CA PRO D 742 26.27 -33.50 -74.86
C PRO D 742 27.22 -33.00 -75.93
N THR D 743 26.98 -33.43 -77.16
CA THR D 743 27.93 -33.14 -78.24
C THR D 743 28.08 -31.64 -78.47
N LYS D 744 26.99 -30.89 -78.41
CA LYS D 744 27.00 -29.49 -78.80
C LYS D 744 27.23 -28.54 -77.63
N LEU D 745 27.69 -29.04 -76.48
CA LEU D 745 28.03 -28.17 -75.37
C LEU D 745 29.09 -27.17 -75.82
N ARG D 746 28.85 -25.88 -75.52
CA ARG D 746 29.73 -24.82 -75.99
C ARG D 746 30.30 -23.97 -74.86
N LYS D 747 29.58 -23.84 -73.74
CA LYS D 747 30.09 -23.08 -72.60
C LYS D 747 29.99 -23.95 -71.36
N LEU D 748 31.05 -23.97 -70.55
CA LEU D 748 31.05 -24.66 -69.27
C LEU D 748 31.64 -23.75 -68.21
N THR D 749 31.08 -23.80 -67.01
CA THR D 749 31.57 -23.04 -65.87
C THR D 749 31.54 -23.93 -64.64
N LEU D 750 32.54 -23.78 -63.77
CA LEU D 750 32.70 -24.65 -62.61
C LEU D 750 32.93 -23.82 -61.37
N LEU D 751 32.38 -24.27 -60.24
CA LEU D 751 32.39 -23.50 -59.00
C LEU D 751 32.25 -24.46 -57.82
N ASP D 752 33.23 -24.47 -56.93
CA ASP D 752 33.22 -25.28 -55.71
C ASP D 752 33.35 -26.76 -56.01
N THR D 753 33.77 -27.12 -57.22
CA THR D 753 33.91 -28.53 -57.57
C THR D 753 35.19 -29.13 -57.01
N TRP D 754 36.28 -28.37 -56.98
CA TRP D 754 37.56 -28.83 -56.44
C TRP D 754 38.02 -30.12 -57.14
N LEU D 755 38.08 -30.02 -58.47
CA LEU D 755 38.52 -31.14 -59.29
C LEU D 755 40.04 -31.22 -59.33
N GLU D 756 40.54 -32.31 -59.91
CA GLU D 756 41.97 -32.52 -60.07
C GLU D 756 42.38 -32.13 -61.49
N TRP D 757 43.47 -31.39 -61.61
CA TRP D 757 43.84 -30.82 -62.91
C TRP D 757 44.06 -31.90 -63.95
N LYS D 758 44.31 -33.14 -63.54
CA LYS D 758 44.47 -34.22 -64.50
C LYS D 758 43.21 -34.47 -65.32
N ASP D 759 42.04 -34.15 -64.77
CA ASP D 759 40.79 -34.31 -65.51
C ASP D 759 40.66 -33.32 -66.68
N MET D 760 41.50 -32.28 -66.73
CA MET D 760 41.32 -31.23 -67.71
C MET D 760 41.39 -31.76 -69.14
N SER D 761 42.01 -32.92 -69.35
CA SER D 761 42.04 -33.50 -70.69
C SER D 761 40.64 -33.83 -71.19
N ILE D 762 39.80 -34.41 -70.32
CA ILE D 762 38.44 -34.77 -70.72
C ILE D 762 37.70 -33.54 -71.23
N LEU D 763 37.82 -32.42 -70.50
CA LEU D 763 37.23 -31.18 -70.98
C LEU D 763 37.89 -30.72 -72.27
N GLY D 764 39.19 -30.94 -72.42
CA GLY D 764 39.84 -30.66 -73.68
C GLY D 764 39.22 -31.41 -74.83
N GLN D 765 38.83 -32.68 -74.59
CA GLN D 765 38.29 -33.50 -75.65
C GLN D 765 37.00 -32.95 -76.23
N LEU D 766 36.32 -32.04 -75.51
CA LEU D 766 35.10 -31.44 -76.03
C LEU D 766 35.43 -30.58 -77.25
N GLU D 767 34.85 -30.93 -78.39
CA GLU D 767 35.13 -30.24 -79.65
C GLU D 767 34.36 -28.94 -79.81
N HIS D 768 33.13 -28.87 -79.27
CA HIS D 768 32.32 -27.66 -79.45
C HIS D 768 32.44 -26.65 -78.33
N LEU D 769 33.20 -26.94 -77.27
CA LEU D 769 33.26 -25.99 -76.16
C LEU D 769 34.01 -24.74 -76.60
N GLU D 770 33.40 -23.58 -76.35
CA GLU D 770 33.96 -22.29 -76.71
C GLU D 770 34.18 -21.36 -75.54
N VAL D 771 33.57 -21.63 -74.38
CA VAL D 771 33.75 -20.83 -73.17
C VAL D 771 33.97 -21.78 -72.01
N LEU D 772 35.01 -21.54 -71.23
CA LEU D 772 35.27 -22.27 -70.00
C LEU D 772 35.54 -21.28 -68.89
N LYS D 773 34.79 -21.40 -67.79
CA LYS D 773 34.93 -20.51 -66.65
C LYS D 773 35.16 -21.35 -65.40
N MET D 774 36.37 -21.31 -64.86
CA MET D 774 36.69 -21.98 -63.61
C MET D 774 36.77 -20.92 -62.52
N LYS D 775 35.81 -20.96 -61.60
CA LYS D 775 35.69 -19.96 -60.55
C LYS D 775 35.69 -20.66 -59.19
N GLU D 776 36.29 -19.99 -58.21
CA GLU D 776 36.23 -20.41 -56.81
C GLU D 776 36.74 -21.86 -56.66
N ASN D 777 38.01 -22.02 -57.00
CA ASN D 777 38.72 -23.29 -56.81
C ASN D 777 37.96 -24.45 -57.47
N GLY D 778 37.69 -24.30 -58.77
CA GLY D 778 37.04 -25.38 -59.48
C GLY D 778 37.88 -26.64 -59.53
N PHE D 779 39.17 -26.49 -59.82
CA PHE D 779 40.11 -27.60 -59.85
C PHE D 779 41.15 -27.38 -58.75
N SER D 780 41.26 -28.34 -57.84
CA SER D 780 42.16 -28.25 -56.71
C SER D 780 43.49 -28.90 -57.06
N GLY D 781 44.57 -28.16 -56.90
CA GLY D 781 45.89 -28.71 -57.14
C GLY D 781 46.94 -27.62 -57.20
N GLU D 782 48.15 -28.07 -57.54
CA GLU D 782 49.31 -27.19 -57.62
C GLU D 782 49.92 -27.10 -59.01
N SER D 783 50.16 -28.23 -59.67
CA SER D 783 50.80 -28.23 -61.01
C SER D 783 49.81 -28.68 -62.09
N TRP D 784 49.60 -27.86 -63.12
CA TRP D 784 48.77 -28.20 -64.26
C TRP D 784 49.65 -28.33 -65.48
N GLU D 785 49.42 -29.39 -66.26
CA GLU D 785 50.11 -29.61 -67.53
C GLU D 785 49.03 -29.84 -68.57
N SER D 786 48.83 -28.87 -69.46
CA SER D 786 47.82 -29.01 -70.49
C SER D 786 48.27 -30.05 -71.52
N THR D 787 47.34 -30.90 -71.94
CA THR D 787 47.60 -31.95 -72.91
C THR D 787 46.89 -31.70 -74.23
N GLY D 788 46.21 -30.55 -74.36
CA GLY D 788 45.52 -30.21 -75.58
C GLY D 788 44.06 -30.59 -75.55
N GLY D 789 43.39 -30.30 -76.67
CA GLY D 789 41.98 -30.60 -76.81
C GLY D 789 41.13 -29.36 -76.92
N PHE D 790 41.57 -28.25 -76.31
CA PHE D 790 40.80 -27.01 -76.29
C PHE D 790 40.98 -26.29 -77.63
N CYS D 791 40.70 -27.03 -78.70
CA CYS D 791 40.84 -26.47 -80.05
C CYS D 791 39.79 -25.39 -80.30
N SER D 792 38.52 -25.70 -80.02
CA SER D 792 37.44 -24.76 -80.28
C SER D 792 37.17 -23.82 -79.11
N LEU D 793 37.87 -23.99 -77.99
CA LEU D 793 37.76 -23.03 -76.91
C LEU D 793 38.21 -21.64 -77.37
N LEU D 794 37.64 -20.61 -76.77
CA LEU D 794 37.97 -19.24 -77.14
C LEU D 794 38.37 -18.36 -75.96
N VAL D 795 37.83 -18.60 -74.77
CA VAL D 795 38.05 -17.73 -73.62
C VAL D 795 38.24 -18.60 -72.38
N LEU D 796 39.18 -18.22 -71.52
CA LEU D 796 39.49 -18.96 -70.31
C LEU D 796 39.38 -18.05 -69.10
N TRP D 797 38.61 -18.49 -68.11
CA TRP D 797 38.35 -17.72 -66.90
C TRP D 797 38.79 -18.56 -65.72
N ILE D 798 39.79 -18.10 -64.97
CA ILE D 798 40.29 -18.81 -63.80
C ILE D 798 40.27 -17.86 -62.62
N GLU D 799 39.49 -18.19 -61.59
CA GLU D 799 39.34 -17.35 -60.42
C GLU D 799 39.46 -18.20 -59.16
N ARG D 800 40.25 -17.73 -58.19
CA ARG D 800 40.35 -18.35 -56.87
C ARG D 800 40.67 -19.84 -57.01
N THR D 801 41.84 -20.10 -57.56
CA THR D 801 42.40 -21.45 -57.62
C THR D 801 43.87 -21.40 -57.22
N ASN D 802 44.33 -22.46 -56.55
CA ASN D 802 45.63 -22.50 -55.91
C ASN D 802 46.71 -23.10 -56.80
N LEU D 803 46.58 -22.96 -58.12
CA LEU D 803 47.55 -23.54 -59.04
C LEU D 803 48.93 -22.94 -58.82
N VAL D 804 49.94 -23.78 -58.68
CA VAL D 804 51.35 -23.35 -58.57
C VAL D 804 51.92 -23.29 -59.98
N SER D 805 52.18 -24.44 -60.60
CA SER D 805 52.83 -24.50 -61.93
C SER D 805 51.80 -24.67 -63.04
N TRP D 806 52.05 -24.13 -64.23
CA TRP D 806 51.27 -24.38 -65.43
C TRP D 806 52.22 -24.64 -66.59
N LYS D 807 51.99 -25.73 -67.30
CA LYS D 807 52.80 -26.09 -68.46
C LYS D 807 51.89 -26.44 -69.63
N ALA D 808 52.02 -25.67 -70.72
CA ALA D 808 51.21 -25.87 -71.90
C ALA D 808 52.03 -25.47 -73.12
N SER D 809 51.62 -25.98 -74.28
CA SER D 809 52.25 -25.64 -75.55
C SER D 809 51.28 -24.82 -76.38
N ALA D 810 51.79 -24.28 -77.49
CA ALA D 810 50.96 -23.44 -78.35
C ALA D 810 49.88 -24.26 -79.06
N ASP D 811 50.07 -25.58 -79.16
CA ASP D 811 49.11 -26.42 -79.87
C ASP D 811 47.86 -26.71 -79.06
N ASP D 812 47.92 -26.55 -77.73
CA ASP D 812 46.78 -26.88 -76.89
C ASP D 812 45.66 -25.85 -77.00
N PHE D 813 46.00 -24.59 -77.32
CA PHE D 813 45.03 -23.50 -77.35
C PHE D 813 45.21 -22.70 -78.64
N PRO D 814 45.06 -23.35 -79.80
CA PRO D 814 45.25 -22.61 -81.06
C PRO D 814 44.22 -21.50 -81.26
N ARG D 815 43.01 -21.68 -80.76
CA ARG D 815 41.91 -20.74 -80.96
C ARG D 815 41.64 -19.87 -79.73
N LEU D 816 42.59 -19.83 -78.78
CA LEU D 816 42.42 -19.03 -77.53
C LEU D 816 42.42 -17.54 -77.85
N LYS D 817 41.38 -16.80 -77.45
CA LYS D 817 41.24 -15.38 -77.76
C LYS D 817 41.39 -14.50 -76.54
N HIS D 818 41.03 -15.00 -75.36
CA HIS D 818 41.02 -14.21 -74.14
C HIS D 818 41.44 -15.08 -72.96
N LEU D 819 42.42 -14.60 -72.20
CA LEU D 819 42.87 -15.29 -70.98
C LEU D 819 42.81 -14.28 -69.85
N VAL D 820 42.20 -14.66 -68.73
CA VAL D 820 42.00 -13.76 -67.60
C VAL D 820 42.37 -14.54 -66.36
N LEU D 821 42.96 -13.87 -65.37
CA LEU D 821 43.53 -14.51 -64.19
C LEU D 821 43.16 -13.69 -62.96
N ILE D 822 42.24 -14.22 -62.15
CA ILE D 822 41.73 -13.54 -60.97
C ILE D 822 42.16 -14.29 -59.72
N CYS D 823 42.68 -13.57 -58.74
CA CYS D 823 42.85 -14.06 -57.37
C CYS D 823 43.70 -15.33 -57.32
N CYS D 824 44.73 -15.38 -58.15
CA CYS D 824 45.71 -16.47 -58.09
C CYS D 824 46.97 -15.95 -57.43
N ASP D 825 46.94 -15.89 -56.09
CA ASP D 825 48.11 -15.51 -55.31
C ASP D 825 49.14 -16.63 -55.21
N ASN D 826 48.80 -17.83 -55.69
CA ASN D 826 49.69 -18.97 -55.64
C ASN D 826 50.43 -19.21 -56.96
N LEU D 827 49.83 -18.86 -58.10
CA LEU D 827 50.43 -19.18 -59.39
C LEU D 827 51.78 -18.47 -59.53
N LYS D 828 52.74 -19.18 -60.12
CA LYS D 828 54.10 -18.67 -60.28
C LYS D 828 54.29 -17.98 -61.64
N GLU D 829 54.10 -18.70 -62.73
CA GLU D 829 54.29 -18.12 -64.05
C GLU D 829 53.42 -18.88 -65.05
N VAL D 830 53.06 -18.20 -66.13
CA VAL D 830 52.19 -18.77 -67.15
C VAL D 830 53.03 -19.16 -68.35
N PRO D 831 52.66 -20.19 -69.10
CA PRO D 831 53.49 -20.60 -70.24
C PRO D 831 53.64 -19.47 -71.24
N ILE D 832 54.87 -19.32 -71.76
CA ILE D 832 55.15 -18.30 -72.76
C ILE D 832 54.90 -18.81 -74.17
N ALA D 833 54.48 -20.07 -74.32
CA ALA D 833 54.07 -20.56 -75.63
C ALA D 833 52.69 -20.05 -76.01
N LEU D 834 51.86 -19.71 -75.02
CA LEU D 834 50.53 -19.16 -75.33
C LEU D 834 50.65 -17.94 -76.22
N ALA D 835 51.75 -17.19 -76.08
CA ALA D 835 51.97 -16.01 -76.92
C ALA D 835 52.06 -16.38 -78.40
N ASP D 836 52.35 -17.64 -78.71
CA ASP D 836 52.33 -18.10 -80.09
C ASP D 836 50.93 -18.29 -80.64
N ILE D 837 49.92 -18.31 -79.77
CA ILE D 837 48.54 -18.47 -80.20
C ILE D 837 48.13 -17.22 -80.96
N ARG D 838 47.80 -17.39 -82.25
CA ARG D 838 47.42 -16.24 -83.07
C ARG D 838 46.15 -15.57 -82.54
N SER D 839 45.14 -16.36 -82.19
CA SER D 839 43.87 -15.76 -81.76
C SER D 839 44.01 -14.99 -80.45
N PHE D 840 45.11 -15.16 -79.72
CA PHE D 840 45.28 -14.49 -78.44
C PHE D 840 45.28 -12.99 -78.65
N GLN D 841 44.22 -12.31 -78.20
CA GLN D 841 44.05 -10.88 -78.42
C GLN D 841 44.11 -10.07 -77.14
N VAL D 842 43.30 -10.41 -76.14
CA VAL D 842 43.24 -9.67 -74.88
C VAL D 842 43.53 -10.65 -73.75
N MET D 843 44.39 -10.25 -72.82
CA MET D 843 44.59 -11.04 -71.62
C MET D 843 44.71 -10.08 -70.44
N MET D 844 44.07 -10.44 -69.34
CA MET D 844 44.01 -9.60 -68.15
C MET D 844 44.48 -10.40 -66.95
N LEU D 845 44.98 -9.70 -65.94
CA LEU D 845 45.43 -10.33 -64.70
C LEU D 845 44.97 -9.50 -63.52
N GLN D 846 44.43 -10.17 -62.50
CA GLN D 846 44.01 -9.53 -61.27
C GLN D 846 44.54 -10.32 -60.08
N ASN D 847 45.02 -9.59 -59.06
CA ASN D 847 45.41 -10.18 -57.79
C ASN D 847 46.21 -11.47 -57.99
N SER D 848 47.24 -11.37 -58.82
CA SER D 848 48.14 -12.49 -59.10
C SER D 848 49.52 -12.18 -58.56
N THR D 849 50.36 -13.22 -58.51
CA THR D 849 51.72 -13.05 -58.02
C THR D 849 52.51 -12.15 -58.97
N LYS D 850 53.48 -11.43 -58.40
CA LYS D 850 54.29 -10.53 -59.21
C LYS D 850 55.06 -11.31 -60.27
N THR D 851 55.45 -12.54 -59.97
CA THR D 851 56.16 -13.35 -60.96
C THR D 851 55.23 -13.79 -62.09
N ALA D 852 53.97 -14.10 -61.76
CA ALA D 852 53.00 -14.40 -62.81
C ALA D 852 52.79 -13.19 -63.71
N ALA D 853 52.70 -12.01 -63.11
CA ALA D 853 52.58 -10.79 -63.90
C ALA D 853 53.84 -10.54 -64.73
N ILE D 854 55.00 -10.94 -64.22
CA ILE D 854 56.24 -10.77 -64.97
C ILE D 854 56.27 -11.69 -66.19
N SER D 855 55.84 -12.95 -66.01
CA SER D 855 55.76 -13.86 -67.14
C SER D 855 54.72 -13.39 -68.16
N ALA D 856 53.58 -12.90 -67.67
CA ALA D 856 52.58 -12.35 -68.57
C ALA D 856 53.11 -11.10 -69.28
N ARG D 857 53.99 -10.34 -68.61
CA ARG D 857 54.62 -9.20 -69.26
C ARG D 857 55.59 -9.67 -70.33
N GLN D 858 56.28 -10.79 -70.09
CA GLN D 858 57.13 -11.37 -71.13
C GLN D 858 56.28 -11.78 -72.33
N ILE D 859 55.12 -12.37 -72.07
CA ILE D 859 54.21 -12.75 -73.16
C ILE D 859 53.73 -11.50 -73.90
N GLN D 860 53.39 -10.44 -73.17
CA GLN D 860 52.99 -9.20 -73.80
C GLN D 860 54.14 -8.60 -74.61
N ALA D 861 55.37 -8.77 -74.14
CA ALA D 861 56.53 -8.33 -74.90
C ALA D 861 56.67 -9.13 -76.19
N LYS D 862 56.36 -10.42 -76.13
CA LYS D 862 56.37 -11.22 -77.35
C LYS D 862 55.27 -10.76 -78.30
N LYS D 863 54.12 -10.36 -77.76
CA LYS D 863 53.08 -9.78 -78.60
C LYS D 863 53.53 -8.46 -79.22
N ASP D 864 54.25 -7.65 -78.44
CA ASP D 864 54.89 -6.46 -78.99
C ASP D 864 55.85 -6.82 -80.12
N ASN D 865 56.59 -7.91 -79.94
CA ASN D 865 57.48 -8.39 -80.99
C ASN D 865 56.70 -8.78 -82.23
N GLN D 866 55.55 -9.43 -82.04
CA GLN D 866 54.68 -9.76 -83.18
C GLN D 866 54.21 -8.49 -83.88
N THR D 867 53.81 -7.48 -83.12
CA THR D 867 53.41 -6.21 -83.71
C THR D 867 54.55 -5.61 -84.53
N GLN D 868 55.77 -5.63 -83.97
CA GLN D 868 56.94 -5.19 -84.72
C GLN D 868 57.14 -6.03 -85.98
N GLN D 869 56.77 -7.31 -85.91
CA GLN D 869 57.02 -8.23 -87.02
C GLN D 869 56.18 -7.89 -88.23
N GLY D 870 55.03 -7.26 -88.01
CA GLY D 870 54.06 -7.07 -89.07
C GLY D 870 53.16 -8.26 -89.31
N THR D 871 53.27 -9.31 -88.48
CA THR D 871 52.37 -10.46 -88.61
C THR D 871 50.93 -10.00 -88.50
N LYS D 872 50.07 -10.54 -89.37
CA LYS D 872 48.68 -10.10 -89.47
C LYS D 872 47.91 -10.66 -88.27
N ASN D 873 47.90 -9.87 -87.21
CA ASN D 873 47.33 -10.26 -85.93
C ASN D 873 46.69 -9.05 -85.28
N ILE D 874 45.54 -9.24 -84.65
CA ILE D 874 44.94 -8.14 -83.90
C ILE D 874 45.88 -7.77 -82.77
N ALA D 875 46.20 -6.48 -82.69
CA ALA D 875 47.14 -6.02 -81.67
C ALA D 875 46.67 -6.44 -80.29
N PHE D 876 47.61 -6.87 -79.46
CA PHE D 876 47.34 -7.45 -78.15
C PHE D 876 47.59 -6.42 -77.06
N LYS D 877 46.70 -6.40 -76.06
CA LYS D 877 46.82 -5.53 -74.90
C LYS D 877 46.83 -6.38 -73.63
N LEU D 878 47.65 -5.98 -72.66
CA LEU D 878 47.62 -6.54 -71.32
C LEU D 878 47.24 -5.45 -70.33
N SER D 879 46.10 -5.63 -69.67
CA SER D 879 45.68 -4.80 -68.56
C SER D 879 45.78 -5.61 -67.27
N ILE D 880 46.51 -5.07 -66.30
CA ILE D 880 46.65 -5.68 -64.98
C ILE D 880 45.96 -4.76 -63.97
N PHE D 881 45.08 -5.35 -63.16
CA PHE D 881 44.35 -4.52 -62.20
C PHE D 881 45.28 -3.75 -61.29
N PRO D 882 46.26 -4.36 -60.62
CA PRO D 882 47.37 -3.59 -60.06
C PRO D 882 48.46 -3.37 -61.09
N PRO D 883 48.73 -2.13 -61.49
CA PRO D 883 49.79 -1.92 -62.49
C PRO D 883 51.19 -2.21 -61.98
N ASP D 884 51.39 -2.22 -60.66
CA ASP D 884 52.73 -2.39 -60.12
C ASP D 884 53.16 -3.85 -60.06
N LEU D 885 52.27 -4.79 -60.39
CA LEU D 885 52.61 -6.20 -60.37
C LEU D 885 53.78 -6.50 -61.32
C1 IHP E . -15.74 3.07 -23.39
C2 IHP E . -15.13 2.30 -24.57
C3 IHP E . -14.23 1.11 -24.20
C4 IHP E . -13.36 1.28 -22.94
C5 IHP E . -13.97 2.10 -21.79
C6 IHP E . -14.79 3.34 -22.22
O11 IHP E . -16.20 4.30 -23.92
P1 IHP E . -16.93 5.43 -22.96
O21 IHP E . -18.18 5.93 -23.65
O31 IHP E . -17.32 4.82 -21.63
O41 IHP E . -15.99 6.58 -22.73
O12 IHP E . -14.42 3.19 -25.37
P2 IHP E . -14.74 3.16 -26.99
O22 IHP E . -16.09 3.79 -27.26
O32 IHP E . -13.67 3.92 -27.73
O42 IHP E . -14.76 1.73 -27.47
O13 IHP E . -15.07 -0.01 -24.05
P3 IHP E . -14.43 -1.52 -23.98
O23 IHP E . -13.04 -1.52 -24.58
O33 IHP E . -14.35 -1.95 -22.53
O43 IHP E . -15.31 -2.49 -24.73
O14 IHP E . -12.13 1.84 -23.29
P4 IHP E . -10.77 0.97 -22.92
O24 IHP E . -10.81 0.60 -21.45
O34 IHP E . -9.54 1.80 -23.20
O44 IHP E . -10.73 -0.29 -23.74
O15 IHP E . -12.91 2.52 -20.99
P5 IHP E . -12.87 2.14 -19.38
O25 IHP E . -14.03 1.24 -19.02
O35 IHP E . -11.58 1.44 -19.07
O45 IHP E . -12.95 3.41 -18.55
O16 IHP E . -13.91 4.38 -22.54
P6 IHP E . -13.60 5.51 -21.37
O26 IHP E . -13.23 6.82 -22.03
O36 IHP E . -12.47 5.04 -20.50
O46 IHP E . -14.84 5.72 -20.52
PB ADP F . -12.55 29.11 -34.48
O1B ADP F . -12.40 30.48 -35.10
O2B ADP F . -13.95 28.57 -34.53
O3B ADP F . -11.48 28.11 -34.89
PA ADP F . -12.97 28.52 -31.75
O1A ADP F . -14.41 28.24 -32.11
O2A ADP F . -12.05 27.38 -31.42
O3A ADP F . -12.27 29.38 -32.92
O5' ADP F . -12.98 29.57 -30.52
C5' ADP F . -12.00 29.53 -29.50
C4' ADP F . -12.63 29.33 -28.12
O4' ADP F . -13.31 30.50 -27.68
C3' ADP F . -13.66 28.21 -28.13
O3' ADP F . -13.13 27.04 -27.50
C2' ADP F . -14.84 28.74 -27.35
O2' ADP F . -15.20 27.88 -26.27
C1' ADP F . -14.38 30.09 -26.82
N9 ADP F . -15.50 31.06 -26.80
C8 ADP F . -16.05 31.57 -25.68
N7 ADP F . -17.06 32.42 -25.99
C5 ADP F . -17.16 32.46 -27.33
C6 ADP F . -18.02 33.17 -28.30
N6 ADP F . -18.99 34.01 -27.89
N1 ADP F . -17.79 32.93 -29.61
C2 ADP F . -16.83 32.09 -30.03
N3 ADP F . -16.02 31.42 -29.20
C4 ADP F . -16.14 31.57 -27.85
C1 IHP G . 7.43 14.07 22.78
C2 IHP G . 7.98 13.05 23.77
C3 IHP G . 7.40 11.63 23.55
C4 IHP G . 7.31 11.15 22.10
C5 IHP G . 7.22 12.21 20.99
C6 IHP G . 7.76 13.61 21.35
O11 IHP G . 8.07 15.31 22.97
P1 IHP G . 7.62 16.34 24.17
O21 IHP G . 7.25 17.69 23.56
O31 IHP G . 6.43 15.80 24.91
O41 IHP G . 8.77 16.56 25.12
O12 IHP G . 7.66 13.44 25.08
P2 IHP G . 8.86 13.73 26.17
O22 IHP G . 8.48 14.92 27.02
O32 IHP G . 9.03 12.53 27.07
O42 IHP G . 10.15 14.02 25.46
O13 IHP G . 8.17 10.69 24.26
P3 IHP G . 9.81 10.57 24.08
O23 IHP G . 10.24 9.13 24.23
O33 IHP G . 10.23 11.07 22.71
O43 IHP G . 10.50 11.41 25.13
O14 IHP G . 6.17 10.33 21.99
P4 IHP G . 6.21 8.81 22.64
O24 IHP G . 5.45 8.80 23.94
O34 IHP G . 7.65 8.40 22.89
O44 IHP G . 5.57 7.85 21.68
O15 IHP G . 5.88 12.35 20.57
P5 IHP G . 5.48 11.88 19.04
O25 IHP G . 5.46 13.10 18.13
O35 IHP G . 6.50 10.91 18.50
O45 IHP G . 4.12 11.24 19.03
O16 IHP G . 7.29 14.51 20.37
P6 IHP G . 5.94 15.44 20.58
O26 IHP G . 6.24 16.55 21.56
O36 IHP G . 4.81 14.59 21.11
O46 IHP G . 5.56 16.04 19.26
PB ADP H . -13.45 28.86 34.56
O1B ADP H . -13.56 30.36 34.46
O2B ADP H . -14.74 28.17 34.92
O3B ADP H . -12.24 28.36 35.32
PA ADP H . -12.87 29.52 31.92
O1A ADP H . -14.00 30.52 31.92
O2A ADP H . -11.45 29.99 32.12
O3A ADP H . -13.20 28.42 33.04
O5' ADP H . -12.96 28.73 30.54
C5' ADP H . -12.30 29.24 29.39
C4' ADP H . -13.28 29.37 28.24
O4' ADP H . -13.88 30.66 28.30
C3' ADP H . -12.57 29.31 26.90
O3' ADP H . -13.44 28.75 25.91
C2' ADP H . -12.26 30.75 26.59
O2' ADP H . -12.18 30.98 25.18
C1' ADP H . -13.43 31.48 27.22
N9 ADP H . -13.05 32.81 27.73
C8 ADP H . -12.79 33.10 29.02
N7 ADP H . -12.48 34.42 29.16
C5 ADP H . -12.55 34.98 27.95
C6 ADP H . -12.34 36.33 27.39
N6 ADP H . -12.00 37.35 28.20
N1 ADP H . -12.51 36.51 26.06
C2 ADP H . -12.86 35.48 25.25
N3 ADP H . -13.06 34.23 25.70
C4 ADP H . -12.92 33.92 27.01
C1 IHP I . -6.39 -28.60 67.47
C2 IHP I . -6.32 -28.64 65.94
C3 IHP I . -7.08 -27.45 65.35
C4 IHP I . -8.58 -27.66 65.61
C5 IHP I . -8.86 -27.65 67.13
C6 IHP I . -7.80 -28.35 68.03
O11 IHP I . -5.96 -29.85 67.96
P1 IHP I . -4.34 -30.14 68.09
O21 IHP I . -3.72 -30.21 66.71
O31 IHP I . -3.69 -29.03 68.88
O41 IHP I . -4.15 -31.45 68.80
O12 IHP I . -6.89 -29.86 65.53
P2 IHP I . -6.71 -30.37 63.98
O22 IHP I . -5.66 -29.56 63.27
O32 IHP I . -6.28 -31.82 64.01
O42 IHP I . -8.03 -30.25 63.26
O13 IHP I . -6.82 -27.34 63.97
P3 IHP I . -5.52 -26.44 63.47
O23 IHP I . -5.27 -25.32 64.43
O33 IHP I . -4.30 -27.33 63.39
O43 IHP I . -5.80 -25.86 62.10
O14 IHP I . -9.30 -26.61 65.03
P4 IHP I . -9.68 -26.63 63.43
O24 IHP I . -9.94 -28.05 62.98
O34 IHP I . -10.93 -25.81 63.22
O44 IHP I . -8.55 -26.04 62.61
O15 IHP I . -10.11 -28.19 67.47
P5 IHP I . -11.01 -29.19 66.50
O25 IHP I . -12.34 -29.50 67.14
O35 IHP I . -11.28 -28.51 65.17
O45 IHP I . -10.25 -30.47 66.27
O16 IHP I . -8.33 -29.60 68.41
P6 IHP I . -8.80 -29.80 69.98
O26 IHP I . -8.75 -31.26 70.34
O36 IHP I . -10.22 -29.29 70.13
O46 IHP I . -7.88 -29.03 70.90
PB ADP J . -24.05 -16.66 79.04
O1B ADP J . -24.38 -15.95 77.75
O2B ADP J . -25.01 -17.75 79.44
O3B ADP J . -22.60 -17.02 79.19
PA ADP J . -23.76 -14.01 79.92
O1A ADP J . -24.04 -13.20 81.16
O2A ADP J . -22.37 -14.07 79.34
O3A ADP J . -24.29 -15.51 80.16
O5' ADP J . -24.74 -13.47 78.76
C5' ADP J . -24.74 -12.11 78.34
C4' ADP J . -25.89 -11.95 77.36
O4' ADP J . -26.65 -13.16 77.41
C3' ADP J . -26.84 -10.82 77.73
O3' ADP J . -27.40 -10.30 76.52
C2' ADP J . -27.88 -11.51 78.58
O2' ADP J . -29.17 -10.89 78.49
C1' ADP J . -27.92 -12.93 78.03
N9 ADP J . -28.18 -13.94 79.08
C8 ADP J . -27.34 -14.92 79.44
N7 ADP J . -27.89 -15.69 80.42
C5 ADP J . -29.11 -15.21 80.68
C6 ADP J . -30.21 -15.56 81.61
N6 ADP J . -30.11 -16.60 82.46
N1 ADP J . -31.32 -14.78 81.57
C2 ADP J . -31.43 -13.73 80.74
N3 ADP J . -30.47 -13.37 79.87
C4 ADP J . -29.30 -14.06 79.80
C1 IHP K . 26.48 -15.83 -67.69
C2 IHP K . 27.58 -15.21 -66.81
C3 IHP K . 27.01 -14.61 -65.51
C4 IHP K . 26.04 -15.52 -64.75
C5 IHP K . 24.99 -16.15 -65.68
C6 IHP K . 25.65 -16.84 -66.89
O11 IHP K . 25.68 -14.77 -68.14
P1 IHP K . 24.70 -14.96 -69.45
O21 IHP K . 25.42 -15.76 -70.51
O31 IHP K . 23.43 -15.67 -69.05
O41 IHP K . 24.35 -13.60 -70.01
O12 IHP K . 28.22 -14.19 -67.52
P2 IHP K . 28.78 -14.46 -69.05
O22 IHP K . 27.63 -14.44 -70.02
O32 IHP K . 29.77 -13.38 -69.42
O42 IHP K . 29.45 -15.81 -69.11
O13 IHP K . 28.08 -14.29 -64.64
P3 IHP K . 28.70 -12.76 -64.68
O23 IHP K . 29.57 -12.55 -63.47
O33 IHP K . 29.51 -12.57 -65.94
O43 IHP K . 27.55 -11.77 -64.66
O14 IHP K . 26.76 -16.53 -64.10
P4 IHP K . 26.68 -16.60 -62.45
O24 IHP K . 27.95 -17.22 -61.91
O34 IHP K . 25.50 -17.45 -62.03
O44 IHP K . 26.53 -15.21 -61.89
O15 IHP K . 24.15 -15.12 -66.16
P5 IHP K . 22.52 -15.33 -66.15
O25 IHP K . 21.98 -15.00 -64.78
O35 IHP K . 22.19 -16.77 -66.49
O45 IHP K . 21.90 -14.41 -67.19
O16 IHP K . 24.68 -17.41 -67.71
P6 IHP K . 25.12 -18.67 -68.70
O26 IHP K . 26.24 -18.25 -69.61
O36 IHP K . 25.58 -19.82 -67.83
O46 IHP K . 23.95 -19.10 -69.53
PB ADP L . 30.34 5.01 -79.01
O1B ADP L . 30.96 5.61 -77.77
O2B ADP L . 31.31 4.51 -80.04
O3B ADP L . 29.20 4.05 -78.74
PA ADP L . 28.07 6.61 -79.55
O1A ADP L . 27.41 6.58 -80.90
O2A ADP L . 27.52 5.81 -78.40
O3A ADP L . 29.64 6.29 -79.71
O5' ADP L . 28.17 8.13 -79.05
C5' ADP L . 27.92 8.44 -77.68
C4' ADP L . 27.78 9.94 -77.53
O4' ADP L . 29.04 10.60 -77.71
C3' ADP L . 26.82 10.48 -78.57
O3' ADP L . 25.76 11.19 -77.93
C2' ADP L . 27.65 11.40 -79.44
O2' ADP L . 26.94 12.59 -79.75
C1' ADP L . 28.88 11.71 -78.61
N9 ADP L . 30.12 11.91 -79.40
C8 ADP L . 30.88 13.03 -79.35
N7 ADP L . 31.94 12.94 -80.18
C5 ADP L . 31.88 11.75 -80.78
C6 ADP L . 32.70 11.03 -81.77
N6 ADP L . 33.81 11.61 -82.28
N1 ADP L . 32.31 9.79 -82.14
C2 ADP L . 31.20 9.22 -81.64
N3 ADP L . 30.40 9.82 -80.73
C4 ADP L . 30.68 11.06 -80.27
#